data_8RDE
#
_entry.id   8RDE
#
_cell.length_a   1.00
_cell.length_b   1.00
_cell.length_c   1.00
_cell.angle_alpha   90.00
_cell.angle_beta   90.00
_cell.angle_gamma   90.00
#
_symmetry.space_group_name_H-M   'P 1'
#
loop_
_entity.id
_entity.type
_entity.pdbx_description
1 polymer 'Fc fragment of IgG binding protein'
2 non-polymer 2-acetamido-2-deoxy-beta-D-glucopyranose
3 non-polymer 'CALCIUM ION'
#
_entity_poly.entity_id   1
_entity_poly.type   'polypeptide(L)'
_entity_poly.pdbx_seq_one_letter_code
;MGSPWKWWALWAGATLLWALLTPAEASCQGIQCASGQRCQMVSGKARCVAESTAVCRAQGDPHYTTFDGRRYDMMGTCSY
TMAELCGSDETLPAFSVEAKNEHRGSRQVSYVGLVTVYAYSHSVSLVRGEIGFVRIDNQRSRLPASLSEGRLRVHKSGTR
GVIEMDFGLVVTYDWDGQLTLSLPKRFQDQVCGLCGNYNGDPADDFLTPDLDQAPDALEFANSWKLDDGDYLCDDGCHNS
CPSCTPGQTQHYKGDRLCGMLTLSTGPFSACHEFLDPKPFLDDCVFDLCVTGGERLSLCRSLSAYAQACVELGVTLENWR
LPASCPMSCPANSCYDPCSPACPPSCNSEAVPTNCSSRPCVEGCVCLPGFVASGGDCVPVSSCGCIYQGRLLAPGQEVFD
DDRCRRRCTCDGATQKVTCRDTTGCPSGERCNVQNGLLGCYPDNFASCQASGDPHYVSFDGKRFDFMGTCTYLLVGSCGQ
NAALPAFKVLVENEHRGSQTVSYTRAVRVVAHGVEVAVRRENPGRVLVNGVLQYLPFQAAGGKIQVYRQGNDAIVSIDFG
LTVTYNWDAHVTAKVPSSYAKDVCGLCGNFNGNPDDDLALKGGGQASNVLDFGNSWQEEIIPGCGATEPGDCPQLDSLVT
QQIQDKKECGILADPEGPFRECHKLLNPQGAIRDCVYDLCLLPGQSGPLCDALAAYAAACQAAGGTVHPWRSEELCPLTC
PPNSHYEQCSYGCPLSCGDLPVQGGCGSECREGCVCNEGFALSGESCVPLASCGCVHEGAYHAPGETFYPGPGCDSLCHC
EEGGLVSCEPSSCGPQEACQPSNGVLGCVAVGTTTCQASGDPHYVTFDGRRFDFMGTCVYVLAQTCGNRPGLHQFTVLQE
NEAWGNGKVSVTKVITVLVANYTLRLEQSQWKVKVNGVDTKLPVMLDGGKIRVSQHGSDVVIETDFGLRVAYDLVYYVRV
TIPGNYYKQMCGLCGDYNGDPKDDFQKPDGSQTTDPSDFGNSWEEAVPDSPCAPVPPCTGDDCDTECSPELQDKYHGEQF
CGLLTSPTGPLAACHKLLDPQGPLQDCVFDLCLGGGNQSILCNIIHAYVSACQAAGGQVEPWRTETFCPMECPPHSHYEV
CADTCSLGCWALNTPQQCPEGCAEGCECDSGFLYNGKACVPIEQCGCYHNGVYYEPEESVLIENCQQHCVCQPGKGMMCQ
DHSCKPGQVCEPSGGVLTCVTKDPCHGITCRPQETCKVQGGEGVCVPNYNSTCWLWGDPHYNSFDGWSFDFQGTCNYLLA
GTLCPGVNAEGLTPFTVTTKNENRGSPAVSYVRQVTVTTLNTNISIHKNEIGKVRVNGVLMALPVYLAGGRISVINGGSK
AVLETDFGLQVTYDWNWRVDVTLPSSYHGAVCGLCGNMDKNHQNDQVFPNGTMAPSIPTWGGSWQVPGWDPLCWHECQGS
CPTCPEDRVEEYEGPGFCGPLAPGTGSPFTSCHAHVPPESFFKGCVLDVCLGGGSKDILCQALAAYAAACQAAGIKIEDW
RTQAGCEITCPDNSHYELCGPPCPASCPPPARHTAPTVCDGPCVEGCQCDEGFVLSADQCVPLDGGCGCWVNGTYYEAGT
EFWADTTCSKRCHCGPGGDSLVCKPASCGLGEECALLPSGEIGCQPTSITECQAWGDPHYTTLDGHRFDFQGTCEYLLSA
PCHEPPTGTEYFNVTVANEHRGSQAVSYTRSVTLQIYGLSLTLSAQWPRKLQVNGEFVALPFHLDQKLSVYISGADVVVN
TASGVSLAFDGDSFVRLRVPAAYAGTLCGLCGNYNKNPNDDLTAVGGKPEGWKVGGAPGCDQCEPEPCPKPCTPEEQEPF
RGPDACGIITAPEGPLAPCHSLVPPTQYFEACLLDACQVQGHPGGLCPAIATYVAACQAAGAQLGEWRKPDFCPLQCPAH
SHYQLCGDSCPVSCPSLSAPVGCETICREGCVCDAGFVLSGDTCVPVGQCGCLYQGRYYVLGATFYPGPECERLCECGPD
GQVTCQEGADCEPYEECRIENGVQACHPTGCGHCLANGGLHYVTLDGRVYDLHGSCSYVLASVCHPKPGDEEFSIVLEKN
SAGDPQRVVVTVAGQVVGLARGPQVTVDGEVVTLPVATGHVSVTAEGRNIVLQTNKGMKVLFDGDAHILMSIPSSFRGRL
CGLCGNFNGNWSDDFVLPSGAVAPNVEAFGTAWRAPGSSLGCGEGCGPQGCPVCLAEETQAYEKNDACGKIRDPHGPFAA
CHKVLSPLEYFRQCVYDMCAHKGDKAYLCRSLAAYTAACQAAGAAVKPWRTDSVCPLQCPAHSHYSICTRSCQGSCAALS
GLTGCTTRCFEGCECDDHFLLSHGVCIPAQDCGCVHNGQYMPVNSSLMSSDCSERCFCSPNNGLTCHEAGCPSGHVCEIQ
AGVRECQAARGLCSISVGANLTTFDGAHNAISSPGVYELSSRCPGLQKNVPWYRVLADVQPCHNNDKIVSKVHIFFQDGL
VTVIPSKGAWVNGLRVDLPATVLTSVSVRRMPDGSMLVHQKAGVTVWLGKDGLLDVMVGDDLAAMLCGACGNFDGDQTND
AYGSQGKTPIEKWRAQDFSPCSNTRTR
;
_entity_poly.pdbx_strand_id   A,D
#
loop_
_chem_comp.id
_chem_comp.type
_chem_comp.name
_chem_comp.formula
CA non-polymer 'CALCIUM ION' 'Ca 2'
NAG D-saccharide, beta linking 2-acetamido-2-deoxy-beta-D-glucopyranose 'C8 H15 N O6'
#
# COMPACT_ATOMS: atom_id res chain seq x y z
N VAL A 1246 32.55 -59.34 -35.24
CA VAL A 1246 31.48 -58.35 -35.33
C VAL A 1246 32.03 -56.96 -35.05
N PRO A 1247 32.66 -56.36 -36.06
CA PRO A 1247 33.28 -55.04 -35.84
C PRO A 1247 32.30 -53.89 -35.88
N ASN A 1248 31.18 -54.05 -36.60
CA ASN A 1248 30.23 -52.95 -36.74
C ASN A 1248 29.52 -52.63 -35.44
N TYR A 1249 29.43 -53.61 -34.53
CA TYR A 1249 28.71 -53.42 -33.27
C TYR A 1249 29.39 -52.34 -32.43
N ASN A 1250 28.58 -51.44 -31.88
CA ASN A 1250 29.09 -50.33 -31.07
C ASN A 1250 27.99 -49.87 -30.14
N SER A 1251 28.30 -49.78 -28.85
CA SER A 1251 27.36 -49.37 -27.83
C SER A 1251 28.02 -48.35 -26.90
N THR A 1252 27.25 -47.84 -25.94
CA THR A 1252 27.75 -46.80 -25.04
C THR A 1252 27.10 -46.93 -23.67
N CYS A 1253 27.83 -46.50 -22.64
CA CYS A 1253 27.29 -46.30 -21.30
C CYS A 1253 27.00 -44.81 -21.15
N TRP A 1254 25.72 -44.47 -20.99
CA TRP A 1254 25.30 -43.08 -20.88
C TRP A 1254 24.94 -42.79 -19.44
N LEU A 1255 25.83 -42.09 -18.73
CA LEU A 1255 25.63 -41.74 -17.33
C LEU A 1255 25.12 -40.30 -17.25
N TRP A 1256 23.94 -40.14 -16.68
CA TRP A 1256 23.27 -38.85 -16.59
C TRP A 1256 23.26 -38.38 -15.14
N GLY A 1257 23.75 -37.16 -14.92
CA GLY A 1257 23.84 -36.59 -13.58
C GLY A 1257 22.51 -36.44 -12.88
N ASP A 1258 22.46 -36.80 -11.60
CA ASP A 1258 21.27 -36.66 -10.76
C ASP A 1258 20.06 -37.36 -11.35
N PRO A 1259 22.99 -41.09 -9.25
CA PRO A 1259 22.61 -40.57 -10.57
C PRO A 1259 21.85 -41.60 -11.40
N HIS A 1260 21.62 -41.28 -12.68
CA HIS A 1260 20.89 -42.16 -13.58
C HIS A 1260 21.86 -42.79 -14.57
N TYR A 1261 21.77 -44.10 -14.71
CA TYR A 1261 22.70 -44.87 -15.52
C TYR A 1261 21.98 -45.49 -16.70
N ASN A 1262 22.62 -45.43 -17.87
CA ASN A 1262 22.19 -46.16 -19.06
C ASN A 1262 23.31 -47.12 -19.44
N SER A 1263 23.04 -48.42 -19.32
CA SER A 1263 24.07 -49.42 -19.53
C SER A 1263 24.45 -49.51 -21.01
N PHE A 1264 25.45 -50.35 -21.31
CA PHE A 1264 25.79 -50.61 -22.74
C PHE A 1264 24.55 -51.27 -23.36
N ASP A 1265 24.08 -52.34 -22.73
CA ASP A 1265 22.84 -53.03 -23.19
C ASP A 1265 21.66 -52.14 -22.76
N GLY A 1266 20.45 -52.38 -23.29
CA GLY A 1266 19.34 -51.45 -22.98
C GLY A 1266 18.80 -51.68 -21.58
N TRP A 1267 19.32 -50.94 -20.59
CA TRP A 1267 18.93 -51.11 -19.20
C TRP A 1267 19.22 -49.82 -18.46
N SER A 1268 18.22 -49.35 -17.70
CA SER A 1268 18.33 -48.13 -16.92
C SER A 1268 17.95 -48.42 -15.48
N PHE A 1269 18.61 -47.74 -14.55
CA PHE A 1269 18.35 -47.88 -13.12
C PHE A 1269 18.79 -46.60 -12.42
N ASP A 1270 18.51 -46.54 -11.12
CA ASP A 1270 18.75 -45.33 -10.33
C ASP A 1270 19.61 -45.61 -9.10
N PHE A 1271 20.70 -46.35 -9.28
CA PHE A 1271 21.59 -46.64 -8.16
C PHE A 1271 22.32 -45.37 -7.71
N GLN A 1272 22.61 -45.32 -6.41
CA GLN A 1272 23.33 -44.19 -5.81
C GLN A 1272 24.41 -44.72 -4.89
N GLY A 1273 25.43 -43.90 -4.68
CA GLY A 1273 26.54 -44.29 -3.84
C GLY A 1273 27.24 -43.08 -3.25
N THR A 1274 28.31 -43.35 -2.51
CA THR A 1274 29.06 -42.31 -1.82
C THR A 1274 30.56 -42.38 -2.04
N CYS A 1275 31.12 -43.53 -2.44
CA CYS A 1275 32.54 -43.63 -2.73
C CYS A 1275 32.72 -44.19 -4.13
N ASN A 1276 33.97 -44.17 -4.59
CA ASN A 1276 34.27 -44.49 -5.98
C ASN A 1276 33.91 -45.93 -6.31
N TYR A 1277 33.33 -46.12 -7.50
CA TYR A 1277 32.87 -47.41 -7.98
C TYR A 1277 33.53 -47.71 -9.33
N LEU A 1278 33.48 -48.98 -9.71
CA LEU A 1278 34.05 -49.44 -10.97
C LEU A 1278 33.00 -49.31 -12.06
N LEU A 1279 33.12 -48.26 -12.88
CA LEU A 1279 32.19 -48.09 -13.98
C LEU A 1279 32.39 -49.15 -15.05
N ALA A 1280 33.64 -49.39 -15.44
CA ALA A 1280 33.97 -50.47 -16.36
C ALA A 1280 35.44 -50.80 -16.22
N GLY A 1281 35.82 -51.97 -16.71
CA GLY A 1281 37.20 -52.37 -16.61
C GLY A 1281 37.42 -53.75 -17.22
N THR A 1282 38.64 -54.25 -17.04
CA THR A 1282 39.04 -55.53 -17.60
C THR A 1282 38.26 -56.67 -16.95
N LEU A 1283 38.47 -57.87 -17.48
CA LEU A 1283 37.76 -59.05 -17.01
C LEU A 1283 38.19 -59.36 -15.58
N CYS A 1284 37.29 -59.12 -14.63
CA CYS A 1284 37.61 -59.43 -13.24
C CYS A 1284 37.88 -60.91 -12.99
N PRO A 1285 37.16 -61.87 -13.57
CA PRO A 1285 37.55 -63.28 -13.40
C PRO A 1285 38.62 -63.73 -14.38
N GLY A 1286 38.91 -62.94 -15.41
CA GLY A 1286 39.91 -63.33 -16.39
C GLY A 1286 39.55 -64.57 -17.18
N VAL A 1287 38.31 -64.66 -17.65
CA VAL A 1287 37.82 -65.82 -18.38
C VAL A 1287 37.50 -65.41 -19.81
N ASN A 1288 38.00 -66.18 -20.77
CA ASN A 1288 37.78 -65.94 -22.19
C ASN A 1288 38.30 -64.57 -22.62
N ALA A 1289 39.61 -64.40 -22.47
CA ALA A 1289 40.30 -63.18 -22.85
C ALA A 1289 41.43 -63.53 -23.81
N GLU A 1290 41.42 -62.90 -24.98
CA GLU A 1290 42.47 -63.09 -25.98
C GLU A 1290 42.89 -61.72 -26.49
N GLY A 1291 44.20 -61.46 -26.51
CA GLY A 1291 44.73 -60.18 -26.95
C GLY A 1291 44.17 -59.02 -26.15
N LEU A 1292 44.00 -59.21 -24.85
CA LEU A 1292 43.38 -58.20 -24.01
C LEU A 1292 44.33 -57.03 -23.79
N THR A 1293 43.75 -55.84 -23.66
CA THR A 1293 44.50 -54.65 -23.30
C THR A 1293 43.93 -54.04 -22.03
N PRO A 1294 44.78 -53.59 -21.11
CA PRO A 1294 44.27 -53.02 -19.85
C PRO A 1294 43.41 -51.80 -20.10
N PHE A 1295 42.34 -51.68 -19.31
CA PHE A 1295 41.46 -50.53 -19.36
C PHE A 1295 40.57 -50.56 -18.13
N THR A 1296 40.30 -49.38 -17.58
CA THR A 1296 39.48 -49.27 -16.38
C THR A 1296 39.02 -47.83 -16.23
N VAL A 1297 37.71 -47.63 -16.14
CA VAL A 1297 37.12 -46.32 -15.91
C VAL A 1297 36.33 -46.39 -14.61
N THR A 1298 36.64 -45.46 -13.70
CA THR A 1298 36.00 -45.39 -12.39
C THR A 1298 35.58 -43.96 -12.10
N THR A 1299 34.50 -43.83 -11.34
CA THR A 1299 33.92 -42.52 -11.02
C THR A 1299 33.64 -42.45 -9.54
N LYS A 1300 33.42 -41.22 -9.05
CA LYS A 1300 33.16 -40.97 -7.65
C LYS A 1300 31.94 -40.08 -7.52
N ASN A 1301 31.06 -40.42 -6.58
CA ASN A 1301 29.82 -39.71 -6.37
C ASN A 1301 29.71 -39.26 -4.92
N GLU A 1302 28.94 -38.21 -4.69
CA GLU A 1302 28.70 -37.74 -3.33
C GLU A 1302 27.39 -36.96 -3.31
N ASN A 1303 26.89 -36.71 -2.10
CA ASN A 1303 25.63 -36.00 -1.93
C ASN A 1303 25.81 -34.51 -2.22
N ARG A 1304 24.68 -33.82 -2.35
CA ARG A 1304 24.68 -32.39 -2.65
C ARG A 1304 23.80 -31.61 -1.69
N GLY A 1305 23.31 -32.26 -0.62
CA GLY A 1305 22.48 -31.57 0.35
C GLY A 1305 21.33 -32.40 0.85
N SER A 1306 21.06 -33.53 0.20
CA SER A 1306 20.02 -34.44 0.62
C SER A 1306 20.56 -35.87 0.57
N PRO A 1307 20.21 -36.69 1.57
CA PRO A 1307 20.75 -38.06 1.59
C PRO A 1307 20.35 -38.91 0.39
N ALA A 1308 19.19 -38.65 -0.19
CA ALA A 1308 18.63 -39.51 -1.22
C ALA A 1308 19.13 -39.18 -2.62
N VAL A 1309 19.97 -38.16 -2.79
CA VAL A 1309 20.46 -37.76 -4.09
C VAL A 1309 21.98 -37.72 -4.06
N SER A 1310 22.59 -38.20 -5.14
CA SER A 1310 24.05 -38.18 -5.29
C SER A 1310 24.39 -37.77 -6.71
N TYR A 1311 25.54 -37.12 -6.86
CA TYR A 1311 25.99 -36.62 -8.16
C TYR A 1311 27.47 -36.95 -8.34
N VAL A 1312 27.90 -36.92 -9.59
CA VAL A 1312 29.26 -37.29 -9.97
C VAL A 1312 30.19 -36.10 -9.73
N ARG A 1313 31.35 -36.35 -9.13
CA ARG A 1313 32.33 -35.31 -8.89
C ARG A 1313 33.55 -35.43 -9.80
N GLN A 1314 34.18 -36.59 -9.81
CA GLN A 1314 35.40 -36.81 -10.59
C GLN A 1314 35.29 -38.11 -11.37
N VAL A 1315 36.03 -38.17 -12.48
CA VAL A 1315 36.05 -39.35 -13.33
C VAL A 1315 37.49 -39.75 -13.61
N THR A 1316 37.78 -41.04 -13.49
CA THR A 1316 39.14 -41.55 -13.63
C THR A 1316 39.17 -42.73 -14.59
N VAL A 1317 40.21 -42.76 -15.41
CA VAL A 1317 40.50 -43.87 -16.31
C VAL A 1317 41.96 -44.27 -16.10
N THR A 1318 42.29 -45.49 -16.53
CA THR A 1318 43.66 -45.98 -16.39
C THR A 1318 43.92 -47.02 -17.47
N THR A 1319 44.82 -46.68 -18.40
CA THR A 1319 45.19 -47.58 -19.48
C THR A 1319 46.69 -47.50 -19.73
N LEU A 1320 47.32 -48.65 -19.96
CA LEU A 1320 48.70 -48.74 -20.45
C LEU A 1320 49.66 -47.93 -19.56
N ASN A 1321 49.59 -48.19 -18.26
CA ASN A 1321 50.42 -47.51 -17.27
C ASN A 1321 50.27 -45.99 -17.37
N THR A 1322 49.03 -45.54 -17.53
CA THR A 1322 48.75 -44.11 -17.59
C THR A 1322 47.36 -43.89 -17.01
N ASN A 1323 47.29 -43.15 -15.91
CA ASN A 1323 46.03 -42.85 -15.23
C ASN A 1323 45.63 -41.42 -15.52
N ILE A 1324 44.37 -41.24 -15.92
CA ILE A 1324 43.83 -39.94 -16.32
C ILE A 1324 42.71 -39.60 -15.34
N SER A 1325 42.82 -38.44 -14.70
CA SER A 1325 41.83 -38.00 -13.72
C SER A 1325 41.27 -36.66 -14.14
N ILE A 1326 39.95 -36.50 -14.03
CA ILE A 1326 39.27 -35.27 -14.39
C ILE A 1326 38.36 -34.85 -13.25
N HIS A 1327 38.46 -33.59 -12.84
CA HIS A 1327 37.59 -32.99 -11.84
C HIS A 1327 36.88 -31.79 -12.45
N LYS A 1328 36.10 -31.09 -11.62
CA LYS A 1328 35.27 -29.98 -12.08
C LYS A 1328 36.09 -28.69 -12.06
N ASN A 1329 37.03 -28.60 -13.02
CA ASN A 1329 37.91 -27.43 -13.09
C ASN A 1329 38.13 -26.92 -14.50
N GLU A 1330 37.39 -27.40 -15.50
CA GLU A 1330 37.42 -26.93 -16.89
C GLU A 1330 38.75 -27.15 -17.59
N ILE A 1331 39.70 -27.85 -16.98
CA ILE A 1331 40.98 -28.14 -17.61
C ILE A 1331 41.29 -29.61 -17.42
N GLY A 1332 42.45 -30.04 -17.91
CA GLY A 1332 42.75 -31.46 -17.92
C GLY A 1332 42.98 -32.06 -16.55
N LYS A 1333 44.06 -31.67 -15.88
CA LYS A 1333 44.48 -32.29 -14.63
C LYS A 1333 44.64 -33.80 -14.78
N VAL A 1334 45.09 -34.23 -15.96
CA VAL A 1334 44.93 -35.62 -16.37
C VAL A 1334 46.20 -36.46 -16.25
N ARG A 1335 47.38 -35.84 -16.33
CA ARG A 1335 48.62 -36.59 -16.47
C ARG A 1335 48.86 -37.49 -15.26
N VAL A 1336 49.81 -38.42 -15.43
CA VAL A 1336 50.10 -39.46 -14.46
C VAL A 1336 50.42 -38.83 -13.10
N ASN A 1337 51.26 -37.80 -13.10
CA ASN A 1337 51.56 -37.09 -11.86
C ASN A 1337 50.34 -36.38 -11.30
N GLY A 1338 49.36 -36.07 -12.14
CA GLY A 1338 48.19 -35.31 -11.71
C GLY A 1338 48.30 -33.82 -11.90
N VAL A 1339 49.36 -33.34 -12.55
CA VAL A 1339 49.51 -31.90 -12.77
C VAL A 1339 48.39 -31.40 -13.68
N LEU A 1340 47.97 -30.17 -13.43
CA LEU A 1340 46.92 -29.56 -14.25
C LEU A 1340 47.43 -29.34 -15.67
N MET A 1341 46.57 -29.62 -16.65
CA MET A 1341 46.93 -29.52 -18.06
C MET A 1341 45.84 -28.82 -18.83
N ALA A 1342 46.20 -28.28 -19.99
CA ALA A 1342 45.27 -27.51 -20.81
C ALA A 1342 44.41 -28.46 -21.64
N LEU A 1343 43.66 -27.89 -22.59
CA LEU A 1343 42.70 -28.68 -23.37
C LEU A 1343 43.38 -29.77 -24.19
N PRO A 1344 44.40 -29.50 -25.01
CA PRO A 1344 45.00 -30.58 -25.80
C PRO A 1344 46.21 -31.19 -25.10
N VAL A 1345 46.32 -32.52 -25.23
CA VAL A 1345 47.49 -33.24 -24.73
C VAL A 1345 47.64 -34.55 -25.50
N TYR A 1346 48.85 -34.84 -25.94
CA TYR A 1346 49.13 -36.05 -26.74
C TYR A 1346 50.27 -36.81 -26.06
N LEU A 1347 49.92 -37.82 -25.26
CA LEU A 1347 50.96 -38.65 -24.65
C LEU A 1347 51.68 -39.48 -25.69
N ALA A 1348 50.99 -39.85 -26.77
CA ALA A 1348 51.58 -40.52 -27.94
C ALA A 1348 52.11 -41.91 -27.61
N GLY A 1349 51.94 -42.36 -26.38
CA GLY A 1349 52.28 -43.72 -26.03
C GLY A 1349 51.10 -44.63 -26.28
N GLY A 1350 51.09 -45.33 -27.41
CA GLY A 1350 49.89 -46.01 -27.85
C GLY A 1350 48.83 -45.08 -28.39
N ARG A 1351 49.21 -43.85 -28.75
CA ARG A 1351 48.29 -42.83 -29.24
C ARG A 1351 47.19 -42.53 -28.22
N ILE A 1352 47.63 -42.04 -27.06
CA ILE A 1352 46.73 -41.58 -26.02
C ILE A 1352 46.61 -40.07 -26.16
N SER A 1353 45.52 -39.61 -26.79
CA SER A 1353 45.33 -38.19 -27.10
C SER A 1353 44.07 -37.72 -26.40
N VAL A 1354 44.23 -36.81 -25.44
CA VAL A 1354 43.09 -36.15 -24.80
C VAL A 1354 42.94 -34.81 -25.50
N ILE A 1355 41.97 -34.74 -26.41
CA ILE A 1355 41.66 -33.53 -27.15
C ILE A 1355 40.17 -33.26 -26.98
N ASN A 1356 39.83 -32.03 -26.63
CA ASN A 1356 38.49 -31.71 -26.16
C ASN A 1356 37.88 -30.60 -27.00
N GLY A 1357 36.55 -30.57 -26.99
CA GLY A 1357 35.79 -29.57 -27.73
C GLY A 1357 35.54 -28.33 -26.91
N GLY A 1358 34.54 -27.56 -27.36
CA GLY A 1358 34.20 -26.33 -26.66
C GLY A 1358 33.68 -26.58 -25.25
N SER A 1359 32.83 -27.59 -25.08
CA SER A 1359 32.24 -27.91 -23.79
C SER A 1359 32.33 -29.40 -23.46
N LYS A 1360 33.46 -30.03 -23.77
CA LYS A 1360 33.63 -31.46 -23.53
C LYS A 1360 35.04 -31.73 -23.03
N ALA A 1361 35.34 -33.01 -22.81
CA ALA A 1361 36.68 -33.46 -22.49
C ALA A 1361 36.81 -34.88 -23.02
N VAL A 1362 37.37 -35.01 -24.22
CA VAL A 1362 37.35 -36.27 -24.97
C VAL A 1362 38.73 -36.89 -24.92
N LEU A 1363 38.76 -38.18 -24.60
CA LEU A 1363 39.98 -38.98 -24.62
C LEU A 1363 39.88 -40.00 -25.75
N GLU A 1364 41.00 -40.24 -26.43
CA GLU A 1364 41.03 -41.14 -27.56
C GLU A 1364 42.27 -42.03 -27.48
N THR A 1365 42.09 -43.30 -27.83
CA THR A 1365 43.18 -44.26 -27.85
C THR A 1365 43.17 -44.97 -29.20
N ASP A 1366 44.03 -45.98 -29.34
CA ASP A 1366 44.11 -46.74 -30.58
C ASP A 1366 42.87 -47.61 -30.78
N PHE A 1367 42.38 -48.24 -29.72
CA PHE A 1367 41.30 -49.21 -29.84
C PHE A 1367 39.91 -48.60 -29.65
N GLY A 1368 39.75 -47.32 -29.99
CA GLY A 1368 38.42 -46.75 -30.09
C GLY A 1368 37.70 -46.49 -28.79
N LEU A 1369 38.42 -46.33 -27.69
CA LEU A 1369 37.76 -45.97 -26.43
C LEU A 1369 37.33 -44.51 -26.49
N GLN A 1370 36.02 -44.30 -26.46
CA GLN A 1370 35.42 -42.97 -26.56
C GLN A 1370 34.86 -42.58 -25.19
N VAL A 1371 35.62 -41.80 -24.45
CA VAL A 1371 35.21 -41.34 -23.13
C VAL A 1371 35.20 -39.82 -23.14
N THR A 1372 34.05 -39.24 -22.80
CA THR A 1372 33.88 -37.80 -22.68
C THR A 1372 33.12 -37.51 -21.41
N TYR A 1373 33.35 -36.31 -20.86
CA TYR A 1373 32.77 -35.93 -19.58
C TYR A 1373 32.51 -34.42 -19.58
N ASP A 1374 31.24 -34.05 -19.53
CA ASP A 1374 30.89 -32.67 -19.26
C ASP A 1374 31.23 -32.32 -17.82
N TRP A 1375 31.65 -31.08 -17.61
CA TRP A 1375 32.19 -30.70 -16.30
C TRP A 1375 31.13 -30.75 -15.21
N ASN A 1376 29.85 -30.80 -15.56
CA ASN A 1376 28.77 -30.84 -14.58
C ASN A 1376 27.97 -32.12 -14.73
N TRP A 1377 28.45 -33.18 -14.10
CA TRP A 1377 27.75 -34.47 -13.98
C TRP A 1377 27.08 -34.90 -15.28
N ARG A 1378 27.89 -35.11 -16.31
CA ARG A 1378 27.45 -35.77 -17.53
C ARG A 1378 28.60 -36.60 -18.07
N VAL A 1379 28.39 -37.92 -18.16
CA VAL A 1379 29.45 -38.85 -18.49
C VAL A 1379 29.06 -39.72 -19.69
N ASP A 1380 30.06 -40.03 -20.52
CA ASP A 1380 29.92 -40.97 -21.62
C ASP A 1380 31.06 -41.93 -21.85
N VAL A 1381 30.76 -43.21 -21.95
CA VAL A 1381 31.76 -44.26 -22.22
C VAL A 1381 31.26 -45.12 -23.37
N THR A 1382 32.05 -45.20 -24.43
CA THR A 1382 31.67 -45.90 -25.66
C THR A 1382 32.75 -46.92 -26.03
N LEU A 1383 32.33 -48.13 -26.38
CA LEU A 1383 33.23 -49.21 -26.74
C LEU A 1383 32.93 -49.71 -28.14
N PRO A 1384 33.94 -49.87 -29.00
CA PRO A 1384 33.74 -50.41 -30.35
C PRO A 1384 33.84 -51.94 -30.38
N SER A 1385 32.89 -52.59 -29.72
CA SER A 1385 32.84 -54.05 -29.59
C SER A 1385 34.12 -54.62 -28.98
N SER A 1386 34.87 -53.80 -28.25
CA SER A 1386 36.10 -54.26 -27.62
C SER A 1386 35.77 -55.26 -26.53
N TYR A 1387 36.24 -56.49 -26.71
CA TYR A 1387 36.00 -57.57 -25.74
C TYR A 1387 34.50 -57.80 -25.55
N HIS A 1388 33.82 -58.07 -26.66
CA HIS A 1388 32.37 -58.27 -26.63
C HIS A 1388 31.97 -59.46 -25.77
N GLY A 1389 32.87 -60.42 -25.61
CA GLY A 1389 32.55 -61.60 -24.82
C GLY A 1389 32.13 -61.26 -23.41
N ALA A 1390 32.89 -60.39 -22.75
CA ALA A 1390 32.55 -59.95 -21.40
C ALA A 1390 33.34 -58.68 -21.09
N VAL A 1391 32.86 -57.96 -20.08
CA VAL A 1391 33.58 -56.82 -19.52
C VAL A 1391 33.04 -56.57 -18.11
N CYS A 1392 33.94 -56.40 -17.15
CA CYS A 1392 33.50 -56.13 -15.78
C CYS A 1392 33.27 -54.65 -15.60
N GLY A 1393 32.07 -54.29 -15.17
CA GLY A 1393 31.73 -52.90 -14.97
C GLY A 1393 30.33 -52.75 -14.42
N LEU A 1394 30.00 -51.51 -14.05
CA LEU A 1394 28.68 -51.24 -13.50
C LEU A 1394 27.61 -51.21 -14.58
N CYS A 1395 28.01 -51.03 -15.83
CA CYS A 1395 26.94 -50.86 -16.85
C CYS A 1395 27.03 -51.90 -17.97
N GLY A 1396 26.67 -53.15 -17.70
CA GLY A 1396 26.59 -54.16 -18.78
C GLY A 1396 27.84 -54.98 -19.00
N ASN A 1397 27.66 -56.18 -19.57
CA ASN A 1397 28.82 -57.05 -19.91
C ASN A 1397 29.00 -57.02 -21.43
N MET A 1398 28.23 -56.18 -22.12
CA MET A 1398 28.34 -56.04 -23.60
C MET A 1398 28.06 -57.38 -24.29
N ASP A 1399 27.17 -58.20 -23.72
CA ASP A 1399 26.83 -59.51 -24.33
C ASP A 1399 25.57 -59.37 -25.19
N LYS A 1400 24.99 -58.16 -25.25
CA LYS A 1400 23.76 -57.88 -26.06
C LYS A 1400 22.49 -58.29 -25.27
N ASN A 1401 22.62 -58.71 -24.02
CA ASN A 1401 21.42 -59.01 -23.20
C ASN A 1401 21.38 -58.08 -21.98
N HIS A 1402 20.33 -57.27 -21.86
CA HIS A 1402 20.17 -56.36 -20.70
C HIS A 1402 19.92 -57.15 -19.40
N GLN A 1403 19.12 -58.22 -19.48
CA GLN A 1403 18.72 -58.97 -18.25
C GLN A 1403 19.95 -59.59 -17.56
N ASN A 1404 20.91 -60.10 -18.34
CA ASN A 1404 22.07 -60.81 -17.73
C ASN A 1404 23.03 -59.84 -17.03
N ASP A 1405 22.87 -58.53 -17.24
CA ASP A 1405 23.83 -57.55 -16.65
C ASP A 1405 23.82 -57.59 -15.11
N GLN A 1406 22.65 -57.73 -14.48
CA GLN A 1406 22.58 -57.70 -12.99
C GLN A 1406 23.26 -58.94 -12.41
N VAL A 1407 24.58 -58.91 -12.25
CA VAL A 1407 25.36 -60.05 -11.79
C VAL A 1407 26.51 -59.55 -10.93
N PHE A 1408 26.81 -60.29 -9.86
CA PHE A 1408 27.95 -59.97 -9.02
C PHE A 1408 29.26 -60.16 -9.78
N PRO A 1409 30.34 -59.50 -9.35
CA PRO A 1409 31.66 -59.81 -9.93
C PRO A 1409 32.05 -61.27 -9.77
N ASN A 1410 31.58 -61.92 -8.71
CA ASN A 1410 31.85 -63.34 -8.50
C ASN A 1410 31.22 -64.20 -9.60
N GLY A 1411 30.15 -63.71 -10.21
CA GLY A 1411 29.48 -64.45 -11.27
C GLY A 1411 28.03 -64.81 -10.98
N THR A 1412 27.50 -64.52 -9.80
CA THR A 1412 26.11 -64.81 -9.48
C THR A 1412 25.27 -63.54 -9.60
N MET A 1413 23.98 -63.74 -9.83
CA MET A 1413 23.05 -62.62 -9.95
C MET A 1413 22.75 -62.04 -8.57
N ALA A 1414 22.14 -60.85 -8.58
CA ALA A 1414 21.84 -60.14 -7.34
C ALA A 1414 20.36 -59.77 -7.32
N PRO A 1415 19.63 -60.13 -6.27
CA PRO A 1415 18.21 -59.73 -6.21
C PRO A 1415 18.02 -58.25 -5.94
N SER A 1416 18.91 -57.64 -5.17
CA SER A 1416 18.78 -56.23 -4.79
C SER A 1416 19.82 -55.41 -5.53
N ILE A 1417 19.37 -54.31 -6.14
CA ILE A 1417 20.27 -53.38 -6.83
C ILE A 1417 21.19 -52.63 -5.88
N PRO A 1418 20.79 -52.29 -4.63
CA PRO A 1418 21.74 -51.60 -3.73
C PRO A 1418 23.01 -52.40 -3.49
N THR A 1419 22.85 -53.65 -3.03
CA THR A 1419 24.01 -54.48 -2.74
C THR A 1419 24.80 -54.76 -4.01
N TRP A 1420 24.11 -54.99 -5.13
CA TRP A 1420 24.79 -55.25 -6.39
C TRP A 1420 25.66 -54.07 -6.81
N GLY A 1421 25.11 -52.85 -6.68
CA GLY A 1421 25.90 -51.68 -7.01
C GLY A 1421 27.06 -51.46 -6.06
N GLY A 1422 26.84 -51.72 -4.77
CA GLY A 1422 27.92 -51.59 -3.81
C GLY A 1422 28.99 -52.65 -3.91
N SER A 1423 28.69 -53.76 -4.60
CA SER A 1423 29.68 -54.82 -4.76
C SER A 1423 30.74 -54.49 -5.79
N TRP A 1424 30.54 -53.42 -6.58
CA TRP A 1424 31.47 -53.02 -7.63
C TRP A 1424 32.30 -51.81 -7.22
N GLN A 1425 32.55 -51.66 -5.92
CA GLN A 1425 33.28 -50.52 -5.41
C GLN A 1425 34.78 -50.70 -5.66
N VAL A 1426 35.49 -49.57 -5.68
CA VAL A 1426 36.94 -49.57 -5.86
C VAL A 1426 37.60 -49.98 -4.55
N PRO A 1427 38.57 -50.89 -4.58
CA PRO A 1427 39.27 -51.26 -3.34
C PRO A 1427 40.00 -50.09 -2.70
N GLY A 1428 39.68 -49.82 -1.44
CA GLY A 1428 40.31 -48.72 -0.73
C GLY A 1428 39.58 -48.43 0.56
N TRP A 1429 40.19 -47.58 1.37
CA TRP A 1429 39.59 -47.17 2.64
C TRP A 1429 38.41 -46.24 2.38
N ASP A 1430 37.25 -46.58 2.95
CA ASP A 1430 36.03 -45.85 2.67
C ASP A 1430 35.35 -45.38 3.95
N PRO A 1431 35.82 -44.31 4.57
CA PRO A 1431 35.12 -43.77 5.74
C PRO A 1431 33.94 -42.92 5.32
N LEU A 1432 32.82 -43.13 6.01
CA LEU A 1432 31.57 -42.40 5.78
C LEU A 1432 31.12 -42.52 4.32
N CYS A 1433 31.15 -43.75 3.81
CA CYS A 1433 30.58 -44.06 2.51
C CYS A 1433 29.41 -45.01 2.72
N TRP A 1434 28.20 -44.52 2.51
CA TRP A 1434 27.00 -45.33 2.60
C TRP A 1434 26.46 -45.55 1.20
N HIS A 1435 26.24 -46.82 0.84
CA HIS A 1435 25.66 -47.13 -0.47
C HIS A 1435 24.25 -46.56 -0.59
N GLU A 1436 23.47 -46.65 0.47
CA GLU A 1436 22.13 -46.08 0.50
C GLU A 1436 21.96 -45.26 1.77
N CYS A 1437 20.92 -44.43 1.78
CA CYS A 1437 20.64 -43.55 2.91
C CYS A 1437 20.13 -44.40 4.07
N GLN A 1438 21.05 -44.77 4.97
CA GLN A 1438 20.68 -45.61 6.11
C GLN A 1438 19.70 -44.89 7.02
N GLY A 1439 19.90 -43.59 7.24
CA GLY A 1439 18.98 -42.82 8.03
C GLY A 1439 17.70 -42.52 7.28
N SER A 1440 16.80 -41.79 7.96
CA SER A 1440 15.54 -41.42 7.35
C SER A 1440 15.78 -40.51 6.14
N CYS A 1441 15.38 -40.97 4.97
CA CYS A 1441 15.61 -40.20 3.71
C CYS A 1441 14.40 -39.31 3.43
N PRO A 1442 14.58 -38.03 3.07
CA PRO A 1442 13.47 -37.11 2.84
C PRO A 1442 12.80 -37.29 1.46
N THR A 1443 11.97 -38.33 1.33
CA THR A 1443 11.24 -38.55 0.05
C THR A 1443 10.37 -37.32 -0.24
N CYS A 1444 10.40 -36.81 -1.48
CA CYS A 1444 9.66 -35.61 -1.81
C CYS A 1444 8.16 -35.87 -1.75
N PRO A 1445 7.38 -34.86 -1.38
CA PRO A 1445 5.92 -35.06 -1.23
C PRO A 1445 5.24 -35.31 -2.57
N GLU A 1446 4.14 -36.06 -2.50
CA GLU A 1446 3.38 -36.39 -3.70
C GLU A 1446 2.42 -35.27 -4.11
N ASP A 1447 2.17 -34.31 -3.24
CA ASP A 1447 1.21 -33.27 -3.56
C ASP A 1447 1.76 -32.23 -4.55
N ARG A 1448 3.04 -31.89 -4.44
CA ARG A 1448 3.64 -30.86 -5.26
C ARG A 1448 4.19 -31.37 -6.58
N VAL A 1449 4.05 -32.67 -6.88
CA VAL A 1449 4.57 -33.21 -8.13
C VAL A 1449 3.85 -32.57 -9.32
N GLU A 1450 2.62 -32.11 -9.12
CA GLU A 1450 1.88 -31.49 -10.22
C GLU A 1450 2.55 -30.21 -10.69
N GLU A 1451 3.03 -29.39 -9.74
CA GLU A 1451 3.70 -28.15 -10.10
C GLU A 1451 5.00 -28.43 -10.85
N TYR A 1452 5.75 -29.45 -10.41
CA TYR A 1452 7.00 -29.80 -11.07
C TYR A 1452 6.77 -30.49 -12.40
N GLU A 1453 5.55 -30.93 -12.69
CA GLU A 1453 5.26 -31.64 -13.93
C GLU A 1453 4.70 -30.74 -15.01
N GLY A 1454 4.04 -29.64 -14.63
CA GLY A 1454 3.40 -28.77 -15.58
C GLY A 1454 4.40 -27.93 -16.35
N PRO A 1455 3.89 -27.10 -17.28
CA PRO A 1455 4.79 -26.25 -18.07
C PRO A 1455 5.60 -25.32 -17.18
N GLY A 1456 6.84 -25.07 -17.60
CA GLY A 1456 7.78 -24.30 -16.82
C GLY A 1456 8.69 -25.14 -15.95
N PHE A 1457 8.38 -26.42 -15.78
CA PHE A 1457 9.22 -27.34 -15.03
C PHE A 1457 9.08 -28.72 -15.66
N CYS A 1458 10.13 -29.18 -16.32
CA CYS A 1458 10.14 -30.47 -17.03
C CYS A 1458 8.96 -30.55 -18.01
N GLY A 1459 8.64 -29.40 -18.61
CA GLY A 1459 7.50 -29.29 -19.49
C GLY A 1459 7.73 -29.89 -20.86
N PRO A 1460 8.66 -29.31 -21.63
CA PRO A 1460 8.96 -29.88 -22.95
C PRO A 1460 9.47 -31.30 -22.90
N LEU A 1461 10.06 -31.72 -21.77
CA LEU A 1461 10.52 -33.09 -21.65
C LEU A 1461 9.37 -34.08 -21.78
N ALA A 1462 8.15 -33.67 -21.42
CA ALA A 1462 7.01 -34.54 -21.57
C ALA A 1462 6.76 -34.80 -23.06
N PRO A 1463 6.29 -36.00 -23.40
CA PRO A 1463 6.05 -36.32 -24.82
C PRO A 1463 4.90 -35.54 -25.42
N GLY A 1464 5.10 -34.26 -25.65
CA GLY A 1464 4.10 -33.38 -26.23
C GLY A 1464 4.48 -32.98 -27.65
N THR A 1465 3.50 -32.98 -28.54
CA THR A 1465 3.76 -32.65 -29.94
C THR A 1465 4.25 -31.22 -30.10
N GLY A 1466 3.63 -30.28 -29.39
CA GLY A 1466 4.00 -28.88 -29.50
C GLY A 1466 5.28 -28.50 -28.80
N SER A 1467 5.85 -29.38 -28.00
CA SER A 1467 7.08 -29.07 -27.30
C SER A 1467 8.24 -28.95 -28.29
N PRO A 1468 9.24 -28.13 -27.98
CA PRO A 1468 10.43 -28.07 -28.84
C PRO A 1468 11.15 -29.40 -28.87
N PHE A 1469 11.98 -29.57 -29.90
CA PHE A 1469 12.64 -30.83 -30.23
C PHE A 1469 11.71 -32.02 -30.02
N THR A 1470 10.53 -31.92 -30.64
CA THR A 1470 9.57 -33.01 -30.62
C THR A 1470 9.95 -34.15 -31.54
N SER A 1471 10.85 -33.91 -32.50
CA SER A 1471 11.32 -34.97 -33.37
C SER A 1471 12.10 -36.02 -32.60
N CYS A 1472 12.87 -35.59 -31.58
CA CYS A 1472 13.65 -36.53 -30.78
C CYS A 1472 12.76 -37.52 -30.03
N HIS A 1473 11.47 -37.24 -29.89
CA HIS A 1473 10.57 -38.17 -29.22
C HIS A 1473 10.55 -39.50 -29.95
N ALA A 1474 10.60 -39.48 -31.29
CA ALA A 1474 10.69 -40.71 -32.04
C ALA A 1474 12.09 -41.31 -31.99
N HIS A 1475 13.12 -40.47 -31.88
CA HIS A 1475 14.49 -40.97 -31.87
C HIS A 1475 14.80 -41.71 -30.57
N VAL A 1476 14.44 -41.13 -29.44
CA VAL A 1476 14.75 -41.72 -28.14
C VAL A 1476 13.51 -41.67 -27.25
N PRO A 1477 13.15 -42.78 -26.60
CA PRO A 1477 12.01 -42.75 -25.67
C PRO A 1477 12.34 -41.96 -24.42
N PRO A 1478 11.67 -40.83 -24.20
CA PRO A 1478 12.01 -39.95 -23.07
C PRO A 1478 11.28 -40.27 -21.76
N GLU A 1479 10.57 -41.39 -21.67
CA GLU A 1479 9.83 -41.69 -20.46
C GLU A 1479 10.75 -41.81 -19.25
N SER A 1480 11.89 -42.49 -19.43
CA SER A 1480 12.86 -42.58 -18.34
C SER A 1480 13.42 -41.21 -17.99
N PHE A 1481 13.66 -40.38 -19.00
CA PHE A 1481 14.13 -39.01 -18.74
C PHE A 1481 13.06 -38.20 -18.03
N PHE A 1482 11.79 -38.45 -18.34
CA PHE A 1482 10.70 -37.71 -17.70
C PHE A 1482 10.64 -37.98 -16.21
N LYS A 1483 10.78 -39.25 -15.81
CA LYS A 1483 10.76 -39.58 -14.39
C LYS A 1483 11.94 -38.95 -13.67
N GLY A 1484 13.11 -38.93 -14.30
CA GLY A 1484 14.29 -38.37 -13.66
C GLY A 1484 14.16 -36.90 -13.38
N CYS A 1485 13.59 -36.14 -14.32
CA CYS A 1485 13.47 -34.70 -14.14
C CYS A 1485 12.59 -34.36 -12.95
N VAL A 1486 11.41 -34.98 -12.88
CA VAL A 1486 10.48 -34.69 -11.78
C VAL A 1486 11.05 -35.20 -10.46
N LEU A 1487 11.68 -36.38 -10.47
CA LEU A 1487 12.26 -36.92 -9.24
C LEU A 1487 13.38 -36.02 -8.73
N ASP A 1488 14.20 -35.48 -9.63
CA ASP A 1488 15.29 -34.62 -9.21
C ASP A 1488 14.78 -33.30 -8.67
N VAL A 1489 13.83 -32.67 -9.37
CA VAL A 1489 13.37 -31.35 -8.94
C VAL A 1489 12.56 -31.45 -7.65
N CYS A 1490 11.73 -32.49 -7.51
CA CYS A 1490 10.90 -32.62 -6.31
C CYS A 1490 11.75 -32.86 -5.08
N LEU A 1491 12.74 -33.74 -5.19
CA LEU A 1491 13.67 -33.95 -4.09
C LEU A 1491 14.50 -32.70 -3.82
N GLY A 1492 14.93 -32.02 -4.88
CA GLY A 1492 15.66 -30.79 -4.74
C GLY A 1492 14.76 -29.65 -4.31
N GLY A 1493 15.38 -28.49 -4.12
CA GLY A 1493 14.65 -27.33 -3.65
C GLY A 1493 13.79 -26.65 -4.69
N GLY A 1494 13.87 -27.07 -5.94
CA GLY A 1494 13.11 -26.46 -7.01
C GLY A 1494 13.83 -25.38 -7.78
N SER A 1495 15.14 -25.24 -7.61
CA SER A 1495 15.90 -24.25 -8.35
C SER A 1495 15.92 -24.60 -9.84
N LYS A 1496 15.98 -23.56 -10.67
CA LYS A 1496 15.94 -23.76 -12.12
C LYS A 1496 17.23 -24.35 -12.66
N ASP A 1497 18.31 -24.33 -11.88
CA ASP A 1497 19.59 -24.83 -12.37
C ASP A 1497 19.51 -26.30 -12.76
N ILE A 1498 19.00 -27.13 -11.85
CA ILE A 1498 18.85 -28.55 -12.15
C ILE A 1498 17.89 -28.76 -13.31
N LEU A 1499 16.91 -27.87 -13.44
CA LEU A 1499 15.92 -28.00 -14.51
C LEU A 1499 16.58 -27.95 -15.88
N CYS A 1500 17.21 -26.82 -16.21
CA CYS A 1500 17.86 -26.73 -17.52
C CYS A 1500 19.10 -27.60 -17.62
N GLN A 1501 19.71 -28.00 -16.50
CA GLN A 1501 20.79 -28.97 -16.60
C GLN A 1501 20.27 -30.31 -17.12
N ALA A 1502 19.15 -30.78 -16.57
CA ALA A 1502 18.53 -32.01 -17.07
C ALA A 1502 18.06 -31.84 -18.51
N LEU A 1503 17.47 -30.69 -18.83
CA LEU A 1503 17.00 -30.45 -20.19
C LEU A 1503 18.15 -30.46 -21.18
N ALA A 1504 19.26 -29.80 -20.83
CA ALA A 1504 20.43 -29.79 -21.71
C ALA A 1504 21.00 -31.19 -21.87
N ALA A 1505 21.01 -31.98 -20.79
CA ALA A 1505 21.49 -33.35 -20.89
C ALA A 1505 20.64 -34.15 -21.88
N TYR A 1506 19.32 -34.06 -21.75
CA TYR A 1506 18.44 -34.77 -22.68
C TYR A 1506 18.63 -34.27 -24.11
N ALA A 1507 18.73 -32.95 -24.28
CA ALA A 1507 18.86 -32.38 -25.61
C ALA A 1507 20.15 -32.86 -26.28
N ALA A 1508 21.27 -32.82 -25.57
CA ALA A 1508 22.53 -33.28 -26.15
C ALA A 1508 22.50 -34.77 -26.43
N ALA A 1509 21.93 -35.56 -25.52
CA ALA A 1509 21.87 -37.00 -25.70
C ALA A 1509 21.07 -37.36 -26.95
N CYS A 1510 19.94 -36.68 -27.16
CA CYS A 1510 19.12 -36.95 -28.33
C CYS A 1510 19.66 -36.29 -29.59
N GLN A 1511 20.45 -35.23 -29.46
CA GLN A 1511 21.08 -34.61 -30.62
C GLN A 1511 22.24 -35.44 -31.15
N ALA A 1512 22.93 -36.18 -30.28
CA ALA A 1512 24.04 -37.01 -30.73
C ALA A 1512 23.60 -38.05 -31.75
N ALA A 1513 22.30 -38.39 -31.79
CA ALA A 1513 21.79 -39.28 -32.81
C ALA A 1513 21.76 -38.65 -34.20
N GLY A 1514 21.98 -37.34 -34.29
CA GLY A 1514 22.06 -36.66 -35.58
C GLY A 1514 20.80 -35.93 -36.00
N ILE A 1515 19.80 -35.85 -35.14
CA ILE A 1515 18.54 -35.18 -35.48
C ILE A 1515 18.62 -33.72 -35.04
N LYS A 1516 18.13 -32.83 -35.91
CA LYS A 1516 18.19 -31.40 -35.67
C LYS A 1516 17.34 -31.01 -34.47
N ILE A 1517 17.79 -29.99 -33.75
CA ILE A 1517 17.13 -29.50 -32.54
C ILE A 1517 16.83 -28.02 -32.71
N GLU A 1518 15.60 -27.63 -32.42
CA GLU A 1518 15.21 -26.23 -32.45
C GLU A 1518 15.53 -25.56 -31.11
N ASP A 1519 15.42 -24.23 -31.10
CA ASP A 1519 15.81 -23.46 -29.93
C ASP A 1519 14.86 -23.73 -28.76
N TRP A 1520 15.44 -23.84 -27.56
CA TRP A 1520 14.67 -24.08 -26.35
C TRP A 1520 15.04 -23.20 -25.18
N ARG A 1521 16.25 -22.62 -25.15
CA ARG A 1521 16.70 -21.92 -23.95
C ARG A 1521 15.87 -20.66 -23.69
N THR A 1522 15.54 -19.91 -24.75
CA THR A 1522 14.82 -18.66 -24.58
C THR A 1522 13.43 -18.88 -24.00
N GLN A 1523 12.68 -19.85 -24.54
CA GLN A 1523 11.33 -20.09 -24.06
C GLN A 1523 11.34 -20.67 -22.65
N ALA A 1524 12.33 -21.49 -22.33
CA ALA A 1524 12.44 -22.07 -21.00
C ALA A 1524 12.95 -21.06 -19.96
N GLY A 1525 13.56 -19.96 -20.39
CA GLY A 1525 14.04 -18.94 -19.49
C GLY A 1525 15.44 -19.13 -18.96
N CYS A 1526 16.09 -20.26 -19.27
CA CYS A 1526 17.43 -20.55 -18.80
C CYS A 1526 18.38 -20.55 -19.98
N GLU A 1527 19.27 -19.56 -20.03
CA GLU A 1527 20.22 -19.40 -21.13
C GLU A 1527 21.64 -19.37 -20.58
N ILE A 1528 22.61 -19.41 -21.49
CA ILE A 1528 24.02 -19.43 -21.14
C ILE A 1528 24.61 -18.06 -21.39
N THR A 1529 25.26 -17.49 -20.38
CA THR A 1529 25.98 -16.22 -20.52
C THR A 1529 27.44 -16.52 -20.86
N CYS A 1530 27.64 -17.13 -22.04
CA CYS A 1530 29.00 -17.53 -22.51
C CYS A 1530 29.92 -16.31 -22.61
N PRO A 1531 31.22 -16.42 -22.30
CA PRO A 1531 32.17 -15.30 -22.45
C PRO A 1531 32.62 -14.98 -23.88
N ASP A 1532 33.23 -13.81 -24.08
CA ASP A 1532 33.77 -13.41 -25.41
C ASP A 1532 32.65 -13.31 -26.45
N ASN A 1533 32.85 -13.91 -27.63
CA ASN A 1533 31.85 -13.78 -28.73
C ASN A 1533 30.52 -14.40 -28.29
N SER A 1534 30.55 -15.53 -27.60
CA SER A 1534 29.31 -16.13 -27.06
C SER A 1534 28.28 -16.32 -28.18
N HIS A 1535 28.61 -17.17 -29.15
CA HIS A 1535 27.63 -17.43 -30.26
C HIS A 1535 26.94 -18.74 -29.91
N TYR A 1536 25.76 -18.66 -29.28
CA TYR A 1536 25.08 -19.88 -28.85
C TYR A 1536 24.45 -20.55 -30.05
N GLU A 1537 25.18 -21.50 -30.62
CA GLU A 1537 24.70 -22.23 -31.78
C GLU A 1537 24.00 -23.53 -31.45
N LEU A 1538 22.81 -23.72 -32.02
CA LEU A 1538 22.08 -24.97 -31.86
C LEU A 1538 22.92 -26.08 -32.46
N CYS A 1539 23.51 -25.82 -33.62
CA CYS A 1539 24.52 -26.70 -34.20
C CYS A 1539 25.85 -25.95 -34.27
N GLY A 1540 26.87 -26.50 -33.63
CA GLY A 1540 28.19 -25.93 -33.66
C GLY A 1540 29.22 -26.99 -34.00
N PRO A 1541 30.19 -26.64 -34.84
CA PRO A 1541 31.21 -27.61 -35.25
C PRO A 1541 31.99 -28.10 -34.05
N PRO A 1542 32.00 -29.41 -33.80
CA PRO A 1542 32.84 -29.96 -32.73
C PRO A 1542 34.32 -29.76 -33.05
N CYS A 1543 35.16 -30.14 -32.07
CA CYS A 1543 36.61 -29.92 -32.10
C CYS A 1543 36.95 -28.59 -32.75
N PRO A 1544 36.55 -27.47 -32.16
CA PRO A 1544 36.77 -26.17 -32.81
C PRO A 1544 38.25 -25.85 -32.91
N ALA A 1545 38.55 -24.85 -33.76
CA ALA A 1545 39.93 -24.51 -34.07
C ALA A 1545 40.68 -24.11 -32.80
N SER A 1546 41.84 -24.72 -32.61
CA SER A 1546 42.72 -24.45 -31.48
C SER A 1546 44.12 -24.13 -32.03
N CYS A 1547 45.09 -24.02 -31.13
CA CYS A 1547 46.45 -23.68 -31.52
C CYS A 1547 47.37 -24.85 -31.26
N PRO A 1548 47.75 -25.62 -32.28
CA PRO A 1548 48.66 -26.77 -32.07
C PRO A 1548 50.05 -26.29 -31.73
N PRO A 1549 50.62 -26.74 -30.62
CA PRO A 1549 51.94 -26.24 -30.20
C PRO A 1549 53.03 -26.54 -31.22
N PRO A 1550 53.19 -27.77 -31.70
CA PRO A 1550 54.15 -27.99 -32.79
C PRO A 1550 53.54 -28.02 -34.19
N ALA A 1551 52.22 -27.90 -34.31
CA ALA A 1551 51.52 -27.89 -35.59
C ALA A 1551 51.82 -29.13 -36.43
N ARG A 1552 51.76 -30.30 -35.76
CA ARG A 1552 51.89 -31.58 -36.47
C ARG A 1552 51.17 -32.65 -35.64
N HIS A 1553 49.96 -33.00 -36.07
CA HIS A 1553 49.13 -33.96 -35.36
C HIS A 1553 48.19 -34.66 -36.31
N THR A 1554 47.66 -35.80 -35.87
CA THR A 1554 46.66 -36.54 -36.63
C THR A 1554 45.26 -36.08 -36.26
N ALA A 1555 44.30 -36.45 -37.10
CA ALA A 1555 42.91 -36.05 -36.88
C ALA A 1555 42.20 -37.07 -36.00
N PRO A 1556 41.67 -36.68 -34.86
CA PRO A 1556 40.90 -37.62 -34.04
C PRO A 1556 39.64 -38.07 -34.73
N THR A 1557 39.25 -39.32 -34.45
CA THR A 1557 38.05 -39.87 -35.08
C THR A 1557 36.79 -39.11 -34.65
N VAL A 1558 36.71 -38.76 -33.37
CA VAL A 1558 35.52 -38.06 -32.88
C VAL A 1558 35.41 -36.68 -33.49
N CYS A 1559 36.52 -36.11 -33.96
CA CYS A 1559 36.50 -34.78 -34.55
C CYS A 1559 35.67 -34.74 -35.83
N ASP A 1560 35.44 -35.89 -36.46
CA ASP A 1560 34.59 -35.99 -37.64
C ASP A 1560 33.31 -36.74 -37.23
N GLY A 1561 32.19 -36.03 -37.22
CA GLY A 1561 30.93 -36.62 -36.82
C GLY A 1561 29.79 -35.62 -36.74
N PRO A 1562 28.74 -35.99 -36.00
CA PRO A 1562 27.55 -35.12 -35.92
C PRO A 1562 27.83 -33.79 -35.23
N CYS A 1563 26.80 -32.94 -35.16
CA CYS A 1563 26.94 -31.61 -34.59
C CYS A 1563 26.55 -31.59 -33.12
N VAL A 1564 26.97 -30.53 -32.43
CA VAL A 1564 26.75 -30.39 -30.99
C VAL A 1564 26.25 -28.98 -30.68
N GLU A 1565 25.26 -28.91 -29.80
CA GLU A 1565 24.76 -27.63 -29.33
C GLU A 1565 25.77 -26.96 -28.40
N GLY A 1566 25.81 -25.63 -28.43
CA GLY A 1566 26.61 -24.91 -27.46
C GLY A 1566 27.05 -23.57 -28.01
N CYS A 1567 27.88 -22.88 -27.24
CA CYS A 1567 28.39 -21.57 -27.61
C CYS A 1567 29.81 -21.71 -28.14
N GLN A 1568 30.09 -20.96 -29.20
CA GLN A 1568 31.43 -20.87 -29.78
C GLN A 1568 31.81 -19.41 -29.93
N CYS A 1569 33.05 -19.08 -29.56
CA CYS A 1569 33.62 -17.77 -29.80
C CYS A 1569 34.83 -17.84 -30.73
N ASP A 1570 34.90 -18.88 -31.57
CA ASP A 1570 36.04 -19.04 -32.45
C ASP A 1570 36.11 -17.92 -33.49
N GLU A 1571 34.98 -17.29 -33.77
CA GLU A 1571 35.00 -16.13 -34.66
C GLU A 1571 35.79 -15.00 -34.03
N GLY A 1572 36.68 -14.39 -34.81
CA GLY A 1572 37.61 -13.42 -34.25
C GLY A 1572 38.71 -14.12 -33.48
N PHE A 1573 38.60 -14.12 -32.16
CA PHE A 1573 39.54 -14.83 -31.32
C PHE A 1573 39.44 -16.34 -31.55
N VAL A 1574 40.59 -17.00 -31.67
CA VAL A 1574 40.59 -18.45 -31.81
C VAL A 1574 40.36 -19.10 -30.44
N LEU A 1575 39.62 -20.21 -30.44
CA LEU A 1575 39.32 -20.93 -29.21
C LEU A 1575 40.53 -21.80 -28.86
N SER A 1576 41.40 -21.26 -28.02
CA SER A 1576 42.61 -21.95 -27.59
C SER A 1576 42.87 -21.64 -26.11
N ALA A 1577 43.63 -22.52 -25.47
CA ALA A 1577 44.00 -22.38 -24.07
C ALA A 1577 42.77 -22.35 -23.15
N ASP A 1578 41.82 -23.24 -23.40
CA ASP A 1578 40.62 -23.40 -22.58
C ASP A 1578 39.78 -22.13 -22.51
N GLN A 1579 39.93 -21.25 -23.51
CA GLN A 1579 39.15 -20.02 -23.60
C GLN A 1579 39.26 -19.53 -25.04
N CYS A 1580 38.83 -18.30 -25.27
CA CYS A 1580 38.98 -17.67 -26.57
C CYS A 1580 40.09 -16.63 -26.55
N VAL A 1581 41.14 -16.90 -27.32
CA VAL A 1581 42.33 -16.08 -27.37
C VAL A 1581 42.61 -15.43 -28.71
N PRO A 1582 43.19 -14.23 -28.74
CA PRO A 1582 43.51 -13.61 -30.03
C PRO A 1582 44.54 -14.53 -30.66
N LEU A 1583 44.58 -14.51 -32.00
CA LEU A 1583 45.42 -15.43 -32.76
C LEU A 1583 46.89 -15.33 -32.33
N ASP A 1584 47.33 -14.15 -31.93
CA ASP A 1584 48.69 -13.98 -31.42
C ASP A 1584 48.76 -14.18 -29.91
N GLY A 1585 48.24 -15.32 -29.45
CA GLY A 1585 48.23 -15.64 -28.04
C GLY A 1585 49.45 -16.43 -27.62
N GLY A 1586 49.40 -16.93 -26.39
CA GLY A 1586 50.48 -17.76 -25.88
C GLY A 1586 50.67 -19.02 -26.70
N CYS A 1587 49.57 -19.69 -27.03
CA CYS A 1587 49.58 -20.87 -27.89
C CYS A 1587 50.49 -21.97 -27.34
N GLY A 1588 50.57 -22.05 -26.00
CA GLY A 1588 51.39 -23.03 -25.35
C GLY A 1588 52.87 -22.66 -25.35
N CYS A 1589 53.65 -23.51 -24.70
CA CYS A 1589 55.10 -23.37 -24.73
C CYS A 1589 55.76 -24.32 -25.72
N TRP A 1590 55.01 -25.29 -26.25
CA TRP A 1590 55.46 -26.26 -27.26
C TRP A 1590 56.91 -26.73 -27.14
N VAL A 1591 57.30 -27.09 -25.93
CA VAL A 1591 58.58 -27.80 -25.71
C VAL A 1591 58.18 -29.24 -25.43
N ASN A 1592 58.74 -30.17 -26.21
CA ASN A 1592 58.33 -31.56 -26.23
C ASN A 1592 56.86 -31.85 -26.57
N GLY A 1593 56.19 -30.89 -27.19
CA GLY A 1593 54.79 -31.03 -27.53
C GLY A 1593 53.82 -30.66 -26.43
N THR A 1594 54.31 -30.36 -25.24
CA THR A 1594 53.44 -30.00 -24.12
C THR A 1594 52.94 -28.57 -24.30
N TYR A 1595 51.71 -28.32 -23.89
CA TYR A 1595 51.05 -27.04 -24.11
C TYR A 1595 51.01 -26.25 -22.81
N TYR A 1596 51.86 -25.24 -22.69
CA TYR A 1596 51.87 -24.34 -21.53
C TYR A 1596 51.48 -22.96 -22.03
N GLU A 1597 50.19 -22.66 -22.01
CA GLU A 1597 49.70 -21.37 -22.49
C GLU A 1597 50.17 -20.25 -21.56
N ALA A 1598 50.49 -19.11 -22.17
CA ALA A 1598 50.93 -17.92 -21.43
C ALA A 1598 52.09 -18.24 -20.49
N GLY A 1599 52.10 -17.60 -19.32
CA GLY A 1599 53.11 -17.87 -18.33
C GLY A 1599 52.51 -18.22 -16.98
N THR A 1600 52.79 -19.42 -16.50
CA THR A 1600 52.25 -19.89 -15.22
C THR A 1600 53.34 -20.11 -14.17
N GLU A 1601 54.60 -19.81 -14.49
CA GLU A 1601 55.72 -19.99 -13.57
C GLU A 1601 55.77 -21.42 -13.05
N PHE A 1602 55.57 -22.36 -13.96
CA PHE A 1602 55.50 -23.78 -13.62
C PHE A 1602 56.89 -24.37 -13.49
N TRP A 1603 57.16 -25.02 -12.36
CA TRP A 1603 58.42 -25.71 -12.15
C TRP A 1603 58.51 -26.91 -13.09
N ALA A 1604 59.49 -26.90 -13.99
CA ALA A 1604 59.61 -27.97 -14.97
C ALA A 1604 59.89 -29.31 -14.29
N ASP A 1605 61.03 -29.40 -13.61
CA ASP A 1605 61.38 -30.64 -12.93
C ASP A 1605 60.46 -30.90 -11.75
N THR A 1606 60.27 -32.18 -11.43
CA THR A 1606 59.49 -32.57 -10.27
C THR A 1606 60.17 -32.21 -8.95
N THR A 1607 61.47 -31.93 -8.97
CA THR A 1607 62.21 -31.59 -7.76
C THR A 1607 62.16 -30.11 -7.42
N CYS A 1608 61.46 -29.30 -8.22
CA CYS A 1608 61.17 -27.90 -7.94
C CYS A 1608 62.41 -27.00 -7.94
N SER A 1609 63.57 -27.55 -8.31
CA SER A 1609 64.81 -26.79 -8.24
C SER A 1609 64.91 -25.70 -9.31
N LYS A 1610 64.01 -25.67 -10.28
CA LYS A 1610 64.11 -24.74 -11.40
C LYS A 1610 62.75 -24.10 -11.64
N ARG A 1611 62.71 -22.77 -11.67
CA ARG A 1611 61.45 -22.05 -11.87
C ARG A 1611 60.95 -22.26 -13.31
N CYS A 1612 61.72 -21.78 -14.28
CA CYS A 1612 61.43 -21.97 -15.71
C CYS A 1612 60.04 -21.47 -16.09
N HIS A 1613 59.84 -20.16 -15.91
CA HIS A 1613 58.63 -19.53 -16.42
C HIS A 1613 58.75 -19.32 -17.93
N CYS A 1614 57.81 -19.90 -18.69
CA CYS A 1614 57.85 -19.83 -20.15
C CYS A 1614 57.14 -18.55 -20.58
N GLY A 1615 57.93 -17.54 -20.93
CA GLY A 1615 57.41 -16.29 -21.43
C GLY A 1615 57.11 -16.37 -22.92
N PRO A 1616 55.85 -16.13 -23.29
CA PRO A 1616 55.47 -16.21 -24.72
C PRO A 1616 56.17 -15.18 -25.60
N GLY A 1617 56.67 -14.09 -25.03
CA GLY A 1617 57.32 -13.09 -25.86
C GLY A 1617 58.58 -13.60 -26.53
N GLY A 1618 59.40 -14.32 -25.77
CA GLY A 1618 60.65 -14.84 -26.31
C GLY A 1618 60.66 -16.35 -26.45
N ASP A 1619 59.58 -17.00 -26.02
CA ASP A 1619 59.47 -18.46 -26.05
C ASP A 1619 60.62 -19.13 -25.32
N SER A 1620 61.05 -18.52 -24.22
CA SER A 1620 62.20 -18.99 -23.46
C SER A 1620 61.94 -19.24 -21.98
N LEU A 1621 62.79 -20.04 -21.36
CA LEU A 1621 62.67 -20.32 -19.93
C LEU A 1621 63.39 -19.36 -19.00
N VAL A 1622 62.64 -18.53 -18.29
CA VAL A 1622 63.18 -17.70 -17.23
C VAL A 1622 63.27 -18.61 -16.02
N CYS A 1623 64.45 -19.20 -15.81
CA CYS A 1623 64.62 -20.30 -14.87
C CYS A 1623 65.63 -19.90 -13.81
N LYS A 1624 65.32 -20.19 -12.55
CA LYS A 1624 66.20 -19.91 -11.42
C LYS A 1624 66.54 -21.20 -10.69
N PRO A 1625 67.82 -21.50 -10.46
CA PRO A 1625 68.18 -22.75 -9.78
C PRO A 1625 67.96 -22.72 -8.29
N ALA A 1626 67.40 -21.62 -7.77
CA ALA A 1626 67.20 -21.46 -6.35
C ALA A 1626 65.90 -22.13 -5.92
N SER A 1627 65.55 -21.99 -4.64
CA SER A 1627 64.32 -22.54 -4.09
C SER A 1627 63.83 -21.61 -2.99
N CYS A 1628 62.68 -21.96 -2.41
CA CYS A 1628 62.14 -21.15 -1.32
C CYS A 1628 63.06 -21.18 -0.11
N GLY A 1629 63.61 -22.35 0.22
CA GLY A 1629 64.41 -22.47 1.42
C GLY A 1629 63.59 -22.18 2.66
N LEU A 1630 64.18 -21.45 3.60
CA LEU A 1630 63.48 -20.91 4.77
C LEU A 1630 62.74 -21.99 5.56
N GLY A 1631 63.17 -23.23 5.44
CA GLY A 1631 62.52 -24.32 6.15
C GLY A 1631 61.36 -24.96 5.44
N GLU A 1632 60.98 -24.48 4.25
CA GLU A 1632 59.93 -25.10 3.46
C GLU A 1632 60.52 -25.70 2.19
N GLU A 1633 59.97 -26.85 1.79
CA GLU A 1633 60.44 -27.57 0.62
C GLU A 1633 59.25 -27.84 -0.29
N CYS A 1634 59.53 -28.04 -1.58
CA CYS A 1634 58.46 -28.24 -2.53
C CYS A 1634 57.93 -29.66 -2.48
N ALA A 1635 56.69 -29.81 -2.93
CA ALA A 1635 56.03 -31.11 -3.01
C ALA A 1635 54.86 -31.00 -3.99
N LEU A 1636 54.23 -32.13 -4.25
CA LEU A 1636 53.09 -32.18 -5.15
C LEU A 1636 51.84 -31.70 -4.41
N LEU A 1637 51.39 -30.50 -4.73
CA LEU A 1637 50.19 -29.95 -4.11
C LEU A 1637 48.95 -30.70 -4.58
N PRO A 1638 47.89 -30.69 -3.77
CA PRO A 1638 46.66 -31.37 -4.18
C PRO A 1638 46.07 -30.85 -5.48
N SER A 1639 46.24 -29.56 -5.79
CA SER A 1639 45.71 -29.02 -7.04
C SER A 1639 46.39 -29.64 -8.25
N GLY A 1640 47.61 -30.12 -8.09
CA GLY A 1640 48.37 -30.73 -9.16
C GLY A 1640 49.68 -30.04 -9.48
N GLU A 1641 49.74 -28.72 -9.31
CA GLU A 1641 50.99 -28.00 -9.55
C GLU A 1641 51.89 -28.10 -8.33
N ILE A 1642 53.09 -28.64 -8.51
CA ILE A 1642 54.03 -28.75 -7.41
C ILE A 1642 54.49 -27.36 -6.99
N GLY A 1643 54.85 -27.23 -5.72
CA GLY A 1643 55.28 -25.94 -5.20
C GLY A 1643 55.75 -26.06 -3.78
N CYS A 1644 56.26 -24.95 -3.27
CA CYS A 1644 56.82 -24.91 -1.92
C CYS A 1644 55.74 -25.17 -0.88
N GLN A 1645 56.16 -25.75 0.25
CA GLN A 1645 55.25 -26.11 1.33
C GLN A 1645 56.05 -26.23 2.60
N PRO A 1646 55.56 -25.72 3.72
CA PRO A 1646 56.30 -25.84 4.98
C PRO A 1646 56.46 -27.30 5.40
N THR A 1647 57.58 -27.58 6.06
CA THR A 1647 57.89 -28.95 6.47
C THR A 1647 57.07 -29.36 7.70
N SER A 1648 57.13 -28.56 8.75
CA SER A 1648 56.47 -28.89 10.01
C SER A 1648 55.59 -27.72 10.45
N ILE A 1649 54.53 -28.06 11.20
CA ILE A 1649 53.58 -27.09 11.70
C ILE A 1649 53.55 -27.18 13.22
N THR A 1650 53.69 -26.03 13.87
CA THR A 1650 53.61 -25.95 15.32
C THR A 1650 52.29 -25.30 15.73
N GLU A 1651 51.80 -25.67 16.91
CA GLU A 1651 50.50 -25.24 17.38
C GLU A 1651 50.63 -24.59 18.76
N CYS A 1652 50.04 -23.40 18.90
CA CYS A 1652 49.92 -22.71 20.18
C CYS A 1652 48.44 -22.60 20.52
N GLN A 1653 48.07 -23.03 21.72
CA GLN A 1653 46.68 -23.01 22.16
C GLN A 1653 46.54 -22.20 23.43
N ALA A 1654 45.47 -21.42 23.51
CA ALA A 1654 45.12 -20.65 24.69
C ALA A 1654 43.93 -21.33 25.35
N TRP A 1655 44.12 -21.80 26.58
CA TRP A 1655 43.11 -22.59 27.26
C TRP A 1655 41.92 -21.74 27.66
N GLY A 1656 40.95 -22.38 28.31
CA GLY A 1656 39.86 -21.68 28.94
C GLY A 1656 39.96 -21.76 30.45
N ASP A 1657 39.66 -20.67 31.14
CA ASP A 1657 39.79 -20.64 32.59
C ASP A 1657 38.74 -21.52 33.25
N PRO A 1658 44.05 -16.69 30.81
CA PRO A 1658 43.86 -18.06 31.30
C PRO A 1658 45.15 -18.88 31.21
N HIS A 1659 45.01 -20.19 31.04
CA HIS A 1659 46.17 -21.07 30.91
C HIS A 1659 46.71 -20.97 29.50
N TYR A 1660 47.95 -20.51 29.35
CA TYR A 1660 48.58 -20.36 28.06
C TYR A 1660 49.78 -21.29 27.98
N THR A 1661 49.88 -22.04 26.88
CA THR A 1661 51.06 -22.81 26.54
C THR A 1661 51.85 -22.10 25.45
N THR A 1662 53.13 -22.41 25.38
CA THR A 1662 54.01 -21.81 24.39
C THR A 1662 54.26 -22.78 23.23
N LEU A 1663 54.75 -22.23 22.12
CA LEU A 1663 55.02 -23.09 20.93
C LEU A 1663 56.14 -24.07 21.29
N ASP A 1664 57.17 -23.61 22.00
CA ASP A 1664 58.30 -24.47 22.40
C ASP A 1664 57.78 -25.56 23.34
N GLY A 1665 56.86 -25.21 24.23
CA GLY A 1665 56.26 -26.19 25.16
C GLY A 1665 56.40 -25.77 26.61
N HIS A 1666 55.99 -24.53 26.92
CA HIS A 1666 56.02 -24.05 28.30
C HIS A 1666 54.60 -23.70 28.74
N ARG A 1667 54.20 -24.19 29.90
CA ARG A 1667 52.86 -23.99 30.44
C ARG A 1667 52.91 -22.95 31.54
N PHE A 1668 52.08 -21.91 31.41
CA PHE A 1668 51.92 -20.91 32.45
C PHE A 1668 50.46 -20.47 32.49
N ASP A 1669 50.11 -19.74 33.55
CA ASP A 1669 48.71 -19.35 33.77
C ASP A 1669 48.69 -18.00 34.46
N PHE A 1670 47.90 -17.07 33.93
CA PHE A 1670 47.72 -15.76 34.53
C PHE A 1670 46.28 -15.31 34.39
N GLN A 1671 45.96 -14.21 35.05
CA GLN A 1671 44.63 -13.60 34.98
C GLN A 1671 44.77 -12.12 34.63
N GLY A 1672 43.87 -11.64 33.79
CA GLY A 1672 43.86 -10.24 33.40
C GLY A 1672 42.66 -9.96 32.53
N THR A 1673 42.48 -8.67 32.23
CA THR A 1673 41.35 -8.26 31.40
C THR A 1673 41.72 -7.28 30.29
N CYS A 1674 42.90 -6.69 30.32
CA CYS A 1674 43.30 -5.77 29.27
C CYS A 1674 43.62 -6.53 27.99
N GLU A 1675 43.27 -5.93 26.85
CA GLU A 1675 43.51 -6.57 25.56
C GLU A 1675 45.00 -6.66 25.29
N TYR A 1676 45.46 -7.83 24.83
CA TYR A 1676 46.87 -8.10 24.62
C TYR A 1676 47.09 -8.55 23.18
N LEU A 1677 48.36 -8.66 22.80
CA LEU A 1677 48.75 -9.17 21.50
C LEU A 1677 49.00 -10.67 21.56
N LEU A 1678 49.21 -11.27 20.40
CA LEU A 1678 49.44 -12.71 20.33
C LEU A 1678 50.15 -13.05 19.02
N SER A 1679 51.32 -13.68 19.14
CA SER A 1679 52.08 -14.14 17.97
C SER A 1679 52.41 -12.99 17.02
N ALA A 1680 53.03 -11.96 17.54
CA ALA A 1680 53.39 -10.82 16.70
C ALA A 1680 54.81 -10.99 16.15
N PRO A 1681 55.00 -11.00 14.83
CA PRO A 1681 56.36 -10.98 14.30
C PRO A 1681 57.09 -9.72 14.71
N CYS A 1682 58.35 -9.88 15.11
CA CYS A 1682 59.14 -8.74 15.59
C CYS A 1682 59.33 -7.72 14.47
N HIS A 1683 59.63 -8.18 13.27
CA HIS A 1683 59.79 -7.32 12.10
C HIS A 1683 59.12 -7.97 10.91
N GLU A 1684 58.84 -7.17 9.88
CA GLU A 1684 58.29 -7.71 8.64
C GLU A 1684 59.29 -8.69 8.05
N PRO A 1685 58.85 -9.90 7.71
CA PRO A 1685 59.79 -10.89 7.14
C PRO A 1685 60.37 -10.39 5.83
N PRO A 1686 61.69 -10.27 5.76
CA PRO A 1686 62.32 -9.64 4.58
C PRO A 1686 62.05 -10.38 3.28
N THR A 1687 61.93 -11.70 3.31
CA THR A 1687 61.90 -12.52 2.10
C THR A 1687 60.51 -13.12 1.89
N GLY A 1688 59.65 -12.36 1.23
CA GLY A 1688 58.38 -12.89 0.73
C GLY A 1688 57.46 -13.49 1.77
N THR A 1689 57.27 -12.80 2.89
CA THR A 1689 56.34 -13.26 3.91
C THR A 1689 55.78 -12.05 4.66
N GLU A 1690 54.50 -12.14 5.02
CA GLU A 1690 53.76 -11.02 5.56
C GLU A 1690 53.57 -11.16 7.07
N TYR A 1691 53.11 -10.07 7.69
CA TYR A 1691 52.83 -10.08 9.11
C TYR A 1691 51.56 -10.85 9.42
N PHE A 1692 51.51 -11.43 10.61
CA PHE A 1692 50.40 -12.29 11.02
C PHE A 1692 50.06 -12.07 12.49
N ASN A 1693 50.25 -10.85 12.99
CA ASN A 1693 50.07 -10.62 14.42
C ASN A 1693 48.60 -10.66 14.79
N VAL A 1694 48.31 -11.24 15.96
CA VAL A 1694 46.96 -11.44 16.44
C VAL A 1694 46.81 -10.76 17.79
N THR A 1695 45.59 -10.33 18.09
CA THR A 1695 45.27 -9.69 19.36
C THR A 1695 44.17 -10.47 20.05
N VAL A 1696 44.23 -10.52 21.39
CA VAL A 1696 43.25 -11.23 22.19
C VAL A 1696 42.83 -10.33 23.35
N ALA A 1697 41.53 -10.25 23.60
CA ALA A 1697 40.97 -9.52 24.72
C ALA A 1697 40.49 -10.50 25.78
N ASN A 1698 40.38 -10.02 27.02
CA ASN A 1698 39.96 -10.85 28.14
C ASN A 1698 38.83 -10.16 28.91
N GLU A 1699 37.95 -10.98 29.49
CA GLU A 1699 36.71 -10.49 30.09
C GLU A 1699 36.43 -11.24 31.39
N HIS A 1700 35.73 -10.57 32.30
CA HIS A 1700 35.34 -11.14 33.57
C HIS A 1700 33.94 -11.73 33.47
N ARG A 1701 33.81 -13.02 33.75
CA ARG A 1701 32.51 -13.69 33.83
C ARG A 1701 32.45 -14.42 35.15
N GLY A 1702 31.32 -14.30 35.84
CA GLY A 1702 31.16 -14.98 37.13
C GLY A 1702 32.00 -14.32 38.18
N SER A 1703 32.74 -15.13 38.94
CA SER A 1703 33.55 -14.60 40.03
C SER A 1703 34.77 -13.88 39.48
N GLN A 1704 35.46 -13.17 40.37
CA GLN A 1704 36.66 -12.45 40.01
C GLN A 1704 37.85 -13.42 39.90
N ALA A 1705 39.00 -12.87 39.50
CA ALA A 1705 40.21 -13.65 39.26
C ALA A 1705 39.97 -14.73 38.21
N VAL A 1706 39.02 -14.50 37.32
CA VAL A 1706 38.67 -15.42 36.25
C VAL A 1706 38.60 -14.60 34.96
N SER A 1707 39.36 -15.00 33.96
CA SER A 1707 39.39 -14.32 32.67
C SER A 1707 39.01 -15.29 31.57
N TYR A 1708 38.12 -14.84 30.68
CA TYR A 1708 37.76 -15.60 29.49
C TYR A 1708 38.17 -14.82 28.25
N THR A 1709 38.48 -15.55 27.19
CA THR A 1709 38.88 -14.94 25.93
C THR A 1709 37.67 -14.28 25.29
N ARG A 1710 37.73 -12.94 25.15
CA ARG A 1710 36.63 -12.19 24.58
C ARG A 1710 36.57 -12.37 23.06
N SER A 1711 37.64 -12.02 22.36
CA SER A 1711 37.66 -12.09 20.91
C SER A 1711 39.11 -12.15 20.44
N VAL A 1712 39.27 -12.53 19.18
CA VAL A 1712 40.57 -12.59 18.52
C VAL A 1712 40.47 -11.85 17.18
N THR A 1713 41.39 -10.93 16.94
CA THR A 1713 41.44 -10.15 15.72
C THR A 1713 42.73 -10.45 15.00
N LEU A 1714 42.65 -10.80 13.72
CA LEU A 1714 43.80 -11.15 12.90
C LEU A 1714 43.93 -10.16 11.75
N GLN A 1715 45.13 -9.62 11.57
CA GLN A 1715 45.46 -8.75 10.46
C GLN A 1715 46.48 -9.46 9.58
N ILE A 1716 46.08 -9.78 8.35
CA ILE A 1716 46.95 -10.47 7.39
C ILE A 1716 46.65 -9.93 6.00
N TYR A 1717 47.71 -9.70 5.23
CA TYR A 1717 47.60 -9.24 3.85
C TYR A 1717 46.77 -7.96 3.74
N GLY A 1718 46.94 -7.07 4.72
CA GLY A 1718 46.24 -5.81 4.71
C GLY A 1718 44.78 -5.89 5.07
N LEU A 1719 44.28 -7.04 5.52
CA LEU A 1719 42.88 -7.22 5.87
C LEU A 1719 42.78 -7.66 7.31
N SER A 1720 41.82 -7.09 8.04
CA SER A 1720 41.63 -7.38 9.45
C SER A 1720 40.24 -7.99 9.66
N LEU A 1721 40.20 -9.16 10.29
CA LEU A 1721 38.95 -9.82 10.60
C LEU A 1721 39.01 -10.39 12.00
N THR A 1722 37.85 -10.41 12.66
CA THR A 1722 37.77 -10.76 14.07
C THR A 1722 36.70 -11.81 14.31
N LEU A 1723 36.90 -12.60 15.36
CA LEU A 1723 35.94 -13.59 15.81
C LEU A 1723 35.75 -13.46 17.32
N SER A 1724 34.50 -13.40 17.75
CA SER A 1724 34.18 -13.15 19.15
C SER A 1724 33.17 -14.17 19.64
N ALA A 1725 33.17 -14.39 20.95
CA ALA A 1725 32.23 -15.34 21.55
C ALA A 1725 30.86 -14.73 21.72
N GLN A 1726 30.76 -13.39 21.69
CA GLN A 1726 29.45 -12.75 21.89
C GLN A 1726 28.49 -13.08 20.76
N TRP A 1727 28.97 -13.11 19.52
CA TRP A 1727 28.19 -13.63 18.41
C TRP A 1727 28.81 -14.94 17.93
N PRO A 1728 28.15 -16.08 18.15
CA PRO A 1728 28.71 -17.35 17.71
C PRO A 1728 28.36 -17.66 16.27
N ARG A 1729 29.30 -18.31 15.58
CA ARG A 1729 29.10 -18.80 14.22
C ARG A 1729 28.74 -17.66 13.26
N LYS A 1730 29.37 -16.51 13.47
CA LYS A 1730 29.23 -15.38 12.57
C LYS A 1730 30.61 -14.77 12.34
N LEU A 1731 30.77 -14.14 11.18
CA LEU A 1731 32.06 -13.60 10.77
C LEU A 1731 32.00 -12.08 10.65
N GLN A 1732 33.00 -11.43 11.24
CA GLN A 1732 33.15 -9.98 11.18
C GLN A 1732 34.50 -9.64 10.54
N VAL A 1733 34.47 -8.76 9.55
CA VAL A 1733 35.68 -8.35 8.85
C VAL A 1733 35.67 -6.82 8.73
N ASN A 1734 36.77 -6.19 9.14
CA ASN A 1734 36.97 -4.75 8.99
C ASN A 1734 35.80 -3.95 9.55
N GLY A 1735 35.14 -4.48 10.57
CA GLY A 1735 34.06 -3.79 11.25
C GLY A 1735 32.68 -4.04 10.71
N GLU A 1736 32.51 -4.91 9.71
CA GLU A 1736 31.20 -5.24 9.18
C GLU A 1736 31.01 -6.74 9.16
N PHE A 1737 29.77 -7.17 9.40
CA PHE A 1737 29.44 -8.59 9.40
C PHE A 1737 29.27 -9.09 7.97
N VAL A 1738 29.76 -10.30 7.70
CA VAL A 1738 29.59 -10.95 6.41
C VAL A 1738 29.18 -12.39 6.65
N ALA A 1739 28.65 -13.02 5.61
CA ALA A 1739 28.29 -14.43 5.69
C ALA A 1739 29.56 -15.25 5.79
N LEU A 1740 29.42 -16.44 6.39
CA LEU A 1740 30.59 -17.27 6.68
C LEU A 1740 31.35 -17.77 5.44
N PRO A 1741 30.71 -18.28 4.39
CA PRO A 1741 31.49 -18.81 3.25
C PRO A 1741 32.16 -17.67 2.48
N PHE A 1742 33.11 -17.02 3.14
CA PHE A 1742 33.84 -15.91 2.55
C PHE A 1742 35.18 -16.36 1.97
N HIS A 1743 35.28 -16.35 0.64
CA HIS A 1743 36.52 -16.66 -0.06
C HIS A 1743 37.29 -15.56 -0.76
N LEU A 1744 38.53 -15.35 -0.37
CA LEU A 1744 39.39 -14.43 -1.10
C LEU A 1744 40.19 -15.26 -2.10
N ASP A 1745 40.91 -14.59 -3.00
CA ASP A 1745 41.63 -15.26 -4.07
C ASP A 1745 42.88 -15.93 -3.52
N GLN A 1746 42.88 -17.26 -3.50
CA GLN A 1746 44.00 -18.11 -3.08
C GLN A 1746 44.39 -17.88 -1.63
N LYS A 1747 43.65 -17.07 -0.89
CA LYS A 1747 43.99 -16.73 0.49
C LYS A 1747 42.69 -16.41 1.23
N LEU A 1748 42.77 -16.42 2.55
CA LEU A 1748 41.66 -16.01 3.41
C LEU A 1748 40.38 -16.75 3.02
N SER A 1749 40.41 -18.06 3.21
CA SER A 1749 39.27 -18.92 2.94
C SER A 1749 38.61 -19.27 4.26
N VAL A 1750 37.70 -18.41 4.72
CA VAL A 1750 37.03 -18.58 6.00
C VAL A 1750 35.84 -19.51 5.80
N TYR A 1751 35.72 -20.51 6.68
CA TYR A 1751 34.57 -21.39 6.61
C TYR A 1751 34.28 -21.96 8.00
N ILE A 1752 33.19 -22.72 8.08
CA ILE A 1752 32.69 -23.26 9.34
C ILE A 1752 32.99 -24.75 9.39
N SER A 1753 33.70 -25.18 10.44
CA SER A 1753 34.07 -26.58 10.64
C SER A 1753 33.50 -27.01 11.99
N GLY A 1754 32.42 -27.80 11.94
CA GLY A 1754 31.79 -28.22 13.18
C GLY A 1754 31.34 -27.03 13.99
N ALA A 1755 31.72 -27.04 15.27
CA ALA A 1755 31.45 -25.88 16.13
C ALA A 1755 32.39 -24.73 15.81
N ASP A 1756 33.63 -25.03 15.43
CA ASP A 1756 34.63 -24.00 15.21
C ASP A 1756 34.41 -23.28 13.89
N VAL A 1757 34.95 -22.06 13.80
CA VAL A 1757 35.10 -21.33 12.55
C VAL A 1757 36.58 -21.19 12.27
N VAL A 1758 37.00 -21.58 11.06
CA VAL A 1758 38.40 -21.72 10.73
C VAL A 1758 38.75 -20.74 9.61
N VAL A 1759 39.88 -20.06 9.77
CA VAL A 1759 40.44 -19.21 8.73
C VAL A 1759 41.82 -19.76 8.36
N ASN A 1760 42.07 -19.91 7.06
CA ASN A 1760 43.36 -20.34 6.56
C ASN A 1760 43.71 -19.56 5.30
N THR A 1761 45.01 -19.37 5.10
CA THR A 1761 45.51 -18.57 3.97
C THR A 1761 46.51 -19.38 3.14
N ALA A 1762 47.14 -18.70 2.18
CA ALA A 1762 48.19 -19.35 1.39
C ALA A 1762 49.35 -19.78 2.28
N SER A 1763 49.74 -18.92 3.21
CA SER A 1763 50.79 -19.27 4.16
C SER A 1763 50.27 -20.29 5.17
N GLY A 1764 51.20 -20.85 5.95
CA GLY A 1764 50.86 -21.94 6.83
C GLY A 1764 50.04 -21.52 8.04
N VAL A 1765 49.98 -20.22 8.31
CA VAL A 1765 49.25 -19.71 9.47
C VAL A 1765 47.77 -20.02 9.33
N SER A 1766 47.19 -20.65 10.34
CA SER A 1766 45.77 -20.97 10.35
C SER A 1766 45.23 -20.73 11.75
N LEU A 1767 44.01 -20.20 11.84
CA LEU A 1767 43.40 -19.87 13.12
C LEU A 1767 42.05 -20.55 13.25
N ALA A 1768 41.82 -21.21 14.38
CA ALA A 1768 40.57 -21.90 14.66
C ALA A 1768 40.02 -21.39 15.98
N PHE A 1769 38.79 -20.90 15.96
CA PHE A 1769 38.14 -20.35 17.16
C PHE A 1769 36.74 -20.93 17.29
N ASP A 1770 36.35 -21.23 18.53
CA ASP A 1770 35.06 -21.84 18.81
C ASP A 1770 34.26 -21.06 19.85
N GLY A 1771 34.73 -19.89 20.25
CA GLY A 1771 34.15 -19.24 21.39
C GLY A 1771 34.47 -20.00 22.66
N ASP A 1772 33.79 -19.62 23.73
CA ASP A 1772 33.94 -20.23 25.06
C ASP A 1772 35.40 -20.53 25.38
N SER A 1773 36.25 -19.56 25.07
CA SER A 1773 37.67 -19.57 25.47
C SER A 1773 38.42 -20.78 24.93
N PHE A 1774 38.60 -20.85 23.61
CA PHE A 1774 39.54 -21.78 22.99
C PHE A 1774 39.97 -21.21 21.64
N VAL A 1775 41.23 -20.80 21.57
CA VAL A 1775 41.84 -20.32 20.33
C VAL A 1775 43.07 -21.14 19.97
N ARG A 1776 43.07 -21.71 18.77
CA ARG A 1776 44.16 -22.56 18.29
C ARG A 1776 44.81 -21.89 17.10
N LEU A 1777 46.13 -21.70 17.17
CA LEU A 1777 46.89 -21.03 16.14
C LEU A 1777 47.98 -21.97 15.62
N ARG A 1778 47.85 -22.38 14.35
CA ARG A 1778 48.84 -23.22 13.72
C ARG A 1778 49.82 -22.34 12.95
N VAL A 1779 51.07 -22.34 13.40
CA VAL A 1779 52.12 -21.47 12.86
C VAL A 1779 53.14 -22.33 12.14
N PRO A 1780 53.40 -22.11 10.86
CA PRO A 1780 54.42 -22.89 10.16
C PRO A 1780 55.83 -22.59 10.67
N ALA A 1781 56.69 -23.59 10.56
CA ALA A 1781 58.09 -23.42 10.92
C ALA A 1781 58.85 -22.54 9.94
N ALA A 1782 58.23 -22.19 8.81
CA ALA A 1782 58.90 -21.38 7.80
C ALA A 1782 59.26 -19.99 8.30
N TYR A 1783 58.59 -19.50 9.34
CA TYR A 1783 58.88 -18.18 9.87
C TYR A 1783 60.25 -18.19 10.56
N ALA A 1784 60.67 -17.00 11.00
CA ALA A 1784 61.94 -16.87 11.70
C ALA A 1784 61.88 -17.54 13.06
N GLY A 1785 63.05 -17.82 13.62
CA GLY A 1785 63.14 -18.37 14.95
C GLY A 1785 62.89 -17.36 16.06
N THR A 1786 62.76 -16.09 15.71
CA THR A 1786 62.48 -15.03 16.68
C THR A 1786 61.09 -14.49 16.42
N LEU A 1787 60.24 -14.54 17.44
CA LEU A 1787 58.87 -14.05 17.33
C LEU A 1787 58.51 -13.28 18.59
N CYS A 1788 58.06 -12.04 18.43
CA CYS A 1788 57.72 -11.18 19.56
C CYS A 1788 56.23 -11.31 19.90
N GLY A 1789 55.82 -12.56 20.17
CA GLY A 1789 54.43 -12.87 20.44
C GLY A 1789 54.20 -13.37 21.85
N LEU A 1790 52.94 -13.33 22.27
CA LEU A 1790 52.57 -13.81 23.59
C LEU A 1790 52.73 -15.32 23.69
N CYS A 1791 52.50 -16.03 22.58
CA CYS A 1791 52.79 -17.46 22.56
C CYS A 1791 54.28 -17.73 22.77
N GLY A 1792 55.12 -16.72 22.48
CA GLY A 1792 56.56 -16.85 22.73
C GLY A 1792 57.37 -17.17 21.50
N ASN A 1793 58.67 -16.87 21.52
CA ASN A 1793 59.56 -17.16 20.36
C ASN A 1793 59.60 -18.68 20.17
N TYR A 1794 59.44 -19.18 18.94
CA TYR A 1794 59.59 -20.64 18.76
C TYR A 1794 61.05 -20.99 18.42
N ASN A 1795 61.94 -20.82 19.40
CA ASN A 1795 63.37 -21.21 19.20
C ASN A 1795 63.54 -22.62 19.76
N LYS A 1796 62.44 -23.23 20.21
CA LYS A 1796 62.47 -24.62 20.76
C LYS A 1796 63.02 -24.63 22.19
N ASN A 1797 63.16 -23.45 22.82
CA ASN A 1797 63.57 -23.42 24.24
C ASN A 1797 62.41 -22.91 25.09
N PRO A 1798 61.85 -23.73 26.01
CA PRO A 1798 60.76 -23.29 26.89
C PRO A 1798 61.16 -22.20 27.90
N ASN A 1799 62.37 -22.29 28.47
CA ASN A 1799 62.79 -21.34 29.53
C ASN A 1799 62.86 -19.91 28.99
N ASP A 1800 63.37 -19.72 27.77
CA ASP A 1800 63.55 -18.34 27.23
C ASP A 1800 62.19 -17.72 26.85
N ASP A 1801 61.12 -18.53 26.84
CA ASP A 1801 59.78 -17.97 26.54
C ASP A 1801 59.41 -16.94 27.60
N LEU A 1802 58.82 -15.81 27.19
CA LEU A 1802 58.38 -14.74 28.13
C LEU A 1802 59.53 -14.26 29.00
N THR A 1803 60.74 -14.05 28.43
CA THR A 1803 61.80 -13.47 29.22
C THR A 1803 62.04 -11.99 28.91
N ALA A 1804 61.81 -11.58 27.67
CA ALA A 1804 61.93 -10.16 27.34
C ALA A 1804 60.78 -9.37 27.94
N VAL A 1805 59.59 -9.98 27.98
CA VAL A 1805 58.43 -9.34 28.60
C VAL A 1805 58.54 -9.29 30.11
N GLY A 1806 59.52 -10.00 30.70
CA GLY A 1806 59.65 -10.06 32.14
C GLY A 1806 58.85 -11.19 32.74
N GLY A 1807 59.02 -11.35 34.05
CA GLY A 1807 58.26 -12.36 34.77
C GLY A 1807 56.76 -12.14 34.68
N LYS A 1808 56.34 -10.88 34.70
CA LYS A 1808 54.94 -10.54 34.54
C LYS A 1808 54.51 -10.75 33.09
N PRO A 1809 53.49 -11.56 32.83
CA PRO A 1809 53.07 -11.79 31.44
C PRO A 1809 52.18 -10.69 30.90
N GLU A 1810 52.13 -9.55 31.59
CA GLU A 1810 51.25 -8.45 31.20
C GLU A 1810 51.98 -7.35 30.46
N GLY A 1811 53.26 -7.53 30.16
CA GLY A 1811 53.98 -6.52 29.39
C GLY A 1811 53.46 -6.39 27.97
N TRP A 1812 53.06 -7.50 27.37
CA TRP A 1812 52.49 -7.49 26.02
C TRP A 1812 51.08 -6.91 26.11
N LYS A 1813 51.00 -5.59 26.26
CA LYS A 1813 49.73 -4.89 26.40
C LYS A 1813 49.61 -3.81 25.35
N VAL A 1814 48.40 -3.62 24.84
CA VAL A 1814 48.10 -2.59 23.85
C VAL A 1814 46.64 -2.20 23.98
N GLY A 1815 46.36 -0.93 23.78
CA GLY A 1815 44.99 -0.45 23.91
C GLY A 1815 44.48 -0.66 25.33
N GLY A 1816 43.31 -1.28 25.44
CA GLY A 1816 42.75 -1.62 26.73
C GLY A 1816 41.82 -0.54 27.27
N ALA A 1817 41.05 -0.92 28.26
CA ALA A 1817 40.09 -0.06 28.94
C ALA A 1817 40.80 0.91 29.86
N PRO A 1818 40.18 2.05 30.18
CA PRO A 1818 40.82 3.01 31.09
C PRO A 1818 41.11 2.45 32.47
N GLY A 1819 40.31 1.47 32.92
CA GLY A 1819 40.48 0.94 34.26
C GLY A 1819 40.76 -0.56 34.30
N CYS A 1820 41.33 -1.10 33.22
CA CYS A 1820 41.62 -2.53 33.19
C CYS A 1820 42.64 -2.92 34.25
N ASP A 1821 43.71 -2.13 34.39
CA ASP A 1821 44.78 -2.48 35.32
C ASP A 1821 44.29 -2.46 36.77
N GLN A 1822 43.50 -1.46 37.13
CA GLN A 1822 42.91 -1.43 38.46
C GLN A 1822 41.85 -2.52 38.58
N CYS A 1823 42.18 -3.61 39.28
CA CYS A 1823 41.27 -4.75 39.33
C CYS A 1823 39.97 -4.40 40.03
N GLU A 1824 40.04 -4.05 41.32
CA GLU A 1824 38.88 -3.70 42.12
C GLU A 1824 39.29 -2.70 43.20
N PRO A 1825 38.35 -1.98 43.82
CA PRO A 1825 38.73 -1.12 44.95
C PRO A 1825 39.47 -1.89 46.03
N GLU A 1826 39.06 -3.12 46.32
CA GLU A 1826 39.95 -4.00 47.05
C GLU A 1826 40.92 -4.64 46.06
N PRO A 1827 42.22 -4.58 46.32
CA PRO A 1827 43.21 -4.92 45.28
C PRO A 1827 43.13 -6.38 44.87
N CYS A 1828 42.66 -6.60 43.64
CA CYS A 1828 42.69 -7.90 42.96
C CYS A 1828 42.18 -9.03 43.86
N PRO A 1829 40.87 -9.11 44.09
CA PRO A 1829 40.35 -9.98 45.15
C PRO A 1829 40.38 -11.45 44.77
N LYS A 1830 40.10 -12.29 45.78
CA LYS A 1830 39.78 -13.71 45.73
C LYS A 1830 40.54 -14.53 44.69
N PRO A 1831 41.85 -14.73 44.86
CA PRO A 1831 42.51 -15.83 44.14
C PRO A 1831 42.10 -17.16 44.75
N CYS A 1832 41.84 -18.15 43.91
CA CYS A 1832 41.38 -19.44 44.40
C CYS A 1832 42.44 -20.08 45.30
N THR A 1833 42.00 -21.02 46.12
CA THR A 1833 42.89 -21.73 47.03
C THR A 1833 43.91 -22.52 46.22
N PRO A 1834 45.20 -22.29 46.43
CA PRO A 1834 46.23 -23.07 45.73
C PRO A 1834 46.12 -24.55 46.05
N GLU A 1835 45.69 -24.84 47.28
CA GLU A 1835 45.42 -26.21 47.68
C GLU A 1835 44.28 -26.83 46.89
N GLU A 1836 43.37 -26.00 46.37
CA GLU A 1836 42.25 -26.46 45.54
C GLU A 1836 41.44 -27.53 46.26
N GLN A 1837 41.19 -27.30 47.54
CA GLN A 1837 40.53 -28.30 48.37
C GLN A 1837 39.07 -28.42 47.93
N GLU A 1838 38.80 -29.43 47.11
CA GLU A 1838 37.48 -29.65 46.56
C GLU A 1838 37.15 -31.14 46.57
N PRO A 1839 35.88 -31.50 46.68
CA PRO A 1839 35.47 -32.86 46.37
C PRO A 1839 35.27 -33.02 44.88
N PHE A 1840 35.65 -31.98 44.13
CA PHE A 1840 35.53 -31.94 42.68
C PHE A 1840 36.65 -32.71 42.00
N ARG A 1841 37.45 -33.47 42.74
CA ARG A 1841 38.39 -34.40 42.14
C ARG A 1841 37.71 -35.71 41.75
N GLY A 1842 36.46 -35.91 42.18
CA GLY A 1842 35.73 -37.11 41.87
C GLY A 1842 35.37 -37.19 40.40
N PRO A 1843 34.91 -38.38 39.98
CA PRO A 1843 34.59 -38.57 38.55
C PRO A 1843 33.47 -37.68 38.05
N ASP A 1844 32.50 -37.34 38.90
CA ASP A 1844 31.32 -36.63 38.44
C ASP A 1844 31.67 -35.25 37.89
N ALA A 1845 32.56 -34.52 38.57
CA ALA A 1845 32.99 -33.20 38.14
C ALA A 1845 34.49 -33.23 37.92
N CYS A 1846 34.93 -32.84 36.71
CA CYS A 1846 36.35 -32.76 36.37
C CYS A 1846 37.06 -34.09 36.62
N GLY A 1847 36.35 -35.19 36.42
CA GLY A 1847 36.93 -36.50 36.64
C GLY A 1847 37.04 -37.31 35.37
N ILE A 1848 36.18 -37.00 34.40
CA ILE A 1848 36.20 -37.71 33.12
C ILE A 1848 37.36 -37.24 32.27
N ILE A 1849 37.98 -36.11 32.62
CA ILE A 1849 39.04 -35.56 31.79
C ILE A 1849 40.29 -36.41 31.84
N THR A 1850 40.68 -36.86 33.04
CA THR A 1850 41.94 -37.58 33.21
C THR A 1850 41.71 -38.90 33.94
N ALA A 1851 42.22 -39.97 33.36
CA ALA A 1851 42.19 -41.34 33.87
C ALA A 1851 40.85 -41.76 34.45
N PRO A 1852 39.74 -41.63 33.72
CA PRO A 1852 38.48 -42.23 34.17
C PRO A 1852 38.19 -43.59 33.56
N GLU A 1853 39.08 -44.10 32.69
CA GLU A 1853 38.81 -45.23 31.81
C GLU A 1853 37.55 -44.87 31.03
N GLY A 1854 36.50 -45.70 31.03
CA GLY A 1854 35.25 -45.36 30.41
C GLY A 1854 35.39 -44.91 28.97
N PRO A 1855 34.85 -43.72 28.65
CA PRO A 1855 34.86 -43.24 27.27
C PRO A 1855 36.07 -42.41 26.88
N LEU A 1856 36.83 -41.87 27.83
CA LEU A 1856 37.93 -40.96 27.53
C LEU A 1856 39.30 -41.61 27.71
N ALA A 1857 39.35 -42.91 27.95
CA ALA A 1857 40.64 -43.60 28.11
C ALA A 1857 41.53 -43.51 26.88
N PRO A 1858 41.06 -43.76 25.65
CA PRO A 1858 41.99 -43.95 24.53
C PRO A 1858 42.89 -42.75 24.25
N CYS A 1859 42.53 -41.55 24.69
CA CYS A 1859 43.37 -40.39 24.38
C CYS A 1859 44.57 -40.27 25.31
N HIS A 1860 44.66 -41.12 26.34
CA HIS A 1860 45.77 -41.00 27.28
C HIS A 1860 47.11 -41.26 26.60
N SER A 1861 47.17 -42.26 25.73
CA SER A 1861 48.42 -42.54 25.03
C SER A 1861 48.74 -41.47 23.99
N LEU A 1862 47.71 -40.82 23.43
CA LEU A 1862 47.93 -39.83 22.37
C LEU A 1862 48.43 -38.52 22.93
N VAL A 1863 47.72 -37.96 23.91
CA VAL A 1863 48.06 -36.67 24.50
C VAL A 1863 48.05 -36.84 26.02
N PRO A 1864 49.07 -36.37 26.73
CA PRO A 1864 49.06 -36.45 28.20
C PRO A 1864 47.92 -35.61 28.76
N PRO A 1865 47.09 -36.19 29.63
CA PRO A 1865 45.90 -35.47 30.08
C PRO A 1865 46.12 -34.73 31.39
N THR A 1866 47.29 -34.89 32.01
CA THR A 1866 47.50 -34.31 33.33
C THR A 1866 47.43 -32.79 33.30
N GLN A 1867 48.12 -32.17 32.35
CA GLN A 1867 48.13 -30.71 32.28
C GLN A 1867 46.78 -30.12 31.92
N TYR A 1868 45.94 -30.89 31.21
CA TYR A 1868 44.58 -30.44 30.96
C TYR A 1868 43.71 -30.62 32.20
N PHE A 1869 43.97 -31.69 32.96
CA PHE A 1869 43.18 -31.97 34.16
C PHE A 1869 43.34 -30.86 35.19
N GLU A 1870 44.56 -30.37 35.36
CA GLU A 1870 44.83 -29.41 36.42
C GLU A 1870 43.98 -28.15 36.28
N ALA A 1871 43.71 -27.73 35.05
CA ALA A 1871 42.95 -26.50 34.82
C ALA A 1871 41.47 -26.66 35.15
N CYS A 1872 40.92 -27.87 35.10
CA CYS A 1872 39.52 -28.08 35.40
C CYS A 1872 39.19 -27.85 36.87
N LEU A 1873 40.08 -28.23 37.78
CA LEU A 1873 39.84 -28.05 39.21
C LEU A 1873 39.85 -26.58 39.63
N LEU A 1874 40.65 -25.73 38.98
CA LEU A 1874 40.58 -24.30 39.27
C LEU A 1874 39.24 -23.72 38.88
N ASP A 1875 38.70 -24.14 37.73
CA ASP A 1875 37.37 -23.71 37.34
C ASP A 1875 36.31 -24.20 38.32
N ALA A 1876 36.44 -25.44 38.79
CA ALA A 1876 35.53 -25.94 39.80
C ALA A 1876 35.67 -25.17 41.11
N CYS A 1877 36.88 -24.70 41.41
CA CYS A 1877 37.12 -23.92 42.62
C CYS A 1877 36.41 -22.58 42.57
N GLN A 1878 36.69 -21.78 41.53
CA GLN A 1878 36.16 -20.42 41.47
C GLN A 1878 34.64 -20.43 41.38
N VAL A 1879 34.09 -21.31 40.55
CA VAL A 1879 32.63 -21.48 40.46
C VAL A 1879 32.28 -22.93 40.79
N GLN A 1880 31.38 -23.10 41.74
CA GLN A 1880 31.10 -24.42 42.31
C GLN A 1880 30.04 -25.18 41.54
N GLY A 1881 30.47 -26.20 40.80
CA GLY A 1881 29.57 -27.16 40.20
C GLY A 1881 28.62 -26.56 39.18
N HIS A 1882 28.90 -25.37 38.69
CA HIS A 1882 28.02 -24.78 37.68
C HIS A 1882 28.36 -25.31 36.30
N PRO A 1883 27.39 -25.86 35.57
CA PRO A 1883 27.71 -26.42 34.24
C PRO A 1883 28.31 -25.42 33.28
N GLY A 1884 27.92 -24.14 33.38
CA GLY A 1884 28.42 -23.15 32.45
C GLY A 1884 29.93 -23.01 32.50
N GLY A 1885 30.50 -23.05 33.70
CA GLY A 1885 31.95 -22.99 33.81
C GLY A 1885 32.62 -24.32 33.58
N LEU A 1886 31.92 -25.42 33.89
CA LEU A 1886 32.54 -26.74 33.82
C LEU A 1886 32.67 -27.22 32.38
N CYS A 1887 31.69 -26.88 31.54
CA CYS A 1887 31.68 -27.37 30.16
C CYS A 1887 32.93 -26.99 29.37
N PRO A 1888 33.41 -25.73 29.35
CA PRO A 1888 34.50 -25.37 28.43
C PRO A 1888 35.77 -26.18 28.60
N ALA A 1889 36.15 -26.50 29.82
CA ALA A 1889 37.41 -27.22 30.04
C ALA A 1889 37.36 -28.62 29.42
N ILE A 1890 36.33 -29.39 29.75
CA ILE A 1890 36.25 -30.76 29.25
C ILE A 1890 36.00 -30.76 27.75
N ALA A 1891 35.21 -29.81 27.24
CA ALA A 1891 35.02 -29.70 25.80
C ALA A 1891 36.31 -29.33 25.08
N THR A 1892 37.13 -28.46 25.67
CA THR A 1892 38.42 -28.15 25.09
C THR A 1892 39.31 -29.39 25.04
N TYR A 1893 39.31 -30.18 26.10
CA TYR A 1893 40.08 -31.42 26.08
C TYR A 1893 39.60 -32.36 24.98
N VAL A 1894 38.27 -32.47 24.83
CA VAL A 1894 37.73 -33.34 23.80
C VAL A 1894 38.15 -32.88 22.41
N ALA A 1895 38.06 -31.58 22.16
CA ALA A 1895 38.43 -31.06 20.85
C ALA A 1895 39.92 -31.24 20.57
N ALA A 1896 40.76 -30.93 21.56
CA ALA A 1896 42.20 -31.14 21.38
C ALA A 1896 42.53 -32.60 21.19
N CYS A 1897 41.76 -33.50 21.80
CA CYS A 1897 41.95 -34.92 21.55
C CYS A 1897 41.58 -35.28 20.13
N GLN A 1898 40.38 -34.86 19.70
CA GLN A 1898 39.88 -35.26 18.35
C GLN A 1898 40.83 -34.78 17.26
N ALA A 1899 41.65 -33.76 17.52
CA ALA A 1899 42.52 -33.22 16.46
C ALA A 1899 43.46 -34.34 16.02
N ALA A 1900 44.03 -35.07 16.96
CA ALA A 1900 44.85 -36.26 16.59
C ALA A 1900 43.85 -37.38 16.32
N GLY A 1901 44.07 -38.19 15.28
CA GLY A 1901 43.03 -39.19 14.98
C GLY A 1901 42.83 -40.13 16.17
N ALA A 1902 41.58 -40.26 16.62
CA ALA A 1902 41.28 -41.10 17.80
C ALA A 1902 39.81 -41.48 17.79
N GLN A 1903 39.44 -42.53 18.53
CA GLN A 1903 38.00 -42.88 18.64
C GLN A 1903 37.57 -42.50 20.06
N LEU A 1904 36.61 -41.58 20.19
CA LEU A 1904 36.17 -41.12 21.53
C LEU A 1904 34.73 -41.60 21.74
N GLY A 1905 34.41 -42.05 22.95
CA GLY A 1905 33.06 -42.49 23.21
C GLY A 1905 32.14 -41.33 23.52
N GLU A 1906 30.93 -41.67 23.96
CA GLU A 1906 29.94 -40.67 24.33
C GLU A 1906 30.35 -40.00 25.63
N TRP A 1907 30.86 -38.77 25.55
CA TRP A 1907 31.40 -38.10 26.72
C TRP A 1907 30.41 -37.16 27.39
N ARG A 1908 29.54 -36.50 26.64
CA ARG A 1908 28.56 -35.59 27.21
C ARG A 1908 27.20 -36.27 27.28
N LYS A 1909 26.45 -35.94 28.32
CA LYS A 1909 25.15 -36.51 28.62
C LYS A 1909 24.19 -35.38 28.96
N PRO A 1910 22.88 -35.62 28.87
CA PRO A 1910 21.92 -34.58 29.28
C PRO A 1910 22.12 -34.16 30.72
N ASP A 1911 22.50 -35.10 31.58
CA ASP A 1911 22.76 -34.78 32.98
C ASP A 1911 24.09 -34.05 33.14
N PHE A 1912 25.13 -34.50 32.43
CA PHE A 1912 26.47 -33.98 32.58
C PHE A 1912 26.81 -33.12 31.37
N CYS A 1913 26.74 -31.80 31.54
CA CYS A 1913 27.02 -30.80 30.52
C CYS A 1913 26.27 -31.11 29.22
N PRO A 1914 24.95 -30.92 29.18
CA PRO A 1914 24.24 -31.03 27.90
C PRO A 1914 24.59 -29.87 26.98
N LEU A 1915 24.43 -30.11 25.68
CA LEU A 1915 24.75 -29.12 24.66
C LEU A 1915 23.47 -28.69 23.96
N GLN A 1916 23.32 -27.38 23.75
CA GLN A 1916 22.20 -26.80 23.04
C GLN A 1916 22.61 -26.40 21.64
N CYS A 1917 21.61 -26.26 20.76
CA CYS A 1917 21.84 -25.92 19.37
C CYS A 1917 20.56 -25.31 18.82
N PRO A 1918 20.66 -24.40 17.84
CA PRO A 1918 19.43 -23.81 17.27
C PRO A 1918 18.57 -24.81 16.53
N ALA A 1919 17.44 -24.35 16.01
CA ALA A 1919 16.45 -25.24 15.42
C ALA A 1919 16.99 -25.91 14.16
N HIS A 1920 16.36 -27.03 13.79
CA HIS A 1920 16.75 -27.83 12.64
C HIS A 1920 18.21 -28.27 12.74
N SER A 1921 18.62 -28.68 13.95
CA SER A 1921 20.00 -29.08 14.19
C SER A 1921 20.02 -30.16 15.25
N HIS A 1922 20.83 -31.20 15.03
CA HIS A 1922 20.96 -32.30 15.97
C HIS A 1922 22.42 -32.48 16.35
N TYR A 1923 22.63 -32.97 17.57
CA TYR A 1923 23.98 -33.17 18.10
C TYR A 1923 24.67 -34.34 17.41
N GLN A 1924 26.00 -34.28 17.35
CA GLN A 1924 26.81 -35.33 16.77
C GLN A 1924 28.12 -35.42 17.53
N LEU A 1925 28.44 -36.62 18.01
CA LEU A 1925 29.69 -36.84 18.73
C LEU A 1925 30.89 -36.51 17.86
N CYS A 1926 30.86 -36.93 16.59
CA CYS A 1926 31.87 -36.54 15.64
C CYS A 1926 31.31 -36.77 14.24
N GLY A 1927 31.34 -35.73 13.42
CA GLY A 1927 30.72 -35.79 12.10
C GLY A 1927 31.54 -35.11 11.02
N ASP A 1928 30.89 -34.69 9.95
CA ASP A 1928 31.61 -34.07 8.84
C ASP A 1928 32.35 -32.82 9.30
N SER A 1929 33.64 -32.74 8.93
CA SER A 1929 34.44 -31.59 9.31
C SER A 1929 34.08 -30.36 8.50
N CYS A 1930 33.59 -30.56 7.27
CA CYS A 1930 33.29 -29.46 6.35
C CYS A 1930 31.86 -29.61 5.83
N PRO A 1931 30.86 -29.12 6.57
CA PRO A 1931 29.51 -29.07 6.02
C PRO A 1931 29.42 -28.09 4.86
N VAL A 1932 28.45 -28.33 3.99
CA VAL A 1932 28.33 -27.58 2.75
C VAL A 1932 27.70 -26.22 3.02
N SER A 1933 27.98 -25.27 2.13
CA SER A 1933 27.45 -23.91 2.15
C SER A 1933 26.64 -23.70 0.86
N CYS A 1934 26.24 -22.45 0.59
CA CYS A 1934 25.42 -22.19 -0.58
C CYS A 1934 26.02 -22.75 -1.86
N PRO A 1935 27.31 -22.56 -2.17
CA PRO A 1935 27.92 -23.41 -3.21
C PRO A 1935 28.03 -24.82 -2.67
N SER A 1936 27.17 -25.71 -3.16
CA SER A 1936 26.93 -26.97 -2.48
C SER A 1936 28.12 -27.92 -2.63
N LEU A 1937 29.21 -27.61 -1.94
CA LEU A 1937 30.38 -28.47 -1.88
C LEU A 1937 31.21 -28.08 -0.67
N SER A 1938 32.11 -28.98 -0.28
CA SER A 1938 33.02 -28.68 0.81
C SER A 1938 34.10 -27.71 0.35
N ALA A 1939 34.85 -27.19 1.30
CA ALA A 1939 35.94 -26.26 0.99
C ALA A 1939 37.04 -27.01 0.23
N PRO A 1940 37.73 -26.32 -0.68
CA PRO A 1940 38.80 -27.00 -1.43
C PRO A 1940 39.93 -27.52 -0.57
N VAL A 1941 40.15 -26.94 0.61
CA VAL A 1941 41.19 -27.38 1.53
C VAL A 1941 40.83 -28.78 2.03
N GLY A 1942 41.81 -29.47 2.62
CA GLY A 1942 41.59 -30.81 3.14
C GLY A 1942 40.42 -30.90 4.09
N CYS A 1943 39.49 -31.80 3.80
CA CYS A 1943 38.26 -31.92 4.55
C CYS A 1943 37.95 -33.39 4.82
N GLU A 1944 37.04 -33.61 5.77
CA GLU A 1944 36.60 -34.93 6.19
C GLU A 1944 37.74 -35.80 6.72
N THR A 1945 38.91 -35.20 6.94
CA THR A 1945 40.03 -35.92 7.51
C THR A 1945 39.87 -36.17 9.01
N ILE A 1946 39.04 -35.38 9.68
CA ILE A 1946 38.73 -35.56 11.09
C ILE A 1946 37.23 -35.46 11.28
N CYS A 1947 36.66 -36.38 12.05
CA CYS A 1947 35.25 -36.28 12.42
C CYS A 1947 35.17 -35.45 13.71
N ARG A 1948 34.40 -34.37 13.67
CA ARG A 1948 34.47 -33.31 14.66
C ARG A 1948 33.19 -33.24 15.49
N GLU A 1949 33.36 -33.02 16.79
CA GLU A 1949 32.23 -32.83 17.69
C GLU A 1949 31.45 -31.58 17.33
N GLY A 1950 30.13 -31.67 17.38
CA GLY A 1950 29.30 -30.51 17.16
C GLY A 1950 27.91 -30.92 16.72
N CYS A 1951 27.07 -29.90 16.52
CA CYS A 1951 25.70 -30.12 16.05
C CYS A 1951 25.56 -29.64 14.62
N VAL A 1952 24.87 -30.43 13.80
CA VAL A 1952 24.76 -30.19 12.36
C VAL A 1952 23.29 -30.23 11.95
N CYS A 1953 23.01 -29.64 10.79
CA CYS A 1953 21.66 -29.55 10.26
C CYS A 1953 21.21 -30.91 9.74
N ASP A 1954 19.91 -31.01 9.49
CA ASP A 1954 19.30 -32.21 8.91
C ASP A 1954 18.27 -31.78 7.89
N ALA A 1955 18.28 -32.42 6.71
CA ALA A 1955 17.37 -32.10 5.61
C ALA A 1955 17.48 -30.64 5.16
N GLY A 1956 18.54 -29.97 5.57
CA GLY A 1956 18.79 -28.60 5.16
C GLY A 1956 20.27 -28.32 5.24
N PHE A 1957 20.72 -27.35 4.46
CA PHE A 1957 22.14 -27.06 4.33
C PHE A 1957 22.46 -25.76 5.03
N VAL A 1958 23.66 -25.67 5.60
CA VAL A 1958 24.11 -24.48 6.31
C VAL A 1958 24.15 -23.30 5.36
N LEU A 1959 23.35 -22.27 5.66
CA LEU A 1959 23.28 -21.07 4.87
C LEU A 1959 23.82 -19.90 5.68
N SER A 1960 24.84 -19.23 5.16
CA SER A 1960 25.46 -18.07 5.78
C SER A 1960 26.00 -18.35 7.17
N GLY A 1961 26.31 -19.62 7.47
CA GLY A 1961 26.90 -19.95 8.76
C GLY A 1961 25.92 -20.09 9.90
N ASP A 1962 24.62 -20.20 9.62
CA ASP A 1962 23.63 -20.32 10.68
C ASP A 1962 22.30 -20.74 10.07
N THR A 1963 21.30 -20.92 10.95
CA THR A 1963 19.87 -20.97 10.64
C THR A 1963 19.43 -22.26 9.94
N CYS A 1964 20.37 -23.07 9.48
CA CYS A 1964 20.08 -24.34 8.79
C CYS A 1964 18.90 -24.19 7.83
N VAL A 1965 19.06 -23.31 6.86
CA VAL A 1965 17.98 -22.93 5.95
C VAL A 1965 17.51 -24.14 5.16
N PRO A 1966 16.25 -24.21 4.77
CA PRO A 1966 15.77 -25.34 3.97
C PRO A 1966 16.48 -25.41 2.62
N VAL A 1967 16.67 -26.64 2.13
CA VAL A 1967 17.45 -26.86 0.92
C VAL A 1967 16.80 -26.16 -0.26
N GLY A 1968 17.62 -25.64 -1.17
CA GLY A 1968 17.12 -25.02 -2.38
C GLY A 1968 16.77 -23.56 -2.26
N GLN A 1969 17.20 -22.88 -1.21
CA GLN A 1969 16.86 -21.47 -1.04
C GLN A 1969 18.09 -20.65 -0.67
N CYS A 1970 19.19 -20.83 -1.38
CA CYS A 1970 20.37 -20.02 -1.13
C CYS A 1970 20.13 -18.58 -1.56
N GLY A 1971 20.99 -17.69 -1.07
CA GLY A 1971 20.88 -16.28 -1.38
C GLY A 1971 21.54 -15.90 -2.69
N CYS A 1972 22.35 -14.85 -2.66
CA CYS A 1972 22.98 -14.29 -3.85
C CYS A 1972 24.46 -14.06 -3.60
N LEU A 1973 25.25 -14.12 -4.67
CA LEU A 1973 26.68 -13.84 -4.61
C LEU A 1973 26.97 -12.57 -5.39
N TYR A 1974 27.60 -11.60 -4.73
CA TYR A 1974 27.86 -10.30 -5.32
C TYR A 1974 29.28 -9.85 -4.96
N GLN A 1975 30.10 -9.63 -5.99
CA GLN A 1975 31.50 -9.20 -5.86
C GLN A 1975 32.22 -9.93 -4.72
N GLY A 1976 32.07 -11.25 -4.67
CA GLY A 1976 32.79 -12.06 -3.70
C GLY A 1976 32.19 -12.12 -2.32
N ARG A 1977 31.04 -11.49 -2.11
CA ARG A 1977 30.34 -11.49 -0.83
C ARG A 1977 29.04 -12.26 -0.99
N TYR A 1978 28.75 -13.13 -0.03
CA TYR A 1978 27.50 -13.88 -0.04
C TYR A 1978 26.47 -13.16 0.83
N TYR A 1979 25.28 -12.93 0.28
CA TYR A 1979 24.20 -12.27 0.98
C TYR A 1979 22.99 -13.19 1.05
N VAL A 1980 22.37 -13.26 2.23
CA VAL A 1980 21.19 -14.08 2.46
C VAL A 1980 20.06 -13.59 1.56
N LEU A 1981 19.17 -14.50 1.17
CA LEU A 1981 18.03 -14.12 0.35
C LEU A 1981 17.14 -13.15 1.11
N GLY A 1982 16.69 -12.10 0.42
CA GLY A 1982 15.86 -11.08 1.02
C GLY A 1982 16.62 -10.01 1.78
N ALA A 1983 17.94 -10.12 1.88
CA ALA A 1983 18.71 -9.13 2.61
C ALA A 1983 18.85 -7.84 1.82
N THR A 1984 18.76 -6.72 2.52
CA THR A 1984 18.96 -5.39 1.94
C THR A 1984 20.30 -4.86 2.40
N PHE A 1985 21.12 -4.41 1.46
CA PHE A 1985 22.48 -4.01 1.75
C PHE A 1985 22.96 -2.97 0.74
N TYR A 1986 24.02 -2.25 1.12
CA TYR A 1986 24.65 -1.30 0.22
C TYR A 1986 26.00 -1.86 -0.20
N PRO A 1987 26.13 -2.39 -1.41
CA PRO A 1987 27.42 -2.97 -1.82
C PRO A 1987 28.57 -1.97 -1.77
N GLY A 1988 28.32 -0.72 -2.14
CA GLY A 1988 29.34 0.30 -2.08
C GLY A 1988 29.17 1.19 -0.87
N PRO A 1989 30.19 1.99 -0.57
CA PRO A 1989 30.09 2.92 0.56
C PRO A 1989 29.23 4.13 0.23
N GLU A 1990 29.11 5.04 1.20
CA GLU A 1990 28.32 6.27 1.05
C GLU A 1990 26.85 6.00 0.78
N CYS A 1991 26.38 4.78 1.08
CA CYS A 1991 24.96 4.43 0.95
C CYS A 1991 24.43 4.73 -0.45
N GLU A 1992 25.16 4.25 -1.46
CA GLU A 1992 24.83 4.59 -2.84
C GLU A 1992 23.59 3.85 -3.33
N ARG A 1993 23.66 2.52 -3.36
CA ARG A 1993 22.57 1.72 -3.93
C ARG A 1993 22.10 0.70 -2.90
N LEU A 1994 20.79 0.61 -2.73
CA LEU A 1994 20.19 -0.40 -1.85
C LEU A 1994 19.79 -1.60 -2.69
N CYS A 1995 20.69 -2.59 -2.76
CA CYS A 1995 20.48 -3.79 -3.56
C CYS A 1995 19.73 -4.83 -2.75
N GLU A 1996 18.85 -5.58 -3.40
CA GLU A 1996 18.05 -6.60 -2.76
C GLU A 1996 18.41 -7.96 -3.33
N CYS A 1997 18.48 -8.96 -2.46
CA CYS A 1997 18.83 -10.33 -2.84
C CYS A 1997 17.57 -11.01 -3.39
N GLY A 1998 17.52 -11.19 -4.71
CA GLY A 1998 16.33 -11.68 -5.36
C GLY A 1998 16.07 -13.16 -5.14
N PRO A 1999 14.84 -13.60 -5.44
CA PRO A 1999 14.51 -15.02 -5.25
C PRO A 1999 15.33 -16.10 -5.92
N ASP A 2000 15.81 -15.85 -7.14
CA ASP A 2000 16.62 -16.82 -7.87
C ASP A 2000 18.14 -16.40 -8.01
N GLY A 2001 18.59 -15.75 -6.94
CA GLY A 2001 19.87 -15.10 -6.93
C GLY A 2001 20.16 -13.80 -7.65
N GLN A 2002 19.15 -13.19 -8.26
CA GLN A 2002 19.34 -11.91 -8.94
C GLN A 2002 19.64 -10.82 -7.92
N VAL A 2003 20.57 -9.93 -8.27
CA VAL A 2003 20.87 -8.79 -7.41
C VAL A 2003 20.09 -7.59 -7.92
N THR A 2004 18.88 -7.40 -7.42
CA THR A 2004 18.07 -6.25 -7.81
C THR A 2004 18.57 -5.01 -7.10
N CYS A 2005 19.01 -4.02 -7.88
CA CYS A 2005 19.58 -2.80 -7.33
C CYS A 2005 18.83 -1.58 -7.86
N GLN A 2006 18.61 -0.60 -6.99
CA GLN A 2006 18.09 0.70 -7.37
C GLN A 2006 19.03 1.78 -6.83
N GLU A 2007 18.60 3.04 -6.96
CA GLU A 2007 19.44 4.18 -6.64
C GLU A 2007 18.97 4.82 -5.34
N GLY A 2008 19.91 5.05 -4.41
CA GLY A 2008 19.58 5.68 -3.15
C GLY A 2008 19.72 7.19 -3.20
N ALA A 2009 19.16 7.85 -2.18
CA ALA A 2009 19.06 9.30 -2.14
C ALA A 2009 20.03 9.94 -1.15
N ASP A 2010 20.97 9.18 -0.59
CA ASP A 2010 22.02 9.62 0.32
C ASP A 2010 21.46 10.14 1.65
N CYS A 2011 20.14 10.04 1.88
CA CYS A 2011 19.52 10.23 3.19
C CYS A 2011 19.53 11.68 3.66
N GLU A 2012 18.79 11.97 4.72
N GLU A 2012 18.80 11.97 4.73
CA GLU A 2012 18.64 13.33 5.26
CA GLU A 2012 18.66 13.33 5.22
C GLU A 2012 19.97 13.83 5.83
C GLU A 2012 19.99 13.83 5.78
N PRO A 2013 20.28 15.13 5.64
CA PRO A 2013 21.54 15.65 6.18
C PRO A 2013 21.52 15.90 7.68
N TYR A 2014 21.03 14.92 8.43
CA TYR A 2014 21.22 14.83 9.86
C TYR A 2014 21.98 13.57 10.25
N GLU A 2015 22.03 12.58 9.38
CA GLU A 2015 22.73 11.33 9.58
C GLU A 2015 23.92 11.24 8.64
N GLU A 2016 24.79 10.28 8.91
CA GLU A 2016 25.95 10.02 8.07
C GLU A 2016 26.07 8.53 7.82
N CYS A 2017 26.38 8.16 6.58
CA CYS A 2017 26.52 6.76 6.20
C CYS A 2017 27.80 6.22 6.84
N ARG A 2018 27.66 5.62 8.02
CA ARG A 2018 28.78 5.18 8.84
C ARG A 2018 28.72 3.68 9.04
N ILE A 2019 29.86 3.09 9.37
CA ILE A 2019 29.97 1.66 9.63
C ILE A 2019 30.03 1.49 11.14
N GLU A 2020 28.93 1.04 11.72
CA GLU A 2020 28.84 0.74 13.14
C GLU A 2020 27.80 -0.36 13.34
N ASN A 2021 28.01 -1.16 14.39
CA ASN A 2021 27.21 -2.35 14.64
C ASN A 2021 27.25 -3.33 13.46
N GLY A 2022 28.34 -3.27 12.68
CA GLY A 2022 28.53 -4.14 11.55
C GLY A 2022 27.73 -3.79 10.31
N VAL A 2023 27.03 -2.67 10.29
CA VAL A 2023 26.18 -2.29 9.18
C VAL A 2023 26.54 -0.88 8.73
N GLN A 2024 26.69 -0.70 7.41
CA GLN A 2024 26.91 0.62 6.84
C GLN A 2024 25.58 1.25 6.48
N ALA A 2025 25.23 2.33 7.16
CA ALA A 2025 23.97 3.04 6.89
C ALA A 2025 24.06 4.44 7.47
N CYS A 2026 23.14 5.29 7.04
CA CYS A 2026 23.04 6.62 7.63
C CYS A 2026 22.58 6.50 9.08
N HIS A 2027 23.43 6.96 9.99
CA HIS A 2027 23.15 6.88 11.41
C HIS A 2027 23.12 8.27 12.02
N PRO A 2028 22.23 8.50 12.99
CA PRO A 2028 22.11 9.85 13.56
C PRO A 2028 23.41 10.32 14.20
N THR A 2029 23.70 11.60 14.07
CA THR A 2029 24.93 12.19 14.58
C THR A 2029 24.73 13.09 15.78
N GLY A 2030 23.51 13.58 16.02
CA GLY A 2030 23.23 14.43 17.14
C GLY A 2030 22.44 13.71 18.22
N CYS A 2031 22.53 14.22 19.44
CA CYS A 2031 21.86 13.64 20.59
C CYS A 2031 21.45 14.74 21.56
N GLY A 2032 20.19 14.70 22.00
CA GLY A 2032 19.70 15.62 22.99
C GLY A 2032 19.26 14.88 24.25
N HIS A 2033 18.93 15.66 25.28
CA HIS A 2033 18.55 15.09 26.57
C HIS A 2033 17.34 15.81 27.13
N CYS A 2034 16.45 15.05 27.74
CA CYS A 2034 15.26 15.57 28.43
C CYS A 2034 15.30 15.03 29.84
N LEU A 2035 15.40 15.93 30.82
CA LEU A 2035 15.61 15.55 32.22
C LEU A 2035 14.34 15.87 33.00
N ALA A 2036 13.68 14.84 33.52
CA ALA A 2036 12.57 15.02 34.45
C ALA A 2036 13.07 14.92 35.89
N ASN A 2037 14.02 15.81 36.21
CA ASN A 2037 14.67 15.78 37.51
C ASN A 2037 13.65 15.97 38.63
N GLY A 2038 13.68 15.08 39.60
CA GLY A 2038 12.68 15.12 40.65
C GLY A 2038 11.34 14.58 40.18
N GLY A 2039 10.33 14.83 41.00
CA GLY A 2039 8.99 14.34 40.71
C GLY A 2039 8.17 15.27 39.85
N LEU A 2040 8.13 16.55 40.22
CA LEU A 2040 7.29 17.50 39.51
C LEU A 2040 8.09 18.37 38.54
N HIS A 2041 9.32 18.72 38.91
CA HIS A 2041 10.12 19.61 38.09
C HIS A 2041 10.57 18.92 36.80
N TYR A 2042 10.45 19.64 35.69
CA TYR A 2042 10.88 19.14 34.38
C TYR A 2042 11.94 20.08 33.81
N VAL A 2043 12.60 19.63 32.75
CA VAL A 2043 13.51 20.46 31.98
C VAL A 2043 13.12 20.35 30.50
N THR A 2044 13.08 21.49 29.82
CA THR A 2044 12.79 21.49 28.39
C THR A 2044 13.91 20.80 27.62
N LEU A 2045 13.66 20.54 26.34
CA LEU A 2045 14.68 19.88 25.50
C LEU A 2045 15.84 20.87 25.40
N ASP A 2046 15.49 22.15 25.26
CA ASP A 2046 16.55 23.18 25.21
C ASP A 2046 16.23 24.38 26.11
N GLY A 2047 17.09 24.70 27.08
CA GLY A 2047 16.95 25.95 27.87
C GLY A 2047 16.10 25.98 29.13
N ARG A 2048 15.14 26.91 29.22
CA ARG A 2048 14.39 27.19 30.44
C ARG A 2048 13.68 25.95 30.95
N VAL A 2049 13.64 25.80 32.27
CA VAL A 2049 12.92 24.73 32.94
C VAL A 2049 11.52 25.21 33.26
N TYR A 2050 10.52 24.37 32.95
CA TYR A 2050 9.12 24.72 33.18
C TYR A 2050 8.61 23.93 34.39
N ASP A 2051 8.69 24.57 35.55
CA ASP A 2051 8.21 23.95 36.77
C ASP A 2051 6.70 23.73 36.71
N LEU A 2052 6.30 22.47 36.66
CA LEU A 2052 4.89 22.10 36.54
C LEU A 2052 4.48 21.28 37.75
N HIS A 2053 3.41 21.71 38.41
CA HIS A 2053 2.93 21.09 39.64
C HIS A 2053 1.68 20.24 39.39
N GLY A 2054 1.56 19.70 38.18
CA GLY A 2054 0.42 18.85 37.89
C GLY A 2054 0.49 17.54 38.63
N SER A 2055 -0.66 16.88 38.74
CA SER A 2055 -0.79 15.64 39.49
C SER A 2055 -1.55 14.59 38.68
N CYS A 2056 -1.17 14.42 37.40
CA CYS A 2056 -1.88 13.48 36.56
C CYS A 2056 -0.96 13.00 35.43
N SER A 2057 -1.50 12.10 34.61
CA SER A 2057 -0.72 11.51 33.53
C SER A 2057 -0.53 12.51 32.40
N TYR A 2058 0.73 12.72 32.02
CA TYR A 2058 1.09 13.71 31.01
C TYR A 2058 2.00 13.05 29.99
N VAL A 2059 1.75 13.30 28.71
CA VAL A 2059 2.56 12.74 27.63
C VAL A 2059 3.81 13.58 27.49
N LEU A 2060 4.95 13.05 27.94
CA LEU A 2060 6.20 13.80 27.93
C LEU A 2060 6.71 14.04 26.51
N ALA A 2061 6.97 12.96 25.77
CA ALA A 2061 7.48 13.07 24.41
C ALA A 2061 6.81 12.04 23.53
N SER A 2062 6.41 12.46 22.33
CA SER A 2062 5.79 11.59 21.36
C SER A 2062 5.99 12.17 19.97
N VAL A 2063 5.97 11.30 18.96
CA VAL A 2063 6.11 11.75 17.58
C VAL A 2063 4.83 12.44 17.16
N CYS A 2064 4.95 13.70 16.73
CA CYS A 2064 3.80 14.52 16.38
C CYS A 2064 3.57 14.58 14.88
N HIS A 2065 4.64 14.68 14.09
CA HIS A 2065 4.51 14.64 12.63
C HIS A 2065 4.96 13.27 12.15
N PRO A 2066 4.06 12.46 11.59
CA PRO A 2066 4.45 11.11 11.15
C PRO A 2066 5.53 11.14 10.08
N LYS A 2067 6.42 10.16 10.13
CA LYS A 2067 7.50 10.01 9.17
C LYS A 2067 7.36 8.66 8.48
N PRO A 2068 7.56 8.58 7.15
CA PRO A 2068 7.45 7.29 6.45
C PRO A 2068 8.42 6.25 7.00
N GLY A 2069 9.61 6.68 7.40
CA GLY A 2069 10.55 5.77 8.03
C GLY A 2069 11.11 6.33 9.33
N ASP A 2070 10.77 5.68 10.44
CA ASP A 2070 11.19 6.09 11.78
C ASP A 2070 10.68 5.03 12.75
N GLU A 2071 11.03 5.21 14.03
CA GLU A 2071 10.50 4.39 15.11
C GLU A 2071 9.76 5.31 16.07
N GLU A 2072 8.51 4.98 16.36
CA GLU A 2072 7.69 5.79 17.25
C GLU A 2072 7.88 5.38 18.69
N PHE A 2073 7.74 6.34 19.60
CA PHE A 2073 7.89 6.07 21.03
C PHE A 2073 7.12 7.13 21.79
N SER A 2074 6.23 6.69 22.68
CA SER A 2074 5.44 7.58 23.52
C SER A 2074 5.89 7.44 24.96
N ILE A 2075 6.16 8.58 25.60
CA ILE A 2075 6.64 8.61 26.98
C ILE A 2075 5.59 9.29 27.84
N VAL A 2076 5.18 8.62 28.92
CA VAL A 2076 4.15 9.12 29.82
C VAL A 2076 4.61 8.90 31.25
N LEU A 2077 4.33 9.88 32.10
CA LEU A 2077 4.71 9.84 33.51
C LEU A 2077 3.43 9.85 34.33
N GLU A 2078 2.96 8.66 34.72
CA GLU A 2078 1.71 8.51 35.46
C GLU A 2078 2.01 8.62 36.95
N LYS A 2079 1.98 9.84 37.47
CA LYS A 2079 2.04 10.04 38.92
C LYS A 2079 0.84 9.37 39.57
N ASN A 2080 1.11 8.35 40.39
CA ASN A 2080 0.04 7.49 40.88
C ASN A 2080 -0.97 8.28 41.70
N SER A 2081 -0.50 9.12 42.63
CA SER A 2081 -1.40 9.93 43.44
C SER A 2081 -0.64 11.11 44.02
N ALA A 2082 -0.96 12.31 43.53
CA ALA A 2082 -0.40 13.55 44.06
C ALA A 2082 1.13 13.53 44.05
N GLY A 2083 1.71 13.15 42.92
CA GLY A 2083 3.15 13.12 42.79
C GLY A 2083 3.82 11.83 43.21
N ASP A 2084 3.07 10.73 43.29
CA ASP A 2084 3.62 9.43 43.64
C ASP A 2084 4.57 8.96 42.53
N PRO A 2085 5.48 8.04 42.81
CA PRO A 2085 6.41 7.57 41.77
C PRO A 2085 5.65 7.10 40.54
N GLN A 2086 6.14 7.54 39.37
CA GLN A 2086 5.39 7.41 38.13
C GLN A 2086 5.43 5.97 37.63
N ARG A 2087 4.27 5.48 37.19
CA ARG A 2087 4.15 4.19 36.52
C ARG A 2087 4.52 4.39 35.05
N VAL A 2088 5.82 4.60 34.81
CA VAL A 2088 6.30 4.93 33.47
C VAL A 2088 5.96 3.79 32.51
N VAL A 2089 5.62 4.16 31.28
CA VAL A 2089 5.33 3.21 30.21
C VAL A 2089 5.95 3.73 28.92
N VAL A 2090 6.58 2.85 28.15
CA VAL A 2090 7.18 3.20 26.87
C VAL A 2090 6.60 2.29 25.81
N THR A 2091 6.27 2.86 24.64
CA THR A 2091 5.73 2.10 23.52
C THR A 2091 6.62 2.32 22.30
N VAL A 2092 7.49 1.35 22.03
CA VAL A 2092 8.44 1.42 20.93
C VAL A 2092 8.12 0.34 19.91
N ALA A 2093 8.00 0.74 18.65
CA ALA A 2093 7.71 -0.18 17.54
C ALA A 2093 6.44 -0.96 17.80
N GLY A 2094 5.42 -0.29 18.34
CA GLY A 2094 4.17 -0.95 18.66
C GLY A 2094 4.24 -1.97 19.75
N GLN A 2095 5.32 -1.96 20.53
CA GLN A 2095 5.50 -2.89 21.65
C GLN A 2095 5.57 -2.09 22.94
N VAL A 2096 4.81 -2.51 23.94
CA VAL A 2096 4.72 -1.80 25.21
C VAL A 2096 5.71 -2.43 26.18
N VAL A 2097 6.74 -1.68 26.52
CA VAL A 2097 7.70 -2.06 27.56
C VAL A 2097 7.37 -1.24 28.80
N GLY A 2098 7.17 -1.92 29.92
CA GLY A 2098 6.70 -1.26 31.11
C GLY A 2098 7.72 -0.35 31.77
N LEU A 2099 8.78 -0.92 32.32
CA LEU A 2099 9.74 -0.19 33.15
C LEU A 2099 9.07 0.50 34.32
N ALA A 2100 7.85 0.08 34.68
CA ALA A 2100 7.01 0.86 35.58
C ALA A 2100 7.35 0.59 37.04
N ARG A 2101 7.51 -0.68 37.41
CA ARG A 2101 7.63 -1.06 38.81
C ARG A 2101 9.03 -0.69 39.33
N GLY A 2102 9.23 0.62 39.49
CA GLY A 2102 10.51 1.13 40.02
C GLY A 2102 10.99 0.46 41.30
N PRO A 2103 10.13 0.03 42.26
CA PRO A 2103 10.64 -0.68 43.43
C PRO A 2103 11.48 -1.88 42.96
N GLN A 2104 12.68 -2.06 43.52
CA GLN A 2104 13.61 -3.12 43.06
C GLN A 2104 13.81 -2.94 41.56
N VAL A 2105 13.75 -4.03 40.79
CA VAL A 2105 13.80 -3.89 39.31
C VAL A 2105 12.76 -4.86 38.76
N THR A 2106 11.67 -4.35 38.17
CA THR A 2106 10.62 -5.24 37.66
C THR A 2106 9.99 -4.60 36.42
N VAL A 2107 10.66 -4.72 35.27
CA VAL A 2107 10.05 -4.20 34.01
C VAL A 2107 8.97 -5.26 33.79
N ASP A 2108 7.79 -4.86 33.31
CA ASP A 2108 6.69 -5.81 33.09
C ASP A 2108 6.14 -5.91 31.63
N GLY A 2109 6.37 -4.84 30.88
CA GLY A 2109 5.90 -4.81 29.50
C GLY A 2109 4.49 -5.36 29.43
N GLU A 2110 4.37 -6.61 28.99
CA GLU A 2110 3.13 -7.35 29.02
C GLU A 2110 3.15 -8.47 30.05
N VAL A 2111 4.24 -9.25 30.07
CA VAL A 2111 4.44 -10.25 31.11
C VAL A 2111 5.39 -9.68 32.15
N VAL A 2112 4.88 -9.44 33.36
CA VAL A 2112 5.61 -8.70 34.37
C VAL A 2112 6.92 -9.36 34.79
N THR A 2113 7.10 -10.65 34.49
CA THR A 2113 8.29 -11.38 34.92
C THR A 2113 9.38 -11.21 33.85
N LEU A 2114 10.03 -10.06 33.87
CA LEU A 2114 11.10 -9.73 32.93
C LEU A 2114 12.31 -9.21 33.70
N PRO A 2115 13.06 -10.11 34.34
CA PRO A 2115 14.28 -9.67 35.05
C PRO A 2115 15.32 -9.09 34.10
N VAL A 2116 15.71 -9.88 33.10
CA VAL A 2116 16.61 -9.43 32.03
C VAL A 2116 16.01 -9.91 30.72
N ALA A 2117 15.82 -8.99 29.78
CA ALA A 2117 15.14 -9.34 28.54
C ALA A 2117 15.68 -8.47 27.41
N THR A 2118 15.46 -8.93 26.18
CA THR A 2118 15.89 -8.24 24.97
C THR A 2118 14.77 -8.34 23.94
N GLY A 2119 15.10 -8.01 22.70
CA GLY A 2119 14.13 -7.99 21.62
C GLY A 2119 14.14 -6.67 20.88
N HIS A 2120 12.98 -6.08 20.66
CA HIS A 2120 12.93 -4.71 20.17
C HIS A 2120 13.50 -3.74 21.18
N VAL A 2121 13.41 -4.07 22.47
CA VAL A 2121 13.86 -3.22 23.56
C VAL A 2121 14.74 -4.05 24.49
N SER A 2122 15.88 -3.48 24.89
CA SER A 2122 16.79 -4.13 25.82
C SER A 2122 16.72 -3.41 27.17
N VAL A 2123 16.54 -4.17 28.24
CA VAL A 2123 16.46 -3.64 29.59
C VAL A 2123 17.59 -4.23 30.41
N THR A 2124 18.39 -3.37 31.03
CA THR A 2124 19.54 -3.78 31.83
C THR A 2124 19.43 -3.16 33.21
N ALA A 2125 19.59 -4.00 34.24
CA ALA A 2125 19.53 -3.54 35.62
C ALA A 2125 20.89 -2.98 36.00
N GLU A 2126 21.06 -1.67 35.78
CA GLU A 2126 22.31 -0.98 36.14
C GLU A 2126 22.26 -0.75 37.65
N GLY A 2127 22.45 -1.83 38.40
CA GLY A 2127 22.37 -1.74 39.84
C GLY A 2127 21.00 -1.28 40.30
N ARG A 2128 20.97 -0.20 41.09
CA ARG A 2128 19.70 0.38 41.49
C ARG A 2128 18.96 0.96 40.28
N ASN A 2129 19.68 1.59 39.36
CA ASN A 2129 19.04 2.19 38.19
C ASN A 2129 18.65 1.13 37.18
N ILE A 2130 17.77 1.53 36.26
CA ILE A 2130 17.31 0.67 35.17
C ILE A 2130 17.54 1.41 33.86
N VAL A 2131 18.11 0.72 32.88
CA VAL A 2131 18.44 1.30 31.59
C VAL A 2131 17.59 0.61 30.52
N LEU A 2132 16.90 1.42 29.73
CA LEU A 2132 16.10 0.93 28.60
C LEU A 2132 16.71 1.47 27.32
N GLN A 2133 16.97 0.57 26.36
CA GLN A 2133 17.58 0.94 25.10
C GLN A 2133 16.78 0.35 23.95
N THR A 2134 16.76 1.06 22.82
CA THR A 2134 16.07 0.61 21.63
C THR A 2134 17.08 0.06 20.62
N ASN A 2135 16.55 -0.44 19.50
CA ASN A 2135 17.40 -0.92 18.42
C ASN A 2135 18.05 0.21 17.64
N LYS A 2136 17.62 1.46 17.86
CA LYS A 2136 18.08 2.60 17.08
C LYS A 2136 18.86 3.61 17.90
N GLY A 2137 19.18 3.28 19.16
CA GLY A 2137 20.00 4.13 19.99
C GLY A 2137 19.25 4.94 21.03
N MET A 2138 17.91 4.96 20.98
CA MET A 2138 17.15 5.69 21.99
C MET A 2138 17.27 5.00 23.35
N LYS A 2139 17.57 5.79 24.38
CA LYS A 2139 17.78 5.24 25.72
C LYS A 2139 17.12 6.13 26.76
N VAL A 2140 16.73 5.50 27.87
CA VAL A 2140 16.11 6.19 29.00
C VAL A 2140 16.53 5.49 30.28
N LEU A 2141 16.91 6.27 31.29
CA LEU A 2141 17.35 5.76 32.58
C LEU A 2141 16.34 6.14 33.65
N PHE A 2142 15.98 5.18 34.49
CA PHE A 2142 15.04 5.37 35.59
C PHE A 2142 15.68 4.88 36.87
N ASP A 2143 15.80 5.76 37.86
CA ASP A 2143 16.38 5.35 39.14
C ASP A 2143 15.43 4.51 39.98
N GLY A 2144 14.17 4.39 39.57
CA GLY A 2144 13.17 3.69 40.36
C GLY A 2144 12.56 4.49 41.47
N ASP A 2145 12.97 5.74 41.65
CA ASP A 2145 12.46 6.63 42.70
C ASP A 2145 12.04 7.96 42.10
N ALA A 2146 11.30 7.90 41.00
CA ALA A 2146 10.75 9.08 40.34
C ALA A 2146 11.84 10.05 39.88
N HIS A 2147 12.77 9.54 39.07
CA HIS A 2147 13.78 10.36 38.41
C HIS A 2147 14.04 9.78 37.02
N ILE A 2148 13.78 10.56 35.98
CA ILE A 2148 13.83 10.10 34.60
C ILE A 2148 14.86 10.91 33.84
N LEU A 2149 15.75 10.22 33.13
CA LEU A 2149 16.74 10.86 32.26
C LEU A 2149 16.62 10.23 30.87
N MET A 2150 16.03 10.97 29.94
CA MET A 2150 15.89 10.46 28.57
C MET A 2150 16.97 11.06 27.68
N SER A 2151 17.64 10.19 26.93
CA SER A 2151 18.63 10.62 25.94
C SER A 2151 18.11 10.23 24.56
N ILE A 2152 17.74 11.22 23.77
CA ILE A 2152 17.15 10.98 22.45
C ILE A 2152 18.15 11.41 21.39
N PRO A 2153 18.84 10.48 20.75
CA PRO A 2153 19.72 10.81 19.61
C PRO A 2153 19.09 10.61 18.24
N SER A 2154 17.84 10.13 18.17
CA SER A 2154 17.26 9.74 16.89
C SER A 2154 17.03 10.96 16.00
N SER A 2155 16.93 10.70 14.70
CA SER A 2155 16.76 11.75 13.70
C SER A 2155 15.31 12.23 13.71
N PHE A 2156 14.98 12.99 14.76
CA PHE A 2156 13.67 13.61 14.90
C PHE A 2156 13.82 15.12 15.05
N ARG A 2157 14.78 15.69 14.32
CA ARG A 2157 15.03 17.13 14.38
C ARG A 2157 13.81 17.90 13.89
N GLY A 2158 13.12 18.55 14.81
CA GLY A 2158 11.97 19.35 14.47
C GLY A 2158 10.64 18.62 14.55
N ARG A 2159 10.57 17.43 13.96
CA ARG A 2159 9.31 16.69 13.90
C ARG A 2159 8.78 16.34 15.28
N LEU A 2160 9.66 15.91 16.19
CA LEU A 2160 9.24 15.54 17.53
C LEU A 2160 8.69 16.75 18.26
N CYS A 2161 7.65 16.53 19.07
CA CYS A 2161 7.06 17.61 19.84
C CYS A 2161 6.42 17.03 21.10
N GLY A 2162 6.20 17.90 22.09
CA GLY A 2162 5.58 17.48 23.33
C GLY A 2162 6.03 18.30 24.51
N LEU A 2163 6.11 17.68 25.69
CA LEU A 2163 6.54 18.38 26.90
C LEU A 2163 8.02 18.68 26.92
N CYS A 2164 8.87 17.80 26.39
CA CYS A 2164 10.28 18.12 26.28
C CYS A 2164 10.51 19.28 25.33
N GLY A 2165 9.76 19.27 24.22
CA GLY A 2165 9.84 20.38 23.25
C GLY A 2165 10.38 19.95 21.91
N ASN A 2166 10.31 20.84 20.90
CA ASN A 2166 10.82 20.54 19.54
C ASN A 2166 12.37 20.61 19.55
N PHE A 2167 13.01 20.02 18.55
CA PHE A 2167 14.50 20.09 18.45
C PHE A 2167 14.89 21.35 17.69
N ASN A 2168 15.28 22.41 18.41
CA ASN A 2168 15.66 23.71 17.78
C ASN A 2168 16.38 24.61 18.80
N GLY A 2169 16.79 25.81 18.39
CA GLY A 2169 17.58 26.71 19.24
C GLY A 2169 16.96 27.25 20.52
N ASN A 2170 15.67 27.60 20.55
CA ASN A 2170 15.13 28.29 21.75
C ASN A 2170 14.06 27.53 22.54
N TRP A 2171 13.92 27.85 23.83
CA TRP A 2171 12.85 27.23 24.67
C TRP A 2171 11.50 27.76 24.19
N SER A 2172 11.48 28.94 23.56
CA SER A 2172 10.22 29.53 23.06
C SER A 2172 9.60 28.59 22.04
N ASP A 2173 10.43 27.99 21.19
CA ASP A 2173 9.93 26.99 20.20
C ASP A 2173 9.37 25.79 20.98
N ASP A 2174 10.02 25.39 22.07
CA ASP A 2174 9.51 24.28 22.90
C ASP A 2174 8.14 24.69 23.46
N PHE A 2175 7.98 25.96 23.84
CA PHE A 2175 6.72 26.41 24.48
C PHE A 2175 5.60 26.67 23.45
N VAL A 2176 5.82 26.38 22.16
CA VAL A 2176 4.72 26.53 21.23
C VAL A 2176 3.70 25.43 21.46
N LEU A 2177 2.44 25.75 21.20
CA LEU A 2177 1.35 24.79 21.35
C LEU A 2177 0.94 24.25 19.99
N PRO A 2178 0.30 23.07 19.95
CA PRO A 2178 -0.14 22.54 18.66
C PRO A 2178 -1.09 23.47 17.92
N SER A 2179 -1.97 24.17 18.64
CA SER A 2179 -2.87 25.13 18.02
C SER A 2179 -2.30 26.53 17.97
N GLY A 2180 -1.12 26.76 18.55
CA GLY A 2180 -0.50 28.06 18.58
C GLY A 2180 -0.96 28.98 19.70
N ALA A 2181 -1.94 28.55 20.49
CA ALA A 2181 -2.45 29.36 21.59
C ALA A 2181 -1.57 29.14 22.82
N VAL A 2182 -0.72 30.11 23.13
CA VAL A 2182 0.19 30.01 24.26
C VAL A 2182 -0.58 30.32 25.54
N ALA A 2183 -0.57 29.37 26.48
CA ALA A 2183 -1.23 29.55 27.77
C ALA A 2183 -0.19 30.03 28.76
N PRO A 2184 -0.31 31.25 29.29
CA PRO A 2184 0.70 31.73 30.24
C PRO A 2184 0.85 30.86 31.47
N ASN A 2185 -0.23 30.29 31.97
CA ASN A 2185 -0.14 29.39 33.11
C ASN A 2185 0.44 28.06 32.67
N VAL A 2186 1.56 27.67 33.29
CA VAL A 2186 2.20 26.40 32.95
C VAL A 2186 1.31 25.22 33.32
N GLU A 2187 0.42 25.38 34.31
CA GLU A 2187 -0.50 24.32 34.64
C GLU A 2187 -1.47 24.06 33.48
N ALA A 2188 -1.91 25.12 32.81
CA ALA A 2188 -2.76 24.95 31.62
C ALA A 2188 -2.00 24.17 30.55
N PHE A 2189 -0.73 24.47 30.36
CA PHE A 2189 0.12 23.64 29.51
C PHE A 2189 0.14 22.22 30.09
N GLY A 2190 -0.13 21.24 29.23
CA GLY A 2190 -0.25 19.87 29.64
C GLY A 2190 -1.67 19.41 29.88
N THR A 2191 -2.60 20.33 30.11
CA THR A 2191 -4.01 19.96 30.13
C THR A 2191 -4.49 19.49 28.77
N ALA A 2192 -3.82 19.90 27.70
CA ALA A 2192 -4.04 19.35 26.38
C ALA A 2192 -3.18 18.12 26.14
N TRP A 2193 -1.93 18.15 26.61
CA TRP A 2193 -1.04 17.00 26.53
C TRP A 2193 -1.23 16.12 27.78
N ARG A 2194 -2.43 15.59 27.89
CA ARG A 2194 -2.81 14.74 29.01
C ARG A 2194 -2.90 13.30 28.52
N ALA A 2195 -2.22 12.39 29.21
CA ALA A 2195 -2.29 10.98 28.85
C ALA A 2195 -3.58 10.37 29.38
N PRO A 2196 -4.17 9.43 28.63
CA PRO A 2196 -5.38 8.76 29.13
C PRO A 2196 -5.07 7.84 30.29
N GLY A 2197 -6.08 7.12 30.77
CA GLY A 2197 -5.91 6.23 31.90
C GLY A 2197 -6.00 6.89 33.26
N SER A 2198 -6.41 8.16 33.28
CA SER A 2198 -6.62 8.87 34.57
C SER A 2198 -7.91 8.33 35.20
N SER A 2199 -7.97 8.25 36.53
CA SER A 2199 -9.17 7.64 37.18
C SER A 2199 -10.10 8.74 37.71
N LEU A 2200 -11.34 8.79 37.19
CA LEU A 2200 -12.37 9.80 37.64
C LEU A 2200 -11.81 11.23 37.58
N GLY A 2201 -11.03 11.53 36.53
CA GLY A 2201 -10.44 12.88 36.39
C GLY A 2201 -9.21 13.02 37.29
N CYS A 2202 -8.57 14.19 37.28
CA CYS A 2202 -7.44 14.41 38.21
C CYS A 2202 -7.37 15.89 38.60
N GLY A 2203 -6.75 16.19 39.75
CA GLY A 2203 -6.62 17.58 40.20
C GLY A 2203 -5.27 18.15 39.82
N GLU A 2204 -5.25 19.31 39.17
CA GLU A 2204 -3.97 19.89 38.69
C GLU A 2204 -3.63 21.14 39.52
N GLY A 2205 -2.88 20.97 40.62
CA GLY A 2205 -2.52 22.12 41.44
C GLY A 2205 -2.29 21.80 42.91
N CYS A 2206 -1.40 22.56 43.54
CA CYS A 2206 -1.18 22.49 44.98
C CYS A 2206 -2.41 23.06 45.70
N GLY A 2207 -2.49 22.91 47.01
CA GLY A 2207 -3.55 23.53 47.78
C GLY A 2207 -3.58 25.02 47.53
N PRO A 2208 -2.55 25.71 48.01
CA PRO A 2208 -2.18 27.00 47.41
C PRO A 2208 -1.23 26.75 46.25
N GLN A 2209 -1.65 27.07 45.02
CA GLN A 2209 -0.89 26.66 43.85
C GLN A 2209 0.54 27.17 43.90
N GLY A 2210 1.48 26.27 43.61
CA GLY A 2210 2.89 26.55 43.76
C GLY A 2210 3.44 26.25 45.14
N CYS A 2211 2.58 25.97 46.12
CA CYS A 2211 2.92 25.70 47.51
C CYS A 2211 3.96 26.71 48.02
N PRO A 2212 3.56 27.97 48.24
CA PRO A 2212 4.53 29.01 48.59
C PRO A 2212 5.15 28.88 49.97
N VAL A 2213 4.87 27.79 50.71
CA VAL A 2213 5.43 27.64 52.04
C VAL A 2213 6.96 27.57 51.97
N CYS A 2214 7.49 26.82 51.01
CA CYS A 2214 8.94 26.69 50.89
C CYS A 2214 9.57 27.97 50.37
N LEU A 2215 8.78 28.81 49.70
CA LEU A 2215 9.30 30.07 49.19
C LEU A 2215 9.77 30.98 50.33
N ALA A 2216 8.97 31.07 51.39
CA ALA A 2216 9.30 31.96 52.50
C ALA A 2216 10.37 31.38 53.40
N GLU A 2217 10.36 30.05 53.57
CA GLU A 2217 11.22 29.43 54.57
C GLU A 2217 12.69 29.51 54.18
N GLU A 2218 13.02 29.33 52.90
CA GLU A 2218 14.42 29.24 52.49
C GLU A 2218 15.18 30.55 52.73
N THR A 2219 14.47 31.67 52.82
CA THR A 2219 15.14 32.95 53.06
C THR A 2219 15.84 32.96 54.42
N GLN A 2220 15.17 32.44 55.45
CA GLN A 2220 15.78 32.29 56.76
C GLN A 2220 16.50 30.96 56.92
N ALA A 2221 16.24 30.00 56.03
CA ALA A 2221 16.90 28.70 56.08
C ALA A 2221 18.07 28.65 55.09
N TYR A 2222 19.11 29.42 55.43
CA TYR A 2222 20.30 29.44 54.59
C TYR A 2222 21.18 28.22 54.79
N GLU A 2223 20.93 27.43 55.84
CA GLU A 2223 21.63 26.17 56.00
C GLU A 2223 21.12 25.12 55.03
N LYS A 2224 19.86 25.22 54.60
CA LYS A 2224 19.32 24.28 53.64
C LYS A 2224 20.06 24.36 52.30
N ASN A 2225 20.34 25.57 51.83
CA ASN A 2225 21.17 25.72 50.64
C ASN A 2225 22.63 25.42 50.95
N ASP A 2226 23.03 25.63 52.21
CA ASP A 2226 24.41 25.31 52.59
C ASP A 2226 24.66 23.81 52.59
N ALA A 2227 23.62 23.02 52.88
CA ALA A 2227 23.75 21.57 52.91
C ALA A 2227 24.11 21.01 51.54
N CYS A 2228 23.23 21.19 50.55
CA CYS A 2228 23.47 20.63 49.23
C CYS A 2228 24.69 21.27 48.57
N GLY A 2229 24.77 22.60 48.60
CA GLY A 2229 25.81 23.29 47.85
C GLY A 2229 27.21 22.89 48.26
N LYS A 2230 27.47 22.82 49.57
CA LYS A 2230 28.78 22.41 50.04
C LYS A 2230 29.17 21.03 49.54
N ILE A 2231 28.20 20.15 49.33
CA ILE A 2231 28.49 18.85 48.75
C ILE A 2231 28.98 19.01 47.32
N ARG A 2232 28.29 19.83 46.53
CA ARG A 2232 28.63 20.04 45.13
C ARG A 2232 29.48 21.26 44.80
N ASP A 2233 30.00 21.95 45.82
CA ASP A 2233 30.92 23.05 45.56
C ASP A 2233 32.26 22.47 45.11
N PRO A 2234 33.07 23.25 44.37
CA PRO A 2234 34.37 22.71 43.93
C PRO A 2234 35.33 22.08 44.93
N HIS A 2235 35.40 22.61 46.16
CA HIS A 2235 36.25 21.99 47.16
C HIS A 2235 35.64 20.69 47.68
N GLY A 2236 34.32 20.55 47.60
CA GLY A 2236 33.67 19.32 47.96
C GLY A 2236 33.76 18.29 46.85
N PRO A 2237 34.58 17.26 47.04
CA PRO A 2237 34.85 16.34 45.94
C PRO A 2237 33.75 15.32 45.74
N PHE A 2238 32.50 15.78 45.66
CA PHE A 2238 31.39 14.88 45.38
C PHE A 2238 31.56 14.22 44.02
N ALA A 2239 31.95 15.00 43.02
CA ALA A 2239 32.09 14.49 41.66
C ALA A 2239 33.07 15.36 40.88
N ALA A 2240 33.50 14.82 39.73
CA ALA A 2240 34.19 15.61 38.73
C ALA A 2240 33.29 15.99 37.57
N CYS A 2241 32.08 15.43 37.50
CA CYS A 2241 31.16 15.78 36.43
C CYS A 2241 30.52 17.15 36.63
N HIS A 2242 30.41 17.63 37.87
CA HIS A 2242 29.91 18.97 38.08
C HIS A 2242 30.83 20.04 37.48
N LYS A 2243 32.12 19.72 37.34
CA LYS A 2243 33.00 20.56 36.55
C LYS A 2243 32.69 20.43 35.06
N VAL A 2244 32.39 19.21 34.62
CA VAL A 2244 32.04 18.99 33.21
C VAL A 2244 30.66 19.57 32.92
N LEU A 2245 29.69 19.31 33.80
CA LEU A 2245 28.33 19.81 33.64
C LEU A 2245 27.94 20.55 34.91
N SER A 2246 27.58 21.82 34.76
CA SER A 2246 27.35 22.67 35.92
C SER A 2246 26.23 22.10 36.79
N PRO A 2247 26.43 22.03 38.10
CA PRO A 2247 25.42 21.49 39.02
C PRO A 2247 24.35 22.48 39.43
N LEU A 2248 24.20 23.61 38.73
CA LEU A 2248 23.28 24.65 39.18
C LEU A 2248 21.84 24.17 39.17
N GLU A 2249 21.45 23.41 38.14
CA GLU A 2249 20.07 22.93 38.07
C GLU A 2249 19.74 22.03 39.25
N TYR A 2250 20.64 21.11 39.58
CA TYR A 2250 20.41 20.21 40.70
C TYR A 2250 20.52 20.91 42.05
N PHE A 2251 21.39 21.91 42.17
CA PHE A 2251 21.44 22.71 43.39
C PHE A 2251 20.12 23.45 43.60
N ARG A 2252 19.58 24.04 42.53
CA ARG A 2252 18.28 24.70 42.61
C ARG A 2252 17.19 23.70 42.95
N GLN A 2253 17.26 22.49 42.38
CA GLN A 2253 16.29 21.46 42.71
C GLN A 2253 16.36 21.08 44.18
N CYS A 2254 17.58 20.93 44.71
CA CYS A 2254 17.75 20.57 46.11
C CYS A 2254 17.17 21.64 47.03
N VAL A 2255 17.44 22.92 46.72
CA VAL A 2255 16.95 24.00 47.56
C VAL A 2255 15.47 24.30 47.33
N TYR A 2256 14.91 23.86 46.21
CA TYR A 2256 13.49 24.05 45.91
C TYR A 2256 12.64 22.89 46.40
N ASP A 2257 13.25 21.77 46.78
CA ASP A 2257 12.49 20.69 47.38
C ASP A 2257 11.80 21.18 48.65
N MET A 2258 10.67 20.55 48.97
CA MET A 2258 9.77 21.03 50.01
C MET A 2258 10.51 21.37 51.30
N CYS A 2259 10.41 22.64 51.69
CA CYS A 2259 11.13 23.11 52.87
C CYS A 2259 10.67 22.40 54.13
N ALA A 2260 9.34 22.20 54.27
CA ALA A 2260 8.84 21.45 55.42
C ALA A 2260 9.39 20.03 55.44
N HIS A 2261 9.66 19.47 54.27
CA HIS A 2261 10.29 18.16 54.14
C HIS A 2261 11.80 18.26 53.98
N LYS A 2262 12.36 19.47 54.00
CA LYS A 2262 13.77 19.67 53.68
C LYS A 2262 14.65 19.43 54.90
N GLY A 2263 15.89 19.03 54.62
CA GLY A 2263 16.89 18.74 55.63
C GLY A 2263 17.93 17.79 55.07
N ASP A 2264 18.32 16.80 55.87
CA ASP A 2264 19.11 15.69 55.35
C ASP A 2264 18.18 14.51 55.10
N LYS A 2265 16.96 14.82 54.68
CA LYS A 2265 15.89 13.84 54.59
C LYS A 2265 15.99 13.05 53.29
N ALA A 2266 14.93 12.29 52.99
CA ALA A 2266 14.87 11.52 51.76
C ALA A 2266 14.99 12.44 50.54
N TYR A 2267 14.51 13.67 50.66
CA TYR A 2267 14.63 14.61 49.55
C TYR A 2267 16.08 14.92 49.22
N LEU A 2268 16.88 15.24 50.25
CA LEU A 2268 18.29 15.52 50.03
C LEU A 2268 19.03 14.29 49.52
N CYS A 2269 18.76 13.13 50.12
CA CYS A 2269 19.42 11.91 49.67
C CYS A 2269 19.04 11.57 48.24
N ARG A 2270 17.76 11.74 47.88
CA ARG A 2270 17.32 11.49 46.52
C ARG A 2270 17.94 12.46 45.53
N SER A 2271 18.09 13.73 45.92
CA SER A 2271 18.72 14.70 45.03
C SER A 2271 20.18 14.32 44.75
N LEU A 2272 20.92 13.97 45.80
CA LEU A 2272 22.31 13.55 45.59
C LEU A 2272 22.39 12.30 44.74
N ALA A 2273 21.51 11.32 45.02
CA ALA A 2273 21.50 10.09 44.23
C ALA A 2273 21.13 10.37 42.78
N ALA A 2274 20.16 11.25 42.56
CA ALA A 2274 19.74 11.56 41.19
C ALA A 2274 20.87 12.19 40.40
N TYR A 2275 21.61 13.12 41.00
CA TYR A 2275 22.69 13.75 40.26
C TYR A 2275 23.85 12.78 40.04
N THR A 2276 24.19 11.97 41.04
CA THR A 2276 25.28 11.03 40.87
C THR A 2276 24.91 9.89 39.92
N ALA A 2277 23.62 9.64 39.71
CA ALA A 2277 23.15 8.68 38.72
C ALA A 2277 22.92 9.31 37.36
N ALA A 2278 22.82 10.64 37.29
CA ALA A 2278 22.80 11.35 36.04
C ALA A 2278 24.20 11.59 35.47
N CYS A 2279 25.21 11.64 36.33
CA CYS A 2279 26.59 11.73 35.85
C CYS A 2279 27.02 10.47 35.12
N GLN A 2280 26.24 9.39 35.29
CA GLN A 2280 26.59 8.09 34.65
C GLN A 2280 26.65 8.26 33.13
N ALA A 2281 26.08 9.34 32.58
CA ALA A 2281 26.04 9.48 31.11
C ALA A 2281 27.47 9.50 30.58
N ALA A 2282 28.35 10.24 31.26
CA ALA A 2282 29.78 10.20 30.88
C ALA A 2282 30.54 9.69 32.10
N GLY A 2283 31.28 8.59 31.96
CA GLY A 2283 31.93 8.03 33.16
C GLY A 2283 32.88 9.04 33.77
N ALA A 2284 32.77 9.25 35.09
CA ALA A 2284 33.66 10.20 35.79
C ALA A 2284 34.01 9.62 37.16
N ALA A 2285 35.19 9.96 37.70
CA ALA A 2285 35.50 9.52 39.07
C ALA A 2285 34.51 10.22 40.00
N VAL A 2286 33.87 9.46 40.90
CA VAL A 2286 32.82 10.08 41.77
C VAL A 2286 32.95 9.56 43.19
N LYS A 2287 33.65 10.29 44.07
CA LYS A 2287 33.64 9.91 45.46
C LYS A 2287 32.19 9.72 45.91
N PRO A 2288 31.89 8.65 46.67
CA PRO A 2288 30.50 8.30 46.97
C PRO A 2288 29.59 9.46 47.33
N TRP A 2289 28.32 9.39 46.90
CA TRP A 2289 27.34 10.45 47.21
C TRP A 2289 26.90 10.30 48.67
N ARG A 2290 27.05 9.08 49.20
CA ARG A 2290 26.63 8.80 50.60
C ARG A 2290 27.87 8.41 51.40
N THR A 2291 28.07 9.03 52.57
CA THR A 2291 29.21 8.63 53.44
C THR A 2291 28.67 8.13 54.78
N ASP A 2292 29.10 6.95 55.21
CA ASP A 2292 28.69 6.42 56.54
C ASP A 2292 27.18 6.42 56.82
N SER A 2293 26.76 6.99 57.95
CA SER A 2293 25.33 7.01 58.32
C SER A 2293 24.39 8.15 57.75
N VAL A 2294 25.05 9.09 57.04
CA VAL A 2294 24.29 10.26 56.50
C VAL A 2294 23.03 9.93 55.72
N CYS A 2295 23.09 8.95 54.81
CA CYS A 2295 21.86 8.50 54.10
C CYS A 2295 21.71 6.98 54.29
N PRO A 2296 20.50 6.36 54.35
CA PRO A 2296 20.38 4.92 54.57
C PRO A 2296 20.32 4.12 53.28
N LEU A 2297 21.07 3.01 53.25
CA LEU A 2297 21.04 2.09 52.12
C LEU A 2297 21.58 0.75 52.59
N GLN A 2298 21.04 -0.32 52.03
CA GLN A 2298 21.41 -1.66 52.44
C GLN A 2298 21.25 -2.60 51.26
N CYS A 2299 21.56 -3.86 51.48
CA CYS A 2299 21.49 -4.93 50.49
C CYS A 2299 20.80 -6.13 51.10
N PRO A 2300 20.23 -7.02 50.28
CA PRO A 2300 19.59 -8.22 50.85
C PRO A 2300 20.52 -9.03 51.75
N ALA A 2301 21.64 -9.52 51.23
CA ALA A 2301 22.58 -10.29 52.03
C ALA A 2301 23.87 -10.47 51.24
N HIS A 2302 24.96 -10.67 51.98
CA HIS A 2302 26.26 -11.07 51.42
C HIS A 2302 26.77 -10.05 50.40
N SER A 2303 26.36 -8.80 50.53
CA SER A 2303 26.70 -7.79 49.53
C SER A 2303 27.38 -6.60 50.20
N HIS A 2304 28.39 -6.08 49.52
CA HIS A 2304 29.10 -4.89 49.95
C HIS A 2304 28.76 -3.74 49.01
N TYR A 2305 28.82 -2.51 49.53
CA TYR A 2305 28.48 -1.33 48.76
C TYR A 2305 29.74 -0.71 48.17
N SER A 2306 29.66 -0.33 46.89
CA SER A 2306 30.75 0.33 46.21
C SER A 2306 30.19 1.34 45.21
N ILE A 2307 30.74 2.55 45.24
CA ILE A 2307 30.30 3.61 44.34
C ILE A 2307 30.69 3.33 42.90
N CYS A 2308 31.66 2.45 42.68
CA CYS A 2308 32.13 2.10 41.34
C CYS A 2308 31.94 0.60 41.14
N THR A 2309 30.79 0.21 40.57
CA THR A 2309 30.45 -1.19 40.42
C THR A 2309 29.88 -1.43 39.03
N ARG A 2310 30.29 -2.54 38.43
CA ARG A 2310 29.82 -2.97 37.12
C ARG A 2310 28.97 -4.23 37.33
N SER A 2311 27.68 -4.02 37.59
CA SER A 2311 26.79 -5.14 37.89
C SER A 2311 26.26 -5.81 36.63
N CYS A 2312 26.36 -5.15 35.49
CA CYS A 2312 25.81 -5.70 34.26
C CYS A 2312 26.49 -7.01 33.87
N GLN A 2313 27.81 -7.05 34.00
CA GLN A 2313 28.58 -8.27 33.82
C GLN A 2313 29.09 -8.74 35.17
N GLY A 2314 29.71 -9.93 35.18
CA GLY A 2314 30.08 -10.54 36.43
C GLY A 2314 28.91 -10.84 37.33
N SER A 2315 27.80 -11.29 36.77
CA SER A 2315 26.54 -11.43 37.50
C SER A 2315 25.88 -12.71 37.04
N CYS A 2316 24.59 -12.84 37.35
CA CYS A 2316 23.86 -14.09 37.13
C CYS A 2316 23.85 -14.50 35.66
N ALA A 2317 23.60 -13.57 34.76
CA ALA A 2317 23.37 -13.92 33.36
C ALA A 2317 24.67 -14.30 32.66
N ALA A 2318 24.56 -15.22 31.70
CA ALA A 2318 25.65 -15.55 30.80
C ALA A 2318 25.63 -14.71 29.53
N LEU A 2319 24.60 -13.89 29.36
CA LEU A 2319 24.51 -12.94 28.26
C LEU A 2319 24.45 -11.54 28.84
N SER A 2320 24.82 -10.55 28.02
CA SER A 2320 24.87 -9.18 28.49
C SER A 2320 24.19 -8.26 27.49
N GLY A 2321 23.32 -7.40 28.01
CA GLY A 2321 22.71 -6.34 27.21
C GLY A 2321 23.30 -5.01 27.58
N LEU A 2322 24.47 -5.04 28.21
CA LEU A 2322 25.11 -3.84 28.71
C LEU A 2322 25.64 -2.97 27.57
N THR A 2323 25.98 -1.73 27.91
CA THR A 2323 26.69 -0.84 27.02
C THR A 2323 28.03 -0.49 27.67
N GLY A 2324 28.72 -1.50 28.17
CA GLY A 2324 29.75 -1.28 29.15
C GLY A 2324 29.21 -0.83 30.48
N CYS A 2325 28.07 -1.40 30.91
CA CYS A 2325 27.26 -0.85 31.99
C CYS A 2325 26.91 0.61 31.69
N THR A 2326 26.60 0.88 30.42
CA THR A 2326 26.42 2.23 29.89
C THR A 2326 27.65 3.08 30.19
N THR A 2327 28.83 2.46 30.06
CA THR A 2327 30.11 3.12 30.30
C THR A 2327 30.14 3.77 31.69
N ARG A 2328 29.84 2.99 32.71
CA ARG A 2328 29.72 3.54 34.05
C ARG A 2328 29.86 2.42 35.09
N CYS A 2329 30.68 2.67 36.09
CA CYS A 2329 30.66 1.89 37.33
C CYS A 2329 29.98 2.74 38.39
N PHE A 2330 28.94 2.19 39.02
CA PHE A 2330 27.92 2.98 39.69
C PHE A 2330 27.69 2.47 41.11
N GLU A 2331 26.83 3.20 41.83
CA GLU A 2331 26.42 2.78 43.17
C GLU A 2331 25.51 1.57 43.08
N GLY A 2332 25.58 0.73 44.10
CA GLY A 2332 24.74 -0.45 44.15
C GLY A 2332 25.30 -1.48 45.13
N CYS A 2333 24.85 -2.71 44.96
CA CYS A 2333 25.26 -3.82 45.82
C CYS A 2333 26.07 -4.80 44.99
N GLU A 2334 27.27 -5.13 45.46
CA GLU A 2334 28.12 -6.13 44.82
C GLU A 2334 28.25 -7.30 45.79
N CYS A 2335 27.67 -8.44 45.42
CA CYS A 2335 27.74 -9.60 46.28
C CYS A 2335 29.15 -10.21 46.23
N ASP A 2336 29.59 -10.73 47.38
CA ASP A 2336 30.97 -11.16 47.56
C ASP A 2336 31.10 -12.68 47.51
N ASP A 2337 32.33 -13.15 47.71
CA ASP A 2337 32.73 -14.58 47.69
C ASP A 2337 32.08 -15.23 46.47
N HIS A 2338 31.52 -16.43 46.61
CA HIS A 2338 30.78 -17.05 45.51
C HIS A 2338 29.37 -16.48 45.48
N PHE A 2339 29.00 -15.86 44.36
CA PHE A 2339 27.78 -15.05 44.35
C PHE A 2339 27.22 -15.00 42.93
N LEU A 2340 25.93 -14.70 42.86
CA LEU A 2340 25.26 -14.31 41.63
C LEU A 2340 24.30 -13.19 41.97
N LEU A 2341 23.69 -12.59 40.95
CA LEU A 2341 22.77 -11.47 41.14
C LEU A 2341 21.52 -11.72 40.30
N SER A 2342 20.54 -12.39 40.89
CA SER A 2342 19.27 -12.66 40.22
C SER A 2342 18.25 -11.62 40.68
N HIS A 2343 18.01 -10.63 39.80
CA HIS A 2343 17.05 -9.53 40.04
C HIS A 2343 17.11 -9.04 41.48
N GLY A 2344 18.29 -8.61 41.90
CA GLY A 2344 18.53 -8.10 43.24
C GLY A 2344 18.99 -9.12 44.26
N VAL A 2345 18.38 -10.30 44.28
CA VAL A 2345 18.76 -11.31 45.26
C VAL A 2345 20.12 -11.89 44.89
N CYS A 2346 20.84 -12.40 45.89
CA CYS A 2346 22.15 -13.01 45.68
C CYS A 2346 22.08 -14.49 46.04
N ILE A 2347 22.50 -15.34 45.11
CA ILE A 2347 22.55 -16.79 45.32
C ILE A 2347 24.01 -17.21 45.39
N PRO A 2348 24.39 -18.10 46.31
CA PRO A 2348 25.81 -18.53 46.41
C PRO A 2348 26.23 -19.46 45.27
N ALA A 2349 26.00 -19.01 44.04
CA ALA A 2349 26.46 -19.69 42.82
C ALA A 2349 25.92 -21.11 42.73
N GLN A 2350 24.61 -21.26 42.91
CA GLN A 2350 23.93 -22.54 42.65
C GLN A 2350 22.74 -22.35 41.71
N ASP A 2351 22.66 -21.21 41.04
CA ASP A 2351 21.52 -20.85 40.21
C ASP A 2351 22.04 -20.36 38.86
N CYS A 2352 21.12 -19.85 38.04
CA CYS A 2352 21.40 -19.18 36.78
C CYS A 2352 21.95 -20.11 35.71
N GLY A 2353 21.87 -21.42 35.92
CA GLY A 2353 22.22 -22.34 34.85
C GLY A 2353 21.27 -22.26 33.68
N CYS A 2354 20.05 -21.80 33.92
CA CYS A 2354 19.03 -21.67 32.88
C CYS A 2354 19.01 -20.22 32.38
N VAL A 2355 19.72 -20.00 31.28
CA VAL A 2355 19.77 -18.70 30.63
C VAL A 2355 19.37 -18.90 29.18
N HIS A 2356 18.10 -18.63 28.87
CA HIS A 2356 17.59 -18.83 27.52
C HIS A 2356 17.93 -17.60 26.68
N ASN A 2357 17.60 -17.64 25.39
CA ASN A 2357 17.82 -16.50 24.52
C ASN A 2357 16.98 -15.31 24.95
N GLY A 2358 15.73 -15.56 25.34
CA GLY A 2358 14.87 -14.46 25.74
C GLY A 2358 15.27 -13.87 27.09
N GLN A 2359 15.23 -14.69 28.14
CA GLN A 2359 15.45 -14.19 29.48
C GLN A 2359 16.24 -15.05 30.45
N TYR A 2360 16.45 -14.50 31.66
CA TYR A 2360 16.91 -15.32 32.78
C TYR A 2360 15.89 -16.20 33.49
N MET A 2361 15.96 -17.50 33.27
CA MET A 2361 15.00 -18.41 33.87
C MET A 2361 15.54 -18.85 35.22
N PRO A 2362 14.91 -18.48 36.32
CA PRO A 2362 15.36 -18.95 37.63
C PRO A 2362 15.14 -20.45 37.76
N VAL A 2363 15.87 -21.05 38.72
CA VAL A 2363 15.74 -22.48 38.93
C VAL A 2363 14.31 -22.82 39.37
N ASN A 2364 13.89 -24.03 39.00
CA ASN A 2364 12.56 -24.54 39.36
C ASN A 2364 11.47 -23.60 38.88
N SER A 2365 11.63 -23.04 37.69
CA SER A 2365 10.65 -22.14 37.09
C SER A 2365 10.32 -22.61 35.68
N SER A 2366 9.32 -21.96 35.09
CA SER A 2366 8.89 -22.29 33.74
C SER A 2366 8.47 -21.01 33.03
N LEU A 2367 8.48 -21.06 31.70
CA LEU A 2367 8.15 -19.88 30.88
C LEU A 2367 7.49 -20.37 29.60
N MET A 2368 6.20 -20.10 29.45
CA MET A 2368 5.49 -20.40 28.22
C MET A 2368 5.62 -19.23 27.27
N SER A 2369 6.21 -19.48 26.11
CA SER A 2369 6.53 -18.43 25.15
C SER A 2369 5.29 -18.11 24.29
N SER A 2370 5.51 -17.34 23.24
CA SER A 2370 4.41 -16.89 22.39
C SER A 2370 3.81 -18.05 21.61
N ASP A 2371 2.57 -17.86 21.17
CA ASP A 2371 1.85 -18.83 20.35
C ASP A 2371 1.77 -20.19 21.03
N CYS A 2372 1.47 -20.18 22.33
CA CYS A 2372 1.27 -21.39 23.11
C CYS A 2372 2.47 -22.32 23.03
N SER A 2373 3.67 -21.75 23.11
CA SER A 2373 4.88 -22.54 23.25
C SER A 2373 4.93 -23.07 24.66
N GLU A 2374 4.49 -24.32 24.84
CA GLU A 2374 4.01 -24.79 26.15
C GLU A 2374 5.06 -24.63 27.24
N ARG A 2375 6.17 -25.35 27.14
CA ARG A 2375 7.11 -25.43 28.24
C ARG A 2375 8.54 -25.18 27.77
N CYS A 2376 9.29 -24.47 28.60
CA CYS A 2376 10.74 -24.34 28.51
C CYS A 2376 11.34 -24.57 29.89
N PHE A 2377 10.83 -25.62 30.55
CA PHE A 2377 11.02 -25.80 31.98
C PHE A 2377 12.49 -25.88 32.37
N CYS A 2378 12.83 -25.23 33.47
CA CYS A 2378 14.17 -25.26 34.04
C CYS A 2378 14.21 -26.20 35.23
N SER A 2379 15.25 -27.02 35.29
CA SER A 2379 15.39 -28.03 36.32
C SER A 2379 16.78 -27.94 36.93
N PRO A 2380 16.93 -28.26 38.22
CA PRO A 2380 18.27 -28.23 38.81
C PRO A 2380 19.23 -29.24 38.21
N ASN A 2381 18.76 -30.45 37.91
CA ASN A 2381 19.64 -31.47 37.38
C ASN A 2381 20.00 -31.21 35.92
N ASN A 2382 19.01 -30.80 35.11
CA ASN A 2382 19.22 -30.56 33.69
C ASN A 2382 18.69 -29.18 33.33
N GLY A 2383 19.42 -28.50 32.45
CA GLY A 2383 19.14 -27.12 32.10
C GLY A 2383 18.47 -27.01 30.74
N LEU A 2384 17.42 -26.19 30.70
CA LEU A 2384 16.75 -25.82 29.46
C LEU A 2384 16.21 -27.02 28.69
N THR A 2385 15.49 -27.88 29.39
CA THR A 2385 14.77 -28.96 28.73
C THR A 2385 13.51 -28.39 28.09
N CYS A 2386 13.67 -27.73 26.95
CA CYS A 2386 12.61 -26.91 26.37
C CYS A 2386 11.72 -27.70 25.40
N HIS A 2387 11.11 -28.77 25.88
CA HIS A 2387 10.17 -29.51 25.04
C HIS A 2387 8.87 -28.71 24.93
N GLU A 2388 8.39 -28.57 23.70
CA GLU A 2388 7.27 -27.68 23.41
C GLU A 2388 6.04 -28.50 23.02
N ALA A 2389 4.87 -27.98 23.42
CA ALA A 2389 3.60 -28.59 23.06
C ALA A 2389 2.54 -27.51 22.92
N GLY A 2390 1.26 -27.90 22.91
CA GLY A 2390 0.21 -26.92 22.68
C GLY A 2390 -0.82 -26.95 23.80
N CYS A 2391 -1.61 -25.88 23.84
CA CYS A 2391 -2.64 -25.76 24.85
C CYS A 2391 -3.82 -26.66 24.52
N PRO A 2392 -4.47 -27.24 25.53
CA PRO A 2392 -5.67 -28.06 25.26
C PRO A 2392 -6.84 -27.23 24.76
N SER A 2393 -7.94 -27.90 24.43
CA SER A 2393 -9.11 -27.19 23.90
C SER A 2393 -9.78 -26.36 24.98
N GLY A 2394 -10.53 -25.35 24.54
CA GLY A 2394 -11.27 -24.52 25.46
C GLY A 2394 -10.47 -23.46 26.19
N HIS A 2395 -9.25 -23.18 25.74
CA HIS A 2395 -8.42 -22.17 26.36
C HIS A 2395 -7.65 -21.41 25.28
N VAL A 2396 -7.22 -20.21 25.63
CA VAL A 2396 -6.48 -19.33 24.73
C VAL A 2396 -5.24 -18.84 25.46
N CYS A 2397 -4.12 -18.76 24.74
CA CYS A 2397 -2.89 -18.20 25.30
C CYS A 2397 -3.02 -16.69 25.38
N GLU A 2398 -3.15 -16.18 26.60
CA GLU A 2398 -3.32 -14.76 26.82
C GLU A 2398 -2.73 -14.42 28.19
N ILE A 2399 -2.09 -13.24 28.28
CA ILE A 2399 -1.41 -12.87 29.51
C ILE A 2399 -2.43 -12.65 30.62
N GLN A 2400 -2.26 -13.37 31.72
CA GLN A 2400 -3.16 -13.29 32.86
C GLN A 2400 -2.33 -13.18 34.13
N ALA A 2401 -2.73 -12.26 35.02
CA ALA A 2401 -2.06 -12.07 36.30
C ALA A 2401 -0.57 -11.79 36.11
N GLY A 2402 -0.22 -11.13 35.02
CA GLY A 2402 1.16 -10.78 34.77
C GLY A 2402 2.03 -11.90 34.25
N VAL A 2403 1.46 -13.06 33.94
CA VAL A 2403 2.22 -14.19 33.42
C VAL A 2403 1.50 -14.71 32.19
N ARG A 2404 2.28 -15.08 31.16
CA ARG A 2404 1.70 -15.55 29.92
C ARG A 2404 1.54 -17.06 29.92
N GLU A 2405 0.29 -17.51 29.84
CA GLU A 2405 -0.04 -18.91 29.64
C GLU A 2405 -1.41 -18.96 28.98
N CYS A 2406 -1.98 -20.15 28.86
CA CYS A 2406 -3.30 -20.30 28.26
C CYS A 2406 -4.31 -20.63 29.34
N GLN A 2407 -5.44 -19.93 29.29
CA GLN A 2407 -6.51 -20.09 30.27
C GLN A 2407 -7.85 -20.00 29.57
N ALA A 2408 -8.91 -20.32 30.30
CA ALA A 2408 -10.25 -20.26 29.75
C ALA A 2408 -10.62 -18.82 29.43
N ALA A 2409 -11.40 -18.65 28.37
CA ALA A 2409 -11.83 -17.33 27.91
C ALA A 2409 -13.34 -17.28 27.83
N ARG A 2410 -13.88 -16.06 27.89
CA ARG A 2410 -15.32 -15.88 27.90
C ARG A 2410 -15.95 -16.31 26.58
N GLY A 2411 -15.37 -15.90 25.45
CA GLY A 2411 -15.89 -16.30 24.16
C GLY A 2411 -15.74 -17.80 23.92
N LEU A 2412 -16.87 -18.50 23.77
CA LEU A 2412 -16.83 -19.95 23.55
C LEU A 2412 -18.11 -20.36 22.84
N CYS A 2413 -18.00 -20.62 21.53
CA CYS A 2413 -19.09 -21.20 20.75
C CYS A 2413 -18.61 -22.52 20.18
N SER A 2414 -19.08 -23.63 20.74
CA SER A 2414 -18.73 -24.96 20.27
C SER A 2414 -19.82 -25.43 19.30
N ILE A 2415 -19.40 -26.03 18.19
CA ILE A 2415 -20.33 -26.17 17.07
C ILE A 2415 -21.22 -27.41 17.23
N SER A 2416 -20.63 -28.60 17.18
CA SER A 2416 -21.51 -29.79 17.17
C SER A 2416 -20.97 -30.94 18.00
N VAL A 2417 -20.87 -30.77 19.32
CA VAL A 2417 -20.50 -31.96 20.14
C VAL A 2417 -21.83 -32.73 20.16
N GLY A 2418 -21.87 -33.91 19.55
CA GLY A 2418 -23.17 -34.60 19.43
C GLY A 2418 -24.13 -33.78 18.58
N ALA A 2419 -23.60 -33.00 17.62
CA ALA A 2419 -24.42 -32.18 16.69
C ALA A 2419 -25.30 -31.15 17.42
N ASN A 2420 -24.82 -30.55 18.51
CA ASN A 2420 -25.60 -29.50 19.23
C ASN A 2420 -24.78 -28.21 19.31
N LEU A 2421 -25.37 -27.04 19.00
CA LEU A 2421 -24.65 -25.78 18.98
C LEU A 2421 -24.86 -25.04 20.29
N THR A 2422 -23.79 -24.81 21.02
CA THR A 2422 -23.83 -24.00 22.24
C THR A 2422 -23.40 -22.58 21.89
N THR A 2423 -24.33 -21.63 21.96
CA THR A 2423 -24.04 -20.24 21.51
C THR A 2423 -23.15 -19.52 22.54
N PHE A 2424 -22.80 -18.26 22.27
CA PHE A 2424 -21.99 -17.48 23.23
C PHE A 2424 -22.68 -17.52 24.60
N ASP A 2425 -23.94 -17.07 24.67
CA ASP A 2425 -24.71 -17.25 25.93
C ASP A 2425 -25.16 -18.71 25.92
N GLY A 2426 -25.58 -19.27 27.06
CA GLY A 2426 -25.86 -20.72 27.04
C GLY A 2426 -27.14 -21.04 26.29
N ALA A 2427 -27.04 -21.81 25.21
CA ALA A 2427 -28.21 -22.14 24.36
C ALA A 2427 -27.97 -23.52 23.74
N HIS A 2428 -29.03 -24.22 23.34
CA HIS A 2428 -28.85 -25.53 22.66
C HIS A 2428 -29.77 -25.64 21.43
N ASN A 2429 -29.26 -26.22 20.34
CA ASN A 2429 -30.08 -26.40 19.10
C ASN A 2429 -29.32 -27.32 18.13
N ALA A 2430 -30.01 -28.30 17.54
CA ALA A 2430 -29.38 -29.17 16.56
C ALA A 2430 -29.46 -28.55 15.17
N ILE A 2431 -28.37 -28.65 14.42
CA ILE A 2431 -28.35 -28.11 13.06
C ILE A 2431 -29.40 -28.81 12.20
N SER A 2432 -29.48 -30.14 12.30
CA SER A 2432 -30.52 -30.99 11.76
C SER A 2432 -30.47 -31.10 10.24
N SER A 2433 -29.58 -30.40 9.55
CA SER A 2433 -29.53 -30.47 8.10
C SER A 2433 -28.12 -30.17 7.62
N PRO A 2434 -27.58 -30.97 6.70
CA PRO A 2434 -26.23 -30.70 6.18
C PRO A 2434 -26.21 -29.42 5.38
N GLY A 2435 -25.04 -28.81 5.32
CA GLY A 2435 -24.85 -27.57 4.59
C GLY A 2435 -23.92 -26.64 5.34
N VAL A 2436 -23.54 -25.56 4.67
CA VAL A 2436 -22.67 -24.57 5.27
C VAL A 2436 -23.53 -23.47 5.89
N TYR A 2437 -23.22 -23.10 7.13
CA TYR A 2437 -23.97 -22.09 7.86
C TYR A 2437 -23.01 -21.10 8.49
N GLU A 2438 -23.31 -19.81 8.35
CA GLU A 2438 -22.50 -18.79 8.99
C GLU A 2438 -22.61 -18.90 10.50
N LEU A 2439 -21.56 -18.51 11.20
CA LEU A 2439 -21.53 -18.60 12.65
C LEU A 2439 -21.29 -17.28 13.38
N SER A 2440 -20.46 -16.40 12.85
CA SER A 2440 -20.22 -15.13 13.52
C SER A 2440 -19.72 -14.12 12.50
N SER A 2441 -19.95 -12.85 12.81
CA SER A 2441 -19.51 -11.74 11.97
C SER A 2441 -19.70 -10.45 12.75
N ARG A 2442 -18.70 -9.57 12.69
CA ARG A 2442 -18.82 -8.25 13.30
C ARG A 2442 -19.72 -7.40 12.41
N CYS A 2443 -21.02 -7.62 12.56
CA CYS A 2443 -21.98 -7.03 11.65
C CYS A 2443 -22.00 -5.52 11.81
N PRO A 2444 -22.22 -4.77 10.71
CA PRO A 2444 -21.94 -3.33 10.72
C PRO A 2444 -22.86 -2.51 11.62
N GLY A 2445 -22.62 -1.21 11.66
CA GLY A 2445 -23.37 -0.31 12.51
C GLY A 2445 -22.72 0.00 13.84
N LEU A 2446 -21.46 -0.42 14.04
CA LEU A 2446 -20.77 -0.21 15.30
C LEU A 2446 -19.47 0.55 15.18
N GLN A 2447 -18.77 0.41 14.06
CA GLN A 2447 -17.54 1.18 13.78
C GLN A 2447 -16.48 0.95 14.84
N LYS A 2448 -16.02 -0.29 14.94
CA LYS A 2448 -14.90 -0.66 15.79
C LYS A 2448 -13.80 -1.26 14.93
N ASN A 2449 -12.56 -1.05 15.36
CA ASN A 2449 -11.40 -1.45 14.56
C ASN A 2449 -11.24 -2.96 14.43
N VAL A 2450 -12.14 -3.74 15.02
CA VAL A 2450 -12.07 -5.19 14.84
C VAL A 2450 -12.32 -5.53 13.37
N PRO A 2451 -11.42 -6.25 12.70
CA PRO A 2451 -11.60 -6.51 11.27
C PRO A 2451 -12.82 -7.36 10.99
N TRP A 2452 -13.41 -7.14 9.82
CA TRP A 2452 -14.54 -7.94 9.38
C TRP A 2452 -14.13 -9.40 9.26
N TYR A 2453 -14.66 -10.23 10.14
CA TYR A 2453 -14.43 -11.66 10.12
C TYR A 2453 -15.76 -12.36 9.89
N ARG A 2454 -15.76 -13.37 9.02
CA ARG A 2454 -16.98 -14.11 8.68
C ARG A 2454 -16.63 -15.59 8.58
N VAL A 2455 -16.81 -16.30 9.70
CA VAL A 2455 -16.50 -17.72 9.72
C VAL A 2455 -17.69 -18.52 9.18
N LEU A 2456 -17.38 -19.61 8.49
CA LEU A 2456 -18.38 -20.54 7.99
C LEU A 2456 -17.90 -21.95 8.27
N ALA A 2457 -18.85 -22.88 8.40
CA ALA A 2457 -18.51 -24.26 8.75
C ALA A 2457 -19.35 -25.18 7.87
N ASP A 2458 -18.67 -25.98 7.05
CA ASP A 2458 -19.35 -26.94 6.18
C ASP A 2458 -19.74 -28.17 7.01
N VAL A 2459 -20.90 -28.09 7.65
CA VAL A 2459 -21.44 -29.26 8.32
C VAL A 2459 -21.85 -30.27 7.27
N GLN A 2460 -21.08 -31.35 7.18
CA GLN A 2460 -21.25 -32.35 6.13
C GLN A 2460 -21.22 -33.72 6.77
N PRO A 2461 -21.87 -34.72 6.16
CA PRO A 2461 -21.77 -36.09 6.70
C PRO A 2461 -20.35 -36.53 7.01
N CYS A 2462 -19.44 -36.51 6.04
CA CYS A 2462 -18.01 -36.77 6.25
C CYS A 2462 -17.86 -38.09 6.98
N HIS A 2463 -17.25 -38.11 8.17
CA HIS A 2463 -17.03 -39.37 8.89
C HIS A 2463 -18.35 -39.95 9.38
N ASN A 2464 -18.82 -41.00 8.71
CA ASN A 2464 -19.98 -41.77 9.14
C ASN A 2464 -21.20 -40.89 9.38
N ASN A 2465 -21.41 -39.92 8.49
CA ASN A 2465 -22.59 -39.04 8.48
C ASN A 2465 -22.92 -38.52 9.87
N ASP A 2466 -21.90 -38.11 10.62
CA ASP A 2466 -22.07 -37.57 11.95
C ASP A 2466 -22.07 -36.05 11.98
N LYS A 2467 -22.10 -35.41 10.80
CA LYS A 2467 -22.25 -33.95 10.69
C LYS A 2467 -21.12 -33.20 11.38
N ILE A 2468 -19.95 -33.82 11.50
CA ILE A 2468 -18.80 -33.13 12.09
C ILE A 2468 -18.35 -32.03 11.15
N VAL A 2469 -17.67 -31.02 11.70
CA VAL A 2469 -17.14 -29.94 10.88
C VAL A 2469 -15.99 -30.47 10.05
N SER A 2470 -16.08 -30.28 8.73
CA SER A 2470 -15.10 -30.81 7.79
C SER A 2470 -14.09 -29.77 7.33
N LYS A 2471 -14.51 -28.52 7.14
CA LYS A 2471 -13.61 -27.49 6.66
C LYS A 2471 -14.10 -26.16 7.22
N VAL A 2472 -13.17 -25.23 7.42
CA VAL A 2472 -13.53 -23.97 8.03
C VAL A 2472 -13.12 -22.80 7.14
N HIS A 2473 -14.04 -22.33 6.31
CA HIS A 2473 -13.79 -21.12 5.54
C HIS A 2473 -13.87 -19.92 6.46
N ILE A 2474 -12.85 -19.07 6.42
CA ILE A 2474 -12.83 -17.84 7.19
C ILE A 2474 -12.63 -16.68 6.22
N PHE A 2475 -13.64 -15.81 6.14
CA PHE A 2475 -13.61 -14.70 5.14
C PHE A 2475 -13.05 -13.42 5.74
N PHE A 2476 -11.73 -13.34 5.89
CA PHE A 2476 -11.08 -12.15 6.38
C PHE A 2476 -11.21 -11.02 5.35
N GLN A 2477 -11.04 -9.79 5.82
CA GLN A 2477 -11.28 -8.62 4.97
C GLN A 2477 -10.39 -8.63 3.74
N ASP A 2478 -9.24 -9.31 3.81
CA ASP A 2478 -8.31 -9.35 2.70
C ASP A 2478 -8.23 -10.70 2.01
N GLY A 2479 -9.20 -11.58 2.22
CA GLY A 2479 -9.20 -12.82 1.48
C GLY A 2479 -9.95 -13.91 2.22
N LEU A 2480 -9.81 -15.13 1.70
CA LEU A 2480 -10.44 -16.31 2.26
C LEU A 2480 -9.35 -17.30 2.67
N VAL A 2481 -9.42 -17.76 3.92
CA VAL A 2481 -8.50 -18.78 4.43
C VAL A 2481 -9.31 -20.04 4.66
N THR A 2482 -8.91 -21.13 4.02
CA THR A 2482 -9.61 -22.41 4.14
C THR A 2482 -8.69 -23.42 4.82
N VAL A 2483 -9.21 -24.12 5.81
CA VAL A 2483 -8.45 -25.10 6.56
C VAL A 2483 -9.24 -26.39 6.62
N ILE A 2484 -8.56 -27.51 6.38
CA ILE A 2484 -9.13 -28.86 6.46
C ILE A 2484 -8.19 -29.68 7.34
N PRO A 2485 -8.71 -30.44 8.30
CA PRO A 2485 -7.82 -31.19 9.20
C PRO A 2485 -6.92 -32.18 8.48
N SER A 2486 -7.39 -32.81 7.41
CA SER A 2486 -6.57 -33.81 6.72
C SER A 2486 -5.52 -33.15 5.85
N LYS A 2487 -5.95 -32.34 4.88
CA LYS A 2487 -5.03 -31.69 3.95
C LYS A 2487 -4.45 -30.43 4.60
N GLY A 2488 -3.78 -29.61 3.80
CA GLY A 2488 -3.15 -28.40 4.28
C GLY A 2488 -4.08 -27.21 4.30
N ALA A 2489 -3.49 -26.03 4.28
CA ALA A 2489 -4.22 -24.77 4.36
C ALA A 2489 -4.11 -24.02 3.05
N TRP A 2490 -5.22 -23.38 2.65
CA TRP A 2490 -5.30 -22.63 1.40
C TRP A 2490 -5.52 -21.16 1.72
N VAL A 2491 -4.68 -20.30 1.16
CA VAL A 2491 -4.84 -18.85 1.23
C VAL A 2491 -5.05 -18.36 -0.19
N ASN A 2492 -6.21 -17.76 -0.45
CA ASN A 2492 -6.61 -17.25 -1.75
C ASN A 2492 -6.59 -18.31 -2.84
N GLY A 2493 -6.59 -19.60 -2.47
CA GLY A 2493 -6.55 -20.66 -3.46
C GLY A 2493 -5.15 -21.20 -3.71
N LEU A 2494 -4.23 -20.97 -2.78
CA LEU A 2494 -2.87 -21.47 -2.89
C LEU A 2494 -2.52 -22.22 -1.62
N ARG A 2495 -1.91 -23.39 -1.78
CA ARG A 2495 -1.48 -24.15 -0.62
C ARG A 2495 -0.33 -23.44 0.08
N VAL A 2496 -0.31 -23.52 1.40
CA VAL A 2496 0.76 -22.91 2.20
C VAL A 2496 1.24 -23.91 3.24
N ASP A 2497 2.47 -23.71 3.70
CA ASP A 2497 3.02 -24.53 4.77
C ASP A 2497 2.23 -24.30 6.05
N LEU A 2498 2.06 -25.37 6.83
CA LEU A 2498 1.24 -25.28 8.03
C LEU A 2498 1.77 -24.28 9.05
N PRO A 2499 3.05 -24.31 9.44
CA PRO A 2499 3.50 -23.30 10.45
C PRO A 2499 3.96 -21.99 9.82
N ALA A 2500 2.98 -21.15 9.46
CA ALA A 2500 3.32 -19.86 8.82
C ALA A 2500 2.32 -18.76 9.19
N THR A 2501 2.65 -17.51 8.90
CA THR A 2501 1.73 -16.37 9.14
C THR A 2501 1.26 -15.85 7.79
N VAL A 2502 -0.04 -15.59 7.61
CA VAL A 2502 -0.55 -15.24 6.26
C VAL A 2502 -1.54 -14.06 6.32
N LEU A 2503 -1.82 -13.44 5.17
CA LEU A 2503 -2.79 -12.31 5.09
C LEU A 2503 -2.33 -11.19 6.01
N THR A 2504 -3.25 -10.66 6.84
CA THR A 2504 -2.85 -9.62 7.82
C THR A 2504 -2.93 -10.18 9.23
N SER A 2505 -1.78 -10.39 9.89
CA SER A 2505 -1.77 -10.84 11.31
C SER A 2505 -2.64 -12.08 11.54
N VAL A 2506 -2.57 -13.07 10.66
CA VAL A 2506 -3.33 -14.34 10.88
C VAL A 2506 -2.36 -15.50 11.12
N SER A 2507 -2.30 -16.02 12.35
CA SER A 2507 -1.45 -17.15 12.68
C SER A 2507 -2.20 -18.45 12.43
N VAL A 2508 -1.58 -19.35 11.67
CA VAL A 2508 -2.12 -20.68 11.39
C VAL A 2508 -1.11 -21.71 11.85
N ARG A 2509 -1.57 -22.73 12.57
CA ARG A 2509 -0.68 -23.76 13.06
C ARG A 2509 -1.45 -25.08 13.18
N ARG A 2510 -0.70 -26.17 13.20
CA ARG A 2510 -1.25 -27.51 13.37
C ARG A 2510 -0.80 -28.07 14.71
N MET A 2511 -1.75 -28.54 15.50
CA MET A 2511 -1.43 -29.13 16.79
C MET A 2511 -0.67 -30.44 16.58
N PRO A 2512 0.19 -30.82 17.53
CA PRO A 2512 0.86 -32.13 17.42
C PRO A 2512 -0.12 -33.29 17.38
N ASP A 2513 -1.26 -33.16 18.06
CA ASP A 2513 -2.31 -34.17 17.95
C ASP A 2513 -2.86 -34.24 16.53
N GLY A 2514 -3.01 -33.09 15.87
CA GLY A 2514 -3.56 -33.03 14.53
C GLY A 2514 -4.61 -31.96 14.33
N SER A 2515 -5.11 -31.35 15.40
CA SER A 2515 -6.05 -30.24 15.26
C SER A 2515 -5.34 -29.02 14.69
N MET A 2516 -6.13 -28.13 14.08
CA MET A 2516 -5.60 -26.94 13.43
C MET A 2516 -6.17 -25.70 14.09
N LEU A 2517 -5.30 -24.78 14.45
CA LEU A 2517 -5.68 -23.57 15.17
C LEU A 2517 -5.32 -22.35 14.35
N VAL A 2518 -6.26 -21.41 14.24
CA VAL A 2518 -6.06 -20.15 13.55
C VAL A 2518 -6.44 -19.01 14.48
N HIS A 2519 -5.59 -17.99 14.55
CA HIS A 2519 -5.81 -16.90 15.47
C HIS A 2519 -5.64 -15.58 14.74
N GLN A 2520 -6.47 -14.60 15.11
CA GLN A 2520 -6.35 -13.24 14.60
C GLN A 2520 -6.00 -12.30 15.74
N LYS A 2521 -5.04 -11.40 15.49
CA LYS A 2521 -4.63 -10.46 16.51
C LYS A 2521 -5.78 -9.55 16.92
N ALA A 2522 -6.08 -9.52 18.21
CA ALA A 2522 -7.21 -8.75 18.76
C ALA A 2522 -8.52 -9.15 18.10
N GLY A 2523 -8.60 -10.39 17.63
CA GLY A 2523 -9.78 -10.87 16.95
C GLY A 2523 -10.21 -12.25 17.34
N VAL A 2524 -10.89 -12.94 16.42
CA VAL A 2524 -11.40 -14.28 16.70
C VAL A 2524 -10.25 -15.26 16.53
N THR A 2525 -10.34 -16.39 17.26
CA THR A 2525 -9.45 -17.52 17.03
C THR A 2525 -10.32 -18.76 17.01
N VAL A 2526 -10.04 -19.66 16.07
CA VAL A 2526 -10.83 -20.87 15.85
C VAL A 2526 -9.95 -22.08 16.06
N TRP A 2527 -10.44 -23.06 16.82
CA TRP A 2527 -9.77 -24.33 17.01
C TRP A 2527 -10.61 -25.41 16.35
N LEU A 2528 -10.07 -25.99 15.28
CA LEU A 2528 -10.74 -27.08 14.56
C LEU A 2528 -10.13 -28.40 15.00
N GLY A 2529 -10.92 -29.22 15.68
CA GLY A 2529 -10.41 -30.46 16.21
C GLY A 2529 -10.08 -31.46 15.13
N LYS A 2530 -9.18 -32.39 15.46
CA LYS A 2530 -8.81 -33.45 14.54
C LYS A 2530 -10.00 -34.33 14.20
N ASP A 2531 -10.82 -34.63 15.21
CA ASP A 2531 -11.99 -35.49 15.00
C ASP A 2531 -13.16 -34.75 14.38
N GLY A 2532 -13.05 -33.44 14.19
CA GLY A 2532 -14.12 -32.68 13.59
C GLY A 2532 -14.99 -31.94 14.59
N LEU A 2533 -14.35 -31.26 15.54
CA LEU A 2533 -15.05 -30.47 16.54
C LEU A 2533 -14.42 -29.09 16.58
N LEU A 2534 -15.25 -28.06 16.41
CA LEU A 2534 -14.79 -26.68 16.27
C LEU A 2534 -15.24 -25.83 17.45
N ASP A 2535 -14.32 -25.04 17.97
CA ASP A 2535 -14.60 -24.07 19.02
C ASP A 2535 -14.18 -22.69 18.54
N VAL A 2536 -15.07 -21.71 18.73
CA VAL A 2536 -14.81 -20.32 18.37
C VAL A 2536 -14.64 -19.52 19.64
N MET A 2537 -13.47 -18.89 19.79
CA MET A 2537 -13.14 -18.13 20.99
C MET A 2537 -13.03 -16.65 20.64
N VAL A 2538 -13.68 -15.82 21.43
CA VAL A 2538 -13.69 -14.37 21.27
C VAL A 2538 -13.32 -13.73 22.60
N GLY A 2539 -12.50 -12.68 22.53
CA GLY A 2539 -12.12 -11.98 23.74
C GLY A 2539 -13.33 -11.31 24.39
N ASP A 2540 -13.20 -11.04 25.69
CA ASP A 2540 -14.31 -10.45 26.44
C ASP A 2540 -14.61 -9.03 25.97
N ASP A 2541 -13.68 -8.43 25.24
CA ASP A 2541 -13.85 -7.06 24.76
C ASP A 2541 -15.07 -6.95 23.85
N LEU A 2542 -15.27 -7.92 22.98
CA LEU A 2542 -16.39 -7.92 22.04
C LEU A 2542 -17.66 -8.29 22.80
N ALA A 2543 -18.34 -7.28 23.34
CA ALA A 2543 -19.58 -7.45 24.07
C ALA A 2543 -20.72 -6.89 23.23
N ALA A 2544 -21.59 -7.78 22.76
CA ALA A 2544 -22.75 -7.40 21.95
C ALA A 2544 -22.33 -6.60 20.71
N MET A 2545 -21.22 -7.01 20.10
CA MET A 2545 -20.77 -6.44 18.83
C MET A 2545 -20.94 -7.39 17.66
N LEU A 2546 -20.47 -8.62 17.79
CA LEU A 2546 -20.68 -9.63 16.76
C LEU A 2546 -22.12 -10.10 16.79
N CYS A 2547 -22.70 -10.35 15.62
CA CYS A 2547 -24.03 -10.92 15.54
C CYS A 2547 -24.07 -11.99 14.46
N GLY A 2548 -24.47 -13.19 14.84
CA GLY A 2548 -24.49 -14.31 13.93
C GLY A 2548 -25.30 -15.45 14.50
N ALA A 2549 -24.96 -16.67 14.04
CA ALA A 2549 -25.65 -17.85 14.56
C ALA A 2549 -25.37 -18.05 16.04
N CYS A 2550 -24.13 -17.83 16.47
CA CYS A 2550 -23.82 -17.95 17.90
C CYS A 2550 -24.48 -16.85 18.71
N GLY A 2551 -25.03 -15.84 18.04
CA GLY A 2551 -25.77 -14.76 18.74
C GLY A 2551 -24.87 -13.67 19.28
N ASN A 2552 -25.42 -12.73 20.05
CA ASN A 2552 -24.63 -11.57 20.58
C ASN A 2552 -23.83 -11.98 21.81
N PHE A 2553 -22.97 -11.09 22.33
CA PHE A 2553 -22.20 -11.39 23.56
C PHE A 2553 -22.80 -10.59 24.72
N ASP A 2554 -24.05 -10.13 24.59
CA ASP A 2554 -24.69 -9.29 25.63
C ASP A 2554 -24.79 -10.03 26.96
N GLY A 2555 -24.99 -11.36 26.93
CA GLY A 2555 -25.17 -12.12 28.18
C GLY A 2555 -26.64 -12.44 28.43
N ASP A 2556 -27.52 -12.14 27.48
CA ASP A 2556 -28.95 -12.52 27.66
C ASP A 2556 -29.23 -13.74 26.77
N GLN A 2557 -29.68 -14.84 27.38
CA GLN A 2557 -29.97 -16.09 26.63
C GLN A 2557 -31.13 -15.91 25.64
N THR A 2558 -32.19 -15.18 26.04
CA THR A 2558 -33.39 -15.10 25.16
C THR A 2558 -33.05 -14.48 23.81
N ASN A 2559 -32.32 -13.37 23.78
CA ASN A 2559 -31.89 -12.78 22.48
C ASN A 2559 -30.85 -13.68 21.80
N ASP A 2560 -29.94 -14.29 22.57
CA ASP A 2560 -28.86 -15.09 21.94
C ASP A 2560 -29.44 -16.27 21.17
N ALA A 2561 -30.38 -17.00 21.79
CA ALA A 2561 -30.99 -18.19 21.15
C ALA A 2561 -31.74 -17.74 19.89
N TYR A 2562 -32.75 -16.90 20.06
CA TYR A 2562 -33.53 -16.40 18.90
C TYR A 2562 -33.28 -14.91 18.72
N GLY A 2563 -32.71 -14.51 17.58
CA GLY A 2563 -32.50 -13.08 17.29
C GLY A 2563 -33.74 -12.48 16.64
N SER A 2564 -34.80 -12.27 17.43
CA SER A 2564 -36.08 -11.76 16.88
C SER A 2564 -36.58 -12.72 15.79
N GLN A 2565 -36.33 -14.03 15.97
CA GLN A 2565 -36.75 -15.04 14.97
C GLN A 2565 -37.54 -16.15 15.69
N GLY A 2566 -38.69 -16.55 15.14
CA GLY A 2566 -39.54 -17.52 15.86
C GLY A 2566 -38.89 -18.88 16.07
N LYS A 2567 -38.26 -19.47 15.05
CA LYS A 2567 -37.71 -20.84 15.19
C LYS A 2567 -36.66 -21.15 14.12
N THR A 2568 -35.83 -22.17 14.34
CA THR A 2568 -34.79 -22.61 13.36
C THR A 2568 -33.91 -21.42 12.91
N PRO A 2569 -33.09 -20.76 13.77
CA PRO A 2569 -32.19 -19.71 13.27
C PRO A 2569 -31.15 -20.24 12.30
N ILE A 2570 -30.87 -21.54 12.34
CA ILE A 2570 -29.87 -22.12 11.45
C ILE A 2570 -30.24 -21.89 9.99
N GLU A 2571 -31.47 -22.22 9.63
CA GLU A 2571 -31.91 -22.05 8.25
C GLU A 2571 -31.87 -20.59 7.83
N LYS A 2572 -32.18 -19.68 8.77
CA LYS A 2572 -32.07 -18.27 8.47
C LYS A 2572 -30.62 -17.85 8.24
N TRP A 2573 -29.69 -18.50 8.93
CA TRP A 2573 -28.28 -18.13 8.84
C TRP A 2573 -27.55 -18.82 7.72
N ARG A 2574 -28.21 -19.65 6.92
CA ARG A 2574 -27.56 -20.32 5.80
C ARG A 2574 -27.17 -19.32 4.71
N ALA A 2575 -25.88 -19.01 4.61
CA ALA A 2575 -25.41 -18.10 3.58
C ALA A 2575 -25.60 -18.71 2.20
N GLN A 2576 -26.05 -17.89 1.26
CA GLN A 2576 -26.35 -18.37 -0.09
C GLN A 2576 -25.13 -18.41 -1.00
N ASP A 2577 -24.06 -17.68 -0.66
CA ASP A 2577 -22.89 -17.60 -1.53
C ASP A 2577 -22.32 -18.98 -1.81
N PHE A 2578 -21.96 -19.70 -0.77
CA PHE A 2578 -21.41 -21.04 -0.94
C PHE A 2578 -22.49 -22.12 -0.93
N SER A 2579 -23.74 -21.74 -0.67
CA SER A 2579 -24.81 -22.73 -0.72
C SER A 2579 -25.19 -23.05 -2.15
N PRO A 2580 -25.27 -24.34 -2.50
CA PRO A 2580 -25.72 -24.71 -3.84
C PRO A 2580 -27.15 -24.25 -4.08
N CYS A 2581 -27.47 -23.94 -5.34
CA CYS A 2581 -28.84 -23.57 -5.68
C CYS A 2581 -29.80 -24.69 -5.31
N SER A 2582 -29.64 -25.85 -5.92
CA SER A 2582 -30.53 -27.01 -5.70
C SER A 2582 -31.98 -26.63 -5.90
N ASN A 2583 -32.21 -25.55 -6.66
CA ASN A 2583 -33.53 -25.01 -6.87
C ASN A 2583 -34.23 -25.79 -7.97
N THR A 2584 -35.34 -26.44 -7.63
CA THR A 2584 -36.11 -27.24 -8.58
C THR A 2584 -35.24 -28.31 -9.24
N ARG A 2585 -34.42 -29.00 -8.43
CA ARG A 2585 -33.61 -30.09 -8.96
C ARG A 2585 -34.49 -31.21 -9.49
N THR A 2586 -35.52 -31.58 -8.74
CA THR A 2586 -36.38 -32.68 -9.16
C THR A 2586 -37.36 -32.26 -10.24
N ARG A 2587 -37.46 -30.96 -10.50
CA ARG A 2587 -38.36 -30.44 -11.53
C ARG A 2587 -37.97 -30.95 -12.91
N VAL B 1246 -68.10 12.92 32.09
CA VAL B 1246 -66.91 12.09 32.17
C VAL B 1246 -65.67 12.96 32.09
N PRO B 1247 -65.29 13.58 33.21
CA PRO B 1247 -64.14 14.49 33.17
C PRO B 1247 -62.81 13.77 33.22
N ASN B 1248 -62.75 12.57 33.80
CA ASN B 1248 -61.47 11.88 33.94
C ASN B 1248 -60.93 11.41 32.61
N TYR B 1249 -61.79 11.22 31.61
CA TYR B 1249 -61.35 10.73 30.32
C TYR B 1249 -60.40 11.71 29.66
N ASN B 1250 -59.30 11.19 29.11
CA ASN B 1250 -58.29 12.01 28.46
C ASN B 1250 -57.53 11.16 27.47
N SER B 1251 -57.43 11.63 26.23
CA SER B 1251 -56.74 10.93 25.15
C SER B 1251 -55.84 11.91 24.41
N THR B 1252 -55.10 11.39 23.43
CA THR B 1252 -54.15 12.19 22.67
C THR B 1252 -54.03 11.70 21.24
N CYS B 1253 -53.70 12.62 20.34
CA CYS B 1253 -53.30 12.30 18.97
C CYS B 1253 -51.78 12.37 18.94
N TRP B 1254 -51.15 11.22 18.68
CA TRP B 1254 -49.70 11.12 18.66
C TRP B 1254 -49.23 11.01 17.21
N LEU B 1255 -48.71 12.10 16.68
CA LEU B 1255 -48.22 12.16 15.30
C LEU B 1255 -46.71 11.99 15.30
N TRP B 1256 -46.25 10.94 14.63
CA TRP B 1256 -44.83 10.58 14.60
C TRP B 1256 -44.28 10.85 13.20
N GLY B 1257 -43.19 11.61 13.15
CA GLY B 1257 -42.57 11.98 11.88
C GLY B 1257 -42.06 10.81 11.07
N ASP B 1258 -42.32 10.84 9.76
CA ASP B 1258 -41.86 9.82 8.81
C ASP B 1258 -42.30 8.42 9.21
N PRO B 1259 -46.52 10.39 7.31
CA PRO B 1259 -45.99 10.05 8.63
C PRO B 1259 -46.84 8.98 9.33
N HIS B 1260 -46.55 8.74 10.61
CA HIS B 1260 -47.26 7.74 11.39
C HIS B 1260 -48.18 8.42 12.39
N TYR B 1261 -49.43 7.99 12.41
CA TYR B 1261 -50.47 8.62 13.22
C TYR B 1261 -50.95 7.67 14.30
N ASN B 1262 -51.12 8.21 15.52
CA ASN B 1262 -51.78 7.50 16.61
C ASN B 1262 -53.03 8.30 16.97
N SER B 1263 -54.20 7.72 16.74
CA SER B 1263 -55.46 8.43 16.94
C SER B 1263 -55.73 8.66 18.41
N PHE B 1264 -56.81 9.37 18.72
CA PHE B 1264 -57.24 9.52 20.13
C PHE B 1264 -57.60 8.11 20.62
N ASP B 1265 -58.47 7.43 19.87
CA ASP B 1265 -58.82 6.02 20.20
C ASP B 1265 -57.63 5.14 19.77
N GLY B 1266 -57.57 3.88 20.20
CA GLY B 1266 -56.37 3.08 19.90
C GLY B 1266 -56.36 2.61 18.45
N TRP B 1267 -55.72 3.38 17.56
CA TRP B 1267 -55.71 3.08 16.14
C TRP B 1267 -54.50 3.74 15.52
N SER B 1268 -53.74 2.97 14.75
CA SER B 1268 -52.54 3.46 14.07
C SER B 1268 -52.62 3.13 12.59
N PHE B 1269 -52.09 4.03 11.76
CA PHE B 1269 -52.07 3.86 10.32
C PHE B 1269 -50.91 4.67 9.74
N ASP B 1270 -50.70 4.52 8.44
CA ASP B 1270 -49.55 5.13 7.78
C ASP B 1270 -49.97 5.99 6.59
N PHE B 1271 -50.98 6.83 6.77
CA PHE B 1271 -51.42 7.70 5.68
C PHE B 1271 -50.37 8.76 5.39
N GLN B 1272 -50.31 9.17 4.12
CA GLN B 1272 -49.39 10.20 3.66
C GLN B 1272 -50.12 11.18 2.77
N GLY B 1273 -49.58 12.40 2.69
CA GLY B 1273 -50.20 13.43 1.88
C GLY B 1273 -49.18 14.46 1.45
N THR B 1274 -49.68 15.49 0.76
CA THR B 1274 -48.82 16.54 0.22
C THR B 1274 -49.30 17.95 0.51
N CYS B 1275 -50.58 18.14 0.85
CA CYS B 1275 -51.08 19.46 1.22
C CYS B 1275 -51.75 19.38 2.59
N ASN B 1276 -52.09 20.56 3.12
CA ASN B 1276 -52.56 20.65 4.50
C ASN B 1276 -53.87 19.89 4.69
N TYR B 1277 -53.96 19.20 5.81
CA TYR B 1277 -55.12 18.38 6.16
C TYR B 1277 -55.67 18.81 7.52
N LEU B 1278 -56.90 18.41 7.79
CA LEU B 1278 -57.58 18.74 9.05
C LEU B 1278 -57.24 17.67 10.08
N LEU B 1279 -56.31 18.00 10.98
CA LEU B 1279 -55.96 17.06 12.04
C LEU B 1279 -57.10 16.89 13.02
N ALA B 1280 -57.69 18.00 13.47
CA ALA B 1280 -58.87 17.94 14.33
C ALA B 1280 -59.57 19.30 14.25
N GLY B 1281 -60.82 19.32 14.68
CA GLY B 1281 -61.58 20.56 14.63
C GLY B 1281 -62.99 20.36 15.14
N THR B 1282 -63.78 21.43 14.99
CA THR B 1282 -65.16 21.44 15.47
C THR B 1282 -66.00 20.44 14.68
N LEU B 1283 -67.25 20.28 15.14
CA LEU B 1283 -68.17 19.34 14.52
C LEU B 1283 -68.50 19.79 13.10
N CYS B 1284 -67.97 19.06 12.12
CA CYS B 1284 -68.25 19.40 10.73
C CYS B 1284 -69.75 19.31 10.38
N PRO B 1285 -70.52 18.31 10.83
CA PRO B 1285 -71.96 18.35 10.57
C PRO B 1285 -72.74 19.18 11.58
N GLY B 1286 -72.12 19.57 12.69
CA GLY B 1286 -72.82 20.36 13.70
C GLY B 1286 -73.97 19.63 14.36
N VAL B 1287 -73.76 18.37 14.74
CA VAL B 1287 -74.80 17.54 15.34
C VAL B 1287 -74.39 17.22 16.77
N ASN B 1288 -75.33 17.42 17.70
CA ASN B 1288 -75.13 17.15 19.13
C ASN B 1288 -73.97 17.97 19.69
N ALA B 1289 -74.14 19.29 19.63
CA ALA B 1289 -73.17 20.24 20.15
C ALA B 1289 -73.86 21.15 21.15
N GLU B 1290 -73.33 21.21 22.37
CA GLU B 1290 -73.84 22.09 23.42
C GLU B 1290 -72.66 22.81 24.07
N GLY B 1291 -72.77 24.13 24.18
CA GLY B 1291 -71.70 24.92 24.75
C GLY B 1291 -70.39 24.76 24.02
N LEU B 1292 -70.45 24.66 22.70
CA LEU B 1292 -69.26 24.39 21.91
C LEU B 1292 -68.37 25.62 21.85
N THR B 1293 -67.06 25.39 21.78
CA THR B 1293 -66.09 26.44 21.56
C THR B 1293 -65.28 26.15 20.31
N PRO B 1294 -65.01 27.15 19.49
CA PRO B 1294 -64.26 26.92 18.25
C PRO B 1294 -62.86 26.39 18.54
N PHE B 1295 -62.43 25.45 17.70
CA PHE B 1295 -61.08 24.90 17.79
C PHE B 1295 -60.80 24.14 16.50
N THR B 1296 -59.56 24.23 16.02
CA THR B 1296 -59.17 23.56 14.79
C THR B 1296 -57.65 23.51 14.73
N VAL B 1297 -57.11 22.30 14.57
CA VAL B 1297 -55.68 22.09 14.41
C VAL B 1297 -55.45 21.43 13.06
N THR B 1298 -54.59 22.04 12.24
CA THR B 1298 -54.27 21.55 10.91
C THR B 1298 -52.77 21.53 10.72
N THR B 1299 -52.31 20.59 9.89
CA THR B 1299 -50.88 20.40 9.66
C THR B 1299 -50.65 20.28 8.16
N LYS B 1300 -49.38 20.42 7.76
CA LYS B 1300 -48.98 20.35 6.37
C LYS B 1300 -47.79 19.41 6.24
N ASN B 1301 -47.83 18.55 5.22
CA ASN B 1301 -46.80 17.55 4.99
C ASN B 1301 -46.27 17.70 3.57
N GLU B 1302 -45.03 17.24 3.38
CA GLU B 1302 -44.43 17.23 2.05
C GLU B 1302 -43.33 16.19 2.01
N ASN B 1303 -42.89 15.86 0.80
CA ASN B 1303 -41.87 14.85 0.60
C ASN B 1303 -40.50 15.39 1.02
N ARG B 1304 -39.54 14.47 1.14
CA ARG B 1304 -38.18 14.81 1.55
C ARG B 1304 -37.14 14.23 0.59
N GLY B 1305 -37.57 13.69 -0.55
CA GLY B 1305 -36.62 13.15 -1.50
C GLY B 1305 -37.09 11.86 -2.15
N SER B 1306 -38.16 11.27 -1.60
CA SER B 1306 -38.73 10.07 -2.17
C SER B 1306 -40.25 10.21 -2.20
N PRO B 1307 -40.89 9.75 -3.27
CA PRO B 1307 -42.35 9.91 -3.38
C PRO B 1307 -43.13 9.21 -2.28
N ALA B 1308 -42.62 8.11 -1.75
CA ALA B 1308 -43.37 7.26 -0.83
C ALA B 1308 -43.26 7.71 0.62
N VAL B 1309 -42.51 8.77 0.91
CA VAL B 1309 -42.32 9.24 2.28
C VAL B 1309 -42.69 10.72 2.35
N SER B 1310 -43.38 11.09 3.43
CA SER B 1310 -43.76 12.48 3.67
C SER B 1310 -43.54 12.81 5.14
N TYR B 1311 -43.23 14.06 5.41
CA TYR B 1311 -42.94 14.52 6.76
C TYR B 1311 -43.66 15.84 7.02
N VAL B 1312 -43.81 16.16 8.29
CA VAL B 1312 -44.55 17.35 8.73
C VAL B 1312 -43.64 18.56 8.65
N ARG B 1313 -44.14 19.66 8.10
CA ARG B 1313 -43.38 20.91 8.00
C ARG B 1313 -43.87 21.96 8.98
N GLN B 1314 -45.17 22.28 8.95
CA GLN B 1314 -45.75 23.33 9.77
C GLN B 1314 -47.02 22.83 10.44
N VAL B 1315 -47.34 23.43 11.59
CA VAL B 1315 -48.53 23.07 12.35
C VAL B 1315 -49.31 24.34 12.68
N THR B 1316 -50.62 24.29 12.47
CA THR B 1316 -51.47 25.46 12.66
C THR B 1316 -52.67 25.11 13.52
N VAL B 1317 -53.03 26.04 14.40
CA VAL B 1317 -54.23 25.95 15.23
C VAL B 1317 -54.99 27.26 15.07
N THR B 1318 -56.28 27.23 15.43
CA THR B 1318 -57.10 28.44 15.33
C THR B 1318 -58.23 28.33 16.34
N THR B 1319 -58.21 29.20 17.35
CA THR B 1319 -59.25 29.24 18.38
C THR B 1319 -59.57 30.69 18.72
N LEU B 1320 -60.85 30.98 18.90
CA LEU B 1320 -61.33 32.24 19.46
C LEU B 1320 -60.76 33.45 18.72
N ASN B 1321 -60.90 33.42 17.40
CA ASN B 1321 -60.41 34.48 16.51
C ASN B 1321 -58.92 34.72 16.73
N THR B 1322 -58.17 33.63 16.85
CA THR B 1322 -56.72 33.72 17.00
C THR B 1322 -56.10 32.48 16.34
N ASN B 1323 -55.30 32.70 15.31
CA ASN B 1323 -54.65 31.62 14.58
C ASN B 1323 -53.17 31.58 14.96
N ILE B 1324 -52.69 30.39 15.29
CA ILE B 1324 -51.33 30.17 15.76
C ILE B 1324 -50.65 29.25 14.74
N SER B 1325 -49.52 29.71 14.20
CA SER B 1325 -48.78 28.95 13.20
C SER B 1325 -47.36 28.73 13.70
N ILE B 1326 -46.85 27.51 13.51
CA ILE B 1326 -45.51 27.15 13.93
C ILE B 1326 -44.80 26.46 12.76
N HIS B 1327 -43.59 26.92 12.47
CA HIS B 1327 -42.73 26.32 11.46
C HIS B 1327 -41.42 25.90 12.12
N LYS B 1328 -40.49 25.39 11.31
CA LYS B 1328 -39.22 24.85 11.79
C LYS B 1328 -38.20 25.98 11.94
N ASN B 1329 -38.42 26.81 12.96
CA ASN B 1329 -37.54 27.96 13.17
C ASN B 1329 -37.17 28.19 14.64
N GLU B 1330 -37.51 27.27 15.55
CA GLU B 1330 -37.15 27.30 16.96
C GLU B 1330 -37.76 28.47 17.73
N ILE B 1331 -38.64 29.26 17.12
CA ILE B 1331 -39.29 30.36 17.82
C ILE B 1331 -40.79 30.29 17.52
N GLY B 1332 -41.53 31.25 18.05
CA GLY B 1332 -42.97 31.18 17.96
C GLY B 1332 -43.53 31.36 16.57
N LYS B 1333 -43.40 32.56 16.01
CA LYS B 1333 -44.03 32.91 14.73
C LYS B 1333 -45.53 32.67 14.76
N VAL B 1334 -46.14 32.88 15.94
CA VAL B 1334 -47.46 32.34 16.22
C VAL B 1334 -48.59 33.35 16.11
N ARG B 1335 -48.31 34.64 16.32
CA ARG B 1335 -49.37 35.62 16.48
C ARG B 1335 -50.22 35.73 15.22
N VAL B 1336 -51.38 36.39 15.37
CA VAL B 1336 -52.40 36.48 14.34
C VAL B 1336 -51.80 37.05 13.07
N ASN B 1337 -51.02 38.13 13.20
CA ASN B 1337 -50.35 38.70 12.05
C ASN B 1337 -49.31 37.76 11.46
N GLY B 1338 -48.79 36.83 12.27
CA GLY B 1338 -47.74 35.94 11.83
C GLY B 1338 -46.34 36.42 12.14
N VAL B 1339 -46.19 37.50 12.90
CA VAL B 1339 -44.87 38.01 13.25
C VAL B 1339 -44.14 36.98 14.10
N LEU B 1340 -42.83 36.91 13.93
CA LEU B 1340 -42.02 35.99 14.74
C LEU B 1340 -42.03 36.43 16.20
N MET B 1341 -42.13 35.44 17.10
CA MET B 1341 -42.21 35.70 18.52
C MET B 1341 -41.30 34.75 19.27
N ALA B 1342 -40.95 35.15 20.50
CA ALA B 1342 -40.01 34.39 21.32
C ALA B 1342 -40.75 33.24 22.02
N LEU B 1343 -40.06 32.59 22.95
CA LEU B 1343 -40.62 31.40 23.60
C LEU B 1343 -41.90 31.70 24.38
N PRO B 1344 -41.96 32.69 25.28
CA PRO B 1344 -43.21 32.93 26.01
C PRO B 1344 -44.08 33.99 25.35
N VAL B 1345 -45.38 33.74 25.38
CA VAL B 1345 -46.35 34.73 24.90
C VAL B 1345 -47.70 34.46 25.56
N TYR B 1346 -48.34 35.52 26.06
CA TYR B 1346 -49.61 35.42 26.77
C TYR B 1346 -50.60 36.37 26.11
N LEU B 1347 -51.44 35.84 25.21
CA LEU B 1347 -52.46 36.68 24.60
C LEU B 1347 -53.52 37.08 25.62
N ALA B 1348 -53.77 36.23 26.62
CA ALA B 1348 -54.63 36.53 27.76
C ALA B 1348 -56.09 36.70 27.36
N GLY B 1349 -56.40 36.52 26.08
CA GLY B 1349 -57.79 36.52 25.66
C GLY B 1349 -58.36 35.12 25.75
N GLY B 1350 -59.09 34.85 26.82
CA GLY B 1350 -59.47 33.48 27.12
C GLY B 1350 -58.33 32.65 27.66
N ARG B 1351 -57.27 33.30 28.15
CA ARG B 1351 -56.07 32.64 28.66
C ARG B 1351 -55.44 31.75 27.60
N ILE B 1352 -55.01 32.40 26.52
CA ILE B 1352 -54.26 31.73 25.46
C ILE B 1352 -52.78 31.99 25.71
N SER B 1353 -52.10 31.02 26.31
CA SER B 1353 -50.71 31.17 26.71
C SER B 1353 -49.86 30.14 25.98
N VAL B 1354 -48.97 30.60 25.10
CA VAL B 1354 -48.01 29.73 24.45
C VAL B 1354 -46.71 29.87 25.25
N ILE B 1355 -46.45 28.88 26.09
CA ILE B 1355 -45.24 28.83 26.92
C ILE B 1355 -44.59 27.49 26.67
N ASN B 1356 -43.28 27.51 26.40
CA ASN B 1356 -42.60 26.35 25.87
C ASN B 1356 -41.42 25.97 26.75
N GLY B 1357 -41.04 24.70 26.67
CA GLY B 1357 -39.94 24.17 27.43
C GLY B 1357 -38.62 24.31 26.70
N GLY B 1358 -37.64 23.51 27.14
CA GLY B 1358 -36.32 23.55 26.52
C GLY B 1358 -36.34 23.10 25.07
N SER B 1359 -37.08 22.04 24.77
CA SER B 1359 -37.15 21.49 23.42
C SER B 1359 -38.59 21.23 22.97
N LYS B 1360 -39.52 22.12 23.31
CA LYS B 1360 -40.92 21.95 22.96
C LYS B 1360 -41.52 23.28 22.54
N ALA B 1361 -42.82 23.24 22.24
CA ALA B 1361 -43.59 24.45 21.95
C ALA B 1361 -45.02 24.16 22.39
N VAL B 1362 -45.36 24.55 23.61
CA VAL B 1362 -46.61 24.16 24.25
C VAL B 1362 -47.58 25.33 24.23
N LEU B 1363 -48.81 25.06 23.81
CA LEU B 1363 -49.90 26.03 23.84
C LEU B 1363 -50.92 25.57 24.88
N GLU B 1364 -51.48 26.53 25.61
CA GLU B 1364 -52.44 26.24 26.67
C GLU B 1364 -53.61 27.21 26.59
N THR B 1365 -54.81 26.68 26.82
CA THR B 1365 -56.03 27.47 26.85
C THR B 1365 -56.78 27.17 28.13
N ASP B 1366 -58.00 27.73 28.23
CA ASP B 1366 -58.82 27.51 29.41
C ASP B 1366 -59.34 26.08 29.47
N PHE B 1367 -59.75 25.53 28.33
CA PHE B 1367 -60.41 24.23 28.30
C PHE B 1367 -59.45 23.06 28.08
N GLY B 1368 -58.20 23.20 28.50
CA GLY B 1368 -57.30 22.07 28.56
C GLY B 1368 -56.78 21.55 27.24
N LEU B 1369 -56.76 22.37 26.20
CA LEU B 1369 -56.15 21.94 24.95
C LEU B 1369 -54.64 21.89 25.09
N GLN B 1370 -54.08 20.68 24.99
CA GLN B 1370 -52.66 20.44 25.17
C GLN B 1370 -52.05 20.11 23.81
N VAL B 1371 -51.46 21.12 23.17
CA VAL B 1371 -50.82 20.95 21.86
C VAL B 1371 -49.35 21.33 22.00
N THR B 1372 -48.47 20.40 21.65
CA THR B 1372 -47.04 20.62 21.63
C THR B 1372 -46.48 20.06 20.33
N TYR B 1373 -45.35 20.64 19.90
CA TYR B 1373 -44.75 20.29 18.61
C TYR B 1373 -43.24 20.42 18.72
N ASP B 1374 -42.54 19.30 18.63
CA ASP B 1374 -41.10 19.34 18.45
C ASP B 1374 -40.77 19.88 17.06
N TRP B 1375 -39.67 20.62 16.98
CA TRP B 1375 -39.37 21.35 15.74
C TRP B 1375 -39.08 20.40 14.59
N ASN B 1376 -38.80 19.13 14.85
CA ASN B 1376 -38.49 18.16 13.80
C ASN B 1376 -39.52 17.04 13.80
N TRP B 1377 -40.64 17.28 13.11
CA TRP B 1377 -41.69 16.29 12.84
C TRP B 1377 -42.01 15.42 14.06
N ARG B 1378 -42.48 16.07 15.13
CA ARG B 1378 -43.08 15.37 16.26
C ARG B 1378 -44.21 16.22 16.80
N VAL B 1379 -45.43 15.67 16.77
CA VAL B 1379 -46.63 16.42 17.09
C VAL B 1379 -47.43 15.72 18.19
N ASP B 1380 -48.06 16.53 19.05
CA ASP B 1380 -48.98 16.07 20.06
C ASP B 1380 -50.22 16.91 20.28
N VAL B 1381 -51.39 16.28 20.26
CA VAL B 1381 -52.66 16.94 20.51
C VAL B 1381 -53.43 16.15 21.55
N THR B 1382 -53.80 16.80 22.65
CA THR B 1382 -54.44 16.16 23.78
C THR B 1382 -55.72 16.90 24.15
N LEU B 1383 -56.80 16.15 24.37
CA LEU B 1383 -58.09 16.72 24.70
C LEU B 1383 -58.58 16.18 26.04
N PRO B 1384 -59.06 17.04 26.94
CA PRO B 1384 -59.62 16.58 28.23
C PRO B 1384 -61.11 16.30 28.14
N SER B 1385 -61.45 15.27 27.37
CA SER B 1385 -62.83 14.85 27.13
C SER B 1385 -63.68 15.98 26.55
N SER B 1386 -63.04 16.99 25.95
CA SER B 1386 -63.76 18.09 25.36
C SER B 1386 -64.58 17.61 24.16
N TYR B 1387 -65.90 17.73 24.27
CA TYR B 1387 -66.82 17.30 23.21
C TYR B 1387 -66.62 15.82 22.90
N HIS B 1388 -66.79 14.99 23.94
CA HIS B 1388 -66.59 13.55 23.81
C HIS B 1388 -67.57 12.94 22.83
N GLY B 1389 -68.73 13.57 22.65
CA GLY B 1389 -69.73 13.01 21.76
C GLY B 1389 -69.21 12.82 20.34
N ALA B 1390 -68.52 13.83 19.81
CA ALA B 1390 -67.93 13.73 18.49
C ALA B 1390 -66.91 14.84 18.32
N VAL B 1391 -66.03 14.65 17.35
CA VAL B 1391 -65.07 15.68 16.93
C VAL B 1391 -64.60 15.34 15.51
N CYS B 1392 -64.62 16.33 14.63
CA CYS B 1392 -64.17 16.10 13.26
C CYS B 1392 -62.65 16.27 13.18
N GLY B 1393 -61.98 15.23 12.72
CA GLY B 1393 -60.54 15.28 12.61
C GLY B 1393 -60.00 14.02 11.98
N LEU B 1394 -58.69 14.05 11.69
CA LEU B 1394 -58.04 12.90 11.07
C LEU B 1394 -57.80 11.78 12.09
N CYS B 1395 -57.81 12.12 13.37
CA CYS B 1395 -57.43 11.05 14.33
C CYS B 1395 -58.51 10.78 15.36
N GLY B 1396 -59.62 10.14 14.97
CA GLY B 1396 -60.63 9.71 15.96
C GLY B 1396 -61.77 10.67 16.19
N ASN B 1397 -62.91 10.15 16.65
CA ASN B 1397 -64.07 11.01 16.99
C ASN B 1397 -64.18 11.07 18.52
N MET B 1398 -63.21 10.49 19.23
CA MET B 1398 -63.19 10.50 20.72
C MET B 1398 -64.46 9.83 21.27
N ASP B 1399 -64.98 8.80 20.59
CA ASP B 1399 -66.18 8.09 21.07
C ASP B 1399 -65.77 6.85 21.86
N LYS B 1400 -64.46 6.60 21.98
CA LYS B 1400 -63.91 5.42 22.72
C LYS B 1400 -63.92 4.16 21.84
N ASN B 1401 -64.29 4.28 20.55
CA ASN B 1401 -64.20 3.11 19.63
C ASN B 1401 -63.24 3.40 18.50
N HIS B 1402 -62.16 2.62 18.38
CA HIS B 1402 -61.18 2.80 17.28
C HIS B 1402 -61.79 2.45 15.92
N GLN B 1403 -62.61 1.41 15.85
CA GLN B 1403 -63.16 0.93 14.55
C GLN B 1403 -64.03 2.01 13.90
N ASN B 1404 -64.83 2.75 14.68
CA ASN B 1404 -65.78 3.73 14.10
C ASN B 1404 -65.06 4.95 13.53
N ASP B 1405 -63.76 5.13 13.83
CA ASP B 1405 -63.04 6.35 13.39
C ASP B 1405 -62.99 6.46 11.86
N GLN B 1406 -62.77 5.35 11.14
CA GLN B 1406 -62.63 5.40 9.66
C GLN B 1406 -63.96 5.78 9.03
N VAL B 1407 -64.27 7.08 8.96
CA VAL B 1407 -65.56 7.58 8.46
C VAL B 1407 -65.33 8.88 7.71
N PHE B 1408 -66.05 9.07 6.61
CA PHE B 1408 -65.98 10.31 5.87
C PHE B 1408 -66.56 11.46 6.70
N PRO B 1409 -66.19 12.71 6.39
CA PRO B 1409 -66.87 13.85 7.03
C PRO B 1409 -68.36 13.86 6.78
N ASN B 1410 -68.79 13.33 5.63
CA ASN B 1410 -70.22 13.25 5.33
C ASN B 1410 -70.95 12.33 6.31
N GLY B 1411 -70.24 11.37 6.90
CA GLY B 1411 -70.83 10.44 7.85
C GLY B 1411 -70.79 8.98 7.44
N THR B 1412 -70.30 8.65 6.25
CA THR B 1412 -70.19 7.26 5.81
C THR B 1412 -68.76 6.77 5.99
N MET B 1413 -68.62 5.46 6.12
CA MET B 1413 -67.31 4.84 6.27
C MET B 1413 -66.58 4.81 4.93
N ALA B 1414 -65.28 4.53 4.99
CA ALA B 1414 -64.44 4.53 3.80
C ALA B 1414 -63.69 3.20 3.72
N PRO B 1415 -63.78 2.48 2.59
CA PRO B 1415 -63.02 1.24 2.47
C PRO B 1415 -61.54 1.45 2.32
N SER B 1416 -61.12 2.53 1.65
CA SER B 1416 -59.72 2.80 1.38
C SER B 1416 -59.24 3.95 2.25
N ILE B 1417 -58.11 3.76 2.92
CA ILE B 1417 -57.50 4.80 3.74
C ILE B 1417 -56.95 5.96 2.91
N PRO B 1418 -56.43 5.77 1.66
CA PRO B 1418 -55.98 6.93 0.90
C PRO B 1418 -57.06 7.97 0.66
N THR B 1419 -58.19 7.54 0.09
CA THR B 1419 -59.28 8.46 -0.18
C THR B 1419 -59.84 9.05 1.12
N TRP B 1420 -59.95 8.23 2.16
CA TRP B 1420 -60.45 8.72 3.43
C TRP B 1420 -59.56 9.81 4.00
N GLY B 1421 -58.24 9.62 3.94
CA GLY B 1421 -57.33 10.64 4.41
C GLY B 1421 -57.38 11.89 3.55
N GLY B 1422 -57.49 11.73 2.24
CA GLY B 1422 -57.59 12.88 1.36
C GLY B 1422 -58.90 13.62 1.44
N SER B 1423 -59.94 13.00 2.03
CA SER B 1423 -61.23 13.66 2.16
C SER B 1423 -61.25 14.69 3.28
N TRP B 1424 -60.22 14.70 4.13
CA TRP B 1424 -60.14 15.61 5.27
C TRP B 1424 -59.17 16.77 5.01
N GLN B 1425 -59.01 17.14 3.74
CA GLN B 1425 -58.07 18.18 3.39
C GLN B 1425 -58.65 19.56 3.71
N VAL B 1426 -57.76 20.53 3.86
CA VAL B 1426 -58.14 21.91 4.15
C VAL B 1426 -58.64 22.55 2.85
N PRO B 1427 -59.76 23.25 2.87
CA PRO B 1427 -60.23 23.92 1.64
C PRO B 1427 -59.25 24.98 1.15
N GLY B 1428 -58.83 24.86 -0.10
CA GLY B 1428 -57.89 25.79 -0.68
C GLY B 1428 -57.36 25.27 -1.99
N TRP B 1429 -56.64 26.15 -2.69
CA TRP B 1429 -56.01 25.78 -3.95
C TRP B 1429 -54.83 24.87 -3.70
N ASP B 1430 -54.81 23.71 -4.36
CA ASP B 1430 -53.80 22.70 -4.10
C ASP B 1430 -53.10 22.27 -5.38
N PRO B 1431 -52.15 23.05 -5.89
CA PRO B 1431 -51.37 22.61 -7.05
C PRO B 1431 -50.26 21.66 -6.64
N LEU B 1432 -50.14 20.58 -7.41
CA LEU B 1432 -49.11 19.56 -7.20
C LEU B 1432 -49.21 18.97 -5.80
N CYS B 1433 -50.42 18.63 -5.38
CA CYS B 1433 -50.65 17.90 -4.14
C CYS B 1433 -51.25 16.55 -4.50
N TRP B 1434 -50.47 15.49 -4.34
CA TRP B 1434 -50.93 14.13 -4.57
C TRP B 1434 -51.09 13.44 -3.22
N HIS B 1435 -52.27 12.87 -2.99
CA HIS B 1435 -52.50 12.14 -1.75
C HIS B 1435 -51.59 10.91 -1.67
N GLU B 1436 -51.40 10.21 -2.78
CA GLU B 1436 -50.49 9.08 -2.84
C GLU B 1436 -49.58 9.23 -4.06
N CYS B 1437 -48.51 8.45 -4.06
CA CYS B 1437 -47.52 8.50 -5.14
C CYS B 1437 -48.14 7.88 -6.39
N GLN B 1438 -48.69 8.75 -7.25
CA GLN B 1438 -49.32 8.27 -8.48
C GLN B 1438 -48.31 7.59 -9.39
N GLY B 1439 -47.10 8.14 -9.49
CA GLY B 1439 -46.07 7.51 -10.29
C GLY B 1439 -45.48 6.30 -9.59
N SER B 1440 -44.52 5.67 -10.26
CA SER B 1440 -43.86 4.50 -9.70
C SER B 1440 -43.11 4.87 -8.42
N CYS B 1441 -43.53 4.27 -7.31
CA CYS B 1441 -42.92 4.59 -5.99
C CYS B 1441 -41.77 3.62 -5.72
N PRO B 1442 -40.60 4.11 -5.23
CA PRO B 1442 -39.44 3.25 -5.00
C PRO B 1442 -39.52 2.45 -3.70
N THR B 1443 -40.31 1.37 -3.69
CA THR B 1443 -40.41 0.50 -2.49
C THR B 1443 -39.02 -0.04 -2.16
N CYS B 1444 -38.61 0.02 -0.88
CA CYS B 1444 -37.28 -0.41 -0.49
C CYS B 1444 -37.12 -1.92 -0.67
N PRO B 1445 -35.92 -2.39 -1.02
CA PRO B 1445 -35.73 -3.81 -1.28
C PRO B 1445 -35.87 -4.65 -0.01
N GLU B 1446 -36.30 -5.89 -0.20
CA GLU B 1446 -36.49 -6.82 0.92
C GLU B 1446 -35.19 -7.48 1.35
N ASP B 1447 -34.13 -7.40 0.55
CA ASP B 1447 -32.90 -8.09 0.89
C ASP B 1447 -32.11 -7.37 1.99
N ARG B 1448 -32.13 -6.04 1.99
CA ARG B 1448 -31.33 -5.27 2.93
C ARG B 1448 -32.05 -4.97 4.23
N VAL B 1449 -33.28 -5.47 4.41
CA VAL B 1449 -34.01 -5.22 5.65
C VAL B 1449 -33.28 -5.84 6.85
N GLU B 1450 -32.50 -6.89 6.61
CA GLU B 1450 -31.77 -7.53 7.71
C GLU B 1450 -30.75 -6.59 8.31
N GLU B 1451 -30.02 -5.85 7.47
CA GLU B 1451 -29.03 -4.90 7.97
C GLU B 1451 -29.69 -3.79 8.78
N TYR B 1452 -30.85 -3.30 8.30
CA TYR B 1452 -31.55 -2.24 9.00
C TYR B 1452 -32.23 -2.74 10.27
N GLU B 1453 -32.35 -4.06 10.43
CA GLU B 1453 -33.04 -4.62 11.59
C GLU B 1453 -32.08 -5.02 12.70
N GLY B 1454 -30.84 -5.35 12.37
CA GLY B 1454 -29.88 -5.81 13.36
C GLY B 1454 -29.38 -4.70 14.25
N PRO B 1455 -28.52 -5.05 15.20
CA PRO B 1455 -27.98 -4.03 16.12
C PRO B 1455 -27.23 -2.94 15.36
N GLY B 1456 -27.35 -1.71 15.87
CA GLY B 1456 -26.81 -0.55 15.23
C GLY B 1456 -27.80 0.19 14.34
N PHE B 1457 -28.95 -0.42 14.06
CA PHE B 1457 -30.01 0.21 13.29
C PHE B 1457 -31.34 -0.34 13.79
N CYS B 1458 -32.10 0.50 14.48
CA CYS B 1458 -33.37 0.11 15.08
C CYS B 1458 -33.20 -1.12 15.97
N GLY B 1459 -32.06 -1.18 16.64
CA GLY B 1459 -31.71 -2.32 17.45
C GLY B 1459 -32.43 -2.36 18.78
N PRO B 1460 -32.16 -1.38 19.65
CA PRO B 1460 -32.86 -1.36 20.95
C PRO B 1460 -34.37 -1.23 20.81
N LEU B 1461 -34.85 -0.67 19.70
CA LEU B 1461 -36.29 -0.57 19.49
C LEU B 1461 -36.95 -1.94 19.46
N ALA B 1462 -36.22 -2.98 19.06
CA ALA B 1462 -36.76 -4.31 19.08
C ALA B 1462 -37.05 -4.75 20.52
N PRO B 1463 -38.08 -5.55 20.74
CA PRO B 1463 -38.42 -5.97 22.09
C PRO B 1463 -37.40 -6.93 22.68
N GLY B 1464 -36.23 -6.42 23.03
CA GLY B 1464 -35.16 -7.21 23.62
C GLY B 1464 -34.97 -6.85 25.08
N THR B 1465 -34.76 -7.87 25.91
CA THR B 1465 -34.60 -7.65 27.34
C THR B 1465 -33.35 -6.82 27.64
N GLY B 1466 -32.25 -7.11 26.97
CA GLY B 1466 -31.00 -6.40 27.22
C GLY B 1466 -30.92 -5.02 26.64
N SER B 1467 -31.88 -4.63 25.81
CA SER B 1467 -31.86 -3.31 25.21
C SER B 1467 -32.12 -2.24 26.29
N PRO B 1468 -31.57 -1.05 26.11
CA PRO B 1468 -31.87 0.04 27.04
C PRO B 1468 -33.34 0.39 27.01
N PHE B 1469 -33.79 1.06 28.07
CA PHE B 1469 -35.20 1.35 28.34
C PHE B 1469 -36.09 0.16 27.97
N THR B 1470 -35.72 -1.00 28.53
CA THR B 1470 -36.51 -2.21 28.36
C THR B 1470 -37.77 -2.21 29.21
N SER B 1471 -37.83 -1.37 30.24
CA SER B 1471 -39.03 -1.26 31.05
C SER B 1471 -40.20 -0.71 30.24
N CYS B 1472 -39.93 0.22 29.32
CA CYS B 1472 -40.98 0.79 28.49
C CYS B 1472 -41.65 -0.24 27.61
N HIS B 1473 -41.03 -1.41 27.42
CA HIS B 1473 -41.66 -2.46 26.63
C HIS B 1473 -42.98 -2.89 27.24
N ALA B 1474 -43.05 -2.95 28.56
CA ALA B 1474 -44.31 -3.24 29.24
C ALA B 1474 -45.25 -2.04 29.22
N HIS B 1475 -44.71 -0.82 29.24
CA HIS B 1475 -45.54 0.37 29.28
C HIS B 1475 -46.26 0.58 27.94
N VAL B 1476 -45.54 0.49 26.83
CA VAL B 1476 -46.11 0.74 25.52
C VAL B 1476 -45.68 -0.37 24.56
N PRO B 1477 -46.61 -0.95 23.79
CA PRO B 1477 -46.23 -1.97 22.81
C PRO B 1477 -45.49 -1.34 21.65
N PRO B 1478 -44.20 -1.67 21.47
CA PRO B 1478 -43.38 -1.02 20.44
C PRO B 1478 -43.40 -1.69 19.07
N GLU B 1479 -44.29 -2.66 18.85
CA GLU B 1479 -44.31 -3.36 17.57
C GLU B 1479 -44.60 -2.40 16.42
N SER B 1480 -45.57 -1.50 16.61
CA SER B 1480 -45.84 -0.49 15.59
C SER B 1480 -44.65 0.43 15.38
N PHE B 1481 -43.97 0.80 16.47
CA PHE B 1481 -42.77 1.61 16.35
C PHE B 1481 -41.66 0.85 15.64
N PHE B 1482 -41.59 -0.47 15.84
CA PHE B 1482 -40.54 -1.26 15.20
C PHE B 1482 -40.70 -1.26 13.69
N LYS B 1483 -41.93 -1.43 13.21
CA LYS B 1483 -42.17 -1.42 11.77
C LYS B 1483 -41.82 -0.06 11.17
N GLY B 1484 -42.14 1.01 11.88
CA GLY B 1484 -41.88 2.34 11.36
C GLY B 1484 -40.40 2.63 11.19
N CYS B 1485 -39.59 2.20 12.15
CA CYS B 1485 -38.16 2.47 12.09
C CYS B 1485 -37.53 1.81 10.86
N VAL B 1486 -37.80 0.51 10.67
CA VAL B 1486 -37.22 -0.21 9.54
C VAL B 1486 -37.79 0.33 8.22
N LEU B 1487 -39.09 0.61 8.18
CA LEU B 1487 -39.67 1.14 6.95
C LEU B 1487 -39.07 2.49 6.58
N ASP B 1488 -38.82 3.35 7.58
CA ASP B 1488 -38.25 4.66 7.30
C ASP B 1488 -36.81 4.55 6.84
N VAL B 1489 -36.00 3.73 7.53
CA VAL B 1489 -34.59 3.67 7.16
C VAL B 1489 -34.39 2.96 5.83
N CYS B 1490 -35.16 1.91 5.55
CA CYS B 1490 -35.00 1.18 4.30
C CYS B 1490 -35.38 2.04 3.10
N LEU B 1491 -36.50 2.76 3.21
CA LEU B 1491 -36.87 3.69 2.16
C LEU B 1491 -35.88 4.83 2.04
N GLY B 1492 -35.39 5.33 3.18
CA GLY B 1492 -34.40 6.37 3.18
C GLY B 1492 -33.03 5.83 2.79
N GLY B 1493 -32.07 6.74 2.74
CA GLY B 1493 -30.73 6.38 2.31
C GLY B 1493 -29.91 5.63 3.35
N GLY B 1494 -30.42 5.51 4.56
CA GLY B 1494 -29.69 4.84 5.63
C GLY B 1494 -28.88 5.75 6.52
N SER B 1495 -29.09 7.06 6.44
CA SER B 1495 -28.38 7.98 7.31
C SER B 1495 -28.81 7.79 8.76
N LYS B 1496 -27.88 8.05 9.68
CA LYS B 1496 -28.15 7.84 11.10
C LYS B 1496 -29.09 8.89 11.68
N ASP B 1497 -29.32 9.99 10.97
CA ASP B 1497 -30.15 11.06 11.51
C ASP B 1497 -31.58 10.56 11.76
N ILE B 1498 -32.19 9.94 10.76
CA ILE B 1498 -33.54 9.40 10.94
C ILE B 1498 -33.56 8.33 12.00
N LEU B 1499 -32.44 7.59 12.15
CA LEU B 1499 -32.37 6.53 13.14
C LEU B 1499 -32.59 7.06 14.55
N CYS B 1500 -31.69 7.94 15.01
CA CYS B 1500 -31.85 8.47 16.35
C CYS B 1500 -33.02 9.43 16.48
N GLN B 1501 -33.49 10.01 15.37
CA GLN B 1501 -34.72 10.79 15.45
C GLN B 1501 -35.90 9.90 15.83
N ALA B 1502 -36.03 8.74 15.17
CA ALA B 1502 -37.08 7.81 15.54
C ALA B 1502 -36.88 7.27 16.95
N LEU B 1503 -35.63 6.97 17.32
CA LEU B 1503 -35.37 6.47 18.67
C LEU B 1503 -35.74 7.50 19.72
N ALA B 1504 -35.39 8.77 19.49
CA ALA B 1504 -35.72 9.82 20.44
C ALA B 1504 -37.23 9.99 20.53
N ALA B 1505 -37.93 9.88 19.40
CA ALA B 1505 -39.39 9.98 19.42
C ALA B 1505 -39.99 8.88 20.28
N TYR B 1506 -39.55 7.64 20.08
CA TYR B 1506 -40.06 6.54 20.89
C TYR B 1506 -39.71 6.73 22.35
N ALA B 1507 -38.48 7.16 22.64
CA ALA B 1507 -38.05 7.32 24.02
C ALA B 1507 -38.88 8.37 24.74
N ALA B 1508 -39.10 9.52 24.09
CA ALA B 1508 -39.91 10.57 24.72
C ALA B 1508 -41.36 10.14 24.87
N ALA B 1509 -41.91 9.45 23.85
CA ALA B 1509 -43.30 9.01 23.93
C ALA B 1509 -43.51 8.04 25.09
N CYS B 1510 -42.57 7.12 25.28
CA CYS B 1510 -42.68 6.16 26.38
C CYS B 1510 -42.26 6.74 27.72
N GLN B 1511 -41.44 7.79 27.72
CA GLN B 1511 -41.08 8.46 28.97
C GLN B 1511 -42.22 9.32 29.51
N ALA B 1512 -43.05 9.86 28.62
CA ALA B 1512 -44.18 10.67 29.07
C ALA B 1512 -45.13 9.90 29.97
N ALA B 1513 -45.12 8.56 29.90
CA ALA B 1513 -45.90 7.75 30.81
C ALA B 1513 -45.38 7.79 32.24
N GLY B 1514 -44.17 8.32 32.45
CA GLY B 1514 -43.62 8.46 33.79
C GLY B 1514 -42.60 7.41 34.19
N ILE B 1515 -42.22 6.53 33.28
CA ILE B 1515 -41.25 5.48 33.59
C ILE B 1515 -39.84 5.95 33.28
N LYS B 1516 -38.92 5.65 34.19
CA LYS B 1516 -37.54 6.09 34.07
C LYS B 1516 -36.87 5.46 32.84
N ILE B 1517 -35.96 6.23 32.24
CA ILE B 1517 -35.24 5.82 31.04
C ILE B 1517 -33.74 5.91 31.30
N GLU B 1518 -33.03 4.84 30.97
CA GLU B 1518 -31.58 4.82 31.08
C GLU B 1518 -30.93 5.41 29.83
N ASP B 1519 -29.63 5.65 29.92
CA ASP B 1519 -28.92 6.32 28.84
C ASP B 1519 -28.86 5.44 27.60
N TRP B 1520 -29.04 6.06 26.44
CA TRP B 1520 -28.99 5.36 25.16
C TRP B 1520 -28.17 6.03 24.09
N ARG B 1521 -27.93 7.35 24.18
CA ARG B 1521 -27.30 8.06 23.08
C ARG B 1521 -25.86 7.62 22.87
N THR B 1522 -25.12 7.40 23.96
CA THR B 1522 -23.70 7.05 23.83
C THR B 1522 -23.52 5.70 23.15
N GLN B 1523 -24.29 4.69 23.57
CA GLN B 1523 -24.13 3.36 22.99
C GLN B 1523 -24.60 3.34 21.53
N ALA B 1524 -25.64 4.11 21.21
CA ALA B 1524 -26.14 4.18 19.85
C ALA B 1524 -25.25 5.01 18.94
N GLY B 1525 -24.38 5.84 19.50
CA GLY B 1525 -23.47 6.64 18.70
C GLY B 1525 -23.99 7.99 18.25
N CYS B 1526 -25.26 8.29 18.51
CA CYS B 1526 -25.86 9.55 18.10
C CYS B 1526 -26.19 10.36 19.35
N GLU B 1527 -25.47 11.48 19.53
CA GLU B 1527 -25.63 12.34 20.69
C GLU B 1527 -25.94 13.76 20.24
N ILE B 1528 -26.29 14.60 21.20
CA ILE B 1528 -26.66 15.99 20.95
C ILE B 1528 -25.51 16.89 21.34
N THR B 1529 -25.07 17.75 20.42
CA THR B 1529 -24.05 18.76 20.71
C THR B 1529 -24.74 20.06 21.12
N CYS B 1530 -25.46 19.99 22.25
CA CYS B 1530 -26.23 21.16 22.77
C CYS B 1530 -25.30 22.34 23.03
N PRO B 1531 -25.73 23.60 22.81
CA PRO B 1531 -24.91 24.79 23.09
C PRO B 1531 -24.80 25.19 24.57
N ASP B 1532 -23.86 26.06 24.91
CA ASP B 1532 -23.69 26.57 26.30
C ASP B 1532 -23.37 25.43 27.27
N ASN B 1533 -24.07 25.37 28.41
CA ASN B 1533 -23.75 24.35 29.44
C ASN B 1533 -23.97 22.96 28.88
N SER B 1534 -25.03 22.75 28.10
CA SER B 1534 -25.23 21.44 27.43
C SER B 1534 -25.23 20.31 28.46
N HIS B 1535 -26.18 20.33 29.39
CA HIS B 1535 -26.25 19.23 30.41
C HIS B 1535 -27.31 18.24 29.91
N TYR B 1536 -26.88 17.19 29.21
CA TYR B 1536 -27.84 16.26 28.64
C TYR B 1536 -28.39 15.37 29.74
N GLU B 1537 -29.54 15.79 30.27
CA GLU B 1537 -30.19 15.04 31.34
C GLU B 1537 -31.24 14.05 30.86
N LEU B 1538 -31.13 12.81 31.35
CA LEU B 1538 -32.14 11.80 31.03
C LEU B 1538 -33.46 12.28 31.60
N CYS B 1539 -33.45 12.83 32.81
CA CYS B 1539 -34.59 13.52 33.38
C CYS B 1539 -34.22 14.98 33.59
N GLY B 1540 -34.98 15.87 32.97
CA GLY B 1540 -34.79 17.30 33.14
C GLY B 1540 -36.10 17.98 33.46
N PRO B 1541 -36.06 18.94 34.38
CA PRO B 1541 -37.29 19.63 34.78
C PRO B 1541 -37.90 20.36 33.59
N PRO B 1542 -39.14 20.05 33.24
CA PRO B 1542 -39.83 20.80 32.18
C PRO B 1542 -40.05 22.25 32.61
N CYS B 1543 -40.56 23.05 31.67
CA CYS B 1543 -40.75 24.49 31.80
C CYS B 1543 -39.60 25.12 32.58
N PRO B 1544 -38.37 25.07 32.06
CA PRO B 1544 -37.22 25.56 32.82
C PRO B 1544 -37.31 27.06 33.05
N ALA B 1545 -36.48 27.54 33.98
CA ALA B 1545 -36.52 28.92 34.41
C ALA B 1545 -36.27 29.85 33.22
N SER B 1546 -37.14 30.83 33.05
CA SER B 1546 -37.05 31.85 32.02
C SER B 1546 -37.13 33.23 32.67
N CYS B 1547 -37.23 34.25 31.85
CA CYS B 1547 -37.29 35.62 32.36
C CYS B 1547 -38.65 36.23 32.05
N PRO B 1548 -39.55 36.32 33.04
CA PRO B 1548 -40.87 36.91 32.80
C PRO B 1548 -40.76 38.41 32.59
N PRO B 1549 -41.27 38.92 31.48
CA PRO B 1549 -41.13 40.35 31.18
C PRO B 1549 -41.75 41.24 32.25
N PRO B 1550 -43.01 41.04 32.64
CA PRO B 1550 -43.54 41.83 33.77
C PRO B 1550 -43.50 41.11 35.11
N ALA B 1551 -43.04 39.86 35.16
CA ALA B 1551 -42.92 39.09 36.39
C ALA B 1551 -44.25 38.99 37.13
N ARG B 1552 -45.31 38.68 36.38
CA ARG B 1552 -46.63 38.42 36.99
C ARG B 1552 -47.41 37.52 36.03
N HIS B 1553 -47.46 36.23 36.35
CA HIS B 1553 -48.13 35.24 35.51
C HIS B 1553 -48.61 34.07 36.35
N THR B 1554 -49.54 33.31 35.78
CA THR B 1554 -50.04 32.10 36.42
C THR B 1554 -49.21 30.89 36.00
N ALA B 1555 -49.36 29.80 36.74
CA ALA B 1555 -48.60 28.59 36.47
C ALA B 1555 -49.34 27.71 35.47
N PRO B 1556 -48.74 27.40 34.32
CA PRO B 1556 -49.40 26.48 33.37
C PRO B 1556 -49.55 25.09 33.96
N THR B 1557 -50.62 24.42 33.56
CA THR B 1557 -50.89 23.07 34.05
C THR B 1557 -49.80 22.09 33.61
N VAL B 1558 -49.34 22.20 32.37
CA VAL B 1558 -48.34 21.29 31.86
C VAL B 1558 -47.01 21.49 32.57
N CYS B 1559 -46.79 22.66 33.15
CA CYS B 1559 -45.54 22.94 33.85
C CYS B 1559 -45.36 22.04 35.06
N ASP B 1560 -46.45 21.47 35.59
CA ASP B 1560 -46.39 20.52 36.70
C ASP B 1560 -46.75 19.14 36.15
N GLY B 1561 -45.77 18.24 36.13
CA GLY B 1561 -45.99 16.92 35.59
C GLY B 1561 -44.73 16.09 35.53
N PRO B 1562 -44.75 15.03 34.69
CA PRO B 1562 -43.59 14.13 34.60
C PRO B 1562 -42.35 14.78 34.04
N CYS B 1563 -41.26 14.02 33.97
CA CYS B 1563 -39.97 14.54 33.53
C CYS B 1563 -39.77 14.31 32.04
N VAL B 1564 -38.81 15.04 31.47
CA VAL B 1564 -38.53 14.98 30.04
C VAL B 1564 -37.03 14.88 29.82
N GLU B 1565 -36.64 14.02 28.88
CA GLU B 1565 -35.24 13.91 28.48
C GLU B 1565 -34.81 15.12 27.68
N GLY B 1566 -33.55 15.51 27.82
CA GLY B 1566 -33.00 16.54 26.95
C GLY B 1566 -31.87 17.26 27.64
N CYS B 1567 -31.37 18.31 26.97
CA CYS B 1567 -30.28 19.11 27.48
C CYS B 1567 -30.80 20.40 28.10
N GLN B 1568 -30.22 20.77 29.22
CA GLN B 1568 -30.53 22.03 29.90
C GLN B 1568 -29.23 22.77 30.19
N CYS B 1569 -29.22 24.07 29.92
CA CYS B 1569 -28.12 24.94 30.31
C CYS B 1569 -28.56 26.01 31.30
N ASP B 1570 -29.63 25.74 32.05
CA ASP B 1570 -30.14 26.73 32.99
C ASP B 1570 -29.15 27.00 34.12
N GLU B 1571 -28.26 26.05 34.38
CA GLU B 1571 -27.20 26.29 35.37
C GLU B 1571 -26.28 27.41 34.87
N GLY B 1572 -25.98 28.35 35.75
CA GLY B 1572 -25.25 29.53 35.33
C GLY B 1572 -26.16 30.48 34.58
N PHE B 1573 -26.05 30.47 33.26
CA PHE B 1573 -26.94 31.28 32.43
C PHE B 1573 -28.37 30.77 32.52
N VAL B 1574 -29.33 31.70 32.67
CA VAL B 1574 -30.72 31.31 32.69
C VAL B 1574 -31.20 31.03 31.26
N LEU B 1575 -32.09 30.04 31.13
CA LEU B 1575 -32.63 29.67 29.82
C LEU B 1575 -33.75 30.63 29.49
N SER B 1576 -33.41 31.68 28.74
CA SER B 1576 -34.37 32.69 28.33
C SER B 1576 -34.05 33.15 26.91
N ALA B 1577 -35.06 33.72 26.25
CA ALA B 1577 -34.93 34.22 24.89
C ALA B 1577 -34.53 33.13 23.91
N ASP B 1578 -35.15 31.95 24.01
CA ASP B 1578 -34.95 30.82 23.12
C ASP B 1578 -33.49 30.34 23.11
N GLN B 1579 -32.75 30.64 24.17
CA GLN B 1579 -31.37 30.19 24.32
C GLN B 1579 -31.01 30.31 25.79
N CYS B 1580 -29.72 30.19 26.09
CA CYS B 1580 -29.23 30.39 27.44
C CYS B 1580 -28.53 31.74 27.57
N VAL B 1581 -29.11 32.61 28.39
CA VAL B 1581 -28.64 33.97 28.58
C VAL B 1581 -28.16 34.29 29.98
N PRO B 1582 -27.16 35.16 30.15
CA PRO B 1582 -26.73 35.52 31.50
C PRO B 1582 -27.92 36.23 32.12
N LEU B 1583 -28.00 36.15 33.45
CA LEU B 1583 -29.15 36.67 34.19
C LEU B 1583 -29.41 38.14 33.87
N ASP B 1584 -28.37 38.90 33.58
CA ASP B 1584 -28.53 40.31 33.19
C ASP B 1584 -28.65 40.44 31.66
N GLY B 1585 -29.59 39.68 31.09
CA GLY B 1585 -29.81 39.69 29.66
C GLY B 1585 -30.86 40.71 29.25
N GLY B 1586 -31.25 40.63 27.97
CA GLY B 1586 -32.31 41.50 27.48
C GLY B 1586 -33.62 41.29 28.20
N CYS B 1587 -33.99 40.03 28.41
CA CYS B 1587 -35.19 39.67 29.17
C CYS B 1587 -36.45 40.31 28.58
N GLY B 1588 -36.46 40.47 27.26
CA GLY B 1588 -37.59 41.06 26.58
C GLY B 1588 -37.62 42.57 26.72
N CYS B 1589 -38.60 43.17 26.04
CA CYS B 1589 -38.86 44.60 26.18
C CYS B 1589 -40.01 44.90 27.13
N TRP B 1590 -40.77 43.88 27.54
CA TRP B 1590 -41.88 43.99 28.49
C TRP B 1590 -42.71 45.27 28.42
N VAL B 1591 -43.08 45.65 27.21
CA VAL B 1591 -44.09 46.71 27.01
C VAL B 1591 -45.36 45.99 26.60
N ASN B 1592 -46.44 46.23 27.34
CA ASN B 1592 -47.69 45.46 27.21
C ASN B 1592 -47.60 43.96 27.43
N GLY B 1593 -46.54 43.50 28.10
CA GLY B 1593 -46.31 42.09 28.33
C GLY B 1593 -45.64 41.34 27.21
N THR B 1594 -45.41 41.99 26.06
CA THR B 1594 -44.77 41.33 24.94
C THR B 1594 -43.26 41.22 25.20
N TYR B 1595 -42.68 40.12 24.72
CA TYR B 1595 -41.28 39.80 25.02
C TYR B 1595 -40.43 40.07 23.77
N TYR B 1596 -39.67 41.16 23.79
CA TYR B 1596 -38.74 41.51 22.71
C TYR B 1596 -37.34 41.44 23.30
N GLU B 1597 -36.71 40.27 23.22
CA GLU B 1597 -35.38 40.10 23.77
C GLU B 1597 -34.36 40.91 22.96
N ALA B 1598 -33.38 41.47 23.67
CA ALA B 1598 -32.31 42.25 23.06
C ALA B 1598 -32.86 43.36 22.18
N GLY B 1599 -32.18 43.65 21.08
CA GLY B 1599 -32.64 44.63 20.12
C GLY B 1599 -32.74 44.07 18.72
N THR B 1600 -33.94 44.07 18.15
CA THR B 1600 -34.18 43.53 16.82
C THR B 1600 -34.61 44.61 15.82
N GLU B 1601 -34.66 45.87 16.25
CA GLU B 1601 -35.07 46.98 15.39
C GLU B 1601 -36.44 46.70 14.75
N PHE B 1602 -37.35 46.21 15.58
CA PHE B 1602 -38.67 45.79 15.12
C PHE B 1602 -39.60 47.00 15.03
N TRP B 1603 -40.23 47.16 13.87
CA TRP B 1603 -41.21 48.23 13.69
C TRP B 1603 -42.44 47.91 14.53
N ALA B 1604 -42.75 48.79 15.49
CA ALA B 1604 -43.87 48.56 16.38
C ALA B 1604 -45.18 48.54 15.62
N ASP B 1605 -45.54 49.66 15.01
CA ASP B 1605 -46.79 49.74 14.26
C ASP B 1605 -46.72 48.87 13.00
N THR B 1606 -47.88 48.41 12.56
CA THR B 1606 -47.98 47.65 11.33
C THR B 1606 -47.73 48.50 10.09
N THR B 1607 -47.81 49.82 10.21
CA THR B 1607 -47.60 50.72 9.09
C THR B 1607 -46.15 51.07 8.86
N CYS B 1608 -45.23 50.55 9.68
CA CYS B 1608 -43.79 50.66 9.50
C CYS B 1608 -43.25 52.08 9.65
N SER B 1609 -44.10 53.02 10.04
CA SER B 1609 -43.70 54.42 10.12
C SER B 1609 -42.74 54.71 11.28
N LYS B 1610 -42.53 53.76 12.18
CA LYS B 1610 -41.73 54.01 13.37
C LYS B 1610 -40.77 52.84 13.59
N ARG B 1611 -39.47 53.16 13.72
CA ARG B 1611 -38.48 52.11 13.90
C ARG B 1611 -38.61 51.45 15.28
N CYS B 1612 -38.42 52.24 16.34
CA CYS B 1612 -38.62 51.80 17.72
C CYS B 1612 -37.79 50.55 18.05
N HIS B 1613 -36.47 50.70 17.97
CA HIS B 1613 -35.57 49.67 18.44
C HIS B 1613 -35.50 49.71 19.97
N CYS B 1614 -35.85 48.60 20.61
CA CYS B 1614 -35.89 48.53 22.08
C CYS B 1614 -34.50 48.14 22.57
N GLY B 1615 -33.76 49.14 23.06
CA GLY B 1615 -32.45 48.91 23.62
C GLY B 1615 -32.52 48.48 25.07
N PRO B 1616 -31.98 47.30 25.38
CA PRO B 1616 -32.05 46.80 26.76
C PRO B 1616 -31.31 47.67 27.76
N GLY B 1617 -30.35 48.48 27.33
CA GLY B 1617 -29.60 49.30 28.27
C GLY B 1617 -30.47 50.32 28.98
N GLY B 1618 -31.33 50.99 28.22
CA GLY B 1618 -32.21 52.00 28.79
C GLY B 1618 -33.66 51.61 28.81
N ASP B 1619 -33.98 50.44 28.26
CA ASP B 1619 -35.36 49.95 28.17
C ASP B 1619 -36.26 50.96 27.46
N SER B 1620 -35.72 51.62 26.44
CA SER B 1620 -36.43 52.67 25.72
C SER B 1620 -36.50 52.47 24.21
N LEU B 1621 -37.47 53.14 23.58
CA LEU B 1621 -37.62 53.06 22.14
C LEU B 1621 -36.83 54.09 21.33
N VAL B 1622 -35.79 53.63 20.64
CA VAL B 1622 -35.06 54.45 19.68
C VAL B 1622 -35.89 54.40 18.41
N CYS B 1623 -36.75 55.40 18.24
CA CYS B 1623 -37.80 55.37 17.22
C CYS B 1623 -37.62 56.53 16.25
N LYS B 1624 -37.75 56.25 14.96
CA LYS B 1624 -37.62 57.27 13.93
C LYS B 1624 -38.91 57.33 13.12
N PRO B 1625 -39.52 58.50 12.95
CA PRO B 1625 -40.78 58.58 12.20
C PRO B 1625 -40.60 58.50 10.69
N ALA B 1626 -39.37 58.28 10.24
CA ALA B 1626 -39.07 58.24 8.82
C ALA B 1626 -39.35 56.86 8.25
N SER B 1627 -39.05 56.67 6.97
CA SER B 1627 -39.23 55.39 6.30
C SER B 1627 -38.14 55.25 5.25
N CYS B 1628 -38.13 54.10 4.57
CA CYS B 1628 -37.13 53.88 3.52
C CYS B 1628 -37.33 54.85 2.36
N GLY B 1629 -38.58 55.11 1.98
CA GLY B 1629 -38.84 55.95 0.83
C GLY B 1629 -38.27 55.33 -0.43
N LEU B 1630 -37.66 56.17 -1.26
CA LEU B 1630 -36.88 55.73 -2.43
C LEU B 1630 -37.68 54.81 -3.35
N GLY B 1631 -39.00 54.89 -3.32
CA GLY B 1631 -39.83 54.04 -4.14
C GLY B 1631 -40.19 52.69 -3.56
N GLU B 1632 -39.70 52.36 -2.36
CA GLU B 1632 -40.05 51.12 -1.70
C GLU B 1632 -40.88 51.43 -0.45
N GLU B 1633 -41.86 50.58 -0.17
CA GLU B 1633 -42.75 50.74 0.96
C GLU B 1633 -42.75 49.45 1.78
N CYS B 1634 -43.11 49.57 3.05
CA CYS B 1634 -43.07 48.40 3.92
C CYS B 1634 -44.30 47.53 3.72
N ALA B 1635 -44.14 46.26 4.07
CA ALA B 1635 -45.23 45.29 4.01
C ALA B 1635 -44.87 44.12 4.91
N LEU B 1636 -45.81 43.19 5.04
CA LEU B 1636 -45.61 42.00 5.86
C LEU B 1636 -44.78 41.00 5.09
N LEU B 1637 -43.52 40.83 5.47
CA LEU B 1637 -42.64 39.87 4.82
C LEU B 1637 -43.06 38.45 5.15
N PRO B 1638 -42.71 37.49 4.28
CA PRO B 1638 -43.08 36.09 4.55
C PRO B 1638 -42.51 35.56 5.85
N SER B 1639 -41.33 36.03 6.27
CA SER B 1639 -40.74 35.56 7.52
C SER B 1639 -41.59 35.96 8.72
N GLY B 1640 -42.37 37.02 8.60
CA GLY B 1640 -43.22 37.51 9.67
C GLY B 1640 -42.91 38.92 10.13
N GLU B 1641 -41.65 39.33 10.06
CA GLU B 1641 -41.29 40.70 10.45
C GLU B 1641 -41.56 41.64 9.27
N ILE B 1642 -42.41 42.64 9.50
CA ILE B 1642 -42.70 43.61 8.45
C ILE B 1642 -41.45 44.44 8.17
N GLY B 1643 -41.35 44.93 6.95
CA GLY B 1643 -40.19 45.72 6.56
C GLY B 1643 -40.34 46.26 5.16
N CYS B 1644 -39.36 47.08 4.77
CA CYS B 1644 -39.40 47.74 3.48
C CYS B 1644 -39.30 46.72 2.35
N GLN B 1645 -39.89 47.06 1.21
CA GLN B 1645 -39.94 46.18 0.05
C GLN B 1645 -40.19 47.03 -1.18
N PRO B 1646 -39.50 46.78 -2.29
CA PRO B 1646 -39.73 47.57 -3.50
C PRO B 1646 -41.15 47.39 -4.03
N THR B 1647 -41.68 48.45 -4.63
CA THR B 1647 -43.06 48.41 -5.12
C THR B 1647 -43.15 47.63 -6.43
N SER B 1648 -42.34 47.98 -7.42
CA SER B 1648 -42.40 47.35 -8.73
C SER B 1648 -41.02 46.84 -9.14
N ILE B 1649 -41.01 45.81 -9.97
CA ILE B 1649 -39.81 45.18 -10.45
C ILE B 1649 -39.79 45.24 -11.97
N THR B 1650 -38.68 45.74 -12.53
CA THR B 1650 -38.49 45.80 -13.97
C THR B 1650 -37.49 44.73 -14.41
N GLU B 1651 -37.66 44.27 -15.64
CA GLU B 1651 -36.87 43.16 -16.16
C GLU B 1651 -36.19 43.56 -17.46
N CYS B 1652 -34.89 43.32 -17.55
CA CYS B 1652 -34.12 43.48 -18.77
C CYS B 1652 -33.59 42.12 -19.20
N GLN B 1653 -33.84 41.75 -20.45
CA GLN B 1653 -33.43 40.46 -20.97
C GLN B 1653 -32.53 40.63 -22.19
N ALA B 1654 -31.49 39.81 -22.26
CA ALA B 1654 -30.59 39.77 -23.40
C ALA B 1654 -30.90 38.50 -24.19
N TRP B 1655 -31.31 38.67 -25.43
CA TRP B 1655 -31.78 37.55 -26.24
C TRP B 1655 -30.61 36.66 -26.65
N GLY B 1656 -30.93 35.61 -27.41
CA GLY B 1656 -29.93 34.79 -28.04
C GLY B 1656 -29.95 34.99 -29.55
N ASP B 1657 -28.78 35.04 -30.16
CA ASP B 1657 -28.70 35.29 -31.60
C ASP B 1657 -29.22 34.10 -32.39
N PRO B 1658 -25.97 40.37 -29.28
CA PRO B 1658 -27.22 39.87 -29.90
C PRO B 1658 -28.34 40.88 -29.78
N HIS B 1659 -29.59 40.40 -29.74
CA HIS B 1659 -30.75 41.27 -29.61
C HIS B 1659 -30.89 41.69 -28.15
N TYR B 1660 -30.79 42.99 -27.90
CA TYR B 1660 -30.91 43.53 -26.56
C TYR B 1660 -32.12 44.44 -26.48
N THR B 1661 -32.93 44.24 -25.45
CA THR B 1661 -34.01 45.14 -25.11
C THR B 1661 -33.61 46.00 -23.91
N THR B 1662 -34.25 47.15 -23.78
CA THR B 1662 -33.98 48.06 -22.69
C THR B 1662 -35.05 47.95 -21.61
N LEU B 1663 -34.74 48.47 -20.42
CA LEU B 1663 -35.71 48.41 -19.30
C LEU B 1663 -36.93 49.25 -19.66
N ASP B 1664 -36.70 50.43 -20.25
CA ASP B 1664 -37.82 51.32 -20.67
C ASP B 1664 -38.66 50.61 -21.72
N GLY B 1665 -38.02 49.90 -22.64
CA GLY B 1665 -38.74 49.14 -23.68
C GLY B 1665 -38.27 49.51 -25.07
N HIS B 1666 -36.96 49.47 -25.32
CA HIS B 1666 -36.41 49.74 -26.64
C HIS B 1666 -35.67 48.51 -27.14
N ARG B 1667 -35.96 48.09 -28.36
CA ARG B 1667 -35.37 46.90 -28.96
C ARG B 1667 -34.31 47.31 -29.96
N PHE B 1668 -33.10 46.77 -29.80
CA PHE B 1668 -32.03 46.97 -30.76
C PHE B 1668 -31.22 45.68 -30.85
N ASP B 1669 -30.35 45.62 -31.87
CA ASP B 1669 -29.59 44.41 -32.14
C ASP B 1669 -28.24 44.79 -32.72
N PHE B 1670 -27.16 44.24 -32.15
CA PHE B 1670 -25.82 44.46 -32.66
C PHE B 1670 -25.01 43.17 -32.57
N GLN B 1671 -23.83 43.20 -33.16
CA GLN B 1671 -22.89 42.10 -33.12
C GLN B 1671 -21.53 42.58 -32.64
N GLY B 1672 -20.88 41.76 -31.82
CA GLY B 1672 -19.56 42.10 -31.31
C GLY B 1672 -19.01 40.94 -30.49
N THR B 1673 -17.75 41.08 -30.09
CA THR B 1673 -17.10 40.03 -29.31
C THR B 1673 -16.34 40.55 -28.11
N CYS B 1674 -16.08 41.85 -28.00
CA CYS B 1674 -15.38 42.37 -26.85
C CYS B 1674 -16.27 42.37 -25.62
N GLU B 1675 -15.68 42.09 -24.47
CA GLU B 1675 -16.45 42.05 -23.23
C GLU B 1675 -16.95 43.45 -22.87
N TYR B 1676 -18.22 43.54 -22.48
CA TYR B 1676 -18.88 44.80 -22.21
C TYR B 1676 -19.46 44.78 -20.80
N LEU B 1677 -19.93 45.94 -20.35
CA LEU B 1677 -20.61 46.06 -19.07
C LEU B 1677 -22.12 45.91 -19.24
N LEU B 1678 -22.83 45.86 -18.13
CA LEU B 1678 -24.27 45.71 -18.16
C LEU B 1678 -24.88 46.19 -16.86
N SER B 1679 -25.78 47.16 -16.94
CA SER B 1679 -26.51 47.68 -15.78
C SER B 1679 -25.55 48.20 -14.71
N ALA B 1680 -24.69 49.12 -15.09
CA ALA B 1680 -23.75 49.69 -14.13
C ALA B 1680 -24.33 50.97 -13.53
N PRO B 1681 -24.47 51.03 -12.20
CA PRO B 1681 -24.86 52.31 -11.58
C PRO B 1681 -23.81 53.37 -11.85
N CYS B 1682 -24.28 54.57 -12.17
CA CYS B 1682 -23.36 55.67 -12.49
C CYS B 1682 -22.50 56.03 -11.29
N HIS B 1683 -23.10 56.09 -10.11
CA HIS B 1683 -22.40 56.38 -8.87
C HIS B 1683 -22.92 55.46 -7.78
N GLU B 1684 -22.15 55.31 -6.70
CA GLU B 1684 -22.60 54.53 -5.56
C GLU B 1684 -23.85 55.18 -4.98
N PRO B 1685 -24.92 54.43 -4.77
CA PRO B 1685 -26.16 55.01 -4.24
C PRO B 1685 -25.91 55.60 -2.86
N PRO B 1686 -26.15 56.90 -2.68
CA PRO B 1686 -25.79 57.56 -1.41
C PRO B 1686 -26.51 57.00 -0.21
N THR B 1687 -27.76 56.54 -0.36
CA THR B 1687 -28.61 56.20 0.78
C THR B 1687 -28.83 54.68 0.84
N GLY B 1688 -27.91 53.99 1.51
CA GLY B 1688 -28.12 52.60 1.87
C GLY B 1688 -28.37 51.65 0.74
N THR B 1689 -27.59 51.73 -0.33
CA THR B 1689 -27.72 50.81 -1.45
C THR B 1689 -26.36 50.65 -2.12
N GLU B 1690 -26.08 49.43 -2.56
CA GLU B 1690 -24.77 49.06 -3.06
C GLU B 1690 -24.76 48.96 -4.59
N TYR B 1691 -23.55 48.86 -5.14
CA TYR B 1691 -23.38 48.72 -6.57
C TYR B 1691 -23.77 47.31 -7.02
N PHE B 1692 -24.24 47.21 -8.26
CA PHE B 1692 -24.74 45.95 -8.81
C PHE B 1692 -24.34 45.81 -10.27
N ASN B 1693 -23.19 46.34 -10.65
CA ASN B 1693 -22.82 46.36 -12.06
C ASN B 1693 -22.45 44.96 -12.54
N VAL B 1694 -22.85 44.64 -13.76
CA VAL B 1694 -22.65 43.32 -14.35
C VAL B 1694 -21.86 43.47 -15.64
N THR B 1695 -21.10 42.44 -15.98
CA THR B 1695 -20.32 42.41 -17.22
C THR B 1695 -20.73 41.20 -18.04
N VAL B 1696 -20.70 41.36 -19.37
CA VAL B 1696 -21.08 40.30 -20.29
C VAL B 1696 -20.02 40.24 -21.39
N ALA B 1697 -19.58 39.02 -21.72
CA ALA B 1697 -18.65 38.78 -22.80
C ALA B 1697 -19.39 38.15 -23.98
N ASN B 1698 -18.83 38.27 -25.17
CA ASN B 1698 -19.43 37.74 -26.38
C ASN B 1698 -18.43 36.90 -27.16
N GLU B 1699 -18.93 35.89 -27.87
CA GLU B 1699 -18.11 34.88 -28.50
C GLU B 1699 -18.66 34.52 -29.86
N HIS B 1700 -17.76 34.10 -30.75
CA HIS B 1700 -18.13 33.68 -32.11
C HIS B 1700 -18.33 32.17 -32.14
N ARG B 1701 -19.52 31.73 -32.54
CA ARG B 1701 -19.81 30.32 -32.76
C ARG B 1701 -20.42 30.17 -34.15
N GLY B 1702 -19.95 29.18 -34.89
CA GLY B 1702 -20.47 28.96 -36.23
C GLY B 1702 -19.99 30.03 -37.18
N SER B 1703 -20.91 30.58 -37.95
CA SER B 1703 -20.56 31.60 -38.94
C SER B 1703 -20.24 32.92 -38.26
N GLN B 1704 -19.67 33.84 -39.03
CA GLN B 1704 -19.32 35.15 -38.53
C GLN B 1704 -20.58 36.03 -38.43
N ALA B 1705 -20.38 37.25 -37.92
CA ALA B 1705 -21.47 38.18 -37.66
C ALA B 1705 -22.52 37.59 -36.73
N VAL B 1706 -22.10 36.65 -35.88
CA VAL B 1706 -22.96 35.98 -34.92
C VAL B 1706 -22.24 36.02 -33.57
N SER B 1707 -22.90 36.57 -32.56
CA SER B 1707 -22.32 36.67 -31.22
C SER B 1707 -23.22 35.95 -30.23
N TYR B 1708 -22.62 35.15 -29.37
CA TYR B 1708 -23.33 34.49 -28.27
C TYR B 1708 -22.77 34.98 -26.94
N THR B 1709 -23.64 35.01 -25.93
CA THR B 1709 -23.22 35.44 -24.60
C THR B 1709 -22.30 34.40 -23.99
N ARG B 1710 -21.05 34.79 -23.73
CA ARG B 1710 -20.07 33.88 -23.17
C ARG B 1710 -20.32 33.64 -21.68
N SER B 1711 -20.31 34.72 -20.89
CA SER B 1711 -20.49 34.60 -19.44
C SER B 1711 -20.96 35.93 -18.89
N VAL B 1712 -21.47 35.88 -17.65
CA VAL B 1712 -21.90 37.06 -16.93
C VAL B 1712 -21.27 37.04 -15.54
N THR B 1713 -20.63 38.15 -15.17
CA THR B 1713 -19.97 38.29 -13.88
C THR B 1713 -20.66 39.40 -13.10
N LEU B 1714 -21.05 39.12 -11.87
CA LEU B 1714 -21.75 40.05 -11.01
C LEU B 1714 -20.92 40.34 -9.78
N GLN B 1715 -20.72 41.64 -9.47
CA GLN B 1715 -20.05 42.08 -8.27
C GLN B 1715 -21.07 42.80 -7.38
N ILE B 1716 -21.35 42.23 -6.22
CA ILE B 1716 -22.30 42.80 -5.27
C ILE B 1716 -21.79 42.54 -3.86
N TYR B 1717 -21.91 43.55 -3.01
CA TYR B 1717 -21.52 43.45 -1.59
C TYR B 1717 -20.08 42.99 -1.44
N GLY B 1718 -19.20 43.46 -2.32
CA GLY B 1718 -17.81 43.12 -2.25
C GLY B 1718 -17.46 41.71 -2.71
N LEU B 1719 -18.41 40.98 -3.28
CA LEU B 1719 -18.18 39.62 -3.74
C LEU B 1719 -18.49 39.52 -5.22
N SER B 1720 -17.64 38.81 -5.96
CA SER B 1720 -17.76 38.66 -7.40
C SER B 1720 -17.97 37.20 -7.75
N LEU B 1721 -19.05 36.91 -8.48
CA LEU B 1721 -19.33 35.55 -8.91
C LEU B 1721 -19.79 35.58 -10.36
N THR B 1722 -19.46 34.52 -11.09
CA THR B 1722 -19.69 34.48 -12.52
C THR B 1722 -20.40 33.18 -12.92
N LEU B 1723 -21.13 33.26 -14.03
CA LEU B 1723 -21.81 32.12 -14.62
C LEU B 1723 -21.52 32.10 -16.12
N SER B 1724 -21.11 30.94 -16.62
CA SER B 1724 -20.69 30.82 -18.01
C SER B 1724 -21.37 29.62 -18.65
N ALA B 1725 -21.49 29.68 -19.98
CA ALA B 1725 -22.12 28.59 -20.71
C ALA B 1725 -21.15 27.42 -20.92
N GLN B 1726 -19.85 27.67 -20.78
CA GLN B 1726 -18.87 26.62 -21.00
C GLN B 1726 -19.00 25.50 -19.97
N TRP B 1727 -19.24 25.86 -18.71
CA TRP B 1727 -19.60 24.87 -17.70
C TRP B 1727 -21.06 25.09 -17.30
N PRO B 1728 -21.95 24.18 -17.65
CA PRO B 1728 -23.36 24.34 -17.29
C PRO B 1728 -23.65 23.81 -15.90
N ARG B 1729 -24.58 24.48 -15.22
CA ARG B 1729 -25.09 24.04 -13.91
C ARG B 1729 -23.96 23.91 -12.89
N LYS B 1730 -23.00 24.84 -12.96
CA LYS B 1730 -21.93 24.92 -11.97
C LYS B 1730 -21.74 26.38 -11.61
N LEU B 1731 -21.25 26.61 -10.40
CA LEU B 1731 -21.10 27.96 -9.85
C LEU B 1731 -19.64 28.29 -9.61
N GLN B 1732 -19.24 29.46 -10.07
CA GLN B 1732 -17.89 29.99 -9.88
C GLN B 1732 -17.97 31.31 -9.14
N VAL B 1733 -17.18 31.44 -8.07
CA VAL B 1733 -17.15 32.65 -7.27
C VAL B 1733 -15.69 33.02 -7.01
N ASN B 1734 -15.35 34.28 -7.30
CA ASN B 1734 -14.03 34.84 -7.02
C ASN B 1734 -12.90 33.97 -7.58
N GLY B 1735 -13.18 33.29 -8.69
CA GLY B 1735 -12.18 32.50 -9.36
C GLY B 1735 -12.08 31.04 -8.94
N GLU B 1736 -12.94 30.58 -8.03
CA GLU B 1736 -12.94 29.18 -7.61
C GLU B 1736 -14.33 28.59 -7.73
N PHE B 1737 -14.41 27.32 -8.10
CA PHE B 1737 -15.68 26.63 -8.23
C PHE B 1737 -16.22 26.22 -6.86
N VAL B 1738 -17.52 26.35 -6.67
CA VAL B 1738 -18.18 25.91 -5.46
C VAL B 1738 -19.45 25.16 -5.84
N ALA B 1739 -19.97 24.40 -4.89
CA ALA B 1739 -21.22 23.68 -5.11
C ALA B 1739 -22.35 24.69 -5.20
N LEU B 1740 -23.42 24.31 -5.91
CA LEU B 1740 -24.51 25.24 -6.19
C LEU B 1740 -25.26 25.73 -4.95
N PRO B 1741 -25.66 24.88 -3.99
CA PRO B 1741 -26.45 25.41 -2.86
C PRO B 1741 -25.60 26.29 -1.96
N PHE B 1742 -25.17 27.43 -2.49
CA PHE B 1742 -24.33 28.37 -1.76
C PHE B 1742 -25.16 29.49 -1.14
N HIS B 1743 -25.27 29.48 0.19
CA HIS B 1743 -25.95 30.53 0.93
C HIS B 1743 -25.14 31.48 1.77
N LEU B 1744 -25.24 32.78 1.49
CA LEU B 1744 -24.64 33.78 2.34
C LEU B 1744 -25.72 34.26 3.32
N ASP B 1745 -25.32 35.05 4.32
CA ASP B 1745 -26.22 35.47 5.39
C ASP B 1745 -27.17 36.54 4.85
N GLN B 1746 -28.45 36.20 4.72
CA GLN B 1746 -29.53 37.09 4.31
C GLN B 1746 -29.33 37.64 2.90
N LYS B 1747 -28.30 37.21 2.18
CA LYS B 1747 -27.98 37.73 0.86
C LYS B 1747 -27.27 36.64 0.08
N LEU B 1748 -27.21 36.83 -1.23
CA LEU B 1748 -26.47 35.93 -2.12
C LEU B 1748 -26.86 34.48 -1.88
N SER B 1749 -28.12 34.18 -2.18
CA SER B 1749 -28.66 32.84 -2.05
C SER B 1749 -28.74 32.21 -3.44
N VAL B 1750 -27.63 31.60 -3.88
CA VAL B 1750 -27.53 31.02 -5.21
C VAL B 1750 -28.13 29.62 -5.17
N TYR B 1751 -28.99 29.32 -6.14
CA TYR B 1751 -29.53 27.97 -6.22
C TYR B 1751 -29.91 27.66 -7.66
N ILE B 1752 -30.35 26.43 -7.88
CA ILE B 1752 -30.66 25.92 -9.22
C ILE B 1752 -32.16 25.82 -9.37
N SER B 1753 -32.69 26.47 -10.41
CA SER B 1753 -34.13 26.47 -10.70
C SER B 1753 -34.30 25.93 -12.11
N GLY B 1754 -34.77 24.68 -12.20
CA GLY B 1754 -34.93 24.07 -13.51
C GLY B 1754 -33.61 24.03 -14.26
N ALA B 1755 -33.64 24.49 -15.51
CA ALA B 1755 -32.39 24.60 -16.27
C ALA B 1755 -31.56 25.78 -15.79
N ASP B 1756 -32.21 26.87 -15.36
CA ASP B 1756 -31.50 28.07 -14.99
C ASP B 1756 -30.83 27.95 -13.63
N VAL B 1757 -29.82 28.78 -13.41
CA VAL B 1757 -29.23 28.99 -12.09
C VAL B 1757 -29.52 30.45 -11.70
N VAL B 1758 -30.08 30.64 -10.51
CA VAL B 1758 -30.61 31.92 -10.09
C VAL B 1758 -29.83 32.42 -8.88
N VAL B 1759 -29.48 33.70 -8.90
CA VAL B 1759 -28.87 34.38 -7.77
C VAL B 1759 -29.80 35.52 -7.35
N ASN B 1760 -30.09 35.61 -6.06
CA ASN B 1760 -30.89 36.70 -5.51
C ASN B 1760 -30.31 37.14 -4.17
N THR B 1761 -30.49 38.42 -3.87
CA THR B 1761 -29.94 39.01 -2.66
C THR B 1761 -31.02 39.69 -1.84
N ALA B 1762 -30.61 40.40 -0.78
CA ALA B 1762 -31.56 41.17 0.01
C ALA B 1762 -32.22 42.24 -0.83
N SER B 1763 -31.44 42.92 -1.66
CA SER B 1763 -31.99 43.92 -2.56
C SER B 1763 -32.78 43.24 -3.69
N GLY B 1764 -33.51 44.06 -4.44
CA GLY B 1764 -34.41 43.51 -5.45
C GLY B 1764 -33.71 42.94 -6.66
N VAL B 1765 -32.42 43.24 -6.82
CA VAL B 1765 -31.66 42.78 -7.98
C VAL B 1765 -31.57 41.26 -7.95
N SER B 1766 -31.95 40.62 -9.06
CA SER B 1766 -31.88 39.17 -9.19
C SER B 1766 -31.41 38.83 -10.59
N LEU B 1767 -30.57 37.81 -10.72
CA LEU B 1767 -30.01 37.42 -12.00
C LEU B 1767 -30.30 35.95 -12.26
N ALA B 1768 -30.80 35.66 -13.47
CA ALA B 1768 -31.10 34.29 -13.88
C ALA B 1768 -30.39 34.01 -15.19
N PHE B 1769 -29.58 32.96 -15.21
CA PHE B 1769 -28.81 32.58 -16.39
C PHE B 1769 -28.98 31.09 -16.66
N ASP B 1770 -29.08 30.74 -17.95
CA ASP B 1770 -29.30 29.36 -18.36
C ASP B 1770 -28.28 28.89 -19.37
N GLY B 1771 -27.25 29.69 -19.65
CA GLY B 1771 -26.39 29.39 -20.76
C GLY B 1771 -27.12 29.61 -22.06
N ASP B 1772 -26.52 29.13 -23.15
CA ASP B 1772 -27.04 29.23 -24.50
C ASP B 1772 -27.72 30.58 -24.76
N SER B 1773 -27.02 31.63 -24.31
CA SER B 1773 -27.38 33.02 -24.62
C SER B 1773 -28.79 33.38 -24.14
N PHE B 1774 -28.98 33.43 -22.82
CA PHE B 1774 -30.17 34.03 -22.22
C PHE B 1774 -29.83 34.50 -20.81
N VAL B 1775 -29.77 35.81 -20.61
CA VAL B 1775 -29.56 36.41 -19.31
C VAL B 1775 -30.70 37.35 -18.93
N ARG B 1776 -31.33 37.10 -17.79
CA ARG B 1776 -32.47 37.88 -17.32
C ARG B 1776 -32.08 38.59 -16.03
N LEU B 1777 -32.24 39.90 -16.01
CA LEU B 1777 -31.87 40.73 -14.88
C LEU B 1777 -33.09 41.47 -14.37
N ARG B 1778 -33.53 41.15 -13.16
CA ARG B 1778 -34.66 41.82 -12.52
C ARG B 1778 -34.11 42.93 -11.63
N VAL B 1779 -34.42 44.17 -11.99
CA VAL B 1779 -33.90 45.35 -11.31
C VAL B 1779 -35.06 46.06 -10.61
N PRO B 1780 -34.99 46.26 -9.30
CA PRO B 1780 -36.06 46.97 -8.61
C PRO B 1780 -36.11 48.44 -8.99
N ALA B 1781 -37.31 49.00 -8.91
CA ALA B 1781 -37.51 50.42 -9.17
C ALA B 1781 -36.92 51.30 -8.08
N ALA B 1782 -36.49 50.71 -6.96
CA ALA B 1782 -35.96 51.48 -5.84
C ALA B 1782 -34.69 52.23 -6.20
N TYR B 1783 -33.97 51.79 -7.23
CA TYR B 1783 -32.74 52.47 -7.63
C TYR B 1783 -33.06 53.84 -8.23
N ALA B 1784 -32.01 54.58 -8.54
CA ALA B 1784 -32.18 55.90 -9.13
C ALA B 1784 -32.72 55.78 -10.55
N GLY B 1785 -33.27 56.89 -11.05
CA GLY B 1785 -33.73 56.94 -12.43
C GLY B 1785 -32.62 57.06 -13.45
N THR B 1786 -31.38 57.24 -13.02
CA THR B 1786 -30.23 57.33 -13.91
C THR B 1786 -29.35 56.12 -13.68
N LEU B 1787 -29.10 55.36 -14.75
CA LEU B 1787 -28.27 54.16 -14.69
C LEU B 1787 -27.36 54.14 -15.91
N CYS B 1788 -26.06 54.00 -15.67
CA CYS B 1788 -25.06 54.00 -16.74
C CYS B 1788 -24.78 52.57 -17.19
N GLY B 1789 -25.85 51.87 -17.59
CA GLY B 1789 -25.75 50.48 -17.98
C GLY B 1789 -26.08 50.24 -19.43
N LEU B 1790 -25.67 49.07 -19.92
CA LEU B 1790 -25.95 48.71 -21.31
C LEU B 1790 -27.44 48.47 -21.52
N CYS B 1791 -28.15 47.97 -20.50
CA CYS B 1791 -29.59 47.88 -20.57
C CYS B 1791 -30.23 49.25 -20.70
N GLY B 1792 -29.51 50.30 -20.29
CA GLY B 1792 -30.00 51.67 -20.46
C GLY B 1792 -30.61 52.26 -19.20
N ASN B 1793 -30.66 53.60 -19.12
CA ASN B 1793 -31.26 54.27 -17.93
C ASN B 1793 -32.74 53.90 -17.87
N TYR B 1794 -33.25 53.52 -16.71
CA TYR B 1794 -34.72 53.26 -16.63
C TYR B 1794 -35.46 54.54 -16.23
N ASN B 1795 -35.48 55.53 -17.14
CA ASN B 1795 -36.25 56.78 -16.88
C ASN B 1795 -37.61 56.62 -17.54
N LYS B 1796 -37.88 55.45 -18.11
CA LYS B 1796 -39.18 55.15 -18.78
C LYS B 1796 -39.24 55.80 -20.16
N ASN B 1797 -38.10 56.29 -20.67
CA ASN B 1797 -38.09 56.82 -22.07
C ASN B 1797 -37.24 55.90 -22.93
N PRO B 1798 -37.81 55.23 -23.96
CA PRO B 1798 -37.04 54.38 -24.86
C PRO B 1798 -36.04 55.13 -25.75
N ASN B 1799 -36.41 56.32 -26.24
CA ASN B 1799 -35.55 57.06 -27.19
C ASN B 1799 -34.21 57.46 -26.53
N ASP B 1800 -34.25 57.89 -25.27
CA ASP B 1800 -33.01 58.38 -24.61
C ASP B 1800 -32.08 57.20 -24.26
N ASP B 1801 -32.57 55.97 -24.39
CA ASP B 1801 -31.69 54.80 -24.13
C ASP B 1801 -30.53 54.80 -25.12
N LEU B 1802 -29.33 54.49 -24.65
CA LEU B 1802 -28.12 54.43 -25.53
C LEU B 1802 -27.90 55.74 -26.28
N THR B 1803 -28.06 56.89 -25.61
CA THR B 1803 -27.73 58.15 -26.29
C THR B 1803 -26.40 58.73 -25.84
N ALA B 1804 -26.02 58.53 -24.57
CA ALA B 1804 -24.71 58.97 -24.12
C ALA B 1804 -23.60 58.12 -24.72
N VAL B 1805 -23.86 56.83 -24.89
CA VAL B 1805 -22.90 55.93 -25.53
C VAL B 1805 -22.78 56.18 -27.02
N GLY B 1806 -23.68 56.98 -27.60
CA GLY B 1806 -23.69 57.22 -29.02
C GLY B 1806 -24.52 56.21 -29.77
N GLY B 1807 -24.63 56.43 -31.08
CA GLY B 1807 -25.36 55.49 -31.93
C GLY B 1807 -24.74 54.11 -31.91
N LYS B 1808 -23.43 54.04 -31.85
CA LYS B 1808 -22.73 52.77 -31.76
C LYS B 1808 -22.92 52.18 -30.37
N PRO B 1809 -23.43 50.96 -30.24
CA PRO B 1809 -23.64 50.38 -28.91
C PRO B 1809 -22.37 49.77 -28.33
N GLU B 1810 -21.22 50.07 -28.92
CA GLU B 1810 -19.96 49.48 -28.50
C GLU B 1810 -19.13 50.40 -27.61
N GLY B 1811 -19.67 51.57 -27.25
CA GLY B 1811 -18.95 52.46 -26.36
C GLY B 1811 -18.78 51.88 -24.97
N TRP B 1812 -19.78 51.15 -24.48
CA TRP B 1812 -19.70 50.48 -23.18
C TRP B 1812 -18.75 49.30 -23.32
N LYS B 1813 -17.46 49.58 -23.35
CA LYS B 1813 -16.44 48.55 -23.52
C LYS B 1813 -15.44 48.63 -22.38
N VAL B 1814 -14.96 47.46 -21.95
CA VAL B 1814 -13.96 47.37 -20.90
C VAL B 1814 -13.19 46.07 -21.08
N GLY B 1815 -11.90 46.11 -20.79
CA GLY B 1815 -11.06 44.94 -20.97
C GLY B 1815 -11.04 44.51 -22.42
N GLY B 1816 -11.31 43.24 -22.66
CA GLY B 1816 -11.40 42.72 -24.01
C GLY B 1816 -10.07 42.16 -24.52
N ALA B 1817 -10.18 41.39 -25.59
CA ALA B 1817 -9.05 40.76 -26.25
C ALA B 1817 -8.24 41.77 -27.04
N PRO B 1818 -6.96 41.49 -27.29
CA PRO B 1818 -6.16 42.45 -28.07
C PRO B 1818 -6.68 42.68 -29.48
N GLY B 1819 -7.38 41.71 -30.06
CA GLY B 1819 -7.85 41.85 -31.43
C GLY B 1819 -9.36 41.72 -31.58
N CYS B 1820 -10.10 42.04 -30.52
CA CYS B 1820 -11.55 41.94 -30.58
C CYS B 1820 -12.13 42.91 -31.60
N ASP B 1821 -11.65 44.16 -31.60
CA ASP B 1821 -12.21 45.17 -32.49
C ASP B 1821 -11.98 44.83 -33.96
N GLN B 1822 -10.78 44.35 -34.29
CA GLN B 1822 -10.50 43.91 -35.65
C GLN B 1822 -11.26 42.62 -35.93
N CYS B 1823 -12.34 42.70 -36.70
CA CYS B 1823 -13.19 41.54 -36.90
C CYS B 1823 -12.46 40.44 -37.65
N GLU B 1824 -12.06 40.71 -38.90
CA GLU B 1824 -11.37 39.75 -39.74
C GLU B 1824 -10.44 40.50 -40.70
N PRO B 1825 -9.45 39.84 -41.31
CA PRO B 1825 -8.66 40.52 -42.34
C PRO B 1825 -9.52 41.13 -43.44
N GLU B 1826 -10.58 40.42 -43.85
CA GLU B 1826 -11.62 41.12 -44.60
C GLU B 1826 -12.56 41.80 -43.61
N PRO B 1827 -12.82 43.10 -43.78
CA PRO B 1827 -13.48 43.86 -42.71
C PRO B 1827 -14.89 43.37 -42.43
N CYS B 1828 -15.07 42.76 -41.26
CA CYS B 1828 -16.37 42.39 -40.69
C CYS B 1828 -17.26 41.67 -41.71
N PRO B 1829 -16.97 40.42 -42.03
CA PRO B 1829 -17.60 39.78 -43.19
C PRO B 1829 -19.04 39.39 -42.94
N LYS B 1830 -19.71 38.99 -44.04
CA LYS B 1830 -21.00 38.30 -44.13
C LYS B 1830 -22.05 38.75 -43.11
N PRO B 1831 -22.59 39.96 -43.21
CA PRO B 1831 -23.87 40.24 -42.55
C PRO B 1831 -24.99 39.55 -43.30
N CYS B 1832 -25.93 38.96 -42.56
CA CYS B 1832 -27.02 38.23 -43.19
C CYS B 1832 -27.85 39.15 -44.07
N THR B 1833 -28.59 38.55 -44.99
CA THR B 1833 -29.44 39.31 -45.90
C THR B 1833 -30.53 40.01 -45.10
N PRO B 1834 -30.65 41.33 -45.20
CA PRO B 1834 -31.72 42.05 -44.51
C PRO B 1834 -33.09 41.59 -44.96
N GLU B 1835 -33.17 41.21 -46.25
CA GLU B 1835 -34.39 40.61 -46.77
C GLU B 1835 -34.73 39.29 -46.11
N GLU B 1836 -33.73 38.59 -45.58
CA GLU B 1836 -33.93 37.33 -44.87
C GLU B 1836 -34.69 36.33 -45.73
N GLN B 1837 -34.33 36.25 -47.00
CA GLN B 1837 -35.05 35.42 -47.95
C GLN B 1837 -34.81 33.97 -47.62
N GLU B 1838 -35.76 33.36 -46.91
CA GLU B 1838 -35.65 31.99 -46.46
C GLU B 1838 -36.99 31.29 -46.62
N PRO B 1839 -36.98 29.98 -46.84
CA PRO B 1839 -38.22 29.20 -46.67
C PRO B 1839 -38.41 28.84 -45.21
N PHE B 1840 -37.56 29.41 -44.36
CA PHE B 1840 -37.58 29.19 -42.92
C PHE B 1840 -38.66 30.00 -42.24
N ARG B 1841 -39.56 30.64 -43.00
CA ARG B 1841 -40.74 31.24 -42.41
C ARG B 1841 -41.85 30.22 -42.19
N GLY B 1842 -41.68 29.01 -42.71
CA GLY B 1842 -42.65 27.96 -42.55
C GLY B 1842 -42.74 27.46 -41.12
N PRO B 1843 -43.79 26.68 -40.82
CA PRO B 1843 -43.97 26.20 -39.44
C PRO B 1843 -42.85 25.31 -38.94
N ASP B 1844 -42.21 24.54 -39.82
CA ASP B 1844 -41.23 23.56 -39.38
C ASP B 1844 -40.04 24.21 -38.69
N ALA B 1845 -39.53 25.30 -39.25
CA ALA B 1845 -38.41 26.03 -38.68
C ALA B 1845 -38.85 27.45 -38.37
N CYS B 1846 -38.67 27.86 -37.11
CA CYS B 1846 -39.00 29.23 -36.67
C CYS B 1846 -40.46 29.59 -36.98
N GLY B 1847 -41.34 28.59 -36.93
CA GLY B 1847 -42.74 28.83 -37.22
C GLY B 1847 -43.62 28.62 -36.01
N ILE B 1848 -43.17 27.78 -35.08
CA ILE B 1848 -43.93 27.52 -33.88
C ILE B 1848 -43.85 28.68 -32.90
N ILE B 1849 -42.91 29.60 -33.13
CA ILE B 1849 -42.71 30.69 -32.17
C ILE B 1849 -43.86 31.68 -32.22
N THR B 1850 -44.31 32.04 -33.42
CA THR B 1850 -45.33 33.08 -33.58
C THR B 1850 -46.48 32.56 -34.44
N ALA B 1851 -47.70 32.74 -33.91
CA ALA B 1851 -48.97 32.39 -34.54
C ALA B 1851 -48.99 31.04 -35.24
N PRO B 1852 -48.60 29.94 -34.58
CA PRO B 1852 -48.82 28.61 -35.16
C PRO B 1852 -50.09 27.92 -34.68
N GLU B 1853 -50.86 28.58 -33.81
CA GLU B 1853 -51.94 27.94 -33.05
C GLU B 1853 -51.31 26.76 -32.32
N GLY B 1854 -51.84 25.54 -32.45
CA GLY B 1854 -51.20 24.37 -31.89
C GLY B 1854 -50.91 24.49 -30.40
N PRO B 1855 -49.65 24.25 -30.03
CA PRO B 1855 -49.28 24.29 -28.61
C PRO B 1855 -48.82 25.63 -28.07
N LEU B 1856 -48.45 26.59 -28.93
CA LEU B 1856 -47.89 27.85 -28.48
C LEU B 1856 -48.86 29.02 -28.63
N ALA B 1857 -50.11 28.75 -28.97
CA ALA B 1857 -51.10 29.81 -29.10
C ALA B 1857 -51.35 30.59 -27.81
N PRO B 1858 -51.54 29.96 -26.64
CA PRO B 1858 -52.04 30.73 -25.48
C PRO B 1858 -51.14 31.88 -25.05
N CYS B 1859 -49.86 31.88 -25.41
CA CYS B 1859 -49.00 32.96 -24.96
C CYS B 1859 -49.15 34.23 -25.78
N HIS B 1860 -49.92 34.18 -26.88
CA HIS B 1860 -50.04 35.35 -27.74
C HIS B 1860 -50.68 36.52 -26.99
N SER B 1861 -51.72 36.25 -26.21
CA SER B 1861 -52.37 37.31 -25.45
C SER B 1861 -51.50 37.81 -24.31
N LEU B 1862 -50.64 36.96 -23.76
CA LEU B 1862 -49.81 37.32 -22.62
C LEU B 1862 -48.65 38.21 -23.03
N VAL B 1863 -47.85 37.75 -23.99
CA VAL B 1863 -46.66 38.46 -24.45
C VAL B 1863 -46.73 38.54 -25.97
N PRO B 1864 -46.50 39.71 -26.58
CA PRO B 1864 -46.47 39.78 -28.05
C PRO B 1864 -45.34 38.97 -28.61
N PRO B 1865 -45.62 38.09 -29.58
CA PRO B 1865 -44.57 37.16 -30.02
C PRO B 1865 -43.84 37.68 -31.25
N THR B 1866 -44.26 38.81 -31.81
CA THR B 1866 -43.68 39.29 -33.07
C THR B 1866 -42.19 39.61 -32.92
N GLN B 1867 -41.84 40.37 -31.87
CA GLN B 1867 -40.45 40.75 -31.68
C GLN B 1867 -39.55 39.57 -31.34
N TYR B 1868 -40.11 38.51 -30.76
CA TYR B 1868 -39.33 37.29 -30.56
C TYR B 1868 -39.19 36.52 -31.87
N PHE B 1869 -40.23 36.54 -32.70
CA PHE B 1869 -40.21 35.82 -33.96
C PHE B 1869 -39.12 36.34 -34.88
N GLU B 1870 -38.97 37.66 -34.93
CA GLU B 1870 -38.05 38.26 -35.90
C GLU B 1870 -36.62 37.77 -35.70
N ALA B 1871 -36.22 37.51 -34.45
CA ALA B 1871 -34.85 37.08 -34.17
C ALA B 1871 -34.59 35.65 -34.60
N CYS B 1872 -35.60 34.80 -34.69
CA CYS B 1872 -35.41 33.41 -35.10
C CYS B 1872 -35.00 33.29 -36.56
N LEU B 1873 -35.55 34.12 -37.44
CA LEU B 1873 -35.22 34.06 -38.86
C LEU B 1873 -33.79 34.48 -39.16
N LEU B 1874 -33.23 35.42 -38.39
CA LEU B 1874 -31.81 35.75 -38.56
C LEU B 1874 -30.91 34.58 -38.20
N ASP B 1875 -31.25 33.86 -37.13
CA ASP B 1875 -30.51 32.66 -36.78
C ASP B 1875 -30.63 31.60 -37.88
N ALA B 1876 -31.83 31.43 -38.45
CA ALA B 1876 -32.00 30.50 -39.55
C ALA B 1876 -31.21 30.96 -40.77
N CYS B 1877 -31.06 32.28 -40.95
CA CYS B 1877 -30.31 32.81 -42.08
C CYS B 1877 -28.82 32.47 -41.95
N GLN B 1878 -28.21 32.87 -40.84
CA GLN B 1878 -26.77 32.71 -40.70
C GLN B 1878 -26.36 31.23 -40.70
N VAL B 1879 -27.11 30.40 -39.99
CA VAL B 1879 -26.90 28.96 -40.00
C VAL B 1879 -28.17 28.27 -40.49
N GLN B 1880 -28.03 27.43 -41.51
CA GLN B 1880 -29.18 26.87 -42.20
C GLN B 1880 -29.69 25.57 -41.55
N GLY B 1881 -30.84 25.66 -40.90
CA GLY B 1881 -31.55 24.49 -40.43
C GLY B 1881 -30.79 23.65 -39.43
N HIS B 1882 -29.75 24.19 -38.81
CA HIS B 1882 -29.01 23.42 -37.83
C HIS B 1882 -29.70 23.49 -36.48
N PRO B 1883 -30.02 22.36 -35.85
CA PRO B 1883 -30.74 22.40 -34.57
C PRO B 1883 -30.00 23.16 -33.49
N GLY B 1884 -28.66 23.12 -33.50
CA GLY B 1884 -27.91 23.79 -32.46
C GLY B 1884 -28.17 25.28 -32.40
N GLY B 1885 -28.27 25.93 -33.56
CA GLY B 1885 -28.60 27.35 -33.57
C GLY B 1885 -30.07 27.61 -33.41
N LEU B 1886 -30.92 26.68 -33.86
CA LEU B 1886 -32.35 26.93 -33.86
C LEU B 1886 -32.94 26.80 -32.46
N CYS B 1887 -32.42 25.88 -31.66
CA CYS B 1887 -32.98 25.63 -30.33
C CYS B 1887 -33.01 26.86 -29.43
N PRO B 1888 -31.91 27.64 -29.27
CA PRO B 1888 -31.91 28.71 -28.26
C PRO B 1888 -33.03 29.74 -28.40
N ALA B 1889 -33.36 30.12 -29.64
CA ALA B 1889 -34.37 31.16 -29.84
C ALA B 1889 -35.74 30.70 -29.33
N ILE B 1890 -36.19 29.54 -29.80
CA ILE B 1890 -37.51 29.05 -29.42
C ILE B 1890 -37.55 28.69 -27.94
N ALA B 1891 -36.46 28.13 -27.42
CA ALA B 1891 -36.39 27.86 -25.99
C ALA B 1891 -36.43 29.13 -25.16
N THR B 1892 -35.77 30.19 -25.61
CA THR B 1892 -35.86 31.48 -24.93
C THR B 1892 -37.28 32.00 -24.92
N TYR B 1893 -37.99 31.89 -26.05
CA TYR B 1893 -39.39 32.30 -26.09
C TYR B 1893 -40.22 31.50 -25.10
N VAL B 1894 -39.99 30.18 -25.05
CA VAL B 1894 -40.75 29.33 -24.14
C VAL B 1894 -40.50 29.75 -22.69
N ALA B 1895 -39.24 29.98 -22.32
CA ALA B 1895 -38.94 30.36 -20.96
C ALA B 1895 -39.53 31.72 -20.60
N ALA B 1896 -39.39 32.70 -21.50
CA ALA B 1896 -39.98 34.01 -21.25
C ALA B 1896 -41.49 33.93 -21.16
N CYS B 1897 -42.10 33.00 -21.89
CA CYS B 1897 -43.54 32.79 -21.76
C CYS B 1897 -43.88 32.22 -20.40
N GLN B 1898 -43.19 31.14 -20.01
CA GLN B 1898 -43.53 30.44 -18.73
C GLN B 1898 -43.39 31.39 -17.55
N ALA B 1899 -42.61 32.46 -17.68
CA ALA B 1899 -42.39 33.36 -16.52
C ALA B 1899 -43.75 33.93 -16.10
N ALA B 1900 -44.55 34.38 -17.08
CA ALA B 1900 -45.92 34.81 -16.75
C ALA B 1900 -46.76 33.54 -16.64
N GLY B 1901 -47.67 33.45 -15.67
CA GLY B 1901 -48.38 32.16 -15.52
C GLY B 1901 -49.13 31.83 -16.79
N ALA B 1902 -48.90 30.63 -17.34
CA ALA B 1902 -49.55 30.22 -18.60
C ALA B 1902 -49.53 28.70 -18.71
N GLN B 1903 -50.39 28.13 -19.56
CA GLN B 1903 -50.32 26.67 -19.80
C GLN B 1903 -49.77 26.47 -21.21
N LEU B 1904 -48.61 25.80 -21.31
CA LEU B 1904 -47.96 25.61 -22.63
C LEU B 1904 -48.02 24.12 -22.97
N GLY B 1905 -48.29 23.79 -24.24
CA GLY B 1905 -48.34 22.41 -24.63
C GLY B 1905 -46.94 21.85 -24.89
N GLU B 1906 -46.93 20.64 -25.44
CA GLU B 1906 -45.68 19.97 -25.77
C GLU B 1906 -45.06 20.66 -26.99
N TRP B 1907 -44.01 21.46 -26.78
CA TRP B 1907 -43.44 22.25 -27.85
C TRP B 1907 -42.23 21.60 -28.50
N ARG B 1908 -41.41 20.88 -27.75
CA ARG B 1908 -40.24 20.23 -28.31
C ARG B 1908 -40.52 18.74 -28.52
N LYS B 1909 -39.93 18.20 -29.57
CA LYS B 1909 -40.12 16.83 -30.00
C LYS B 1909 -38.75 16.23 -30.30
N PRO B 1910 -38.63 14.89 -30.32
CA PRO B 1910 -37.35 14.28 -30.69
C PRO B 1910 -36.90 14.70 -32.08
N ASP B 1911 -37.86 14.89 -32.99
CA ASP B 1911 -37.53 15.34 -34.34
C ASP B 1911 -37.17 16.83 -34.34
N PHE B 1912 -37.93 17.64 -33.62
CA PHE B 1912 -37.77 19.09 -33.63
C PHE B 1912 -37.12 19.54 -32.33
N CYS B 1913 -35.82 19.84 -32.41
CA CYS B 1913 -35.01 20.27 -31.27
C CYS B 1913 -35.20 19.37 -30.07
N PRO B 1914 -34.65 18.15 -30.09
CA PRO B 1914 -34.65 17.33 -28.87
C PRO B 1914 -33.69 17.88 -27.84
N LEU B 1915 -33.96 17.56 -26.58
CA LEU B 1915 -33.16 18.04 -25.46
C LEU B 1915 -32.45 16.86 -24.80
N GLN B 1916 -31.17 17.05 -24.50
CA GLN B 1916 -30.36 16.05 -23.82
C GLN B 1916 -30.17 16.43 -22.36
N CYS B 1917 -29.83 15.44 -21.54
CA CYS B 1917 -29.65 15.63 -20.11
C CYS B 1917 -28.76 14.52 -19.59
N PRO B 1918 -27.98 14.77 -18.54
CA PRO B 1918 -27.11 13.70 -18.00
C PRO B 1918 -27.90 12.54 -17.40
N ALA B 1919 -27.18 11.52 -16.92
CA ALA B 1919 -27.82 10.29 -16.48
C ALA B 1919 -28.69 10.53 -15.24
N HIS B 1920 -29.62 9.60 -15.02
CA HIS B 1920 -30.57 9.68 -13.91
C HIS B 1920 -31.38 10.97 -13.96
N SER B 1921 -31.80 11.35 -15.16
CA SER B 1921 -32.54 12.59 -15.34
C SER B 1921 -33.51 12.42 -16.49
N HIS B 1922 -34.74 12.91 -16.31
CA HIS B 1922 -35.78 12.83 -17.33
C HIS B 1922 -36.31 14.22 -17.64
N TYR B 1923 -36.76 14.40 -18.88
CA TYR B 1923 -37.27 15.69 -19.32
C TYR B 1923 -38.63 15.98 -18.71
N GLN B 1924 -38.93 17.27 -18.55
CA GLN B 1924 -40.20 17.72 -18.01
C GLN B 1924 -40.59 19.03 -18.68
N LEU B 1925 -41.80 19.06 -19.24
CA LEU B 1925 -42.29 20.27 -19.90
C LEU B 1925 -42.34 21.43 -18.93
N CYS B 1926 -42.83 21.19 -17.71
CA CYS B 1926 -42.79 22.18 -16.66
C CYS B 1926 -42.96 21.46 -15.33
N GLY B 1927 -42.02 21.69 -14.42
CA GLY B 1927 -41.99 20.97 -13.15
C GLY B 1927 -41.63 21.85 -11.98
N ASP B 1928 -41.12 21.24 -10.91
CA ASP B 1928 -40.79 22.00 -9.71
C ASP B 1928 -39.76 23.09 -10.01
N SER B 1929 -40.05 24.30 -9.55
CA SER B 1929 -39.13 25.41 -9.78
C SER B 1929 -37.91 25.31 -8.89
N CYS B 1930 -38.04 24.69 -7.72
CA CYS B 1930 -36.96 24.61 -6.74
C CYS B 1930 -36.76 23.15 -6.33
N PRO B 1931 -35.97 22.39 -7.07
CA PRO B 1931 -35.59 21.05 -6.61
C PRO B 1931 -34.72 21.14 -5.38
N VAL B 1932 -34.74 20.06 -4.61
CA VAL B 1932 -34.07 20.02 -3.31
C VAL B 1932 -32.58 19.81 -3.51
N SER B 1933 -31.79 20.25 -2.51
CA SER B 1933 -30.35 20.11 -2.45
C SER B 1933 -30.01 19.26 -1.22
N CYS B 1934 -28.73 19.18 -0.86
CA CYS B 1934 -28.32 18.36 0.28
C CYS B 1934 -29.11 18.68 1.54
N PRO B 1935 -29.29 19.95 1.94
CA PRO B 1935 -30.34 20.24 2.94
C PRO B 1935 -31.69 20.01 2.29
N SER B 1936 -32.34 18.91 2.66
CA SER B 1936 -33.46 18.41 1.86
C SER B 1936 -34.69 19.28 2.00
N LEU B 1937 -34.64 20.48 1.40
CA LEU B 1937 -35.78 21.37 1.35
C LEU B 1937 -35.54 22.38 0.24
N SER B 1938 -36.62 23.04 -0.18
CA SER B 1938 -36.51 24.09 -1.17
C SER B 1938 -35.89 25.35 -0.56
N ALA B 1939 -35.52 26.28 -1.42
CA ALA B 1939 -34.96 27.54 -0.96
C ALA B 1939 -36.01 28.35 -0.20
N PRO B 1940 -35.61 29.12 0.81
CA PRO B 1940 -36.58 29.91 1.58
C PRO B 1940 -37.33 30.93 0.73
N VAL B 1941 -36.75 31.39 -0.37
CA VAL B 1941 -37.40 32.34 -1.25
C VAL B 1941 -38.61 31.68 -1.90
N GLY B 1942 -39.49 32.48 -2.49
CA GLY B 1942 -40.70 31.97 -3.11
C GLY B 1942 -40.41 30.90 -4.15
N CYS B 1943 -41.05 29.75 -4.00
CA CYS B 1943 -40.78 28.59 -4.84
C CYS B 1943 -42.09 27.93 -5.25
N GLU B 1944 -41.99 27.08 -6.27
CA GLU B 1944 -43.12 26.34 -6.84
C GLU B 1944 -44.22 27.26 -7.36
N THR B 1945 -43.95 28.56 -7.44
CA THR B 1945 -44.91 29.50 -8.01
C THR B 1945 -45.01 29.41 -9.52
N ILE B 1946 -43.98 28.87 -10.18
CA ILE B 1946 -43.98 28.65 -11.62
C ILE B 1946 -43.46 27.25 -11.90
N CYS B 1947 -44.15 26.52 -12.77
CA CYS B 1947 -43.65 25.23 -13.23
C CYS B 1947 -42.75 25.47 -14.44
N ARG B 1948 -41.51 25.01 -14.35
CA ARG B 1948 -40.44 25.44 -15.26
C ARG B 1948 -39.98 24.30 -16.15
N GLU B 1949 -39.72 24.63 -17.42
CA GLU B 1949 -39.19 23.67 -18.36
C GLU B 1949 -37.79 23.22 -17.95
N GLY B 1950 -37.53 21.92 -18.10
CA GLY B 1950 -36.20 21.41 -17.83
C GLY B 1950 -36.25 19.93 -17.50
N CYS B 1951 -35.07 19.37 -17.28
CA CYS B 1951 -34.94 17.96 -16.92
C CYS B 1951 -34.53 17.83 -15.47
N VAL B 1952 -35.18 16.89 -14.77
CA VAL B 1952 -34.99 16.73 -13.33
C VAL B 1952 -34.67 15.28 -13.01
N CYS B 1953 -34.10 15.07 -11.83
CA CYS B 1953 -33.70 13.75 -11.38
C CYS B 1953 -34.92 12.91 -11.01
N ASP B 1954 -34.68 11.61 -10.85
CA ASP B 1954 -35.70 10.66 -10.41
C ASP B 1954 -35.07 9.69 -9.42
N ALA B 1955 -35.78 9.45 -8.31
CA ALA B 1955 -35.30 8.56 -7.24
C ALA B 1955 -33.95 9.00 -6.67
N GLY B 1956 -33.56 10.24 -6.95
CA GLY B 1956 -32.34 10.80 -6.41
C GLY B 1956 -32.47 12.30 -6.37
N PHE B 1957 -31.70 12.92 -5.48
CA PHE B 1957 -31.82 14.35 -5.24
C PHE B 1957 -30.60 15.06 -5.79
N VAL B 1958 -30.80 16.28 -6.28
CA VAL B 1958 -29.73 17.10 -6.86
C VAL B 1958 -28.66 17.35 -5.81
N LEU B 1959 -27.44 16.89 -6.08
CA LEU B 1959 -26.31 17.06 -5.17
C LEU B 1959 -25.28 17.95 -5.86
N SER B 1960 -24.95 19.07 -5.21
CA SER B 1960 -23.96 20.03 -5.69
C SER B 1960 -24.29 20.58 -7.07
N GLY B 1961 -25.56 20.58 -7.46
CA GLY B 1961 -25.96 21.16 -8.72
C GLY B 1961 -25.76 20.28 -9.94
N ASP B 1962 -25.54 18.98 -9.75
CA ASP B 1962 -25.31 18.08 -10.88
C ASP B 1962 -25.40 16.65 -10.39
N THR B 1963 -25.25 15.71 -11.34
CA THR B 1963 -24.95 14.30 -11.14
C THR B 1963 -26.10 13.48 -10.57
N CYS B 1964 -27.17 14.13 -10.12
CA CYS B 1964 -28.35 13.46 -9.58
C CYS B 1964 -27.96 12.27 -8.68
N VAL B 1965 -27.22 12.59 -7.62
CA VAL B 1965 -26.62 11.57 -6.76
C VAL B 1965 -27.72 10.74 -6.10
N PRO B 1966 -27.47 9.46 -5.81
CA PRO B 1966 -28.48 8.65 -5.13
C PRO B 1966 -28.83 9.20 -3.76
N VAL B 1967 -30.09 9.03 -3.36
CA VAL B 1967 -30.58 9.60 -2.12
C VAL B 1967 -29.81 9.06 -0.93
N GLY B 1968 -29.59 9.91 0.06
CA GLY B 1968 -28.94 9.50 1.28
C GLY B 1968 -27.44 9.54 1.27
N GLN B 1969 -26.84 10.23 0.30
CA GLN B 1969 -25.38 10.30 0.23
C GLN B 1969 -24.89 11.71 0.02
N CYS B 1970 -25.40 12.66 0.79
CA CYS B 1970 -24.92 14.03 0.68
C CYS B 1970 -23.49 14.14 1.21
N GLY B 1971 -22.84 15.24 0.86
CA GLY B 1971 -21.49 15.49 1.29
C GLY B 1971 -21.38 16.11 2.67
N CYS B 1972 -20.58 17.17 2.77
CA CYS B 1972 -20.29 17.82 4.04
C CYS B 1972 -20.45 19.32 3.91
N LEU B 1973 -20.79 19.97 5.02
CA LEU B 1973 -20.90 21.42 5.07
C LEU B 1973 -19.81 21.97 5.98
N TYR B 1974 -19.01 22.88 5.45
CA TYR B 1974 -17.86 23.43 6.17
C TYR B 1974 -17.78 24.93 5.93
N GLN B 1975 -17.86 25.69 7.02
CA GLN B 1975 -17.81 27.17 7.02
C GLN B 1975 -18.63 27.77 5.87
N GLY B 1976 -19.86 27.27 5.70
CA GLY B 1976 -20.76 27.84 4.72
C GLY B 1976 -20.56 27.36 3.29
N ARG B 1977 -19.64 26.45 3.06
CA ARG B 1977 -19.37 25.88 1.74
C ARG B 1977 -19.76 24.42 1.75
N TYR B 1978 -20.47 23.98 0.71
CA TYR B 1978 -20.86 22.59 0.57
C TYR B 1978 -19.84 21.86 -0.29
N TYR B 1979 -19.33 20.73 0.21
CA TYR B 1979 -18.36 19.93 -0.51
C TYR B 1979 -18.93 18.53 -0.73
N VAL B 1980 -18.74 18.01 -1.95
CA VAL B 1980 -19.20 16.68 -2.32
C VAL B 1980 -18.49 15.64 -1.46
N LEU B 1981 -19.15 14.51 -1.20
CA LEU B 1981 -18.53 13.45 -0.44
C LEU B 1981 -17.31 12.91 -1.17
N GLY B 1982 -16.22 12.70 -0.42
CA GLY B 1982 -14.98 12.22 -0.99
C GLY B 1982 -14.11 13.29 -1.59
N ALA B 1983 -14.56 14.54 -1.62
CA ALA B 1983 -13.76 15.61 -2.22
C ALA B 1983 -12.62 16.01 -1.31
N THR B 1984 -11.47 16.28 -1.92
CA THR B 1984 -10.29 16.76 -1.21
C THR B 1984 -10.11 18.24 -1.54
N PHE B 1985 -9.95 19.05 -0.50
CA PHE B 1985 -9.91 20.50 -0.69
C PHE B 1985 -9.11 21.15 0.43
N TYR B 1986 -8.67 22.38 0.20
CA TYR B 1986 -7.98 23.16 1.21
C TYR B 1986 -8.91 24.28 1.66
N PRO B 1987 -9.53 24.16 2.84
CA PRO B 1987 -10.46 25.22 3.27
C PRO B 1987 -9.81 26.59 3.39
N GLY B 1988 -8.56 26.64 3.83
CA GLY B 1988 -7.85 27.89 3.93
C GLY B 1988 -6.87 28.07 2.79
N PRO B 1989 -6.35 29.28 2.63
CA PRO B 1989 -5.37 29.52 1.57
C PRO B 1989 -4.00 28.98 1.95
N GLU B 1990 -3.01 29.19 1.08
CA GLU B 1990 -1.63 28.74 1.26
C GLU B 1990 -1.52 27.23 1.41
N CYS B 1991 -2.54 26.48 0.98
CA CYS B 1991 -2.52 25.02 1.00
C CYS B 1991 -2.17 24.48 2.37
N GLU B 1992 -2.89 24.96 3.39
CA GLU B 1992 -2.56 24.62 4.77
C GLU B 1992 -2.99 23.19 5.12
N ARG B 1993 -4.29 22.90 5.04
CA ARG B 1993 -4.81 21.61 5.45
C ARG B 1993 -5.59 20.97 4.32
N LEU B 1994 -5.31 19.69 4.05
CA LEU B 1994 -6.05 18.93 3.07
C LEU B 1994 -7.18 18.17 3.77
N CYS B 1995 -8.36 18.76 3.81
CA CYS B 1995 -9.51 18.18 4.49
C CYS B 1995 -10.26 17.27 3.55
N GLU B 1996 -10.78 16.17 4.08
CA GLU B 1996 -11.51 15.18 3.30
C GLU B 1996 -12.96 15.12 3.77
N CYS B 1997 -13.88 15.00 2.82
CA CYS B 1997 -15.31 14.94 3.12
C CYS B 1997 -15.65 13.51 3.52
N GLY B 1998 -15.91 13.30 4.81
CA GLY B 1998 -16.11 11.97 5.34
C GLY B 1998 -17.44 11.35 4.98
N PRO B 1999 -17.55 10.03 5.16
CA PRO B 1999 -18.82 9.36 4.83
C PRO B 1999 -20.13 9.81 5.45
N ASP B 2000 -20.09 10.22 6.72
CA ASP B 2000 -21.29 10.69 7.41
C ASP B 2000 -21.29 12.25 7.69
N GLY B 2001 -20.73 12.94 6.70
CA GLY B 2001 -20.44 14.35 6.85
C GLY B 2001 -19.32 14.91 7.68
N GLN B 2002 -18.49 14.05 8.27
CA GLN B 2002 -17.36 14.50 9.07
C GLN B 2002 -16.33 15.16 8.17
N VAL B 2003 -15.74 16.26 8.65
CA VAL B 2003 -14.67 16.92 7.92
C VAL B 2003 -13.33 16.45 8.48
N THR B 2004 -12.80 15.37 7.92
CA THR B 2004 -11.51 14.85 8.35
C THR B 2004 -10.40 15.73 7.78
N CYS B 2005 -9.62 16.34 8.67
CA CYS B 2005 -8.56 17.27 8.27
C CYS B 2005 -7.23 16.82 8.85
N GLN B 2006 -6.18 16.93 8.05
CA GLN B 2006 -4.80 16.73 8.50
C GLN B 2006 -3.98 17.96 8.12
N GLU B 2007 -2.67 17.87 8.33
CA GLU B 2007 -1.77 19.02 8.17
C GLU B 2007 -0.95 18.83 6.89
N GLY B 2008 -0.93 19.88 6.05
CA GLY B 2008 -0.14 19.83 4.84
C GLY B 2008 1.27 20.35 5.02
N ALA B 2009 2.11 20.07 4.03
CA ALA B 2009 3.54 20.37 4.11
C ALA B 2009 3.96 21.54 3.23
N ASP B 2010 3.01 22.29 2.67
CA ASP B 2010 3.22 23.50 1.87
C ASP B 2010 3.95 23.21 0.56
N CYS B 2011 4.23 21.94 0.24
CA CYS B 2011 4.66 21.50 -1.09
C CYS B 2011 6.08 21.92 -1.42
N GLU B 2012 6.64 21.37 -2.51
N GLU B 2012 6.63 21.38 -2.52
CA GLU B 2012 8.01 21.63 -2.94
CA GLU B 2012 8.00 21.66 -2.89
C GLU B 2012 8.17 23.10 -3.37
C GLU B 2012 8.16 23.12 -3.32
N PRO B 2013 9.32 23.72 -3.06
CA PRO B 2013 9.53 25.11 -3.46
C PRO B 2013 9.87 25.28 -4.94
N TYR B 2014 9.10 24.62 -5.80
CA TYR B 2014 9.06 24.91 -7.23
C TYR B 2014 7.67 25.34 -7.66
N GLU B 2015 6.65 25.05 -6.87
CA GLU B 2015 5.27 25.41 -7.14
C GLU B 2015 4.82 26.45 -6.14
N GLU B 2016 3.67 27.06 -6.43
CA GLU B 2016 3.06 28.04 -5.54
C GLU B 2016 1.58 27.74 -5.42
N CYS B 2017 1.06 27.85 -4.20
CA CYS B 2017 -0.35 27.58 -3.92
C CYS B 2017 -1.17 28.71 -4.53
N ARG B 2018 -1.64 28.52 -5.76
CA ARG B 2018 -2.30 29.56 -6.53
C ARG B 2018 -3.72 29.12 -6.87
N ILE B 2019 -4.56 30.10 -7.18
CA ILE B 2019 -5.95 29.85 -7.55
C ILE B 2019 -6.03 29.99 -9.07
N GLU B 2020 -6.12 28.85 -9.74
CA GLU B 2020 -6.31 28.82 -11.18
C GLU B 2020 -7.07 27.54 -11.55
N ASN B 2021 -7.82 27.63 -12.64
CA ASN B 2021 -8.75 26.56 -13.06
C ASN B 2021 -9.77 26.25 -11.96
N GLY B 2022 -10.05 27.25 -11.11
CA GLY B 2022 -11.02 27.11 -10.04
C GLY B 2022 -10.56 26.33 -8.83
N VAL B 2023 -9.27 25.95 -8.77
CA VAL B 2023 -8.76 25.13 -7.68
C VAL B 2023 -7.54 25.81 -7.08
N GLN B 2024 -7.49 25.88 -5.76
CA GLN B 2024 -6.31 26.40 -5.06
C GLN B 2024 -5.38 25.25 -4.73
N ALA B 2025 -4.20 25.25 -5.34
CA ALA B 2025 -3.20 24.21 -5.10
C ALA B 2025 -1.85 24.71 -5.55
N CYS B 2026 -0.80 24.02 -5.10
CA CYS B 2026 0.54 24.31 -5.58
C CYS B 2026 0.65 23.96 -7.06
N HIS B 2027 0.92 24.98 -7.88
CA HIS B 2027 1.01 24.80 -9.32
C HIS B 2027 2.39 25.19 -9.81
N PRO B 2028 2.93 24.49 -10.80
CA PRO B 2028 4.28 24.77 -11.26
C PRO B 2028 4.41 26.19 -11.78
N THR B 2029 5.58 26.80 -11.51
CA THR B 2029 5.83 28.17 -11.89
C THR B 2029 6.84 28.31 -13.03
N GLY B 2030 7.65 27.29 -13.30
CA GLY B 2030 8.62 27.34 -14.36
C GLY B 2030 8.21 26.49 -15.55
N CYS B 2031 8.76 26.82 -16.71
CA CYS B 2031 8.45 26.11 -17.95
C CYS B 2031 9.68 26.09 -18.85
N GLY B 2032 10.01 24.90 -19.37
CA GLY B 2032 11.10 24.75 -20.30
C GLY B 2032 10.59 24.24 -21.64
N HIS B 2033 11.48 24.22 -22.62
CA HIS B 2033 11.12 23.82 -23.98
C HIS B 2033 12.18 22.89 -24.55
N CYS B 2034 11.72 21.88 -25.29
CA CYS B 2034 12.58 20.94 -25.99
C CYS B 2034 12.13 20.95 -27.46
N LEU B 2035 13.05 21.37 -28.33
CA LEU B 2035 12.72 21.58 -29.74
C LEU B 2035 13.42 20.52 -30.58
N ALA B 2036 12.63 19.66 -31.22
CA ALA B 2036 13.16 18.71 -32.20
C ALA B 2036 13.04 19.29 -33.61
N ASN B 2037 13.65 20.46 -33.79
CA ASN B 2037 13.54 21.19 -35.05
C ASN B 2037 14.08 20.35 -36.21
N GLY B 2038 13.27 20.23 -37.25
CA GLY B 2038 13.64 19.37 -38.36
C GLY B 2038 13.45 17.90 -38.01
N GLY B 2039 14.01 17.05 -38.88
CA GLY B 2039 13.88 15.63 -38.72
C GLY B 2039 14.93 15.00 -37.83
N LEU B 2040 16.21 15.34 -38.09
CA LEU B 2040 17.30 14.71 -37.36
C LEU B 2040 17.85 15.63 -36.27
N HIS B 2041 17.89 16.94 -36.53
CA HIS B 2041 18.48 17.87 -35.58
C HIS B 2041 17.61 18.01 -34.34
N TYR B 2042 18.25 17.99 -33.18
CA TYR B 2042 17.58 18.16 -31.90
C TYR B 2042 18.16 19.37 -31.17
N VAL B 2043 17.47 19.80 -30.12
CA VAL B 2043 17.98 20.82 -29.21
C VAL B 2043 17.89 20.30 -27.79
N THR B 2044 18.96 20.50 -27.02
CA THR B 2044 18.94 20.10 -25.62
C THR B 2044 17.92 20.93 -24.83
N LEU B 2045 17.65 20.51 -23.60
CA LEU B 2045 16.70 21.26 -22.76
C LEU B 2045 17.33 22.62 -22.50
N ASP B 2046 18.64 22.61 -22.27
CA ASP B 2046 19.34 23.90 -22.06
C ASP B 2046 20.64 23.97 -22.88
N GLY B 2047 20.77 24.97 -23.77
CA GLY B 2047 22.08 25.22 -24.45
C GLY B 2047 22.41 24.53 -25.75
N ARG B 2048 23.57 23.86 -25.82
CA ARG B 2048 24.12 23.31 -27.06
C ARG B 2048 23.15 22.34 -27.72
N VAL B 2049 23.12 22.38 -29.05
CA VAL B 2049 22.31 21.46 -29.85
C VAL B 2049 23.16 20.26 -30.22
N TYR B 2050 22.61 19.05 -30.04
CA TYR B 2050 23.34 17.83 -30.34
C TYR B 2050 22.79 17.24 -31.64
N ASP B 2051 23.47 17.57 -32.73
CA ASP B 2051 23.08 17.05 -34.04
C ASP B 2051 23.26 15.54 -34.08
N LEU B 2052 22.15 14.82 -34.16
CA LEU B 2052 22.17 13.36 -34.17
C LEU B 2052 21.57 12.85 -35.47
N HIS B 2053 22.31 12.00 -36.16
CA HIS B 2053 21.91 11.47 -37.46
C HIS B 2053 21.43 10.02 -37.36
N GLY B 2054 20.86 9.66 -36.22
CA GLY B 2054 20.32 8.32 -36.07
C GLY B 2054 19.09 8.11 -36.92
N SER B 2055 18.78 6.84 -37.17
CA SER B 2055 17.66 6.45 -38.01
C SER B 2055 16.81 5.39 -37.35
N CYS B 2056 16.46 5.60 -36.08
CA CYS B 2056 15.68 4.59 -35.35
C CYS B 2056 14.92 5.25 -34.22
N SER B 2057 14.14 4.44 -33.52
CA SER B 2057 13.29 4.93 -32.44
C SER B 2057 14.12 5.28 -31.21
N TYR B 2058 13.97 6.51 -30.74
CA TYR B 2058 14.75 7.04 -29.63
C TYR B 2058 13.81 7.67 -28.61
N VAL B 2059 14.04 7.37 -27.34
CA VAL B 2059 13.21 7.91 -26.26
C VAL B 2059 13.67 9.33 -25.96
N LEU B 2060 12.89 10.32 -26.39
CA LEU B 2060 13.26 11.71 -26.24
C LEU B 2060 13.27 12.15 -24.78
N ALA B 2061 12.13 12.06 -24.11
CA ALA B 2061 12.00 12.46 -22.72
C ALA B 2061 11.12 11.46 -21.96
N SER B 2062 11.57 11.08 -20.77
CA SER B 2062 10.82 10.18 -19.91
C SER B 2062 11.25 10.41 -18.47
N VAL B 2063 10.34 10.08 -17.54
CA VAL B 2063 10.66 10.22 -16.12
C VAL B 2063 11.63 9.13 -15.73
N CYS B 2064 12.79 9.55 -15.19
CA CYS B 2064 13.86 8.62 -14.84
C CYS B 2064 13.87 8.28 -13.36
N HIS B 2065 13.64 9.27 -12.49
CA HIS B 2065 13.53 9.03 -11.07
C HIS B 2065 12.07 9.06 -10.66
N PRO B 2066 11.49 7.93 -10.24
CA PRO B 2066 10.06 7.91 -9.89
C PRO B 2066 9.73 8.87 -8.76
N LYS B 2067 8.55 9.48 -8.84
CA LYS B 2067 8.06 10.39 -7.82
C LYS B 2067 6.76 9.84 -7.26
N PRO B 2068 6.54 9.91 -5.93
CA PRO B 2068 5.28 9.40 -5.36
C PRO B 2068 4.05 10.10 -5.93
N GLY B 2069 4.17 11.40 -6.20
CA GLY B 2069 3.09 12.12 -6.86
C GLY B 2069 3.56 12.90 -8.06
N ASP B 2070 3.09 12.51 -9.24
CA ASP B 2070 3.46 13.12 -10.52
C ASP B 2070 2.65 12.44 -11.61
N GLU B 2071 2.81 12.93 -12.84
CA GLU B 2071 2.24 12.30 -14.02
C GLU B 2071 3.39 11.91 -14.94
N GLU B 2072 3.42 10.64 -15.34
CA GLU B 2072 4.48 10.15 -16.20
C GLU B 2072 4.12 10.34 -17.67
N PHE B 2073 5.15 10.54 -18.49
CA PHE B 2073 4.94 10.73 -19.92
C PHE B 2073 6.21 10.34 -20.65
N SER B 2074 6.10 9.44 -21.62
CA SER B 2074 7.21 8.99 -22.43
C SER B 2074 7.06 9.50 -23.85
N ILE B 2075 8.11 10.12 -24.38
CA ILE B 2075 8.10 10.71 -25.71
C ILE B 2075 9.10 9.93 -26.57
N VAL B 2076 8.63 9.46 -27.72
CA VAL B 2076 9.44 8.68 -28.64
C VAL B 2076 9.20 9.19 -30.06
N LEU B 2077 10.28 9.25 -30.84
CA LEU B 2077 10.23 9.72 -32.22
C LEU B 2077 10.64 8.55 -33.12
N GLU B 2078 9.64 7.84 -33.63
CA GLU B 2078 9.88 6.66 -34.46
C GLU B 2078 10.00 7.09 -35.92
N LYS B 2079 11.22 7.42 -36.33
CA LYS B 2079 11.49 7.67 -37.74
C LYS B 2079 11.20 6.39 -38.53
N ASN B 2080 10.21 6.45 -39.41
CA ASN B 2080 9.70 5.24 -40.05
C ASN B 2080 10.78 4.54 -40.86
N SER B 2081 11.52 5.29 -41.67
CA SER B 2081 12.59 4.71 -42.48
C SER B 2081 13.57 5.80 -42.90
N ALA B 2082 14.77 5.76 -42.34
CA ALA B 2082 15.85 6.67 -42.72
C ALA B 2082 15.42 8.13 -42.62
N GLY B 2083 14.83 8.49 -41.49
CA GLY B 2083 14.41 9.86 -41.27
C GLY B 2083 13.01 10.20 -41.75
N ASP B 2084 12.17 9.20 -41.97
CA ASP B 2084 10.79 9.42 -42.40
C ASP B 2084 10.01 10.11 -41.28
N PRO B 2085 8.89 10.77 -41.57
CA PRO B 2085 8.13 11.45 -40.51
C PRO B 2085 7.80 10.51 -39.36
N GLN B 2086 8.02 10.99 -38.15
CA GLN B 2086 8.00 10.13 -36.98
C GLN B 2086 6.58 9.74 -36.58
N ARG B 2087 6.39 8.46 -36.28
CA ARG B 2087 5.13 7.96 -35.72
C ARG B 2087 5.13 8.23 -34.22
N VAL B 2088 4.98 9.52 -33.88
CA VAL B 2088 5.08 9.96 -32.50
C VAL B 2088 4.02 9.26 -31.66
N VAL B 2089 4.38 8.93 -30.43
CA VAL B 2089 3.47 8.30 -29.46
C VAL B 2089 3.73 8.92 -28.09
N VAL B 2090 2.66 9.23 -27.36
CA VAL B 2090 2.76 9.79 -26.02
C VAL B 2090 1.96 8.90 -25.08
N THR B 2091 2.52 8.64 -23.90
CA THR B 2091 1.87 7.82 -22.88
C THR B 2091 1.76 8.63 -21.60
N VAL B 2092 0.57 9.20 -21.35
CA VAL B 2092 0.31 10.05 -20.19
C VAL B 2092 -0.70 9.35 -19.29
N ALA B 2093 -0.37 9.25 -18.00
CA ALA B 2093 -1.25 8.63 -17.00
C ALA B 2093 -1.65 7.21 -17.41
N GLY B 2094 -0.68 6.47 -17.96
CA GLY B 2094 -0.96 5.11 -18.40
C GLY B 2094 -1.90 5.01 -19.58
N GLN B 2095 -2.13 6.11 -20.28
CA GLN B 2095 -2.99 6.14 -21.46
C GLN B 2095 -2.16 6.54 -22.66
N VAL B 2096 -2.29 5.77 -23.75
CA VAL B 2096 -1.50 5.98 -24.95
C VAL B 2096 -2.30 6.84 -25.91
N VAL B 2097 -1.85 8.07 -26.12
CA VAL B 2097 -2.40 8.97 -27.12
C VAL B 2097 -1.44 8.98 -28.31
N GLY B 2098 -1.97 8.70 -29.49
CA GLY B 2098 -1.13 8.52 -30.65
C GLY B 2098 -0.49 9.79 -31.16
N LEU B 2099 -1.29 10.72 -31.70
CA LEU B 2099 -0.79 11.91 -32.39
C LEU B 2099 0.14 11.53 -33.55
N ALA B 2100 0.08 10.28 -34.01
CA ALA B 2100 1.11 9.76 -34.89
C ALA B 2100 0.86 10.15 -36.34
N ARG B 2101 -0.38 9.99 -36.81
CA ARG B 2101 -0.69 10.13 -38.23
C ARG B 2101 -0.67 11.60 -38.63
N GLY B 2102 0.54 12.16 -38.66
CA GLY B 2102 0.73 13.57 -39.06
C GLY B 2102 0.05 13.95 -40.36
N PRO B 2103 -0.08 13.10 -41.40
CA PRO B 2103 -0.83 13.50 -42.60
C PRO B 2103 -2.24 13.95 -42.18
N GLN B 2104 -2.68 15.11 -42.67
CA GLN B 2104 -3.99 15.69 -42.25
C GLN B 2104 -3.96 15.81 -40.72
N VAL B 2105 -5.04 15.40 -40.06
CA VAL B 2105 -5.02 15.35 -38.56
C VAL B 2105 -5.71 14.05 -38.17
N THR B 2106 -4.97 13.10 -37.61
CA THR B 2106 -5.58 11.80 -37.25
C THR B 2106 -4.87 11.25 -36.00
N VAL B 2107 -5.24 11.77 -34.82
CA VAL B 2107 -4.66 11.22 -33.57
C VAL B 2107 -5.41 9.89 -33.51
N ASP B 2108 -4.74 8.82 -33.07
CA ASP B 2108 -5.38 7.49 -33.01
C ASP B 2108 -5.41 6.81 -31.60
N GLY B 2109 -4.50 7.26 -30.75
CA GLY B 2109 -4.44 6.69 -29.40
C GLY B 2109 -4.59 5.19 -29.47
N GLU B 2110 -5.79 4.71 -29.15
CA GLU B 2110 -6.16 3.32 -29.33
C GLU B 2110 -7.19 3.13 -30.44
N VAL B 2111 -8.22 3.98 -30.46
CA VAL B 2111 -9.17 4.00 -31.56
C VAL B 2111 -8.80 5.15 -32.48
N VAL B 2112 -8.37 4.82 -33.70
CA VAL B 2112 -7.78 5.81 -34.60
C VAL B 2112 -8.74 6.93 -34.97
N THR B 2113 -10.04 6.74 -34.79
CA THR B 2113 -11.03 7.74 -35.19
C THR B 2113 -11.24 8.72 -34.05
N LEU B 2114 -10.30 9.65 -33.92
CA LEU B 2114 -10.33 10.69 -32.89
C LEU B 2114 -10.11 12.05 -33.54
N PRO B 2115 -11.13 12.60 -34.21
CA PRO B 2115 -10.99 13.94 -34.79
C PRO B 2115 -10.77 15.01 -33.73
N VAL B 2116 -11.69 15.10 -32.79
CA VAL B 2116 -11.58 15.98 -31.63
C VAL B 2116 -11.97 15.18 -30.41
N ALA B 2117 -11.09 15.14 -29.41
CA ALA B 2117 -11.32 14.31 -28.24
C ALA B 2117 -10.71 14.96 -27.01
N THR B 2118 -11.18 14.52 -25.84
CA THR B 2118 -10.70 15.01 -24.56
C THR B 2118 -10.56 13.83 -23.61
N GLY B 2119 -10.42 14.13 -22.32
CA GLY B 2119 -10.20 13.11 -21.31
C GLY B 2119 -8.99 13.41 -20.47
N HIS B 2120 -8.13 12.41 -20.27
CA HIS B 2120 -6.83 12.68 -19.67
C HIS B 2120 -5.98 13.57 -20.56
N VAL B 2121 -6.19 13.51 -21.86
CA VAL B 2121 -5.42 14.26 -22.85
C VAL B 2121 -6.39 14.96 -23.78
N SER B 2122 -6.13 16.24 -24.07
CA SER B 2122 -6.93 17.03 -24.99
C SER B 2122 -6.14 17.27 -26.27
N VAL B 2123 -6.75 16.97 -27.41
CA VAL B 2123 -6.12 17.15 -28.71
C VAL B 2123 -6.95 18.16 -29.51
N THR B 2124 -6.29 19.21 -30.00
CA THR B 2124 -6.94 20.26 -30.76
C THR B 2124 -6.23 20.44 -32.08
N ALA B 2125 -7.00 20.46 -33.17
CA ALA B 2125 -6.46 20.64 -34.52
C ALA B 2125 -6.26 22.13 -34.75
N GLU B 2126 -5.07 22.62 -34.41
CA GLU B 2126 -4.70 24.02 -34.63
C GLU B 2126 -4.38 24.17 -36.11
N GLY B 2127 -5.42 24.14 -36.93
CA GLY B 2127 -5.21 24.20 -38.37
C GLY B 2127 -4.37 23.04 -38.87
N ARG B 2128 -3.28 23.37 -39.57
CA ARG B 2128 -2.35 22.33 -39.99
C ARG B 2128 -1.69 21.66 -38.80
N ASN B 2129 -1.32 22.45 -37.78
CA ASN B 2129 -0.66 21.90 -36.61
C ASN B 2129 -1.63 21.15 -35.71
N ILE B 2130 -1.08 20.33 -34.82
CA ILE B 2130 -1.85 19.57 -33.84
C ILE B 2130 -1.29 19.88 -32.47
N VAL B 2131 -2.17 20.17 -31.51
CA VAL B 2131 -1.79 20.52 -30.15
C VAL B 2131 -2.28 19.43 -29.21
N LEU B 2132 -1.38 18.90 -28.39
CA LEU B 2132 -1.71 17.92 -27.36
C LEU B 2132 -1.44 18.55 -26.01
N GLN B 2133 -2.42 18.48 -25.12
CA GLN B 2133 -2.32 19.05 -23.78
C GLN B 2133 -2.76 18.03 -22.74
N THR B 2134 -2.14 18.10 -21.58
CA THR B 2134 -2.47 17.23 -20.46
C THR B 2134 -3.32 17.96 -19.44
N ASN B 2135 -3.73 17.23 -18.40
CA ASN B 2135 -4.49 17.82 -17.31
C ASN B 2135 -3.62 18.69 -16.41
N LYS B 2136 -2.30 18.61 -16.55
CA LYS B 2136 -1.38 19.28 -15.64
C LYS B 2136 -0.56 20.37 -16.33
N GLY B 2137 -0.88 20.70 -17.58
CA GLY B 2137 -0.23 21.78 -18.29
C GLY B 2137 0.82 21.36 -19.30
N MET B 2138 1.19 20.09 -19.34
CA MET B 2138 2.16 19.61 -20.31
C MET B 2138 1.56 19.68 -21.71
N LYS B 2139 2.30 20.25 -22.66
CA LYS B 2139 1.81 20.42 -24.02
C LYS B 2139 2.91 20.11 -25.03
N VAL B 2140 2.47 19.66 -26.21
CA VAL B 2140 3.38 19.35 -27.31
C VAL B 2140 2.68 19.67 -28.62
N LEU B 2141 3.40 20.32 -29.54
CA LEU B 2141 2.86 20.72 -30.82
C LEU B 2141 3.58 19.94 -31.92
N PHE B 2142 2.80 19.41 -32.87
CA PHE B 2142 3.31 18.65 -34.00
C PHE B 2142 2.74 19.26 -35.27
N ASP B 2143 3.61 19.69 -36.18
CA ASP B 2143 3.16 20.24 -37.44
C ASP B 2143 2.65 19.17 -38.42
N GLY B 2144 2.86 17.90 -38.10
CA GLY B 2144 2.50 16.83 -39.00
C GLY B 2144 3.51 16.54 -40.08
N ASP B 2145 4.61 17.27 -40.13
CA ASP B 2145 5.66 17.11 -41.13
C ASP B 2145 7.03 17.01 -40.45
N ALA B 2146 7.09 16.18 -39.40
CA ALA B 2146 8.34 15.90 -38.68
C ALA B 2146 8.94 17.16 -38.07
N HIS B 2147 8.15 17.86 -37.25
CA HIS B 2147 8.62 18.99 -36.45
C HIS B 2147 7.90 18.96 -35.12
N ILE B 2148 8.66 18.83 -34.04
CA ILE B 2148 8.10 18.64 -32.70
C ILE B 2148 8.57 19.79 -31.80
N LEU B 2149 7.62 20.41 -31.10
CA LEU B 2149 7.91 21.45 -30.11
C LEU B 2149 7.25 21.04 -28.80
N MET B 2150 8.05 20.59 -27.84
CA MET B 2150 7.51 20.22 -26.54
C MET B 2150 7.74 21.34 -25.54
N SER B 2151 6.68 21.69 -24.81
CA SER B 2151 6.76 22.66 -23.73
C SER B 2151 6.44 21.95 -22.43
N ILE B 2152 7.44 21.78 -21.57
CA ILE B 2152 7.28 21.05 -20.32
C ILE B 2152 7.36 22.02 -19.16
N PRO B 2153 6.23 22.39 -18.56
CA PRO B 2153 6.24 23.23 -17.34
C PRO B 2153 6.12 22.45 -16.04
N SER B 2154 5.99 21.13 -16.09
CA SER B 2154 5.69 20.36 -14.90
C SER B 2154 6.87 20.38 -13.92
N SER B 2155 6.56 20.10 -12.65
CA SER B 2155 7.56 20.14 -11.58
C SER B 2155 8.40 18.87 -11.65
N PHE B 2156 9.28 18.83 -12.64
CA PHE B 2156 10.24 17.75 -12.81
C PHE B 2156 11.66 18.30 -12.83
N ARG B 2157 11.90 19.31 -12.00
CA ARG B 2157 13.22 19.93 -11.92
C ARG B 2157 14.26 18.93 -11.43
N GLY B 2158 15.13 18.50 -12.35
CA GLY B 2158 16.19 17.57 -12.01
C GLY B 2158 15.85 16.11 -12.24
N ARG B 2159 14.68 15.69 -11.76
CA ARG B 2159 14.29 14.28 -11.84
C ARG B 2159 14.20 13.79 -13.28
N LEU B 2160 13.60 14.59 -14.15
CA LEU B 2160 13.45 14.21 -15.55
C LEU B 2160 14.81 14.07 -16.22
N CYS B 2161 14.93 13.08 -17.10
CA CYS B 2161 16.18 12.85 -17.82
C CYS B 2161 15.88 12.20 -19.15
N GLY B 2162 16.83 12.30 -20.07
CA GLY B 2162 16.67 11.70 -21.39
C GLY B 2162 17.43 12.44 -22.47
N LEU B 2163 16.88 12.46 -23.68
CA LEU B 2163 17.52 13.15 -24.79
C LEU B 2163 17.42 14.66 -24.70
N CYS B 2164 16.31 15.19 -24.19
CA CYS B 2164 16.22 16.63 -23.96
C CYS B 2164 17.22 17.08 -22.91
N GLY B 2165 17.34 16.26 -21.85
CA GLY B 2165 18.33 16.55 -20.79
C GLY B 2165 17.67 16.84 -19.45
N ASN B 2166 18.48 16.91 -18.39
CA ASN B 2166 17.97 17.22 -17.02
C ASN B 2166 17.63 18.71 -16.93
N PHE B 2167 16.82 19.10 -15.94
CA PHE B 2167 16.48 20.53 -15.74
C PHE B 2167 17.55 21.18 -14.85
N ASN B 2168 18.50 21.90 -15.45
CA ASN B 2168 19.61 22.55 -14.69
C ASN B 2168 20.34 23.56 -15.57
N GLY B 2169 21.37 24.23 -15.04
CA GLY B 2169 22.07 25.31 -15.76
C GLY B 2169 22.84 24.96 -17.03
N ASN B 2170 23.52 23.81 -17.12
CA ASN B 2170 24.41 23.58 -18.29
C ASN B 2170 24.02 22.41 -19.19
N TRP B 2171 24.44 22.47 -20.46
CA TRP B 2171 24.20 21.35 -21.41
C TRP B 2171 25.04 20.15 -20.98
N SER B 2172 26.13 20.39 -20.26
CA SER B 2172 27.01 19.29 -19.79
C SER B 2172 26.19 18.36 -18.90
N ASP B 2173 25.34 18.93 -18.05
CA ASP B 2173 24.45 18.10 -17.19
C ASP B 2173 23.50 17.32 -18.10
N ASP B 2174 23.01 17.94 -19.17
CA ASP B 2174 22.14 17.22 -20.13
C ASP B 2174 22.93 16.05 -20.73
N PHE B 2175 24.23 16.27 -21.02
CA PHE B 2175 25.04 15.22 -21.69
C PHE B 2175 25.51 14.14 -20.73
N VAL B 2176 25.09 14.16 -19.46
CA VAL B 2176 25.48 13.06 -18.58
C VAL B 2176 24.70 11.81 -18.97
N LEU B 2177 25.32 10.66 -18.77
CA LEU B 2177 24.72 9.37 -19.07
C LEU B 2177 24.21 8.73 -17.79
N PRO B 2178 23.25 7.79 -17.89
CA PRO B 2178 22.77 7.12 -16.67
C PRO B 2178 23.87 6.39 -15.93
N SER B 2179 24.81 5.79 -16.64
CA SER B 2179 25.94 5.12 -16.00
C SER B 2179 27.13 6.04 -15.78
N GLY B 2180 27.07 7.29 -16.27
CA GLY B 2180 28.17 8.22 -16.15
C GLY B 2180 29.24 8.11 -17.20
N ALA B 2181 29.14 7.13 -18.11
CA ALA B 2181 30.12 6.94 -19.16
C ALA B 2181 29.77 7.83 -20.35
N VAL B 2182 30.49 8.93 -20.51
CA VAL B 2182 30.22 9.86 -21.59
C VAL B 2182 30.80 9.32 -22.88
N ALA B 2183 29.95 9.15 -23.90
CA ALA B 2183 30.38 8.68 -25.20
C ALA B 2183 30.63 9.89 -26.09
N PRO B 2184 31.88 10.14 -26.52
CA PRO B 2184 32.14 11.33 -27.35
C PRO B 2184 31.33 11.35 -28.64
N ASN B 2185 31.11 10.20 -29.26
CA ASN B 2185 30.29 10.14 -30.47
C ASN B 2185 28.82 10.31 -30.10
N VAL B 2186 28.20 11.34 -30.68
CA VAL B 2186 26.78 11.59 -30.41
C VAL B 2186 25.91 10.46 -30.93
N GLU B 2187 26.37 9.74 -31.96
CA GLU B 2187 25.62 8.58 -32.44
C GLU B 2187 25.56 7.50 -31.38
N ALA B 2188 26.65 7.29 -30.63
CA ALA B 2188 26.62 6.34 -29.53
C ALA B 2188 25.62 6.76 -28.48
N PHE B 2189 25.55 8.05 -28.18
CA PHE B 2189 24.46 8.57 -27.36
C PHE B 2189 23.14 8.28 -28.04
N GLY B 2190 22.21 7.69 -27.30
CA GLY B 2190 20.94 7.26 -27.83
C GLY B 2190 20.90 5.79 -28.20
N THR B 2191 22.05 5.15 -28.40
CA THR B 2191 22.07 3.70 -28.55
C THR B 2191 21.66 3.00 -27.27
N ALA B 2192 21.81 3.66 -26.13
CA ALA B 2192 21.25 3.18 -24.87
C ALA B 2192 19.82 3.68 -24.68
N TRP B 2193 19.55 4.93 -25.08
CA TRP B 2193 18.19 5.48 -25.04
C TRP B 2193 17.48 5.17 -26.35
N ARG B 2194 17.30 3.88 -26.61
CA ARG B 2194 16.65 3.39 -27.81
C ARG B 2194 15.26 2.88 -27.46
N ALA B 2195 14.25 3.36 -28.17
CA ALA B 2195 12.90 2.89 -27.93
C ALA B 2195 12.68 1.53 -28.59
N PRO B 2196 11.90 0.66 -27.97
CA PRO B 2196 11.59 -0.63 -28.59
C PRO B 2196 10.71 -0.48 -29.82
N GLY B 2197 10.31 -1.60 -30.42
CA GLY B 2197 9.49 -1.57 -31.61
C GLY B 2197 10.24 -1.36 -32.90
N SER B 2198 11.57 -1.42 -32.84
CA SER B 2198 12.39 -1.33 -34.08
C SER B 2198 12.27 -2.67 -34.83
N SER B 2199 12.29 -2.63 -36.17
CA SER B 2199 12.07 -3.89 -36.94
C SER B 2199 13.40 -4.46 -37.43
N LEU B 2200 13.77 -5.68 -37.00
CA LEU B 2200 15.02 -6.37 -37.41
C LEU B 2200 16.24 -5.46 -37.20
N GLY B 2201 16.26 -4.72 -36.09
CA GLY B 2201 17.39 -3.81 -35.80
C GLY B 2201 17.25 -2.52 -36.59
N CYS B 2202 18.22 -1.60 -36.44
CA CYS B 2202 18.18 -0.37 -37.29
C CYS B 2202 19.61 0.12 -37.54
N GLY B 2203 19.80 0.89 -38.61
CA GLY B 2203 21.14 1.41 -38.93
C GLY B 2203 21.30 2.83 -38.42
N GLU B 2204 22.37 3.10 -37.67
CA GLU B 2204 22.55 4.44 -37.07
C GLU B 2204 23.71 5.17 -37.76
N GLY B 2205 23.43 5.93 -38.82
CA GLY B 2205 24.48 6.64 -39.53
C GLY B 2205 24.22 6.91 -40.99
N CYS B 2206 24.76 8.03 -41.50
CA CYS B 2206 24.73 8.33 -42.92
C CYS B 2206 25.65 7.37 -43.66
N GLY B 2207 25.60 7.36 -45.00
CA GLY B 2207 26.53 6.57 -45.76
C GLY B 2207 27.95 6.92 -45.39
N PRO B 2208 28.37 8.12 -45.75
CA PRO B 2208 29.47 8.75 -45.01
C PRO B 2208 28.90 9.51 -43.82
N GLN B 2209 29.24 9.09 -42.60
CA GLN B 2209 28.57 9.61 -41.41
C GLN B 2209 28.67 11.13 -41.34
N GLY B 2210 27.55 11.77 -41.06
CA GLY B 2210 27.44 13.22 -41.10
C GLY B 2210 27.10 13.77 -42.46
N CYS B 2211 27.13 12.96 -43.51
CA CYS B 2211 26.87 13.34 -44.90
C CYS B 2211 27.60 14.63 -45.24
N PRO B 2212 28.92 14.61 -45.39
CA PRO B 2212 29.70 15.84 -45.59
C PRO B 2212 29.48 16.51 -46.93
N VAL B 2213 28.57 16.03 -47.77
CA VAL B 2213 28.36 16.65 -49.08
C VAL B 2213 27.87 18.08 -48.92
N CYS B 2214 26.95 18.31 -47.99
CA CYS B 2214 26.43 19.66 -47.78
C CYS B 2214 27.47 20.56 -47.12
N LEU B 2215 28.44 19.96 -46.43
CA LEU B 2215 29.48 20.75 -45.78
C LEU B 2215 30.30 21.53 -46.80
N ALA B 2216 30.67 20.87 -47.91
CA ALA B 2216 31.51 21.52 -48.91
C ALA B 2216 30.71 22.48 -49.79
N GLU B 2217 29.46 22.13 -50.09
CA GLU B 2217 28.69 22.89 -51.06
C GLU B 2217 28.35 24.29 -50.58
N GLU B 2218 28.01 24.45 -49.29
CA GLU B 2218 27.53 25.73 -48.81
C GLU B 2218 28.59 26.82 -48.88
N THR B 2219 29.87 26.44 -48.92
CA THR B 2219 30.93 27.44 -49.02
C THR B 2219 30.84 28.23 -50.32
N GLN B 2220 30.60 27.55 -51.43
CA GLN B 2220 30.36 28.21 -52.71
C GLN B 2220 28.90 28.56 -52.93
N ALA B 2221 27.99 27.98 -52.15
CA ALA B 2221 26.57 28.28 -52.27
C ALA B 2221 26.15 29.31 -51.21
N TYR B 2222 26.62 30.54 -51.41
CA TYR B 2222 26.28 31.62 -50.50
C TYR B 2222 24.88 32.17 -50.75
N GLU B 2223 24.26 31.79 -51.87
CA GLU B 2223 22.86 32.16 -52.09
C GLU B 2223 21.93 31.31 -51.25
N LYS B 2224 22.35 30.10 -50.90
CA LYS B 2224 21.51 29.24 -50.05
C LYS B 2224 21.31 29.87 -48.68
N ASN B 2225 22.37 30.41 -48.08
CA ASN B 2225 22.21 31.15 -46.83
C ASN B 2225 21.56 32.50 -47.08
N ASP B 2226 21.73 33.05 -48.27
CA ASP B 2226 21.09 34.32 -48.60
C ASP B 2226 19.57 34.16 -48.72
N ALA B 2227 19.10 32.98 -49.13
CA ALA B 2227 17.68 32.73 -49.28
C ALA B 2227 16.95 32.82 -47.94
N CYS B 2228 17.30 31.93 -47.00
CA CYS B 2228 16.60 31.91 -45.72
C CYS B 2228 16.85 33.19 -44.93
N GLY B 2229 18.11 33.62 -44.84
CA GLY B 2229 18.45 34.73 -43.97
C GLY B 2229 17.72 36.01 -44.32
N LYS B 2230 17.66 36.35 -45.62
CA LYS B 2230 16.95 37.55 -46.03
C LYS B 2230 15.49 37.52 -45.63
N ILE B 2231 14.89 36.33 -45.56
CA ILE B 2231 13.52 36.22 -45.08
C ILE B 2231 13.45 36.61 -43.60
N ARG B 2232 14.37 36.10 -42.80
CA ARG B 2232 14.39 36.37 -41.36
C ARG B 2232 15.32 37.47 -40.88
N ASP B 2233 15.91 38.24 -41.79
CA ASP B 2233 16.70 39.40 -41.39
C ASP B 2233 15.76 40.49 -40.90
N PRO B 2234 16.24 41.41 -40.06
CA PRO B 2234 15.34 42.48 -39.58
C PRO B 2234 14.56 43.33 -40.57
N HIS B 2235 15.13 43.63 -41.74
CA HIS B 2235 14.36 44.37 -42.73
C HIS B 2235 13.31 43.49 -43.39
N GLY B 2236 13.51 42.18 -43.41
CA GLY B 2236 12.53 41.26 -43.92
C GLY B 2236 11.46 40.98 -42.90
N PRO B 2237 10.26 41.53 -43.12
CA PRO B 2237 9.22 41.45 -42.09
C PRO B 2237 8.53 40.10 -42.05
N PHE B 2238 9.31 39.02 -42.01
CA PHE B 2238 8.71 37.69 -41.88
C PHE B 2238 7.95 37.56 -40.57
N ALA B 2239 8.52 38.06 -39.48
CA ALA B 2239 7.92 37.95 -38.17
C ALA B 2239 8.43 39.05 -37.26
N ALA B 2240 7.73 39.23 -36.14
CA ALA B 2240 8.23 40.01 -35.02
C ALA B 2240 8.77 39.15 -33.89
N CYS B 2241 8.55 37.84 -33.94
CA CYS B 2241 9.06 36.94 -32.91
C CYS B 2241 10.56 36.71 -33.03
N HIS B 2242 11.13 36.83 -34.23
CA HIS B 2242 12.58 36.72 -34.36
C HIS B 2242 13.30 37.84 -33.63
N LYS B 2243 12.65 38.99 -33.43
CA LYS B 2243 13.17 39.99 -32.51
C LYS B 2243 13.03 39.52 -31.06
N VAL B 2244 11.90 38.88 -30.74
CA VAL B 2244 11.70 38.37 -29.39
C VAL B 2244 12.60 37.16 -29.14
N LEU B 2245 12.68 36.25 -30.09
CA LEU B 2245 13.50 35.05 -29.99
C LEU B 2245 14.41 34.97 -31.20
N SER B 2246 15.72 34.95 -30.97
CA SER B 2246 16.66 35.05 -32.07
C SER B 2246 16.47 33.89 -33.05
N PRO B 2247 16.43 34.18 -34.35
CA PRO B 2247 16.25 33.14 -35.37
C PRO B 2247 17.51 32.40 -35.76
N LEU B 2248 18.59 32.50 -34.98
CA LEU B 2248 19.87 31.93 -35.40
C LEU B 2248 19.79 30.42 -35.52
N GLU B 2249 19.10 29.76 -34.59
CA GLU B 2249 18.99 28.29 -34.64
C GLU B 2249 18.30 27.85 -35.92
N TYR B 2250 17.20 28.50 -36.28
CA TYR B 2250 16.46 28.14 -37.48
C TYR B 2250 17.19 28.55 -38.75
N PHE B 2251 17.94 29.65 -38.73
CA PHE B 2251 18.77 30.00 -39.87
C PHE B 2251 19.85 28.94 -40.10
N ARG B 2252 20.49 28.50 -39.01
CA ARG B 2252 21.48 27.43 -39.13
C ARG B 2252 20.83 26.14 -39.61
N GLN B 2253 19.62 25.85 -39.15
CA GLN B 2253 18.90 24.68 -39.63
C GLN B 2253 18.62 24.77 -41.12
N CYS B 2254 18.18 25.94 -41.58
CA CYS B 2254 17.88 26.14 -43.00
C CYS B 2254 19.13 25.94 -43.85
N VAL B 2255 20.26 26.51 -43.41
CA VAL B 2255 21.48 26.37 -44.19
C VAL B 2255 22.15 25.01 -44.03
N TYR B 2256 21.80 24.26 -42.99
CA TYR B 2256 22.36 22.93 -42.77
C TYR B 2256 21.50 21.84 -43.41
N ASP B 2257 20.29 22.17 -43.83
CA ASP B 2257 19.48 21.21 -44.58
C ASP B 2257 20.22 20.79 -45.85
N MET B 2258 19.94 19.57 -46.30
CA MET B 2258 20.72 18.90 -47.34
C MET B 2258 20.93 19.82 -48.54
N CYS B 2259 22.20 20.09 -48.84
CA CYS B 2259 22.54 21.00 -49.93
C CYS B 2259 22.06 20.47 -51.27
N ALA B 2260 22.23 19.16 -51.51
CA ALA B 2260 21.72 18.57 -52.74
C ALA B 2260 20.21 18.73 -52.85
N HIS B 2261 19.52 18.75 -51.72
CA HIS B 2261 18.09 19.01 -51.66
C HIS B 2261 17.77 20.47 -51.40
N LYS B 2262 18.78 21.33 -51.27
CA LYS B 2262 18.57 22.70 -50.85
C LYS B 2262 18.19 23.59 -52.02
N GLY B 2263 17.46 24.66 -51.70
CA GLY B 2263 16.98 25.63 -52.66
C GLY B 2263 15.75 26.32 -52.13
N ASP B 2264 14.74 26.51 -52.98
CA ASP B 2264 13.43 26.94 -52.51
C ASP B 2264 12.53 25.72 -52.42
N LYS B 2265 13.12 24.59 -52.05
CA LYS B 2265 12.46 23.29 -52.12
C LYS B 2265 11.59 23.07 -50.88
N ALA B 2266 11.12 21.83 -50.73
CA ALA B 2266 10.32 21.48 -49.55
C ALA B 2266 11.08 21.71 -48.27
N TYR B 2267 12.42 21.60 -48.31
CA TYR B 2267 13.21 21.85 -47.11
C TYR B 2267 13.10 23.32 -46.68
N LEU B 2268 13.26 24.24 -47.62
CA LEU B 2268 13.14 25.66 -47.28
C LEU B 2268 11.73 26.00 -46.83
N CYS B 2269 10.71 25.49 -47.55
CA CYS B 2269 9.34 25.77 -47.17
C CYS B 2269 9.03 25.20 -45.79
N ARG B 2270 9.50 23.99 -45.51
CA ARG B 2270 9.28 23.37 -44.20
C ARG B 2270 10.00 24.14 -43.10
N SER B 2271 11.20 24.65 -43.36
CA SER B 2271 11.90 25.43 -42.35
C SER B 2271 11.13 26.70 -42.01
N LEU B 2272 10.66 27.43 -43.04
CA LEU B 2272 9.88 28.63 -42.78
C LEU B 2272 8.60 28.30 -42.04
N ALA B 2273 7.91 27.23 -42.45
CA ALA B 2273 6.68 26.84 -41.78
C ALA B 2273 6.94 26.43 -40.34
N ALA B 2274 8.04 25.71 -40.10
CA ALA B 2274 8.36 25.26 -38.75
C ALA B 2274 8.62 26.45 -37.83
N TYR B 2275 9.35 27.46 -38.31
CA TYR B 2275 9.62 28.61 -37.44
C TYR B 2275 8.36 29.44 -37.23
N THR B 2276 7.56 29.64 -38.28
CA THR B 2276 6.35 30.42 -38.10
C THR B 2276 5.29 29.69 -37.30
N ALA B 2277 5.39 28.37 -37.19
CA ALA B 2277 4.52 27.59 -36.32
C ALA B 2277 5.10 27.42 -34.93
N ALA B 2278 6.40 27.66 -34.75
CA ALA B 2278 7.01 27.73 -33.43
C ALA B 2278 6.83 29.07 -32.76
N CYS B 2279 6.67 30.15 -33.55
CA CYS B 2279 6.34 31.45 -32.98
C CYS B 2279 4.97 31.47 -32.33
N GLN B 2280 4.15 30.46 -32.64
CA GLN B 2280 2.78 30.39 -32.09
C GLN B 2280 2.81 30.37 -30.56
N ALA B 2281 3.97 30.05 -29.96
CA ALA B 2281 4.02 29.93 -28.49
C ALA B 2281 3.63 31.27 -27.87
N ALA B 2282 4.14 32.36 -28.42
CA ALA B 2282 3.70 33.69 -27.96
C ALA B 2282 3.08 34.40 -29.16
N GLY B 2283 1.82 34.81 -29.08
CA GLY B 2283 1.19 35.39 -30.28
C GLY B 2283 1.95 36.61 -30.75
N ALA B 2284 2.25 36.68 -32.04
CA ALA B 2284 2.98 37.84 -32.60
C ALA B 2284 2.42 38.15 -33.98
N ALA B 2285 2.47 39.41 -34.42
CA ALA B 2285 2.05 39.71 -35.80
C ALA B 2285 3.04 39.02 -36.73
N VAL B 2286 2.55 38.28 -37.73
CA VAL B 2286 3.48 37.50 -38.60
C VAL B 2286 3.04 37.62 -40.06
N LYS B 2287 3.61 38.55 -40.81
CA LYS B 2287 3.33 38.56 -42.24
C LYS B 2287 3.58 37.15 -42.79
N PRO B 2288 2.68 36.65 -43.67
CA PRO B 2288 2.72 35.24 -44.07
C PRO B 2288 4.12 34.71 -44.40
N TRP B 2289 4.36 33.44 -44.05
CA TRP B 2289 5.66 32.79 -44.34
C TRP B 2289 5.72 32.46 -45.83
N ARG B 2290 4.55 32.32 -46.45
CA ARG B 2290 4.48 31.96 -47.89
C ARG B 2290 3.82 33.12 -48.64
N THR B 2291 4.44 33.57 -49.73
CA THR B 2291 3.81 34.64 -50.56
C THR B 2291 3.57 34.10 -51.97
N ASP B 2292 2.34 34.23 -52.48
CA ASP B 2292 2.03 33.82 -53.87
C ASP B 2292 2.45 32.39 -54.24
N SER B 2293 3.19 32.24 -55.34
CA SER B 2293 3.61 30.90 -55.81
C SER B 2293 4.93 30.25 -55.19
N VAL B 2294 5.59 31.06 -54.38
CA VAL B 2294 6.90 30.60 -53.79
C VAL B 2294 6.86 29.23 -53.11
N CYS B 2295 5.85 28.95 -52.29
CA CYS B 2295 5.70 27.60 -51.70
C CYS B 2295 4.29 27.07 -52.03
N PRO B 2296 4.02 25.75 -52.22
CA PRO B 2296 2.67 25.28 -52.57
C PRO B 2296 1.84 24.90 -51.37
N LEU B 2297 0.58 25.32 -51.38
CA LEU B 2297 -0.38 24.96 -50.34
C LEU B 2297 -1.78 25.18 -50.88
N GLN B 2298 -2.69 24.32 -50.45
CA GLN B 2298 -4.07 24.36 -50.95
C GLN B 2298 -5.00 23.86 -49.86
N CYS B 2299 -6.28 23.85 -50.18
CA CYS B 2299 -7.35 23.42 -49.28
C CYS B 2299 -8.27 22.49 -50.04
N PRO B 2300 -9.04 21.65 -49.33
CA PRO B 2300 -9.98 20.77 -50.05
C PRO B 2300 -10.95 21.52 -50.95
N ALA B 2301 -11.74 22.42 -50.40
CA ALA B 2301 -12.69 23.20 -51.20
C ALA B 2301 -13.26 24.31 -50.35
N HIS B 2302 -13.70 25.38 -51.03
CA HIS B 2302 -14.46 26.47 -50.42
C HIS B 2302 -13.69 27.15 -49.28
N SER B 2303 -12.37 27.09 -49.34
CA SER B 2303 -11.56 27.60 -48.25
C SER B 2303 -10.55 28.62 -48.76
N HIS B 2304 -10.37 29.68 -47.98
CA HIS B 2304 -9.38 30.70 -48.26
C HIS B 2304 -8.25 30.59 -47.24
N TYR B 2305 -7.06 31.01 -47.66
CA TYR B 2305 -5.87 30.93 -46.81
C TYR B 2305 -5.65 32.26 -46.09
N SER B 2306 -5.35 32.18 -44.79
CA SER B 2306 -5.05 33.35 -43.98
C SER B 2306 -4.00 32.98 -42.94
N ILE B 2307 -2.98 33.83 -42.83
CA ILE B 2307 -1.90 33.61 -41.88
C ILE B 2307 -2.37 33.79 -40.44
N CYS B 2308 -3.48 34.47 -40.23
CA CYS B 2308 -4.03 34.72 -38.90
C CYS B 2308 -5.44 34.12 -38.85
N THR B 2309 -5.54 32.87 -38.40
CA THR B 2309 -6.80 32.16 -38.38
C THR B 2309 -6.97 31.43 -37.05
N ARG B 2310 -8.20 31.48 -36.52
CA ARG B 2310 -8.58 30.81 -35.28
C ARG B 2310 -9.53 29.69 -35.66
N SER B 2311 -8.97 28.52 -35.98
CA SER B 2311 -9.80 27.40 -36.44
C SER B 2311 -10.38 26.61 -35.28
N CYS B 2312 -9.85 26.78 -34.07
CA CYS B 2312 -10.31 25.99 -32.93
C CYS B 2312 -11.76 26.28 -32.61
N GLN B 2313 -12.16 27.54 -32.67
CA GLN B 2313 -13.55 27.95 -32.54
C GLN B 2313 -14.05 28.44 -33.89
N GLY B 2314 -15.35 28.72 -33.96
CA GLY B 2314 -15.95 29.03 -35.23
C GLY B 2314 -15.87 27.90 -36.23
N SER B 2315 -16.04 26.66 -35.78
CA SER B 2315 -15.79 25.48 -36.60
C SER B 2315 -16.88 24.46 -36.29
N CYS B 2316 -16.64 23.21 -36.70
CA CYS B 2316 -17.66 22.17 -36.63
C CYS B 2316 -18.16 21.94 -35.21
N ALA B 2317 -17.24 21.85 -34.25
CA ALA B 2317 -17.61 21.44 -32.91
C ALA B 2317 -18.36 22.52 -32.16
N ALA B 2318 -19.28 22.09 -31.29
CA ALA B 2318 -19.96 22.97 -30.35
C ALA B 2318 -19.23 23.07 -29.02
N LEU B 2319 -18.17 22.28 -28.83
CA LEU B 2319 -17.31 22.35 -27.66
C LEU B 2319 -15.90 22.71 -28.13
N SER B 2320 -15.11 23.25 -27.20
CA SER B 2320 -13.77 23.70 -27.55
C SER B 2320 -12.78 23.19 -26.53
N GLY B 2321 -11.68 22.63 -27.02
CA GLY B 2321 -10.56 22.26 -26.18
C GLY B 2321 -9.40 23.21 -26.40
N LEU B 2322 -9.71 24.37 -26.95
CA LEU B 2322 -8.69 25.35 -27.31
C LEU B 2322 -8.07 25.98 -26.06
N THR B 2323 -6.95 26.67 -26.28
CA THR B 2323 -6.34 27.52 -25.27
C THR B 2323 -6.32 28.94 -25.80
N GLY B 2324 -7.45 29.38 -26.33
CA GLY B 2324 -7.44 30.52 -27.23
C GLY B 2324 -6.78 30.23 -28.54
N CYS B 2325 -6.99 29.02 -29.09
CA CYS B 2325 -6.18 28.47 -30.17
C CYS B 2325 -4.70 28.50 -29.77
N THR B 2326 -4.45 28.15 -28.51
CA THR B 2326 -3.14 28.29 -27.88
C THR B 2326 -2.62 29.72 -28.03
N THR B 2327 -3.54 30.68 -27.88
CA THR B 2327 -3.24 32.11 -27.98
C THR B 2327 -2.53 32.43 -29.29
N ARG B 2328 -3.13 32.01 -30.40
CA ARG B 2328 -2.48 32.16 -31.70
C ARG B 2328 -3.53 32.09 -32.80
N CYS B 2329 -3.45 33.03 -33.74
CA CYS B 2329 -4.10 32.91 -35.03
C CYS B 2329 -3.02 32.57 -36.06
N PHE B 2330 -3.24 31.48 -36.79
CA PHE B 2330 -2.17 30.75 -37.46
C PHE B 2330 -2.50 30.52 -38.93
N GLU B 2331 -1.53 29.95 -39.63
CA GLU B 2331 -1.74 29.56 -41.02
C GLU B 2331 -2.67 28.36 -41.11
N GLY B 2332 -3.42 28.29 -42.18
CA GLY B 2332 -4.34 27.18 -42.39
C GLY B 2332 -5.39 27.53 -43.42
N CYS B 2333 -6.48 26.77 -43.39
CA CYS B 2333 -7.60 26.94 -44.31
C CYS B 2333 -8.81 27.39 -43.50
N GLU B 2334 -9.42 28.49 -43.93
CA GLU B 2334 -10.65 28.99 -43.32
C GLU B 2334 -11.75 28.91 -44.38
N CYS B 2335 -12.71 28.03 -44.15
CA CYS B 2335 -13.79 27.86 -45.10
C CYS B 2335 -14.75 29.04 -45.01
N ASP B 2336 -15.30 29.43 -46.17
CA ASP B 2336 -16.06 30.67 -46.29
C ASP B 2336 -17.56 30.38 -46.36
N ASP B 2337 -18.33 31.46 -46.52
CA ASP B 2337 -19.81 31.47 -46.60
C ASP B 2337 -20.35 30.57 -45.49
N HIS B 2338 -21.34 29.71 -45.76
CA HIS B 2338 -21.81 28.76 -44.76
C HIS B 2338 -20.88 27.55 -44.79
N PHE B 2339 -20.27 27.26 -43.65
CA PHE B 2339 -19.17 26.30 -43.63
C PHE B 2339 -19.06 25.66 -42.26
N LEU B 2340 -18.42 24.49 -42.24
CA LEU B 2340 -17.96 23.84 -41.02
C LEU B 2340 -16.59 23.24 -41.35
N LEU B 2341 -15.93 22.73 -40.31
CA LEU B 2341 -14.58 22.14 -40.47
C LEU B 2341 -14.55 20.81 -39.73
N SER B 2342 -14.90 19.74 -40.43
CA SER B 2342 -14.86 18.38 -39.88
C SER B 2342 -13.55 17.73 -40.30
N HIS B 2343 -12.59 17.67 -39.37
CA HIS B 2343 -11.28 17.06 -39.57
C HIS B 2343 -10.71 17.37 -40.96
N GLY B 2344 -10.60 18.65 -41.26
CA GLY B 2344 -10.08 19.12 -42.53
C GLY B 2344 -11.12 19.39 -43.61
N VAL B 2345 -12.09 18.50 -43.77
CA VAL B 2345 -13.10 18.68 -44.80
C VAL B 2345 -14.04 19.81 -44.40
N CYS B 2346 -14.67 20.44 -45.39
CA CYS B 2346 -15.61 21.53 -45.15
C CYS B 2346 -16.99 21.11 -45.63
N ILE B 2347 -17.98 21.22 -44.75
CA ILE B 2347 -19.37 20.90 -45.08
C ILE B 2347 -20.17 22.20 -45.09
N PRO B 2348 -21.07 22.41 -46.06
CA PRO B 2348 -21.85 23.66 -46.11
C PRO B 2348 -22.92 23.74 -45.03
N ALA B 2349 -22.51 23.52 -43.78
CA ALA B 2349 -23.37 23.69 -42.61
C ALA B 2349 -24.60 22.79 -42.66
N GLN B 2350 -24.39 21.50 -42.93
CA GLN B 2350 -25.44 20.49 -42.83
C GLN B 2350 -25.00 19.32 -41.96
N ASP B 2351 -23.93 19.48 -41.20
CA ASP B 2351 -23.34 18.42 -40.42
C ASP B 2351 -23.09 18.92 -39.01
N CYS B 2352 -22.41 18.11 -38.20
CA CYS B 2352 -21.91 18.44 -36.87
C CYS B 2352 -23.02 18.63 -35.85
N GLY B 2353 -24.26 18.24 -36.18
CA GLY B 2353 -25.30 18.24 -35.17
C GLY B 2353 -25.05 17.25 -34.06
N CYS B 2354 -24.25 16.22 -34.34
CA CYS B 2354 -23.92 15.18 -33.36
C CYS B 2354 -22.58 15.50 -32.74
N VAL B 2355 -22.61 16.16 -31.58
CA VAL B 2355 -21.42 16.49 -30.83
C VAL B 2355 -21.61 15.92 -29.42
N HIS B 2356 -21.03 14.75 -29.17
CA HIS B 2356 -21.17 14.10 -27.88
C HIS B 2356 -20.14 14.67 -26.92
N ASN B 2357 -20.17 14.22 -25.65
CA ASN B 2357 -19.18 14.68 -24.68
C ASN B 2357 -17.79 14.21 -25.07
N GLY B 2358 -17.67 12.98 -25.55
CA GLY B 2358 -16.36 12.46 -25.92
C GLY B 2358 -15.81 13.11 -27.17
N GLN B 2359 -16.52 12.96 -28.29
CA GLN B 2359 -16.00 13.42 -29.57
C GLN B 2359 -16.98 14.03 -30.57
N TYR B 2360 -16.43 14.47 -31.69
CA TYR B 2360 -17.27 14.80 -32.86
C TYR B 2360 -17.80 13.65 -33.70
N MET B 2361 -19.08 13.36 -33.58
CA MET B 2361 -19.65 12.24 -34.32
C MET B 2361 -20.14 12.76 -35.66
N PRO B 2362 -19.54 12.35 -36.77
CA PRO B 2362 -20.03 12.76 -38.09
C PRO B 2362 -21.40 12.17 -38.36
N VAL B 2363 -22.10 12.80 -39.31
CA VAL B 2363 -23.44 12.33 -39.66
C VAL B 2363 -23.35 10.90 -40.21
N ASN B 2364 -24.42 10.14 -39.99
CA ASN B 2364 -24.54 8.77 -40.46
C ASN B 2364 -23.38 7.91 -39.97
N SER B 2365 -22.96 8.12 -38.73
CA SER B 2365 -21.88 7.36 -38.12
C SER B 2365 -22.32 6.79 -36.79
N SER B 2366 -21.48 5.96 -36.20
CA SER B 2366 -21.77 5.35 -34.91
C SER B 2366 -20.46 5.22 -34.13
N LEU B 2367 -20.60 5.11 -32.81
CA LEU B 2367 -19.43 5.03 -31.92
C LEU B 2367 -19.81 4.15 -30.72
N MET B 2368 -19.21 2.97 -30.65
CA MET B 2368 -19.40 2.11 -29.49
C MET B 2368 -18.36 2.46 -28.42
N SER B 2369 -18.84 2.87 -27.26
CA SER B 2369 -17.97 3.36 -26.20
C SER B 2369 -17.40 2.19 -25.40
N SER B 2370 -16.78 2.50 -24.26
CA SER B 2370 -16.10 1.50 -23.47
C SER B 2370 -17.12 0.55 -22.82
N ASP B 2371 -16.62 -0.63 -22.44
CA ASP B 2371 -17.43 -1.65 -21.75
C ASP B 2371 -18.67 -2.02 -22.56
N CYS B 2372 -18.49 -2.20 -23.86
CA CYS B 2372 -19.55 -2.64 -24.76
C CYS B 2372 -20.78 -1.74 -24.69
N SER B 2373 -20.53 -0.43 -24.63
CA SER B 2373 -21.61 0.55 -24.76
C SER B 2373 -22.05 0.57 -26.22
N GLU B 2374 -23.12 -0.17 -26.53
CA GLU B 2374 -23.35 -0.64 -27.89
C GLU B 2374 -23.41 0.50 -28.89
N ARG B 2375 -24.41 1.38 -28.78
CA ARG B 2375 -24.66 2.36 -29.83
C ARG B 2375 -24.84 3.74 -29.25
N CYS B 2376 -24.30 4.72 -29.96
CA CYS B 2376 -24.57 6.15 -29.77
C CYS B 2376 -24.86 6.77 -31.13
N PHE B 2377 -25.69 6.07 -31.90
CA PHE B 2377 -25.82 6.32 -33.33
C PHE B 2377 -26.27 7.74 -33.64
N CYS B 2378 -25.66 8.34 -34.66
CA CYS B 2378 -26.00 9.66 -35.13
C CYS B 2378 -26.85 9.55 -36.39
N SER B 2379 -27.91 10.35 -36.45
CA SER B 2379 -28.85 10.31 -37.56
C SER B 2379 -29.10 11.73 -38.07
N PRO B 2380 -29.36 11.89 -39.37
CA PRO B 2380 -29.65 13.24 -39.87
C PRO B 2380 -30.91 13.85 -39.29
N ASN B 2381 -31.98 13.05 -39.13
CA ASN B 2381 -33.23 13.59 -38.63
C ASN B 2381 -33.16 13.88 -37.14
N ASN B 2382 -32.56 12.97 -36.36
CA ASN B 2382 -32.47 13.10 -34.92
C ASN B 2382 -31.03 12.93 -34.47
N GLY B 2383 -30.64 13.73 -33.49
CA GLY B 2383 -29.26 13.80 -33.05
C GLY B 2383 -29.06 13.07 -31.72
N LEU B 2384 -28.00 12.26 -31.68
CA LEU B 2384 -27.53 11.62 -30.45
C LEU B 2384 -28.60 10.73 -29.83
N THR B 2385 -29.19 9.86 -30.64
CA THR B 2385 -30.08 8.83 -30.12
C THR B 2385 -29.23 7.71 -29.53
N CYS B 2386 -28.72 7.93 -28.32
CA CYS B 2386 -27.67 7.09 -27.76
C CYS B 2386 -28.26 5.95 -26.92
N HIS B 2387 -29.10 5.13 -27.52
CA HIS B 2387 -29.61 3.95 -26.81
C HIS B 2387 -28.51 2.90 -26.71
N GLU B 2388 -28.32 2.37 -25.50
CA GLU B 2388 -27.19 1.50 -25.20
C GLU B 2388 -27.67 0.07 -24.98
N ALA B 2389 -26.84 -0.88 -25.39
CA ALA B 2389 -27.10 -2.29 -25.17
C ALA B 2389 -25.79 -3.04 -25.01
N GLY B 2390 -25.82 -4.37 -25.11
CA GLY B 2390 -24.62 -5.14 -24.88
C GLY B 2390 -24.30 -6.05 -26.05
N CYS B 2391 -23.05 -6.52 -26.05
CA CYS B 2391 -22.58 -7.39 -27.11
C CYS B 2391 -23.17 -8.80 -26.94
N PRO B 2392 -23.49 -9.49 -28.04
CA PRO B 2392 -23.96 -10.87 -27.92
C PRO B 2392 -22.88 -11.83 -27.42
N SER B 2393 -23.25 -13.09 -27.22
CA SER B 2393 -22.31 -14.07 -26.70
C SER B 2393 -21.25 -14.41 -27.75
N GLY B 2394 -20.11 -14.90 -27.28
CA GLY B 2394 -19.05 -15.32 -28.17
C GLY B 2394 -18.20 -14.21 -28.75
N HIS B 2395 -18.28 -13.01 -28.20
CA HIS B 2395 -17.50 -11.89 -28.68
C HIS B 2395 -17.05 -11.04 -27.50
N VAL B 2396 -15.98 -10.29 -27.71
CA VAL B 2396 -15.40 -9.41 -26.70
C VAL B 2396 -15.21 -8.03 -27.30
N CYS B 2397 -15.47 -6.99 -26.50
CA CYS B 2397 -15.24 -5.62 -26.93
C CYS B 2397 -13.74 -5.34 -26.89
N GLU B 2398 -13.13 -5.23 -28.07
CA GLU B 2398 -11.70 -5.00 -28.18
C GLU B 2398 -11.45 -4.24 -29.47
N ILE B 2399 -10.49 -3.31 -29.42
CA ILE B 2399 -10.23 -2.44 -30.56
C ILE B 2399 -9.67 -3.27 -31.71
N GLN B 2400 -10.34 -3.21 -32.86
CA GLN B 2400 -9.94 -3.96 -34.05
C GLN B 2400 -9.97 -3.02 -35.25
N ALA B 2401 -8.93 -3.10 -36.08
CA ALA B 2401 -8.83 -2.29 -37.30
C ALA B 2401 -9.00 -0.80 -37.00
N GLY B 2402 -8.51 -0.38 -35.83
CA GLY B 2402 -8.56 1.02 -35.46
C GLY B 2402 -9.91 1.52 -34.98
N VAL B 2403 -10.88 0.64 -34.81
CA VAL B 2403 -12.21 1.03 -34.34
C VAL B 2403 -12.61 0.10 -33.20
N ARG B 2404 -13.23 0.65 -32.16
CA ARG B 2404 -13.61 -0.13 -31.00
C ARG B 2404 -15.02 -0.68 -31.16
N GLU B 2405 -15.12 -2.00 -31.18
CA GLU B 2405 -16.39 -2.71 -31.13
C GLU B 2405 -16.12 -4.09 -30.56
N CYS B 2406 -17.12 -4.96 -30.58
CA CYS B 2406 -16.95 -6.32 -30.08
C CYS B 2406 -16.91 -7.28 -31.24
N GLN B 2407 -15.95 -8.20 -31.21
CA GLN B 2407 -15.76 -9.18 -32.27
C GLN B 2407 -15.35 -10.51 -31.65
N ALA B 2408 -15.34 -11.55 -32.47
CA ALA B 2408 -14.95 -12.86 -32.01
C ALA B 2408 -13.49 -12.86 -31.59
N ALA B 2409 -13.19 -13.66 -30.57
CA ALA B 2409 -11.83 -13.76 -30.03
C ALA B 2409 -11.38 -15.22 -30.05
N ARG B 2410 -10.07 -15.40 -30.03
CA ARG B 2410 -9.50 -16.75 -30.12
C ARG B 2410 -9.83 -17.58 -28.88
N GLY B 2411 -9.68 -16.99 -27.69
CA GLY B 2411 -10.00 -17.72 -26.48
C GLY B 2411 -11.49 -18.00 -26.34
N LEU B 2412 -11.88 -19.26 -26.33
CA LEU B 2412 -13.29 -19.63 -26.23
C LEU B 2412 -13.39 -21.03 -25.64
N CYS B 2413 -13.76 -21.11 -24.37
CA CYS B 2413 -14.08 -22.37 -23.70
C CYS B 2413 -15.51 -22.30 -23.22
N SER B 2414 -16.42 -23.00 -23.89
CA SER B 2414 -17.82 -23.05 -23.52
C SER B 2414 -18.05 -24.29 -22.68
N ILE B 2415 -18.80 -24.15 -21.59
CA ILE B 2415 -18.77 -25.17 -20.54
C ILE B 2415 -19.70 -26.33 -20.87
N SER B 2416 -21.01 -26.08 -20.89
CA SER B 2416 -21.92 -27.25 -21.03
C SER B 2416 -23.12 -26.95 -21.92
N VAL B 2417 -22.89 -26.71 -23.22
CA VAL B 2417 -24.08 -26.59 -24.11
C VAL B 2417 -24.47 -28.06 -24.28
N GLY B 2418 -25.63 -28.47 -23.77
CA GLY B 2418 -25.96 -29.90 -23.79
C GLY B 2418 -24.97 -30.68 -22.94
N ALA B 2419 -24.42 -30.06 -21.88
CA ALA B 2419 -23.47 -30.70 -20.95
C ALA B 2419 -22.20 -31.23 -21.64
N ASN B 2420 -21.68 -30.52 -22.65
CA ASN B 2420 -20.41 -30.94 -23.31
C ASN B 2420 -19.39 -29.79 -23.24
N LEU B 2421 -18.13 -30.09 -22.87
CA LEU B 2421 -17.11 -29.05 -22.69
C LEU B 2421 -16.25 -28.97 -23.94
N THR B 2422 -16.27 -27.81 -24.59
CA THR B 2422 -15.40 -27.53 -25.73
C THR B 2422 -14.17 -26.78 -25.23
N THR B 2423 -13.01 -27.42 -25.28
CA THR B 2423 -11.79 -26.80 -24.70
C THR B 2423 -11.25 -25.68 -25.60
N PHE B 2424 -10.15 -25.03 -25.20
CA PHE B 2424 -9.56 -23.96 -26.04
C PHE B 2424 -9.33 -24.53 -27.45
N ASP B 2425 -8.56 -25.62 -27.56
CA ASP B 2425 -8.44 -26.30 -28.88
C ASP B 2425 -9.72 -27.11 -29.02
N GLY B 2426 -10.08 -27.56 -30.22
CA GLY B 2426 -11.40 -28.23 -30.34
C GLY B 2426 -11.40 -29.60 -29.72
N ALA B 2427 -12.25 -29.79 -28.70
CA ALA B 2427 -12.31 -31.08 -27.96
C ALA B 2427 -13.74 -31.26 -27.45
N HIS B 2428 -14.15 -32.50 -27.17
CA HIS B 2428 -15.51 -32.72 -26.60
C HIS B 2428 -15.45 -33.74 -25.45
N ASN B 2429 -16.20 -33.50 -24.37
CA ASN B 2429 -16.25 -34.43 -23.22
C ASN B 2429 -17.39 -34.03 -22.28
N ALA B 2430 -18.20 -35.00 -21.82
CA ALA B 2430 -19.27 -34.70 -20.88
C ALA B 2430 -18.73 -34.73 -19.46
N ILE B 2431 -19.18 -33.77 -18.64
CA ILE B 2431 -18.75 -33.73 -17.25
C ILE B 2431 -19.19 -34.99 -16.52
N SER B 2432 -20.44 -35.40 -16.73
CA SER B 2432 -21.03 -36.67 -16.34
C SER B 2432 -21.25 -36.78 -14.83
N SER B 2433 -20.85 -35.80 -14.03
CA SER B 2433 -21.02 -35.89 -12.59
C SER B 2433 -21.14 -34.51 -11.99
N PRO B 2434 -22.12 -34.27 -11.12
CA PRO B 2434 -22.26 -32.96 -10.49
C PRO B 2434 -21.08 -32.66 -9.57
N GLY B 2435 -20.80 -31.38 -9.40
CA GLY B 2435 -19.72 -30.94 -8.55
C GLY B 2435 -19.03 -29.74 -9.16
N VAL B 2436 -18.13 -29.14 -8.37
CA VAL B 2436 -17.36 -28.00 -8.84
C VAL B 2436 -16.04 -28.49 -9.41
N TYR B 2437 -15.69 -27.99 -10.59
CA TYR B 2437 -14.47 -28.38 -11.27
C TYR B 2437 -13.74 -27.14 -11.75
N GLU B 2438 -12.42 -27.10 -11.52
CA GLU B 2438 -11.61 -26.01 -12.02
C GLU B 2438 -11.59 -26.02 -13.54
N LEU B 2439 -11.45 -24.83 -14.15
CA LEU B 2439 -11.46 -24.72 -15.59
C LEU B 2439 -10.21 -24.08 -16.18
N SER B 2440 -9.61 -23.09 -15.53
CA SER B 2440 -8.41 -22.47 -16.07
C SER B 2440 -7.64 -21.81 -14.94
N SER B 2441 -6.34 -21.68 -15.16
CA SER B 2441 -5.45 -21.04 -14.20
C SER B 2441 -4.10 -20.81 -14.87
N ARG B 2442 -3.53 -19.62 -14.68
CA ARG B 2442 -2.19 -19.34 -15.18
C ARG B 2442 -1.18 -20.05 -14.28
N CYS B 2443 -1.04 -21.36 -14.52
CA CYS B 2443 -0.28 -22.20 -13.64
C CYS B 2443 1.20 -21.81 -13.66
N PRO B 2444 1.90 -21.92 -12.53
CA PRO B 2444 3.21 -21.28 -12.39
C PRO B 2444 4.29 -21.87 -13.28
N GLY B 2445 5.49 -21.30 -13.18
CA GLY B 2445 6.62 -21.71 -14.01
C GLY B 2445 6.81 -20.89 -15.25
N LEU B 2446 6.11 -19.78 -15.41
CA LEU B 2446 6.20 -18.96 -16.61
C LEU B 2446 6.58 -17.51 -16.33
N GLN B 2447 6.17 -16.96 -15.18
CA GLN B 2447 6.57 -15.62 -14.76
C GLN B 2447 6.13 -14.55 -15.77
N LYS B 2448 4.82 -14.43 -15.95
CA LYS B 2448 4.23 -13.38 -16.75
C LYS B 2448 3.30 -12.55 -15.88
N ASN B 2449 3.19 -11.26 -16.21
CA ASN B 2449 2.46 -10.32 -15.37
C ASN B 2449 0.96 -10.58 -15.35
N VAL B 2450 0.47 -11.60 -16.07
CA VAL B 2450 -0.95 -11.93 -16.01
C VAL B 2450 -1.30 -12.38 -14.60
N PRO B 2451 -2.28 -11.76 -13.94
CA PRO B 2451 -2.57 -12.12 -12.54
C PRO B 2451 -3.09 -13.54 -12.42
N TRP B 2452 -2.80 -14.15 -11.27
CA TRP B 2452 -3.29 -15.49 -10.98
C TRP B 2452 -4.81 -15.48 -10.95
N TYR B 2453 -5.41 -16.14 -11.94
CA TYR B 2453 -6.85 -16.28 -12.02
C TYR B 2453 -7.18 -17.76 -11.94
N ARG B 2454 -8.20 -18.11 -11.16
CA ARG B 2454 -8.61 -19.50 -10.96
C ARG B 2454 -10.14 -19.57 -10.97
N VAL B 2455 -10.70 -19.83 -12.16
CA VAL B 2455 -12.15 -19.90 -12.27
C VAL B 2455 -12.64 -21.29 -11.88
N LEU B 2456 -13.81 -21.34 -11.26
CA LEU B 2456 -14.47 -22.59 -10.92
C LEU B 2456 -15.93 -22.48 -11.29
N ALA B 2457 -16.56 -23.62 -11.56
CA ALA B 2457 -17.95 -23.63 -12.00
C ALA B 2457 -18.68 -24.74 -11.26
N ASP B 2458 -19.68 -24.37 -10.47
CA ASP B 2458 -20.48 -25.35 -9.73
C ASP B 2458 -21.50 -25.97 -10.67
N VAL B 2459 -21.07 -27.02 -11.38
CA VAL B 2459 -22.00 -27.79 -12.18
C VAL B 2459 -22.95 -28.53 -11.25
N GLN B 2460 -24.19 -28.09 -11.20
CA GLN B 2460 -25.17 -28.61 -10.26
C GLN B 2460 -26.46 -28.88 -11.02
N PRO B 2461 -27.29 -29.81 -10.53
CA PRO B 2461 -28.59 -30.03 -11.17
C PRO B 2461 -29.37 -28.75 -11.44
N CYS B 2462 -29.66 -27.96 -10.40
CA CYS B 2462 -30.28 -26.63 -10.54
C CYS B 2462 -31.54 -26.76 -11.38
N HIS B 2463 -31.65 -26.09 -12.52
CA HIS B 2463 -32.87 -26.14 -13.32
C HIS B 2463 -33.03 -27.52 -13.95
N ASN B 2464 -33.97 -28.30 -13.40
CA ASN B 2464 -34.38 -29.59 -13.97
C ASN B 2464 -33.18 -30.51 -14.22
N ASN B 2465 -32.26 -30.53 -13.26
CA ASN B 2465 -31.10 -31.43 -13.25
C ASN B 2465 -30.41 -31.51 -14.62
N ASP B 2466 -30.24 -30.35 -15.25
CA ASP B 2466 -29.59 -30.25 -16.55
C ASP B 2466 -28.13 -29.86 -16.44
N LYS B 2467 -27.58 -29.81 -15.22
CA LYS B 2467 -26.15 -29.59 -14.99
C LYS B 2467 -25.68 -28.25 -15.54
N ILE B 2468 -26.58 -27.28 -15.64
CA ILE B 2468 -26.19 -25.95 -16.09
C ILE B 2468 -25.31 -25.29 -15.03
N VAL B 2469 -24.49 -24.34 -15.46
CA VAL B 2469 -23.65 -23.62 -14.52
C VAL B 2469 -24.52 -22.71 -13.65
N SER B 2470 -24.39 -22.87 -12.34
CA SER B 2470 -25.22 -22.14 -11.38
C SER B 2470 -24.53 -20.94 -10.77
N LYS B 2471 -23.24 -21.03 -10.50
CA LYS B 2471 -22.50 -19.94 -9.88
C LYS B 2471 -21.07 -20.01 -10.36
N VAL B 2472 -20.41 -18.85 -10.41
CA VAL B 2472 -19.05 -18.82 -10.94
C VAL B 2472 -18.11 -18.19 -9.93
N HIS B 2473 -17.47 -19.03 -9.12
CA HIS B 2473 -16.42 -18.54 -8.24
C HIS B 2473 -15.18 -18.21 -9.06
N ILE B 2474 -14.64 -17.02 -8.87
CA ILE B 2474 -13.40 -16.60 -9.54
C ILE B 2474 -12.41 -16.20 -8.46
N PHE B 2475 -11.31 -16.94 -8.38
CA PHE B 2475 -10.32 -16.71 -7.28
C PHE B 2475 -9.20 -15.79 -7.74
N PHE B 2476 -9.46 -14.49 -7.78
CA PHE B 2476 -8.45 -13.51 -8.13
C PHE B 2476 -7.41 -13.42 -7.02
N GLN B 2477 -6.24 -12.89 -7.37
CA GLN B 2477 -5.11 -12.90 -6.45
C GLN B 2477 -5.43 -12.16 -5.16
N ASP B 2478 -6.39 -11.22 -5.21
CA ASP B 2478 -6.74 -10.42 -4.05
C ASP B 2478 -8.11 -10.76 -3.48
N GLY B 2479 -8.69 -11.91 -3.82
CA GLY B 2479 -9.93 -12.30 -3.19
C GLY B 2479 -10.73 -13.25 -4.07
N LEU B 2480 -11.97 -13.46 -3.65
CA LEU B 2480 -12.90 -14.33 -4.35
C LEU B 2480 -14.11 -13.51 -4.78
N VAL B 2481 -14.46 -13.59 -6.05
CA VAL B 2481 -15.65 -12.93 -6.58
C VAL B 2481 -16.63 -14.02 -6.98
N THR B 2482 -17.83 -13.98 -6.42
CA THR B 2482 -18.86 -14.96 -6.69
C THR B 2482 -20.03 -14.29 -7.38
N VAL B 2483 -20.50 -14.89 -8.47
CA VAL B 2483 -21.60 -14.35 -9.25
C VAL B 2483 -22.63 -15.45 -9.48
N ILE B 2484 -23.90 -15.11 -9.28
CA ILE B 2484 -25.04 -15.99 -9.50
C ILE B 2484 -26.02 -15.24 -10.40
N PRO B 2485 -26.55 -15.86 -11.45
CA PRO B 2485 -27.46 -15.12 -12.35
C PRO B 2485 -28.69 -14.57 -11.67
N SER B 2486 -29.25 -15.29 -10.67
CA SER B 2486 -30.46 -14.82 -10.03
C SER B 2486 -30.17 -13.70 -9.03
N LYS B 2487 -29.34 -13.98 -8.03
CA LYS B 2487 -29.02 -13.01 -7.00
C LYS B 2487 -27.92 -12.07 -7.50
N GLY B 2488 -27.37 -11.28 -6.59
CA GLY B 2488 -26.34 -10.32 -6.92
C GLY B 2488 -24.94 -10.90 -6.90
N ALA B 2489 -23.97 -10.02 -6.74
CA ALA B 2489 -22.55 -10.39 -6.76
C ALA B 2489 -21.95 -10.20 -5.38
N TRP B 2490 -21.07 -11.13 -5.00
CA TRP B 2490 -20.41 -11.11 -3.70
C TRP B 2490 -18.91 -10.91 -3.91
N VAL B 2491 -18.35 -9.92 -3.22
CA VAL B 2491 -16.91 -9.70 -3.18
C VAL B 2491 -16.46 -9.89 -1.74
N ASN B 2492 -15.60 -10.88 -1.51
CA ASN B 2492 -15.09 -11.24 -0.19
C ASN B 2492 -16.19 -11.58 0.80
N GLY B 2493 -17.39 -11.89 0.32
CA GLY B 2493 -18.49 -12.21 1.22
C GLY B 2493 -19.40 -11.03 1.51
N LEU B 2494 -19.37 -10.01 0.66
CA LEU B 2494 -20.21 -8.83 0.82
C LEU B 2494 -20.95 -8.59 -0.49
N ARG B 2495 -22.25 -8.34 -0.39
CA ARG B 2495 -23.03 -8.01 -1.59
C ARG B 2495 -22.59 -6.66 -2.14
N VAL B 2496 -22.59 -6.55 -3.47
CA VAL B 2496 -22.24 -5.30 -4.13
C VAL B 2496 -23.28 -5.01 -5.22
N ASP B 2497 -23.37 -3.73 -5.58
CA ASP B 2497 -24.24 -3.34 -6.68
C ASP B 2497 -23.72 -3.92 -7.99
N LEU B 2498 -24.65 -4.30 -8.86
CA LEU B 2498 -24.27 -4.96 -10.11
C LEU B 2498 -23.39 -4.10 -11.00
N PRO B 2499 -23.72 -2.84 -11.31
CA PRO B 2499 -22.82 -2.08 -12.19
C PRO B 2499 -21.72 -1.33 -11.43
N ALA B 2500 -20.67 -2.09 -11.06
CA ALA B 2500 -19.56 -1.48 -10.29
C ALA B 2500 -18.21 -2.13 -10.63
N THR B 2501 -17.11 -1.50 -10.21
CA THR B 2501 -15.75 -2.06 -10.42
C THR B 2501 -15.23 -2.49 -9.05
N VAL B 2502 -14.64 -3.69 -8.95
CA VAL B 2502 -14.25 -4.20 -7.59
C VAL B 2502 -12.86 -4.84 -7.62
N LEU B 2503 -12.26 -5.04 -6.44
CA LEU B 2503 -10.92 -5.69 -6.32
C LEU B 2503 -9.90 -4.88 -7.13
N THR B 2504 -9.09 -5.55 -7.95
CA THR B 2504 -8.13 -4.81 -8.81
C THR B 2504 -8.56 -4.92 -10.27
N SER B 2505 -9.02 -3.82 -10.87
CA SER B 2505 -9.36 -3.80 -12.32
C SER B 2505 -10.30 -4.94 -12.72
N VAL B 2506 -11.34 -5.21 -11.92
CA VAL B 2506 -12.34 -6.26 -12.29
C VAL B 2506 -13.70 -5.60 -12.57
N SER B 2507 -14.13 -5.58 -13.84
CA SER B 2507 -15.43 -5.03 -14.20
C SER B 2507 -16.50 -6.11 -14.11
N VAL B 2508 -17.58 -5.81 -13.41
CA VAL B 2508 -18.72 -6.71 -13.27
C VAL B 2508 -19.96 -5.96 -13.75
N ARG B 2509 -20.76 -6.61 -14.57
CA ARG B 2509 -21.97 -5.98 -15.10
C ARG B 2509 -23.02 -7.06 -15.38
N ARG B 2510 -24.27 -6.63 -15.44
CA ARG B 2510 -25.40 -7.50 -15.76
C ARG B 2510 -25.96 -7.09 -17.11
N MET B 2511 -26.11 -8.07 -18.00
CA MET B 2511 -26.69 -7.80 -19.31
C MET B 2511 -28.17 -7.43 -19.16
N PRO B 2512 -28.69 -6.61 -20.08
CA PRO B 2512 -30.14 -6.33 -20.04
C PRO B 2512 -30.98 -7.58 -20.17
N ASP B 2513 -30.53 -8.58 -20.91
CA ASP B 2513 -31.21 -9.87 -20.95
C ASP B 2513 -31.23 -10.53 -19.58
N GLY B 2514 -30.13 -10.43 -18.84
CA GLY B 2514 -30.01 -11.06 -17.54
C GLY B 2514 -28.71 -11.81 -17.32
N SER B 2515 -27.92 -12.04 -18.36
CA SER B 2515 -26.62 -12.66 -18.19
C SER B 2515 -25.67 -11.71 -17.47
N MET B 2516 -24.65 -12.29 -16.84
CA MET B 2516 -23.69 -11.52 -16.04
C MET B 2516 -22.30 -11.68 -16.64
N LEU B 2517 -21.62 -10.58 -16.87
CA LEU B 2517 -20.31 -10.56 -17.50
C LEU B 2517 -19.28 -9.97 -16.56
N VAL B 2518 -18.14 -10.64 -16.43
CA VAL B 2518 -17.03 -10.18 -15.61
C VAL B 2518 -15.78 -10.16 -16.48
N HIS B 2519 -15.02 -9.07 -16.40
CA HIS B 2519 -13.84 -8.92 -17.23
C HIS B 2519 -12.66 -8.47 -16.38
N GLN B 2520 -11.47 -8.98 -16.71
CA GLN B 2520 -10.23 -8.55 -16.09
C GLN B 2520 -9.35 -7.88 -17.13
N LYS B 2521 -8.76 -6.75 -16.75
CA LYS B 2521 -7.89 -6.01 -17.65
C LYS B 2521 -6.69 -6.85 -18.05
N ALA B 2522 -6.48 -7.02 -19.35
CA ALA B 2522 -5.42 -7.85 -19.89
C ALA B 2522 -5.49 -9.28 -19.36
N GLY B 2523 -6.70 -9.72 -19.01
CA GLY B 2523 -6.87 -11.04 -18.44
C GLY B 2523 -8.08 -11.78 -18.98
N VAL B 2524 -8.61 -12.69 -18.17
CA VAL B 2524 -9.75 -13.51 -18.60
C VAL B 2524 -11.01 -12.67 -18.45
N THR B 2525 -12.02 -12.99 -19.26
CA THR B 2525 -13.36 -12.45 -19.07
C THR B 2525 -14.32 -13.61 -19.21
N VAL B 2526 -15.33 -13.66 -18.35
CA VAL B 2526 -16.28 -14.75 -18.29
C VAL B 2526 -17.68 -14.20 -18.53
N TRP B 2527 -18.43 -14.87 -19.40
CA TRP B 2527 -19.83 -14.54 -19.66
C TRP B 2527 -20.68 -15.69 -19.14
N LEU B 2528 -21.46 -15.42 -18.09
CA LEU B 2528 -22.37 -16.40 -17.52
C LEU B 2528 -23.77 -16.12 -18.02
N GLY B 2529 -24.30 -17.04 -18.82
CA GLY B 2529 -25.60 -16.83 -19.42
C GLY B 2529 -26.72 -16.87 -18.41
N LYS B 2530 -27.83 -16.21 -18.76
CA LYS B 2530 -29.00 -16.21 -17.91
C LYS B 2530 -29.55 -17.63 -17.73
N ASP B 2531 -29.56 -18.41 -18.82
CA ASP B 2531 -30.09 -19.77 -18.76
C ASP B 2531 -29.11 -20.75 -18.15
N GLY B 2532 -27.89 -20.31 -17.83
CA GLY B 2532 -26.90 -21.20 -17.25
C GLY B 2532 -25.90 -21.75 -18.24
N LEU B 2533 -25.37 -20.88 -19.08
CA LEU B 2533 -24.35 -21.27 -20.05
C LEU B 2533 -23.18 -20.30 -19.93
N LEU B 2534 -21.98 -20.83 -19.73
CA LEU B 2534 -20.80 -20.04 -19.45
C LEU B 2534 -19.77 -20.17 -20.57
N ASP B 2535 -19.23 -19.02 -20.97
CA ASP B 2535 -18.14 -18.95 -21.93
C ASP B 2535 -16.97 -18.23 -21.31
N VAL B 2536 -15.77 -18.81 -21.48
CA VAL B 2536 -14.53 -18.22 -20.98
C VAL B 2536 -13.73 -17.73 -22.18
N MET B 2537 -13.42 -16.44 -22.20
CA MET B 2537 -12.71 -15.82 -23.29
C MET B 2537 -11.34 -15.34 -22.82
N VAL B 2538 -10.31 -15.70 -23.58
CA VAL B 2538 -8.92 -15.35 -23.29
C VAL B 2538 -8.32 -14.70 -24.53
N GLY B 2539 -7.54 -13.65 -24.33
CA GLY B 2539 -6.88 -13.01 -25.45
C GLY B 2539 -5.87 -13.93 -26.11
N ASP B 2540 -5.56 -13.63 -27.38
CA ASP B 2540 -4.66 -14.47 -28.14
C ASP B 2540 -3.24 -14.43 -27.57
N ASP B 2541 -2.95 -13.44 -26.73
CA ASP B 2541 -1.62 -13.30 -26.15
C ASP B 2541 -1.25 -14.51 -25.31
N LEU B 2542 -2.20 -15.03 -24.53
CA LEU B 2542 -1.94 -16.19 -23.68
C LEU B 2542 -1.91 -17.44 -24.55
N ALA B 2543 -0.72 -17.77 -25.04
CA ALA B 2543 -0.51 -18.96 -25.87
C ALA B 2543 0.28 -19.98 -25.05
N ALA B 2544 -0.37 -21.09 -24.72
CA ALA B 2544 0.24 -22.17 -23.95
C ALA B 2544 0.83 -21.66 -22.63
N MET B 2545 0.09 -20.76 -21.98
CA MET B 2545 0.44 -20.28 -20.65
C MET B 2545 -0.50 -20.78 -19.57
N LEU B 2546 -1.81 -20.65 -19.77
CA LEU B 2546 -2.78 -21.20 -18.85
C LEU B 2546 -2.85 -22.71 -19.02
N CYS B 2547 -3.02 -23.43 -17.91
CA CYS B 2547 -3.21 -24.88 -17.96
C CYS B 2547 -4.30 -25.27 -16.98
N GLY B 2548 -5.32 -25.94 -17.49
CA GLY B 2548 -6.45 -26.33 -16.68
C GLY B 2548 -7.30 -27.35 -17.39
N ALA B 2549 -8.58 -27.40 -17.03
CA ALA B 2549 -9.51 -28.32 -17.68
C ALA B 2549 -9.67 -27.98 -19.16
N CYS B 2550 -9.77 -26.69 -19.49
CA CYS B 2550 -9.88 -26.30 -20.89
C CYS B 2550 -8.58 -26.58 -21.65
N GLY B 2551 -7.51 -26.90 -20.93
CA GLY B 2551 -6.23 -27.27 -21.59
C GLY B 2551 -5.39 -26.07 -21.97
N ASN B 2552 -4.28 -26.29 -22.69
CA ASN B 2552 -3.35 -25.19 -23.07
C ASN B 2552 -3.88 -24.41 -24.27
N PHE B 2553 -3.22 -23.32 -24.66
CA PHE B 2553 -3.63 -22.55 -25.86
C PHE B 2553 -2.62 -22.82 -26.99
N ASP B 2554 -1.86 -23.91 -26.89
CA ASP B 2554 -0.81 -24.21 -27.90
C ASP B 2554 -1.41 -24.40 -29.29
N GLY B 2555 -2.63 -24.94 -29.38
CA GLY B 2555 -3.23 -25.21 -30.70
C GLY B 2555 -3.14 -26.68 -31.08
N ASP B 2556 -2.67 -27.54 -30.17
CA ASP B 2556 -2.65 -28.99 -30.46
C ASP B 2556 -3.80 -29.65 -29.70
N GLN B 2557 -4.70 -30.33 -30.43
CA GLN B 2557 -5.88 -31.00 -29.81
C GLN B 2557 -5.45 -32.14 -28.90
N THR B 2558 -4.44 -32.93 -29.29
CA THR B 2558 -4.11 -34.14 -28.49
C THR B 2558 -3.68 -33.77 -27.06
N ASN B 2559 -2.81 -32.78 -26.89
CA ASN B 2559 -2.46 -32.32 -25.53
C ASN B 2559 -3.64 -31.61 -24.87
N ASP B 2560 -4.41 -30.84 -25.62
CA ASP B 2560 -5.51 -30.06 -25.00
C ASP B 2560 -6.54 -30.99 -24.37
N ALA B 2561 -6.96 -32.03 -25.10
CA ALA B 2561 -7.97 -32.98 -24.60
C ALA B 2561 -7.43 -33.70 -23.36
N TYR B 2562 -6.33 -34.44 -23.53
CA TYR B 2562 -5.73 -35.15 -22.38
C TYR B 2562 -4.37 -34.54 -22.05
N GLY B 2563 -4.22 -33.98 -20.85
CA GLY B 2563 -2.91 -33.42 -20.43
C GLY B 2563 -2.05 -34.51 -19.82
N SER B 2564 -1.51 -35.42 -20.64
CA SER B 2564 -0.71 -36.57 -20.14
C SER B 2564 -1.57 -37.38 -19.17
N GLN B 2565 -2.89 -37.47 -19.45
CA GLN B 2565 -3.82 -38.22 -18.56
C GLN B 2565 -4.61 -39.21 -19.42
N GLY B 2566 -4.73 -40.47 -18.98
CA GLY B 2566 -5.40 -41.48 -19.84
C GLY B 2566 -6.86 -41.19 -20.13
N LYS B 2567 -7.66 -40.83 -19.12
CA LYS B 2567 -9.11 -40.65 -19.35
C LYS B 2567 -9.75 -39.81 -18.23
N THR B 2568 -10.95 -39.26 -18.49
CA THR B 2568 -11.71 -38.45 -17.48
C THR B 2568 -10.84 -37.34 -16.88
N PRO B 2569 -10.35 -36.30 -17.63
CA PRO B 2569 -9.62 -35.20 -16.98
C PRO B 2569 -10.47 -34.42 -15.99
N ILE B 2570 -11.81 -34.49 -16.12
CA ILE B 2570 -12.69 -33.75 -15.23
C ILE B 2570 -12.47 -34.17 -13.79
N GLU B 2571 -12.47 -35.48 -13.53
CA GLU B 2571 -12.29 -35.97 -12.17
C GLU B 2571 -10.91 -35.59 -11.63
N LYS B 2572 -9.90 -35.57 -12.50
CA LYS B 2572 -8.58 -35.12 -12.07
C LYS B 2572 -8.59 -33.64 -11.72
N TRP B 2573 -9.42 -32.85 -12.41
CA TRP B 2573 -9.44 -31.41 -12.20
C TRP B 2573 -10.38 -30.97 -11.09
N ARG B 2574 -11.05 -31.90 -10.40
CA ARG B 2574 -11.94 -31.54 -9.31
C ARG B 2574 -11.16 -31.00 -8.12
N ALA B 2575 -11.22 -29.69 -7.91
CA ALA B 2575 -10.52 -29.08 -6.78
C ALA B 2575 -11.16 -29.54 -5.46
N GLN B 2576 -10.31 -29.84 -4.48
CA GLN B 2576 -10.78 -30.38 -3.20
C GLN B 2576 -11.19 -29.29 -2.22
N ASP B 2577 -10.76 -28.04 -2.43
CA ASP B 2577 -11.05 -26.97 -1.50
C ASP B 2577 -12.55 -26.80 -1.29
N PHE B 2578 -13.28 -26.55 -2.36
CA PHE B 2578 -14.72 -26.39 -2.27
C PHE B 2578 -15.47 -27.71 -2.45
N SER B 2579 -14.76 -28.79 -2.74
CA SER B 2579 -15.42 -30.08 -2.86
C SER B 2579 -15.72 -30.65 -1.48
N PRO B 2580 -16.95 -31.09 -1.25
CA PRO B 2580 -17.28 -31.73 0.03
C PRO B 2580 -16.47 -33.01 0.21
N CYS B 2581 -16.17 -33.34 1.46
CA CYS B 2581 -15.47 -34.59 1.74
C CYS B 2581 -16.26 -35.78 1.21
N SER B 2582 -17.47 -35.98 1.74
CA SER B 2582 -18.32 -37.11 1.37
C SER B 2582 -17.58 -38.43 1.50
N ASN B 2583 -16.55 -38.43 2.34
CA ASN B 2583 -15.67 -39.59 2.51
C ASN B 2583 -16.30 -40.55 3.49
N THR B 2584 -16.62 -41.76 3.02
CA THR B 2584 -17.25 -42.79 3.85
C THR B 2584 -18.56 -42.29 4.47
N ARG B 2585 -19.37 -41.61 3.66
CA ARG B 2585 -20.68 -41.17 4.14
C ARG B 2585 -21.56 -42.34 4.52
N THR B 2586 -21.59 -43.37 3.68
CA THR B 2586 -22.44 -44.53 3.94
C THR B 2586 -21.85 -45.44 4.99
N ARG B 2587 -20.58 -45.22 5.36
CA ARG B 2587 -19.92 -46.05 6.36
C ARG B 2587 -20.59 -45.92 7.73
C1 NAG C . 31.40 -47.47 -33.29
C2 NAG C . 30.62 -46.43 -34.11
C3 NAG C . 31.54 -45.31 -34.59
C4 NAG C . 32.59 -45.01 -33.54
C5 NAG C . 33.53 -46.20 -33.42
C6 NAG C . 34.19 -46.31 -32.07
C7 NAG C . 28.68 -47.47 -35.21
C8 NAG C . 28.16 -48.10 -36.46
N2 NAG C . 29.95 -47.05 -35.24
O3 NAG C . 30.78 -44.15 -34.87
O4 NAG C . 33.33 -43.85 -33.91
O5 NAG C . 32.82 -47.43 -33.65
O6 NAG C . 33.92 -45.17 -31.27
O7 NAG C . 27.98 -47.35 -34.21
CA CA D . 24.41 -58.14 -20.97
C1 NAG E . 30.26 -62.87 -4.35
C2 NAG E . 29.70 -64.12 -3.65
C3 NAG E . 28.25 -63.88 -3.29
C4 NAG E . 28.13 -62.63 -2.43
C5 NAG E . 28.74 -61.45 -3.18
C6 NAG E . 28.69 -60.20 -2.32
C7 NAG E . 30.72 -66.21 -4.36
C8 NAG E . 30.62 -67.38 -5.30
N2 NAG E . 29.76 -65.29 -4.50
O3 NAG E . 27.75 -65.02 -2.56
O4 NAG E . 26.75 -62.37 -2.16
O5 NAG E . 30.09 -61.73 -3.52
O6 NAG E . 29.61 -60.35 -1.22
O7 NAG E . 31.61 -66.11 -3.54
CA CA F . 12.98 24.75 20.78
CA CA G . -27.51 -12.74 24.11
CA CA H . 61.62 -20.09 23.35
C1 NAG I . 14.54 -26.88 43.21
C2 NAG I . 15.17 -26.24 44.44
C3 NAG I . 15.51 -27.31 45.46
C4 NAG I . 14.23 -27.96 45.94
C5 NAG I . 13.47 -28.55 44.75
C6 NAG I . 12.06 -28.02 44.63
C7 NAG I . 16.74 -24.37 44.68
C8 NAG I . 18.00 -23.73 44.19
N2 NAG I . 16.38 -25.50 44.07
O3 NAG I . 16.18 -26.71 46.57
O4 NAG I . 14.53 -29.01 46.86
O5 NAG I . 14.14 -28.27 43.50
O6 NAG I . 11.48 -27.77 45.91
O7 NAG I . 16.09 -23.87 45.59
C1 NAG J . -26.80 -31.70 23.02
C2 NAG J . -25.32 -31.54 23.37
C3 NAG J . -25.13 -31.06 24.82
C4 NAG J . -26.32 -31.40 25.71
C5 NAG J . -27.67 -31.07 25.08
C6 NAG J . -28.38 -29.91 25.75
C7 NAG J . -24.82 -33.96 23.60
C8 NAG J . -23.90 -35.07 23.18
N2 NAG J . -24.55 -32.74 23.09
O3 NAG J . -24.90 -29.67 24.82
O4 NAG J . -26.29 -32.78 26.07
O5 NAG J . -27.53 -30.73 23.70
O6 NAG J . -28.68 -30.20 27.11
O7 NAG J . -25.77 -34.15 24.37
C1 NAG K . 14.27 31.31 18.05
C2 NAG K . 13.00 31.54 17.21
C3 NAG K . 13.36 32.18 15.88
C4 NAG K . 14.19 33.44 16.09
C5 NAG K . 15.40 33.13 16.97
C6 NAG K . 16.20 34.35 17.31
C7 NAG K . 10.95 30.25 16.81
C8 NAG K . 10.37 28.89 16.61
N2 NAG K . 12.28 30.30 17.02
O3 NAG K . 12.16 32.52 15.18
O4 NAG K . 14.64 33.94 14.83
O5 NAG K . 14.97 32.55 18.21
O6 NAG K . 15.37 35.48 17.54
O7 NAG K . 10.26 31.26 16.78
C1 NAG L . 49.41 -5.98 13.58
C2 NAG L . 49.80 -4.90 14.59
C3 NAG L . 49.01 -3.61 14.32
C4 NAG L . 49.18 -3.19 12.87
C5 NAG L . 48.78 -4.33 11.94
C6 NAG L . 48.99 -4.00 10.48
C7 NAG L . 50.39 -5.01 16.96
C8 NAG L . 50.02 -5.57 18.31
N2 NAG L . 49.59 -5.35 15.95
O3 NAG L . 49.49 -2.59 15.18
O4 NAG L . 48.35 -2.06 12.60
O5 NAG L . 49.59 -5.48 12.24
O6 NAG L . 48.59 -2.68 10.18
O7 NAG L . 51.37 -4.27 16.81
C1 NAG M . -56.18 14.60 31.16
C2 NAG M . -55.05 13.97 32.00
C3 NAG M . -54.21 15.05 32.66
C4 NAG M . -54.08 16.26 31.75
C5 NAG M . -55.44 16.93 31.63
C6 NAG M . -55.60 17.70 30.34
C7 NAG M . -55.70 11.74 32.78
C8 NAG M . -56.27 10.95 33.92
N2 NAG M . -55.58 13.05 32.99
O3 NAG M . -52.92 14.54 32.98
O4 NAG M . -53.14 17.18 32.30
O5 NAG M . -56.50 15.95 31.67
O6 NAG M . -54.38 17.79 29.62
O7 NAG M . -55.35 11.22 31.72
CA CA N . -64.01 6.39 17.68
C1 NAG O . -69.11 12.17 1.15
C2 NAG O . -70.12 11.38 0.31
C3 NAG O . -69.49 10.07 -0.13
C4 NAG O . -68.20 10.35 -0.88
C5 NAG O . -67.26 11.17 -0.01
C6 NAG O . -65.99 11.53 -0.77
C7 NAG O . -72.44 11.76 0.91
C8 NAG O . -73.59 11.28 1.75
N2 NAG O . -71.31 11.07 1.07
O3 NAG O . -70.40 9.36 -0.97
O4 NAG O . -67.57 9.11 -1.22
O5 NAG O . -67.91 12.38 0.40
O6 NAG O . -66.31 12.46 -1.82
O7 NAG O . -72.53 12.71 0.16
CA CA P . 21.52 20.50 -17.76
CA CA Q . -3.47 -27.96 -26.87
CA CA R . -34.43 55.74 -21.02
C1 NAG S . -27.07 10.37 -44.36
C2 NAG S . -26.54 11.26 -45.49
C3 NAG S . -27.59 11.39 -46.58
C4 NAG S . -27.85 10.02 -47.19
C5 NAG S . -28.28 9.04 -46.11
C6 NAG S . -27.41 7.80 -46.03
C7 NAG S . -25.14 13.28 -45.48
C8 NAG S . -24.90 14.61 -44.84
N2 NAG S . -26.17 12.58 -44.99
O3 NAG S . -27.13 12.29 -47.58
O4 NAG S . -28.87 10.12 -48.17
O5 NAG S . -28.27 9.65 -44.80
O6 NAG S . -26.94 7.43 -47.32
O7 NAG S . -24.43 12.85 -46.39
C1 NAG T . -21.96 -32.33 -27.36
C2 NAG T . -22.18 -30.83 -27.58
C3 NAG T . -21.68 -30.41 -28.97
C4 NAG T . -21.63 -31.57 -29.97
C5 NAG T . -20.98 -32.84 -29.40
C6 NAG T . -19.64 -33.16 -30.01
C7 NAG T . -24.63 -30.98 -27.99
C8 NAG T . -25.96 -30.42 -27.61
N2 NAG T . -23.56 -30.44 -27.37
O3 NAG T . -20.39 -29.81 -28.85
O4 NAG T . -22.93 -31.88 -30.44
O5 NAG T . -20.78 -32.72 -27.99
O6 NAG T . -19.75 -33.40 -31.41
O7 NAG T . -24.51 -31.87 -28.83
C1 NAG U . 27.30 23.22 -14.40
C2 NAG U . 27.81 22.00 -13.64
C3 NAG U . 28.24 22.39 -12.23
C4 NAG U . 29.24 23.54 -12.27
C5 NAG U . 28.68 24.70 -13.10
C6 NAG U . 29.67 25.82 -13.29
C7 NAG U . 27.09 19.66 -13.47
C8 NAG U . 25.92 18.72 -13.43
N2 NAG U . 26.79 20.96 -13.58
O3 NAG U . 28.84 21.27 -11.58
O4 NAG U . 29.53 23.99 -10.96
O5 NAG U . 28.31 24.24 -14.41
O6 NAG U . 30.98 25.32 -13.46
O7 NAG U . 28.25 19.25 -13.40
C1 NAG V . -18.23 46.87 -10.88
C2 NAG V . -17.23 47.62 -11.77
C3 NAG V . -15.81 47.18 -11.44
C4 NAG V . -15.53 47.31 -9.96
C5 NAG V . -16.59 46.56 -9.16
C6 NAG V . -16.43 46.73 -7.67
C7 NAG V . -17.34 48.35 -14.11
C8 NAG V . -17.69 47.97 -15.51
N2 NAG V . -17.53 47.41 -13.18
O3 NAG V . -14.89 47.97 -12.19
O4 NAG V . -14.25 46.79 -9.65
O5 NAG V . -17.89 47.06 -9.50
O6 NAG V . -15.07 46.66 -7.28
O7 NAG V . -16.91 49.46 -13.82
#